data_2L5Y
#
_entry.id   2L5Y
#
_cell.length_a   1.000
_cell.length_b   1.000
_cell.length_c   1.000
_cell.angle_alpha   90.00
_cell.angle_beta   90.00
_cell.angle_gamma   90.00
#
_symmetry.space_group_name_H-M   'P 1'
#
loop_
_entity.id
_entity.type
_entity.pdbx_description
1 polymer 'Stromal interaction molecule 2'
2 non-polymer 'CALCIUM ION'
#
_entity_poly.entity_id   1
_entity_poly.type   'polypeptide(L)'
_entity_poly.pdbx_seq_one_letter_code
;GSHMASTEEDRFSLEALQTIHKQMDDDKDGGIEVEESDEFIREDMKYKDATNKHSHLHREDKHITIEDLWKRWKTSEVHN
WTLEDTLQWLIEFVELPQYEKNFRDNNVKGTTLPRIAVHEPSFMISQLKISDRSHRQKLQLKALDVVLFG
;
_entity_poly.pdbx_strand_id   A
#
# COMPACT_ATOMS: atom_id res chain seq x y z
N GLY A 1 -2.74 -25.20 3.45
CA GLY A 1 -1.72 -25.02 2.42
C GLY A 1 -0.38 -24.81 3.04
N SER A 2 0.66 -24.76 2.23
CA SER A 2 2.00 -24.51 2.71
C SER A 2 2.07 -23.08 3.21
N HIS A 3 1.60 -22.19 2.37
CA HIS A 3 1.43 -20.82 2.74
C HIS A 3 0.19 -20.79 3.61
N MET A 4 0.35 -20.37 4.82
CA MET A 4 -0.73 -20.38 5.77
C MET A 4 -0.89 -19.01 6.36
N ALA A 5 -2.07 -18.44 6.18
CA ALA A 5 -2.39 -17.15 6.75
C ALA A 5 -2.66 -17.34 8.23
N SER A 6 -1.79 -16.79 9.04
CA SER A 6 -1.86 -17.00 10.45
C SER A 6 -2.94 -16.11 11.07
N THR A 7 -2.74 -14.84 11.01
CA THR A 7 -3.59 -13.88 11.60
C THR A 7 -4.13 -12.95 10.51
N GLU A 8 -5.27 -12.35 10.75
CA GLU A 8 -5.85 -11.44 9.79
C GLU A 8 -4.94 -10.24 9.54
N GLU A 9 -4.23 -9.79 10.58
CA GLU A 9 -3.30 -8.68 10.45
C GLU A 9 -2.22 -9.01 9.41
N ASP A 10 -1.67 -10.24 9.43
CA ASP A 10 -0.67 -10.61 8.45
C ASP A 10 -1.28 -10.86 7.13
N ARG A 11 -2.51 -11.32 7.12
CA ARG A 11 -3.23 -11.50 5.89
C ARG A 11 -3.35 -10.17 5.16
N PHE A 12 -3.61 -9.14 5.90
CA PHE A 12 -3.71 -7.84 5.29
C PHE A 12 -2.32 -7.28 5.00
N SER A 13 -1.48 -7.21 6.01
CA SER A 13 -0.20 -6.53 5.90
C SER A 13 0.85 -7.37 5.16
N LEU A 14 1.03 -8.60 5.57
CA LEU A 14 2.07 -9.41 4.97
C LEU A 14 1.68 -9.80 3.60
N GLU A 15 0.45 -10.17 3.41
CA GLU A 15 -0.02 -10.55 2.12
C GLU A 15 -0.08 -9.40 1.15
N ALA A 16 -0.44 -8.20 1.62
CA ALA A 16 -0.42 -7.03 0.75
C ALA A 16 1.00 -6.77 0.29
N LEU A 17 1.94 -6.82 1.24
CA LEU A 17 3.32 -6.58 0.93
C LEU A 17 3.92 -7.72 0.08
N GLN A 18 3.48 -8.94 0.34
CA GLN A 18 3.93 -10.11 -0.41
C GLN A 18 3.46 -10.04 -1.85
N THR A 19 2.24 -9.59 -2.02
CA THR A 19 1.64 -9.49 -3.35
C THR A 19 2.37 -8.43 -4.18
N ILE A 20 2.59 -7.25 -3.61
CA ILE A 20 3.29 -6.18 -4.34
C ILE A 20 4.74 -6.53 -4.56
N HIS A 21 5.34 -7.18 -3.58
CA HIS A 21 6.69 -7.64 -3.71
C HIS A 21 6.76 -8.67 -4.83
N LYS A 22 5.80 -9.57 -4.91
CA LYS A 22 5.75 -10.53 -5.96
C LYS A 22 5.51 -9.86 -7.32
N GLN A 23 4.74 -8.81 -7.33
CA GLN A 23 4.48 -8.14 -8.57
C GLN A 23 5.72 -7.44 -9.09
N MET A 24 6.53 -6.89 -8.19
CA MET A 24 7.79 -6.34 -8.62
C MET A 24 8.85 -7.40 -8.71
N ASP A 25 9.11 -8.09 -7.61
CA ASP A 25 10.12 -9.13 -7.58
C ASP A 25 9.36 -10.35 -7.96
N ASP A 26 9.32 -10.61 -9.22
CA ASP A 26 8.47 -11.67 -9.77
C ASP A 26 8.97 -12.98 -9.33
N ASP A 27 10.25 -13.03 -9.24
CA ASP A 27 10.93 -14.20 -8.79
C ASP A 27 11.05 -14.28 -7.29
N LYS A 28 10.77 -13.12 -6.60
CA LYS A 28 10.75 -12.95 -5.12
C LYS A 28 11.94 -13.54 -4.59
N ASP A 29 12.94 -13.30 -5.31
CA ASP A 29 14.16 -13.83 -5.12
C ASP A 29 14.83 -13.16 -3.98
N GLY A 30 14.20 -12.12 -3.54
CA GLY A 30 14.65 -11.43 -2.38
C GLY A 30 15.29 -10.17 -2.76
N GLY A 31 14.81 -9.62 -3.80
CA GLY A 31 15.34 -8.44 -4.29
C GLY A 31 14.56 -7.99 -5.45
N ILE A 32 13.82 -6.92 -5.24
CA ILE A 32 13.08 -6.31 -6.27
C ILE A 32 14.06 -5.58 -7.11
N GLU A 33 14.24 -6.08 -8.25
CA GLU A 33 15.15 -5.56 -9.19
C GLU A 33 14.46 -4.36 -9.79
N VAL A 34 15.19 -3.29 -9.97
CA VAL A 34 14.60 -2.03 -10.41
C VAL A 34 13.85 -2.20 -11.72
N GLU A 35 14.36 -3.07 -12.54
CA GLU A 35 13.77 -3.37 -13.81
C GLU A 35 12.51 -4.21 -13.64
N GLU A 36 12.51 -5.09 -12.64
CA GLU A 36 11.32 -5.86 -12.29
C GLU A 36 10.23 -4.91 -11.76
N SER A 37 10.64 -4.01 -10.86
CA SER A 37 9.75 -3.04 -10.21
C SER A 37 9.05 -2.17 -11.23
N ASP A 38 9.82 -1.79 -12.24
CA ASP A 38 9.38 -0.91 -13.31
C ASP A 38 8.09 -1.41 -13.93
N GLU A 39 7.98 -2.71 -14.15
CA GLU A 39 6.78 -3.30 -14.76
C GLU A 39 5.50 -3.03 -13.94
N PHE A 40 5.59 -3.13 -12.63
CA PHE A 40 4.41 -2.91 -11.78
C PHE A 40 4.12 -1.40 -11.69
N ILE A 41 5.18 -0.61 -11.74
CA ILE A 41 5.03 0.84 -11.68
C ILE A 41 4.35 1.33 -12.96
N ARG A 42 4.75 0.76 -14.09
CA ARG A 42 4.29 1.15 -15.44
C ARG A 42 2.79 1.23 -15.66
N GLU A 43 1.98 0.64 -14.81
CA GLU A 43 0.56 0.79 -14.98
C GLU A 43 -0.11 1.18 -13.64
N ASP A 44 -0.03 0.26 -12.68
CA ASP A 44 -0.62 0.44 -11.34
C ASP A 44 -0.14 1.69 -10.66
N MET A 45 1.14 1.98 -10.77
CA MET A 45 1.59 3.23 -10.20
C MET A 45 1.50 4.35 -11.21
N LYS A 46 1.52 3.99 -12.51
CA LYS A 46 1.52 4.93 -13.68
C LYS A 46 0.39 5.88 -13.60
N TYR A 47 -0.74 5.41 -13.07
CA TYR A 47 -1.93 6.29 -12.84
C TYR A 47 -1.56 7.57 -12.05
N LYS A 48 -0.40 7.57 -11.42
CA LYS A 48 0.09 8.64 -10.60
C LYS A 48 1.55 8.97 -10.96
N ASP A 49 2.42 7.95 -10.89
CA ASP A 49 3.87 8.13 -11.06
C ASP A 49 4.43 6.94 -11.80
N ALA A 50 5.39 7.16 -12.65
CA ALA A 50 5.98 6.07 -13.36
C ALA A 50 7.50 5.96 -13.11
N THR A 51 8.29 6.91 -13.53
CA THR A 51 9.72 6.76 -13.34
C THR A 51 10.20 7.30 -11.97
N ASN A 52 9.49 8.24 -11.42
CA ASN A 52 9.92 8.89 -10.18
C ASN A 52 9.76 7.98 -8.97
N LYS A 53 8.76 7.11 -9.02
CA LYS A 53 8.52 6.14 -7.96
C LYS A 53 9.80 5.31 -7.73
N HIS A 54 10.41 4.82 -8.79
CA HIS A 54 11.64 4.06 -8.62
C HIS A 54 12.82 4.97 -8.40
N SER A 55 12.83 6.12 -9.03
CA SER A 55 13.94 7.06 -8.86
C SER A 55 14.07 7.56 -7.40
N HIS A 56 12.96 7.69 -6.69
CA HIS A 56 12.99 8.15 -5.31
C HIS A 56 13.42 7.01 -4.36
N LEU A 57 12.74 5.88 -4.42
CA LEU A 57 13.02 4.75 -3.52
C LEU A 57 14.22 3.92 -3.97
N HIS A 58 14.25 3.60 -5.22
CA HIS A 58 15.25 2.67 -5.77
C HIS A 58 16.43 3.47 -6.33
N ARG A 59 16.60 4.67 -5.78
CA ARG A 59 17.70 5.63 -6.08
C ARG A 59 19.07 5.01 -5.80
N GLU A 60 19.07 3.95 -5.04
CA GLU A 60 20.24 3.24 -4.63
C GLU A 60 19.77 1.92 -4.07
N ASP A 61 18.75 2.02 -3.24
CA ASP A 61 18.12 0.88 -2.63
C ASP A 61 17.16 0.26 -3.64
N LYS A 62 17.72 -0.41 -4.60
CA LYS A 62 16.96 -1.01 -5.66
C LYS A 62 16.39 -2.32 -5.24
N HIS A 63 17.28 -3.24 -4.99
CA HIS A 63 16.91 -4.60 -4.64
C HIS A 63 16.30 -4.66 -3.24
N ILE A 64 15.00 -4.58 -3.20
CA ILE A 64 14.25 -4.60 -1.98
C ILE A 64 13.68 -6.01 -1.76
N THR A 65 14.03 -6.60 -0.66
CA THR A 65 13.63 -7.95 -0.32
C THR A 65 12.22 -7.94 0.33
N ILE A 66 11.51 -9.08 0.30
CA ILE A 66 10.15 -9.22 0.90
C ILE A 66 10.08 -8.66 2.35
N GLU A 67 11.12 -8.90 3.13
CA GLU A 67 11.20 -8.44 4.54
C GLU A 67 11.51 -6.93 4.60
N ASP A 68 12.17 -6.47 3.55
CA ASP A 68 12.64 -5.13 3.49
C ASP A 68 11.48 -4.22 3.34
N LEU A 69 10.44 -4.66 2.61
CA LEU A 69 9.20 -3.85 2.50
C LEU A 69 8.63 -3.58 3.88
N TRP A 70 8.55 -4.64 4.68
CA TRP A 70 8.04 -4.54 6.04
C TRP A 70 8.77 -3.50 6.83
N LYS A 71 10.08 -3.61 6.89
CA LYS A 71 10.87 -2.60 7.62
C LYS A 71 10.80 -1.22 6.97
N ARG A 72 10.74 -1.19 5.65
CA ARG A 72 10.69 0.06 4.90
C ARG A 72 9.46 0.86 5.31
N TRP A 73 8.31 0.23 5.21
CA TRP A 73 7.07 0.93 5.49
C TRP A 73 6.89 1.16 6.97
N LYS A 74 7.43 0.22 7.75
CA LYS A 74 7.50 0.35 9.21
C LYS A 74 8.22 1.64 9.60
N THR A 75 9.26 1.95 8.87
CA THR A 75 10.02 3.14 9.14
C THR A 75 9.61 4.30 8.22
N SER A 76 8.44 4.20 7.64
CA SER A 76 7.93 5.25 6.81
C SER A 76 6.69 5.84 7.45
N GLU A 77 6.43 7.09 7.12
CA GLU A 77 5.33 7.84 7.70
C GLU A 77 3.98 7.16 7.48
N VAL A 78 3.83 6.44 6.36
CA VAL A 78 2.57 5.79 5.98
C VAL A 78 1.97 4.94 7.11
N HIS A 79 2.81 4.22 7.77
CA HIS A 79 2.42 3.31 8.79
C HIS A 79 2.25 4.04 10.13
N ASN A 80 2.82 5.23 10.19
CA ASN A 80 2.81 6.05 11.39
C ASN A 80 1.66 7.04 11.36
N TRP A 81 1.02 7.19 10.20
CA TRP A 81 -0.10 8.09 10.03
C TRP A 81 -1.21 7.76 10.99
N THR A 82 -1.73 8.75 11.65
CA THR A 82 -2.86 8.56 12.46
C THR A 82 -4.08 8.96 11.63
N LEU A 83 -5.20 9.02 12.27
CA LEU A 83 -6.47 9.31 11.67
C LEU A 83 -6.51 10.69 11.02
N GLU A 84 -5.82 11.64 11.61
CA GLU A 84 -5.79 12.96 11.00
C GLU A 84 -4.88 12.96 9.76
N ASP A 85 -3.74 12.26 9.87
CA ASP A 85 -2.75 12.21 8.79
C ASP A 85 -3.33 11.50 7.59
N THR A 86 -3.94 10.36 7.86
CA THR A 86 -4.53 9.51 6.84
C THR A 86 -5.58 10.27 6.02
N LEU A 87 -6.46 10.95 6.70
CA LEU A 87 -7.55 11.61 6.05
C LEU A 87 -7.17 12.86 5.36
N GLN A 88 -6.24 13.59 5.94
CA GLN A 88 -5.74 14.76 5.25
C GLN A 88 -5.06 14.33 3.94
N TRP A 89 -4.35 13.21 3.99
CA TRP A 89 -3.70 12.69 2.80
C TRP A 89 -4.77 12.23 1.80
N LEU A 90 -5.86 11.66 2.33
CA LEU A 90 -6.96 11.23 1.49
C LEU A 90 -7.55 12.40 0.71
N ILE A 91 -7.95 13.45 1.32
CA ILE A 91 -8.54 14.48 0.47
C ILE A 91 -7.48 15.18 -0.37
N GLU A 92 -6.30 15.34 0.17
CA GLU A 92 -5.21 16.01 -0.52
C GLU A 92 -4.70 15.26 -1.76
N PHE A 93 -4.58 13.97 -1.64
CA PHE A 93 -4.00 13.17 -2.74
C PHE A 93 -5.02 12.25 -3.40
N VAL A 94 -6.10 12.04 -2.74
CA VAL A 94 -7.18 11.22 -3.26
C VAL A 94 -8.33 12.11 -3.75
N GLU A 95 -8.55 13.23 -3.04
CA GLU A 95 -9.63 14.15 -3.33
C GLU A 95 -11.00 13.52 -3.12
N LEU A 96 -11.15 12.78 -2.03
CA LEU A 96 -12.45 12.17 -1.67
C LEU A 96 -12.97 12.63 -0.30
N PRO A 97 -13.26 13.94 -0.11
CA PRO A 97 -13.68 14.50 1.20
C PRO A 97 -15.10 14.11 1.59
N GLN A 98 -15.69 13.26 0.81
CA GLN A 98 -17.05 12.87 1.02
C GLN A 98 -17.09 11.62 1.87
N TYR A 99 -15.93 11.04 2.11
CA TYR A 99 -15.82 9.81 2.89
C TYR A 99 -14.71 9.87 3.90
N GLU A 100 -14.17 11.06 4.10
CA GLU A 100 -13.06 11.19 5.02
C GLU A 100 -13.54 11.03 6.46
N LYS A 101 -14.76 11.48 6.70
CA LYS A 101 -15.31 11.45 8.02
C LYS A 101 -15.62 10.04 8.44
N ASN A 102 -16.02 9.22 7.47
CA ASN A 102 -16.39 7.84 7.73
C ASN A 102 -15.17 7.09 8.14
N PHE A 103 -14.14 7.17 7.31
CA PHE A 103 -12.89 6.52 7.57
C PHE A 103 -12.31 6.95 8.89
N ARG A 104 -12.10 8.25 9.04
CA ARG A 104 -11.50 8.79 10.26
C ARG A 104 -12.18 8.24 11.49
N ASP A 105 -13.51 8.53 11.57
CA ASP A 105 -14.40 8.20 12.72
C ASP A 105 -14.52 6.71 12.97
N ASN A 106 -14.66 5.92 11.89
CA ASN A 106 -14.74 4.43 12.03
C ASN A 106 -13.39 3.91 12.50
N ASN A 107 -12.44 4.80 12.41
CA ASN A 107 -11.12 4.74 12.96
C ASN A 107 -10.17 4.21 12.01
N VAL A 108 -9.77 5.07 11.14
CA VAL A 108 -8.78 4.70 10.15
C VAL A 108 -7.51 5.49 10.38
N LYS A 109 -6.43 4.78 10.68
CA LYS A 109 -5.19 5.44 11.02
C LYS A 109 -3.97 4.69 10.53
N GLY A 110 -3.57 4.98 9.30
CA GLY A 110 -2.42 4.33 8.67
C GLY A 110 -2.56 2.82 8.65
N THR A 111 -3.78 2.37 8.68
CA THR A 111 -4.08 0.99 8.76
C THR A 111 -4.42 0.37 7.41
N THR A 112 -5.51 0.80 6.83
CA THR A 112 -5.95 0.24 5.58
C THR A 112 -4.99 0.55 4.43
N LEU A 113 -4.18 1.58 4.59
CA LEU A 113 -3.14 1.90 3.62
C LEU A 113 -2.23 0.65 3.36
N PRO A 114 -1.46 0.13 4.34
CA PRO A 114 -0.72 -1.11 4.12
C PRO A 114 -1.62 -2.37 4.31
N ARG A 115 -2.90 -2.16 4.66
CA ARG A 115 -3.84 -3.28 4.84
C ARG A 115 -4.97 -3.33 3.78
N ILE A 116 -4.80 -2.63 2.67
CA ILE A 116 -5.65 -2.86 1.50
C ILE A 116 -5.35 -4.24 0.95
N ALA A 117 -6.25 -4.78 0.19
CA ALA A 117 -6.01 -6.03 -0.42
C ALA A 117 -6.40 -5.96 -1.86
N VAL A 118 -5.49 -6.33 -2.70
CA VAL A 118 -5.66 -6.24 -4.13
C VAL A 118 -6.54 -7.39 -4.64
N HIS A 119 -6.29 -8.58 -4.15
CA HIS A 119 -7.03 -9.76 -4.59
C HIS A 119 -7.91 -10.28 -3.47
N GLU A 120 -7.43 -10.14 -2.25
CA GLU A 120 -8.15 -10.58 -1.06
C GLU A 120 -9.12 -9.47 -0.60
N PRO A 121 -9.97 -9.72 0.44
CA PRO A 121 -10.80 -8.66 1.02
C PRO A 121 -9.94 -7.62 1.75
N SER A 122 -10.24 -6.36 1.52
CA SER A 122 -9.51 -5.26 2.12
C SER A 122 -10.01 -4.97 3.55
N PHE A 123 -9.37 -4.04 4.23
CA PHE A 123 -9.81 -3.64 5.55
C PHE A 123 -10.81 -2.47 5.47
N MET A 124 -10.47 -1.42 4.69
CA MET A 124 -11.30 -0.20 4.55
C MET A 124 -12.73 -0.48 4.14
N ILE A 125 -12.95 -1.57 3.46
CA ILE A 125 -14.25 -1.91 2.92
C ILE A 125 -15.28 -2.14 4.04
N SER A 126 -14.83 -2.73 5.13
CA SER A 126 -15.67 -2.94 6.27
C SER A 126 -15.94 -1.62 6.99
N GLN A 127 -14.97 -0.71 6.91
CA GLN A 127 -15.01 0.55 7.61
C GLN A 127 -15.61 1.67 6.75
N LEU A 128 -16.28 1.29 5.69
CA LEU A 128 -16.99 2.23 4.85
C LEU A 128 -18.33 1.59 4.59
N LYS A 129 -19.39 2.40 4.61
CA LYS A 129 -20.78 1.93 4.40
C LYS A 129 -20.95 1.02 3.20
N ILE A 130 -20.21 1.26 2.16
CA ILE A 130 -20.27 0.44 0.96
C ILE A 130 -18.88 0.14 0.43
N SER A 131 -18.66 -1.11 0.13
CA SER A 131 -17.41 -1.63 -0.41
C SER A 131 -17.38 -1.37 -1.93
N ASP A 132 -17.79 -0.18 -2.30
CA ASP A 132 -17.99 0.20 -3.68
C ASP A 132 -16.68 0.52 -4.41
N ARG A 133 -16.80 0.72 -5.72
CA ARG A 133 -15.65 0.85 -6.62
C ARG A 133 -14.79 2.02 -6.30
N SER A 134 -15.39 3.20 -6.21
CA SER A 134 -14.65 4.44 -5.99
C SER A 134 -13.81 4.36 -4.71
N HIS A 135 -14.34 3.68 -3.72
CA HIS A 135 -13.69 3.57 -2.44
C HIS A 135 -12.53 2.65 -2.54
N ARG A 136 -12.77 1.49 -3.13
CA ARG A 136 -11.73 0.53 -3.26
C ARG A 136 -10.65 1.04 -4.17
N GLN A 137 -11.01 1.54 -5.35
CA GLN A 137 -10.02 2.02 -6.30
C GLN A 137 -9.21 3.18 -5.75
N LYS A 138 -9.88 4.13 -5.05
CA LYS A 138 -9.18 5.29 -4.51
C LYS A 138 -8.13 4.81 -3.51
N LEU A 139 -8.52 3.91 -2.60
CA LEU A 139 -7.62 3.56 -1.56
C LEU A 139 -6.68 2.50 -2.01
N GLN A 140 -7.13 1.58 -2.83
CA GLN A 140 -6.27 0.53 -3.30
C GLN A 140 -5.11 1.11 -4.08
N LEU A 141 -5.37 1.98 -5.05
CA LEU A 141 -4.26 2.52 -5.80
C LEU A 141 -3.48 3.55 -5.00
N LYS A 142 -4.17 4.32 -4.15
CA LYS A 142 -3.44 5.31 -3.38
C LYS A 142 -2.65 4.72 -2.22
N ALA A 143 -3.18 3.70 -1.63
CA ALA A 143 -2.48 2.99 -0.58
C ALA A 143 -1.31 2.26 -1.19
N LEU A 144 -1.55 1.65 -2.34
CA LEU A 144 -0.53 0.96 -3.11
C LEU A 144 0.61 1.95 -3.38
N ASP A 145 0.18 3.15 -3.73
CA ASP A 145 1.04 4.29 -3.99
C ASP A 145 1.88 4.66 -2.77
N VAL A 146 1.21 4.95 -1.65
CA VAL A 146 1.90 5.39 -0.43
C VAL A 146 2.74 4.30 0.20
N VAL A 147 2.32 3.07 0.05
CA VAL A 147 3.08 1.97 0.51
C VAL A 147 4.35 1.85 -0.31
N LEU A 148 4.20 1.70 -1.61
CA LEU A 148 5.33 1.46 -2.48
C LEU A 148 6.23 2.68 -2.68
N PHE A 149 5.70 3.84 -2.44
CA PHE A 149 6.50 5.05 -2.52
C PHE A 149 7.12 5.35 -1.16
N GLY A 150 6.35 5.16 -0.11
CA GLY A 150 6.83 5.41 1.24
C GLY A 150 7.01 6.90 1.52
N GLY A 1 2.84 -15.60 3.05
CA GLY A 1 2.52 -16.74 3.91
C GLY A 1 1.03 -16.92 4.05
N SER A 2 0.36 -17.13 2.93
CA SER A 2 -1.09 -17.16 2.86
C SER A 2 -1.71 -18.34 3.61
N HIS A 3 -0.99 -19.43 3.71
CA HIS A 3 -1.54 -20.64 4.28
C HIS A 3 -1.29 -20.75 5.78
N MET A 4 -0.49 -19.88 6.34
CA MET A 4 -0.18 -19.96 7.77
C MET A 4 -0.29 -18.62 8.47
N ALA A 5 0.45 -17.62 7.96
CA ALA A 5 0.57 -16.29 8.58
C ALA A 5 1.16 -16.44 9.99
N SER A 6 0.91 -15.48 10.84
CA SER A 6 1.37 -15.51 12.20
C SER A 6 0.31 -14.82 13.04
N THR A 7 0.17 -13.55 12.80
CA THR A 7 -0.84 -12.75 13.39
C THR A 7 -1.76 -12.34 12.25
N GLU A 8 -2.99 -11.97 12.55
CA GLU A 8 -3.91 -11.54 11.51
C GLU A 8 -3.43 -10.26 10.85
N GLU A 9 -2.64 -9.48 11.57
CA GLU A 9 -2.09 -8.28 11.00
C GLU A 9 -1.09 -8.64 9.90
N ASP A 10 -0.49 -9.84 9.99
CA ASP A 10 0.42 -10.29 8.94
C ASP A 10 -0.41 -10.69 7.75
N ARG A 11 -1.54 -11.26 8.02
CA ARG A 11 -2.44 -11.65 6.96
C ARG A 11 -2.91 -10.40 6.18
N PHE A 12 -3.08 -9.30 6.86
CA PHE A 12 -3.38 -8.08 6.17
C PHE A 12 -2.12 -7.42 5.56
N SER A 13 -1.13 -7.16 6.42
CA SER A 13 0.05 -6.37 6.04
C SER A 13 1.07 -7.19 5.27
N LEU A 14 1.40 -8.38 5.77
CA LEU A 14 2.42 -9.21 5.14
C LEU A 14 1.95 -9.64 3.82
N GLU A 15 0.74 -10.06 3.78
CA GLU A 15 0.13 -10.51 2.57
C GLU A 15 -0.02 -9.36 1.54
N ALA A 16 -0.42 -8.17 2.00
CA ALA A 16 -0.53 -7.00 1.11
C ALA A 16 0.83 -6.64 0.54
N LEU A 17 1.83 -6.55 1.39
CA LEU A 17 3.16 -6.17 0.97
C LEU A 17 3.80 -7.27 0.14
N GLN A 18 3.42 -8.51 0.43
CA GLN A 18 3.87 -9.66 -0.32
C GLN A 18 3.37 -9.56 -1.73
N THR A 19 2.12 -9.12 -1.87
CA THR A 19 1.49 -8.99 -3.17
C THR A 19 2.28 -8.02 -4.07
N ILE A 20 2.56 -6.83 -3.57
CA ILE A 20 3.31 -5.84 -4.37
C ILE A 20 4.72 -6.30 -4.64
N HIS A 21 5.33 -6.90 -3.64
CA HIS A 21 6.66 -7.47 -3.78
C HIS A 21 6.65 -8.56 -4.84
N LYS A 22 5.66 -9.42 -4.80
CA LYS A 22 5.49 -10.49 -5.74
C LYS A 22 5.23 -9.95 -7.16
N GLN A 23 4.55 -8.85 -7.25
CA GLN A 23 4.28 -8.30 -8.53
C GLN A 23 5.52 -7.64 -9.12
N MET A 24 6.41 -7.12 -8.27
CA MET A 24 7.68 -6.64 -8.77
C MET A 24 8.66 -7.78 -8.89
N ASP A 25 8.92 -8.45 -7.77
CA ASP A 25 9.86 -9.54 -7.69
C ASP A 25 9.02 -10.73 -7.96
N ASP A 26 8.97 -11.14 -9.17
CA ASP A 26 8.03 -12.18 -9.55
C ASP A 26 8.51 -13.49 -9.06
N ASP A 27 9.82 -13.60 -8.91
CA ASP A 27 10.41 -14.78 -8.37
C ASP A 27 10.52 -14.70 -6.85
N LYS A 28 10.36 -13.45 -6.30
CA LYS A 28 10.28 -13.10 -4.86
C LYS A 28 11.45 -13.67 -4.21
N ASP A 29 12.48 -13.61 -4.93
CA ASP A 29 13.68 -14.19 -4.59
C ASP A 29 14.34 -13.42 -3.50
N GLY A 30 13.76 -12.29 -3.22
CA GLY A 30 14.22 -11.50 -2.16
C GLY A 30 15.02 -10.39 -2.70
N GLY A 31 14.69 -10.04 -3.87
CA GLY A 31 15.38 -9.05 -4.52
C GLY A 31 14.59 -8.56 -5.67
N ILE A 32 13.90 -7.48 -5.43
CA ILE A 32 13.17 -6.84 -6.45
C ILE A 32 14.18 -6.11 -7.26
N GLU A 33 14.39 -6.56 -8.44
CA GLU A 33 15.33 -5.96 -9.32
C GLU A 33 14.78 -4.65 -9.74
N VAL A 34 15.66 -3.82 -10.19
CA VAL A 34 15.28 -2.54 -10.67
C VAL A 34 14.34 -2.71 -11.87
N GLU A 35 14.59 -3.75 -12.64
CA GLU A 35 13.77 -4.07 -13.75
C GLU A 35 12.44 -4.69 -13.28
N GLU A 36 12.49 -5.45 -12.19
CA GLU A 36 11.31 -6.07 -11.63
C GLU A 36 10.34 -5.01 -11.04
N SER A 37 10.86 -4.08 -10.27
CA SER A 37 10.07 -2.99 -9.70
C SER A 37 9.47 -2.12 -10.79
N ASP A 38 10.29 -1.84 -11.79
CA ASP A 38 9.93 -1.04 -12.96
C ASP A 38 8.65 -1.52 -13.59
N GLU A 39 8.51 -2.83 -13.73
CA GLU A 39 7.35 -3.43 -14.36
C GLU A 39 6.05 -3.04 -13.62
N PHE A 40 6.07 -3.11 -12.30
CA PHE A 40 4.88 -2.80 -11.53
C PHE A 40 4.62 -1.29 -11.50
N ILE A 41 5.71 -0.50 -11.47
CA ILE A 41 5.53 0.94 -11.44
C ILE A 41 4.96 1.40 -12.80
N ARG A 42 5.46 0.77 -13.86
CA ARG A 42 5.10 1.05 -15.26
C ARG A 42 3.63 1.06 -15.62
N GLU A 43 2.77 0.50 -14.81
CA GLU A 43 1.37 0.51 -15.15
C GLU A 43 0.53 0.76 -13.88
N ASP A 44 0.67 -0.16 -12.92
CA ASP A 44 -0.07 -0.13 -11.66
C ASP A 44 0.23 1.12 -10.88
N MET A 45 1.46 1.60 -10.98
CA MET A 45 1.77 2.87 -10.37
C MET A 45 1.68 3.99 -11.35
N LYS A 46 1.74 3.65 -12.65
CA LYS A 46 1.71 4.60 -13.78
C LYS A 46 0.46 5.41 -13.73
N TYR A 47 -0.59 4.81 -13.10
CA TYR A 47 -1.81 5.56 -12.72
C TYR A 47 -1.47 6.98 -12.20
N LYS A 48 -0.32 7.09 -11.50
CA LYS A 48 0.14 8.35 -10.97
C LYS A 48 1.62 8.66 -11.33
N ASP A 49 2.52 7.70 -11.20
CA ASP A 49 3.96 7.95 -11.46
C ASP A 49 4.63 6.73 -12.06
N ALA A 50 5.67 6.94 -12.84
CA ALA A 50 6.36 5.85 -13.50
C ALA A 50 7.87 5.80 -13.17
N THR A 51 8.63 6.81 -13.54
CA THR A 51 10.07 6.74 -13.35
C THR A 51 10.52 7.22 -11.97
N ASN A 52 9.81 8.19 -11.43
CA ASN A 52 10.20 8.86 -10.20
C ASN A 52 10.16 7.89 -9.03
N LYS A 53 9.10 7.11 -8.95
CA LYS A 53 8.93 6.14 -7.88
C LYS A 53 10.09 5.17 -7.74
N HIS A 54 10.64 4.68 -8.84
CA HIS A 54 11.77 3.80 -8.70
C HIS A 54 13.06 4.53 -8.53
N SER A 55 13.23 5.67 -9.18
CA SER A 55 14.45 6.44 -8.96
C SER A 55 14.54 6.88 -7.49
N HIS A 56 13.37 7.05 -6.89
CA HIS A 56 13.22 7.37 -5.49
C HIS A 56 13.41 6.11 -4.64
N LEU A 57 13.01 4.97 -5.16
CA LEU A 57 13.09 3.72 -4.41
C LEU A 57 14.48 3.08 -4.47
N HIS A 58 15.02 2.94 -5.68
CA HIS A 58 16.31 2.26 -5.91
C HIS A 58 17.48 3.17 -5.62
N ARG A 59 17.19 4.36 -5.14
CA ARG A 59 18.20 5.40 -4.85
C ARG A 59 19.35 4.89 -3.95
N GLU A 60 19.09 3.91 -3.12
CA GLU A 60 20.10 3.40 -2.23
C GLU A 60 20.49 1.98 -2.59
N ASP A 61 19.51 1.22 -3.01
CA ASP A 61 19.73 -0.14 -3.45
C ASP A 61 18.56 -0.47 -4.32
N LYS A 62 18.75 -1.40 -5.19
CA LYS A 62 17.74 -1.79 -6.14
C LYS A 62 17.00 -2.98 -5.61
N HIS A 63 17.76 -3.98 -5.23
CA HIS A 63 17.22 -5.25 -4.81
C HIS A 63 16.63 -5.18 -3.43
N ILE A 64 15.34 -5.02 -3.41
CA ILE A 64 14.59 -4.94 -2.21
C ILE A 64 13.95 -6.29 -1.91
N THR A 65 14.20 -6.80 -0.73
CA THR A 65 13.73 -8.09 -0.32
C THR A 65 12.32 -7.96 0.29
N ILE A 66 11.53 -9.05 0.28
CA ILE A 66 10.17 -9.08 0.86
C ILE A 66 10.12 -8.44 2.30
N GLU A 67 11.13 -8.72 3.10
CA GLU A 67 11.23 -8.20 4.47
C GLU A 67 11.60 -6.71 4.48
N ASP A 68 12.30 -6.32 3.42
CA ASP A 68 12.80 -4.97 3.30
C ASP A 68 11.65 -4.05 3.13
N LEU A 69 10.65 -4.47 2.35
CA LEU A 69 9.42 -3.66 2.18
C LEU A 69 8.81 -3.36 3.52
N TRP A 70 8.75 -4.37 4.36
CA TRP A 70 8.19 -4.22 5.67
C TRP A 70 8.89 -3.16 6.45
N LYS A 71 10.18 -3.28 6.60
CA LYS A 71 10.94 -2.26 7.34
C LYS A 71 10.90 -0.90 6.63
N ARG A 72 10.86 -0.93 5.30
CA ARG A 72 10.79 0.29 4.49
C ARG A 72 9.60 1.12 4.87
N TRP A 73 8.43 0.50 4.83
CA TRP A 73 7.21 1.20 5.11
C TRP A 73 7.03 1.42 6.59
N LYS A 74 7.57 0.52 7.41
CA LYS A 74 7.55 0.67 8.86
C LYS A 74 8.28 1.92 9.29
N THR A 75 9.32 2.26 8.58
CA THR A 75 10.07 3.45 8.87
C THR A 75 9.66 4.60 7.94
N SER A 76 8.58 4.40 7.21
CA SER A 76 8.08 5.40 6.33
C SER A 76 6.92 6.10 7.03
N GLU A 77 6.59 7.26 6.55
CA GLU A 77 5.56 8.08 7.14
C GLU A 77 4.18 7.45 6.98
N VAL A 78 3.98 6.72 5.89
CA VAL A 78 2.68 6.14 5.54
C VAL A 78 2.09 5.32 6.68
N HIS A 79 2.93 4.56 7.30
CA HIS A 79 2.56 3.66 8.34
C HIS A 79 2.50 4.38 9.69
N ASN A 80 2.99 5.60 9.71
CA ASN A 80 3.09 6.40 10.91
C ASN A 80 2.02 7.47 10.95
N TRP A 81 1.31 7.67 9.83
CA TRP A 81 0.25 8.67 9.78
C TRP A 81 -0.82 8.39 10.81
N THR A 82 -1.30 9.41 11.44
CA THR A 82 -2.38 9.27 12.35
C THR A 82 -3.69 9.42 11.58
N LEU A 83 -4.78 9.29 12.28
CA LEU A 83 -6.11 9.34 11.72
C LEU A 83 -6.41 10.67 11.05
N GLU A 84 -5.88 11.72 11.59
CA GLU A 84 -6.08 13.01 10.98
C GLU A 84 -5.23 13.17 9.72
N ASP A 85 -4.00 12.69 9.77
CA ASP A 85 -3.08 12.75 8.61
C ASP A 85 -3.58 11.89 7.46
N THR A 86 -4.01 10.69 7.78
CA THR A 86 -4.47 9.74 6.77
C THR A 86 -5.71 10.28 6.04
N LEU A 87 -6.62 10.85 6.79
CA LEU A 87 -7.84 11.35 6.22
C LEU A 87 -7.69 12.64 5.53
N GLN A 88 -6.81 13.47 6.02
CA GLN A 88 -6.52 14.69 5.33
C GLN A 88 -5.86 14.35 3.99
N TRP A 89 -5.04 13.32 3.98
CA TRP A 89 -4.39 12.86 2.76
C TRP A 89 -5.48 12.34 1.82
N LEU A 90 -6.49 11.67 2.38
CA LEU A 90 -7.63 11.23 1.61
C LEU A 90 -8.33 12.40 0.93
N ILE A 91 -8.74 13.40 1.63
CA ILE A 91 -9.48 14.42 0.90
C ILE A 91 -8.55 15.27 0.03
N GLU A 92 -7.34 15.49 0.50
CA GLU A 92 -6.35 16.28 -0.22
C GLU A 92 -5.95 15.65 -1.54
N PHE A 93 -5.65 14.38 -1.51
CA PHE A 93 -5.15 13.69 -2.71
C PHE A 93 -6.23 12.84 -3.37
N VAL A 94 -7.05 12.23 -2.57
CA VAL A 94 -8.13 11.37 -3.05
C VAL A 94 -9.34 12.22 -3.44
N GLU A 95 -9.61 13.27 -2.65
CA GLU A 95 -10.74 14.17 -2.82
C GLU A 95 -12.08 13.51 -2.50
N LEU A 96 -12.09 12.62 -1.51
CA LEU A 96 -13.34 11.92 -1.12
C LEU A 96 -13.78 12.23 0.34
N PRO A 97 -14.15 13.50 0.67
CA PRO A 97 -14.50 13.91 2.06
C PRO A 97 -15.83 13.36 2.52
N GLN A 98 -16.49 12.65 1.63
CA GLN A 98 -17.78 12.12 1.92
C GLN A 98 -17.68 10.76 2.52
N TYR A 99 -16.47 10.24 2.60
CA TYR A 99 -16.24 8.94 3.19
C TYR A 99 -15.09 8.96 4.14
N GLU A 100 -14.59 10.16 4.44
CA GLU A 100 -13.46 10.28 5.33
C GLU A 100 -13.88 9.91 6.74
N LYS A 101 -15.09 10.33 7.13
CA LYS A 101 -15.62 10.12 8.48
C LYS A 101 -15.69 8.64 8.83
N ASN A 102 -15.99 7.82 7.83
CA ASN A 102 -16.11 6.39 7.99
C ASN A 102 -14.78 5.84 8.40
N PHE A 103 -13.78 6.08 7.57
CA PHE A 103 -12.43 5.64 7.82
C PHE A 103 -11.87 6.26 9.11
N ARG A 104 -11.97 7.56 9.19
CA ARG A 104 -11.41 8.34 10.28
C ARG A 104 -11.81 7.74 11.60
N ASP A 105 -13.14 7.73 11.82
CA ASP A 105 -13.78 7.33 13.07
C ASP A 105 -13.73 5.82 13.31
N ASN A 106 -13.71 5.00 12.23
CA ASN A 106 -13.55 3.54 12.42
C ASN A 106 -12.14 3.26 12.92
N ASN A 107 -11.32 4.29 12.74
CA ASN A 107 -9.98 4.45 13.26
C ASN A 107 -8.97 4.11 12.26
N VAL A 108 -8.90 4.97 11.29
CA VAL A 108 -7.92 4.78 10.22
C VAL A 108 -6.70 5.65 10.41
N LYS A 109 -5.60 5.01 10.73
CA LYS A 109 -4.35 5.70 10.94
C LYS A 109 -3.19 4.98 10.31
N GLY A 110 -3.02 5.24 9.01
CA GLY A 110 -2.01 4.58 8.21
C GLY A 110 -2.10 3.08 8.30
N THR A 111 -3.30 2.60 8.49
CA THR A 111 -3.54 1.21 8.69
C THR A 111 -4.10 0.51 7.46
N THR A 112 -5.32 0.85 7.09
CA THR A 112 -5.97 0.22 5.97
C THR A 112 -5.24 0.54 4.67
N LEU A 113 -4.46 1.61 4.65
CA LEU A 113 -3.67 1.96 3.49
C LEU A 113 -2.61 0.90 3.17
N PRO A 114 -1.62 0.59 4.07
CA PRO A 114 -0.72 -0.52 3.81
C PRO A 114 -1.44 -1.88 3.90
N ARG A 115 -2.65 -1.91 4.51
CA ARG A 115 -3.40 -3.16 4.64
C ARG A 115 -4.51 -3.33 3.59
N ILE A 116 -4.56 -2.46 2.58
CA ILE A 116 -5.44 -2.68 1.42
C ILE A 116 -5.13 -4.02 0.76
N ALA A 117 -6.10 -4.55 0.10
CA ALA A 117 -5.89 -5.76 -0.62
C ALA A 117 -5.79 -5.41 -2.05
N VAL A 118 -4.60 -5.49 -2.58
CA VAL A 118 -4.31 -5.16 -3.96
C VAL A 118 -5.11 -6.06 -4.91
N HIS A 119 -5.40 -7.27 -4.43
CA HIS A 119 -6.18 -8.21 -5.19
C HIS A 119 -7.64 -7.72 -5.32
N GLU A 120 -8.32 -7.42 -4.20
CA GLU A 120 -9.72 -6.96 -4.24
C GLU A 120 -10.30 -6.51 -2.85
N PRO A 121 -10.51 -7.43 -1.86
CA PRO A 121 -11.27 -7.10 -0.67
C PRO A 121 -10.44 -6.40 0.39
N SER A 122 -10.47 -5.08 0.35
CA SER A 122 -9.72 -4.26 1.25
C SER A 122 -10.29 -4.33 2.69
N PHE A 123 -9.50 -3.88 3.62
CA PHE A 123 -9.79 -3.96 5.05
C PHE A 123 -10.99 -3.07 5.50
N MET A 124 -10.77 -1.77 5.58
CA MET A 124 -11.78 -0.83 6.10
C MET A 124 -13.06 -0.64 5.31
N ILE A 125 -13.05 -0.99 4.03
CA ILE A 125 -14.19 -0.76 3.11
C ILE A 125 -15.54 -1.33 3.64
N SER A 126 -15.46 -2.36 4.46
CA SER A 126 -16.63 -2.96 5.06
C SER A 126 -17.37 -1.97 6.01
N GLN A 127 -16.62 -1.06 6.64
CA GLN A 127 -17.16 -0.09 7.60
C GLN A 127 -17.67 1.18 6.93
N LEU A 128 -17.98 1.10 5.67
CA LEU A 128 -18.50 2.23 4.93
C LEU A 128 -19.96 2.01 4.57
N LYS A 129 -20.57 3.06 3.99
CA LYS A 129 -21.95 3.05 3.48
C LYS A 129 -22.21 1.79 2.66
N ILE A 130 -21.29 1.56 1.75
CA ILE A 130 -21.28 0.42 0.88
C ILE A 130 -19.83 0.13 0.60
N SER A 131 -19.52 -1.07 0.26
CA SER A 131 -18.15 -1.46 -0.01
C SER A 131 -17.86 -1.34 -1.51
N ASP A 132 -18.50 -0.36 -2.14
CA ASP A 132 -18.39 -0.08 -3.60
C ASP A 132 -16.94 0.15 -4.08
N ARG A 133 -16.78 0.02 -5.41
CA ARG A 133 -15.51 0.11 -6.13
C ARG A 133 -14.79 1.38 -5.83
N SER A 134 -15.53 2.48 -5.76
CA SER A 134 -14.97 3.81 -5.58
C SER A 134 -14.06 3.90 -4.36
N HIS A 135 -14.51 3.33 -3.27
CA HIS A 135 -13.78 3.36 -2.00
C HIS A 135 -12.55 2.47 -2.11
N ARG A 136 -12.76 1.31 -2.74
CA ARG A 136 -11.70 0.33 -2.91
C ARG A 136 -10.62 0.91 -3.78
N GLN A 137 -11.02 1.44 -4.94
CA GLN A 137 -10.07 1.93 -5.93
C GLN A 137 -9.34 3.16 -5.45
N LYS A 138 -10.07 4.08 -4.77
CA LYS A 138 -9.45 5.30 -4.28
C LYS A 138 -8.34 4.94 -3.32
N LEU A 139 -8.64 4.01 -2.40
CA LEU A 139 -7.70 3.68 -1.41
C LEU A 139 -6.66 2.77 -1.96
N GLN A 140 -7.05 1.80 -2.78
CA GLN A 140 -6.14 0.83 -3.34
C GLN A 140 -5.03 1.54 -4.10
N LEU A 141 -5.37 2.42 -5.04
CA LEU A 141 -4.33 3.06 -5.80
C LEU A 141 -3.60 4.13 -5.02
N LYS A 142 -4.32 4.92 -4.19
CA LYS A 142 -3.64 5.95 -3.43
C LYS A 142 -2.71 5.36 -2.37
N ALA A 143 -3.20 4.35 -1.70
CA ALA A 143 -2.43 3.67 -0.69
C ALA A 143 -1.26 2.95 -1.31
N LEU A 144 -1.52 2.28 -2.41
CA LEU A 144 -0.47 1.58 -3.17
C LEU A 144 0.67 2.56 -3.50
N ASP A 145 0.26 3.74 -3.92
CA ASP A 145 1.13 4.83 -4.24
C ASP A 145 1.96 5.27 -3.03
N VAL A 146 1.29 5.54 -1.93
CA VAL A 146 1.96 6.03 -0.72
C VAL A 146 2.78 4.95 -0.02
N VAL A 147 2.40 3.72 -0.19
CA VAL A 147 3.16 2.62 0.32
C VAL A 147 4.47 2.52 -0.44
N LEU A 148 4.39 2.42 -1.75
CA LEU A 148 5.60 2.21 -2.54
C LEU A 148 6.44 3.48 -2.74
N PHE A 149 5.82 4.61 -2.70
CA PHE A 149 6.54 5.86 -2.85
C PHE A 149 6.84 6.48 -1.50
N GLY A 150 5.81 6.79 -0.77
CA GLY A 150 5.95 7.42 0.52
C GLY A 150 4.84 8.40 0.77
N GLY A 1 6.21 -23.13 2.03
CA GLY A 1 5.53 -21.93 1.54
C GLY A 1 6.10 -20.70 2.18
N SER A 2 6.22 -19.64 1.42
CA SER A 2 6.80 -18.42 1.95
C SER A 2 5.74 -17.48 2.57
N HIS A 3 4.50 -17.94 2.62
CA HIS A 3 3.44 -17.17 3.24
C HIS A 3 3.44 -17.47 4.73
N MET A 4 4.10 -16.64 5.50
CA MET A 4 4.17 -16.84 6.92
C MET A 4 3.70 -15.61 7.65
N ALA A 5 2.84 -15.81 8.60
CA ALA A 5 2.34 -14.73 9.41
C ALA A 5 1.97 -15.28 10.77
N SER A 6 2.06 -14.46 11.78
CA SER A 6 1.72 -14.84 13.13
C SER A 6 0.27 -14.44 13.48
N THR A 7 0.05 -13.15 13.57
CA THR A 7 -1.22 -12.60 13.93
C THR A 7 -1.94 -12.24 12.63
N GLU A 8 -3.22 -12.00 12.68
CA GLU A 8 -3.95 -11.69 11.49
C GLU A 8 -3.56 -10.34 10.93
N GLU A 9 -3.18 -9.41 11.81
CA GLU A 9 -2.69 -8.13 11.33
C GLU A 9 -1.42 -8.32 10.51
N ASP A 10 -0.60 -9.31 10.91
CA ASP A 10 0.59 -9.67 10.14
C ASP A 10 0.15 -10.16 8.86
N ARG A 11 -0.76 -11.07 8.86
CA ARG A 11 -1.29 -11.67 7.63
C ARG A 11 -1.79 -10.61 6.67
N PHE A 12 -2.49 -9.62 7.16
CA PHE A 12 -3.00 -8.57 6.28
C PHE A 12 -1.86 -7.77 5.68
N SER A 13 -0.96 -7.37 6.53
CA SER A 13 0.16 -6.54 6.13
C SER A 13 1.16 -7.38 5.30
N LEU A 14 1.36 -8.61 5.73
CA LEU A 14 2.27 -9.52 5.12
C LEU A 14 1.76 -9.84 3.75
N GLU A 15 0.51 -10.32 3.70
CA GLU A 15 -0.14 -10.71 2.46
C GLU A 15 -0.15 -9.56 1.45
N ALA A 16 -0.48 -8.35 1.91
CA ALA A 16 -0.49 -7.17 1.04
C ALA A 16 0.90 -6.87 0.48
N LEU A 17 1.88 -6.79 1.37
CA LEU A 17 3.23 -6.46 0.95
C LEU A 17 3.86 -7.61 0.15
N GLN A 18 3.45 -8.82 0.47
CA GLN A 18 3.91 -10.00 -0.24
C GLN A 18 3.34 -10.05 -1.64
N THR A 19 2.13 -9.55 -1.78
CA THR A 19 1.49 -9.47 -3.07
C THR A 19 2.25 -8.52 -3.99
N ILE A 20 2.48 -7.30 -3.52
CA ILE A 20 3.16 -6.29 -4.32
C ILE A 20 4.62 -6.63 -4.57
N HIS A 21 5.24 -7.24 -3.57
CA HIS A 21 6.59 -7.72 -3.72
C HIS A 21 6.65 -8.78 -4.79
N LYS A 22 5.69 -9.70 -4.81
CA LYS A 22 5.59 -10.70 -5.82
C LYS A 22 5.32 -10.06 -7.18
N GLN A 23 4.52 -9.02 -7.21
CA GLN A 23 4.21 -8.36 -8.45
C GLN A 23 5.46 -7.75 -9.06
N MET A 24 6.34 -7.22 -8.23
CA MET A 24 7.59 -6.73 -8.74
C MET A 24 8.61 -7.85 -8.86
N ASP A 25 8.91 -8.50 -7.75
CA ASP A 25 9.90 -9.58 -7.72
C ASP A 25 9.12 -10.81 -8.06
N ASP A 26 9.10 -11.15 -9.30
CA ASP A 26 8.21 -12.19 -9.77
C ASP A 26 8.64 -13.53 -9.27
N ASP A 27 9.92 -13.69 -9.20
CA ASP A 27 10.47 -14.94 -8.78
C ASP A 27 10.66 -14.96 -7.27
N LYS A 28 10.59 -13.77 -6.66
CA LYS A 28 10.79 -13.52 -5.28
C LYS A 28 12.03 -14.16 -4.80
N ASP A 29 13.09 -13.51 -5.17
CA ASP A 29 14.38 -13.76 -4.71
C ASP A 29 14.33 -13.32 -3.29
N GLY A 30 13.49 -12.32 -3.12
CA GLY A 30 13.52 -11.52 -1.99
C GLY A 30 14.46 -10.43 -2.39
N GLY A 31 14.26 -10.00 -3.60
CA GLY A 31 15.07 -9.06 -4.20
C GLY A 31 14.41 -8.58 -5.45
N ILE A 32 13.73 -7.49 -5.31
CA ILE A 32 13.07 -6.86 -6.38
C ILE A 32 14.12 -6.14 -7.15
N GLU A 33 14.27 -6.51 -8.37
CA GLU A 33 15.16 -5.83 -9.25
C GLU A 33 14.56 -4.51 -9.55
N VAL A 34 15.37 -3.58 -9.94
CA VAL A 34 14.88 -2.29 -10.28
C VAL A 34 13.93 -2.41 -11.48
N GLU A 35 14.24 -3.36 -12.35
CA GLU A 35 13.44 -3.64 -13.51
C GLU A 35 12.14 -4.36 -13.11
N GLU A 36 12.23 -5.16 -12.05
CA GLU A 36 11.08 -5.88 -11.53
C GLU A 36 10.07 -4.91 -10.92
N SER A 37 10.58 -3.93 -10.19
CA SER A 37 9.75 -2.88 -9.59
C SER A 37 9.09 -2.11 -10.72
N ASP A 38 9.92 -1.79 -11.71
CA ASP A 38 9.57 -1.00 -12.89
C ASP A 38 8.35 -1.54 -13.57
N GLU A 39 8.32 -2.85 -13.74
CA GLU A 39 7.23 -3.54 -14.43
C GLU A 39 5.86 -3.23 -13.79
N PHE A 40 5.80 -3.31 -12.47
CA PHE A 40 4.54 -3.09 -11.75
C PHE A 40 4.20 -1.60 -11.70
N ILE A 41 5.22 -0.77 -11.70
CA ILE A 41 5.02 0.66 -11.70
C ILE A 41 4.42 1.10 -13.04
N ARG A 42 4.83 0.41 -14.11
CA ARG A 42 4.48 0.71 -15.50
C ARG A 42 3.00 0.90 -15.81
N GLU A 43 2.11 0.44 -14.99
CA GLU A 43 0.72 0.76 -15.23
C GLU A 43 0.00 1.09 -13.92
N ASP A 44 0.09 0.14 -12.98
CA ASP A 44 -0.54 0.26 -11.67
C ASP A 44 -0.10 1.51 -10.96
N MET A 45 1.16 1.82 -11.03
CA MET A 45 1.59 3.06 -10.47
C MET A 45 1.56 4.19 -11.48
N LYS A 46 1.62 3.83 -12.80
CA LYS A 46 1.62 4.78 -13.93
C LYS A 46 0.44 5.70 -13.87
N TYR A 47 -0.65 5.21 -13.26
CA TYR A 47 -1.83 6.06 -12.98
C TYR A 47 -1.42 7.40 -12.31
N LYS A 48 -0.26 7.41 -11.65
CA LYS A 48 0.25 8.55 -10.93
C LYS A 48 1.73 8.86 -11.29
N ASP A 49 2.57 7.81 -11.41
CA ASP A 49 4.00 8.03 -11.66
C ASP A 49 4.61 6.78 -12.29
N ALA A 50 5.90 6.82 -12.56
CA ALA A 50 6.60 5.72 -13.16
C ALA A 50 8.10 5.78 -12.82
N THR A 51 8.82 6.70 -13.43
CA THR A 51 10.26 6.77 -13.24
C THR A 51 10.64 7.42 -11.87
N ASN A 52 9.85 8.38 -11.43
CA ASN A 52 10.15 9.16 -10.22
C ASN A 52 10.01 8.29 -9.00
N LYS A 53 9.10 7.34 -9.06
CA LYS A 53 8.89 6.36 -8.02
C LYS A 53 10.22 5.67 -7.72
N HIS A 54 10.93 5.31 -8.76
CA HIS A 54 12.20 4.64 -8.60
C HIS A 54 13.20 5.62 -8.12
N SER A 55 13.24 6.78 -8.73
CA SER A 55 14.19 7.83 -8.36
C SER A 55 14.16 8.10 -6.84
N HIS A 56 12.98 8.09 -6.27
CA HIS A 56 12.82 8.30 -4.85
C HIS A 56 13.16 7.02 -4.04
N LEU A 57 12.74 5.87 -4.51
CA LEU A 57 12.98 4.63 -3.76
C LEU A 57 14.40 4.05 -3.98
N HIS A 58 14.83 3.97 -5.24
CA HIS A 58 16.12 3.36 -5.57
C HIS A 58 17.26 4.34 -5.35
N ARG A 59 16.94 5.48 -4.76
CA ARG A 59 17.91 6.52 -4.42
C ARG A 59 19.03 5.96 -3.50
N GLU A 60 18.74 4.83 -2.84
CA GLU A 60 19.69 4.24 -1.94
C GLU A 60 19.99 2.77 -2.28
N ASP A 61 19.01 2.03 -2.77
CA ASP A 61 19.22 0.63 -3.11
C ASP A 61 18.24 0.25 -4.19
N LYS A 62 18.35 -0.95 -4.69
CA LYS A 62 17.49 -1.46 -5.73
C LYS A 62 16.87 -2.74 -5.30
N HIS A 63 17.73 -3.64 -4.85
CA HIS A 63 17.29 -4.97 -4.43
C HIS A 63 16.48 -4.90 -3.12
N ILE A 64 15.21 -4.91 -3.26
CA ILE A 64 14.34 -4.84 -2.11
C ILE A 64 13.81 -6.24 -1.80
N THR A 65 14.10 -6.72 -0.61
CA THR A 65 13.67 -8.01 -0.17
C THR A 65 12.24 -7.90 0.38
N ILE A 66 11.51 -9.01 0.36
CA ILE A 66 10.14 -9.10 0.89
C ILE A 66 10.02 -8.47 2.31
N GLU A 67 11.02 -8.72 3.14
CA GLU A 67 11.07 -8.18 4.50
C GLU A 67 11.46 -6.70 4.50
N ASP A 68 12.17 -6.30 3.46
CA ASP A 68 12.67 -4.94 3.34
C ASP A 68 11.50 -4.04 3.19
N LEU A 69 10.48 -4.46 2.42
CA LEU A 69 9.24 -3.67 2.27
C LEU A 69 8.65 -3.39 3.63
N TRP A 70 8.53 -4.43 4.44
CA TRP A 70 7.99 -4.31 5.78
C TRP A 70 8.67 -3.24 6.57
N LYS A 71 9.98 -3.35 6.70
CA LYS A 71 10.74 -2.34 7.44
C LYS A 71 10.73 -0.97 6.75
N ARG A 72 10.76 -0.97 5.41
CA ARG A 72 10.77 0.26 4.62
C ARG A 72 9.57 1.10 4.95
N TRP A 73 8.40 0.50 4.83
CA TRP A 73 7.19 1.24 5.02
C TRP A 73 6.95 1.47 6.51
N LYS A 74 7.38 0.51 7.33
CA LYS A 74 7.29 0.61 8.78
C LYS A 74 8.07 1.81 9.32
N THR A 75 9.14 2.16 8.64
CA THR A 75 9.93 3.29 9.05
C THR A 75 9.65 4.53 8.19
N SER A 76 8.62 4.46 7.37
CA SER A 76 8.20 5.57 6.57
C SER A 76 6.95 6.18 7.17
N GLU A 77 6.67 7.43 6.83
CA GLU A 77 5.56 8.17 7.39
C GLU A 77 4.21 7.51 7.15
N VAL A 78 4.07 6.80 6.04
CA VAL A 78 2.82 6.13 5.67
C VAL A 78 2.22 5.29 6.81
N HIS A 79 3.06 4.56 7.44
CA HIS A 79 2.70 3.65 8.50
C HIS A 79 2.61 4.40 9.84
N ASN A 80 3.04 5.64 9.83
CA ASN A 80 3.16 6.47 11.02
C ASN A 80 2.03 7.54 11.05
N TRP A 81 1.34 7.72 9.93
CA TRP A 81 0.24 8.70 9.81
C TRP A 81 -0.85 8.45 10.86
N THR A 82 -1.28 9.51 11.48
CA THR A 82 -2.41 9.45 12.40
C THR A 82 -3.69 9.56 11.60
N LEU A 83 -4.81 9.33 12.24
CA LEU A 83 -6.13 9.37 11.63
C LEU A 83 -6.41 10.70 10.94
N GLU A 84 -5.99 11.78 11.53
CA GLU A 84 -6.21 13.08 10.92
C GLU A 84 -5.30 13.29 9.71
N ASP A 85 -4.07 12.81 9.84
CA ASP A 85 -3.05 12.99 8.81
C ASP A 85 -3.35 12.08 7.60
N THR A 86 -3.80 10.87 7.89
CA THR A 86 -4.17 9.91 6.86
C THR A 86 -5.34 10.45 6.03
N LEU A 87 -6.31 11.01 6.70
CA LEU A 87 -7.49 11.49 6.05
C LEU A 87 -7.30 12.77 5.31
N GLN A 88 -6.46 13.64 5.82
CA GLN A 88 -6.12 14.81 5.05
C GLN A 88 -5.37 14.41 3.80
N TRP A 89 -4.55 13.37 3.90
CA TRP A 89 -3.86 12.86 2.73
C TRP A 89 -4.91 12.28 1.77
N LEU A 90 -5.96 11.65 2.31
CA LEU A 90 -7.05 11.13 1.51
C LEU A 90 -7.76 12.23 0.73
N ILE A 91 -8.25 13.25 1.35
CA ILE A 91 -8.98 14.22 0.53
C ILE A 91 -8.03 14.96 -0.40
N GLU A 92 -6.82 15.20 0.05
CA GLU A 92 -5.81 15.89 -0.73
C GLU A 92 -5.35 15.10 -1.96
N PHE A 93 -5.07 13.85 -1.77
CA PHE A 93 -4.51 13.02 -2.87
C PHE A 93 -5.52 12.08 -3.48
N VAL A 94 -6.53 11.77 -2.75
CA VAL A 94 -7.60 10.91 -3.19
C VAL A 94 -8.75 11.75 -3.73
N GLU A 95 -9.03 12.87 -3.01
CA GLU A 95 -10.08 13.83 -3.33
C GLU A 95 -11.48 13.25 -2.97
N LEU A 96 -11.52 12.46 -1.90
CA LEU A 96 -12.80 11.86 -1.44
C LEU A 96 -13.20 12.29 0.01
N PRO A 97 -13.62 13.57 0.21
CA PRO A 97 -13.93 14.11 1.56
C PRO A 97 -15.28 13.63 2.11
N GLN A 98 -15.91 12.75 1.39
CA GLN A 98 -17.23 12.30 1.75
C GLN A 98 -17.16 11.11 2.66
N TYR A 99 -16.03 10.46 2.68
CA TYR A 99 -15.91 9.25 3.44
C TYR A 99 -14.75 9.33 4.39
N GLU A 100 -14.17 10.52 4.51
CA GLU A 100 -13.00 10.68 5.33
C GLU A 100 -13.33 10.52 6.78
N LYS A 101 -14.47 11.06 7.17
CA LYS A 101 -14.87 11.02 8.54
C LYS A 101 -15.14 9.59 8.97
N ASN A 102 -15.61 8.79 8.02
CA ASN A 102 -15.94 7.39 8.26
C ASN A 102 -14.68 6.62 8.52
N PHE A 103 -13.71 6.74 7.62
CA PHE A 103 -12.45 6.05 7.76
C PHE A 103 -11.76 6.46 9.03
N ARG A 104 -11.65 7.77 9.19
CA ARG A 104 -11.00 8.37 10.35
C ARG A 104 -11.53 7.73 11.62
N ASP A 105 -12.88 7.85 11.76
CA ASP A 105 -13.69 7.36 12.91
C ASP A 105 -13.58 5.87 13.13
N ASN A 106 -13.65 5.08 12.04
CA ASN A 106 -13.50 3.60 12.15
C ASN A 106 -12.08 3.24 12.55
N ASN A 107 -11.25 4.25 12.50
CA ASN A 107 -9.91 4.32 13.00
C ASN A 107 -8.94 4.01 11.96
N VAL A 108 -8.82 4.94 11.07
CA VAL A 108 -7.88 4.78 9.98
C VAL A 108 -6.66 5.63 10.19
N LYS A 109 -5.60 5.00 10.64
CA LYS A 109 -4.37 5.70 10.90
C LYS A 109 -3.19 4.98 10.29
N GLY A 110 -2.97 5.25 9.02
CA GLY A 110 -1.92 4.56 8.26
C GLY A 110 -2.14 3.05 8.22
N THR A 111 -3.35 2.63 8.53
CA THR A 111 -3.70 1.24 8.67
C THR A 111 -4.02 0.57 7.32
N THR A 112 -5.11 0.98 6.72
CA THR A 112 -5.60 0.36 5.51
C THR A 112 -4.67 0.63 4.33
N LEU A 113 -3.87 1.67 4.44
CA LEU A 113 -2.88 2.01 3.44
C LEU A 113 -1.95 0.79 3.10
N PRO A 114 -1.11 0.28 4.03
CA PRO A 114 -0.35 -0.91 3.74
C PRO A 114 -1.19 -2.19 3.92
N ARG A 115 -2.38 -2.07 4.56
CA ARG A 115 -3.22 -3.25 4.78
C ARG A 115 -4.39 -3.40 3.79
N ILE A 116 -4.36 -2.65 2.68
CA ILE A 116 -5.32 -2.87 1.58
C ILE A 116 -5.21 -4.27 0.98
N ALA A 117 -6.05 -4.51 0.02
CA ALA A 117 -6.06 -5.74 -0.67
C ALA A 117 -6.05 -5.46 -2.15
N VAL A 118 -5.17 -6.12 -2.84
CA VAL A 118 -5.03 -5.95 -4.27
C VAL A 118 -5.84 -7.04 -5.00
N HIS A 119 -5.71 -8.27 -4.56
CA HIS A 119 -6.46 -9.36 -5.18
C HIS A 119 -7.82 -9.48 -4.54
N GLU A 120 -7.84 -9.34 -3.24
CA GLU A 120 -9.08 -9.29 -2.50
C GLU A 120 -9.63 -7.85 -2.60
N PRO A 121 -10.90 -7.60 -2.26
CA PRO A 121 -11.48 -6.25 -2.34
C PRO A 121 -10.72 -5.20 -1.50
N SER A 122 -10.93 -5.21 -0.19
CA SER A 122 -10.31 -4.29 0.72
C SER A 122 -10.77 -4.63 2.12
N PHE A 123 -10.29 -3.92 3.10
CA PHE A 123 -10.64 -4.20 4.47
C PHE A 123 -11.69 -3.20 5.00
N MET A 124 -11.33 -1.92 4.97
CA MET A 124 -12.17 -0.85 5.55
C MET A 124 -13.53 -0.69 4.88
N ILE A 125 -13.65 -1.15 3.64
CA ILE A 125 -14.91 -1.05 2.90
C ILE A 125 -16.06 -1.76 3.61
N SER A 126 -15.75 -2.80 4.35
CA SER A 126 -16.73 -3.57 5.07
C SER A 126 -17.41 -2.73 6.16
N GLN A 127 -16.69 -1.77 6.71
CA GLN A 127 -17.22 -0.90 7.75
C GLN A 127 -17.49 0.49 7.23
N LEU A 128 -17.57 0.61 5.93
CA LEU A 128 -17.91 1.84 5.30
C LEU A 128 -19.40 1.74 5.00
N LYS A 129 -20.10 2.89 4.93
CA LYS A 129 -21.54 2.99 4.61
C LYS A 129 -21.95 1.96 3.54
N ILE A 130 -21.21 1.94 2.46
CA ILE A 130 -21.39 0.98 1.39
C ILE A 130 -20.00 0.56 0.90
N SER A 131 -19.83 -0.68 0.59
CA SER A 131 -18.53 -1.21 0.17
C SER A 131 -18.34 -1.00 -1.35
N ASP A 132 -18.71 0.18 -1.82
CA ASP A 132 -18.68 0.52 -3.24
C ASP A 132 -17.26 0.63 -3.83
N ARG A 133 -17.22 0.48 -5.14
CA ARG A 133 -16.05 0.50 -6.01
C ARG A 133 -15.14 1.67 -5.73
N SER A 134 -15.73 2.86 -5.62
CA SER A 134 -14.99 4.11 -5.48
C SER A 134 -14.00 4.05 -4.29
N HIS A 135 -14.43 3.46 -3.21
CA HIS A 135 -13.62 3.34 -2.00
C HIS A 135 -12.46 2.41 -2.23
N ARG A 136 -12.78 1.31 -2.84
CA ARG A 136 -11.87 0.24 -3.08
C ARG A 136 -10.78 0.71 -4.04
N GLN A 137 -11.19 1.31 -5.15
CA GLN A 137 -10.25 1.78 -6.16
C GLN A 137 -9.38 2.93 -5.62
N LYS A 138 -10.02 3.90 -4.94
CA LYS A 138 -9.32 5.07 -4.44
C LYS A 138 -8.20 4.64 -3.49
N LEU A 139 -8.52 3.72 -2.56
CA LEU A 139 -7.56 3.39 -1.59
C LEU A 139 -6.65 2.32 -2.06
N GLN A 140 -7.08 1.51 -3.02
CA GLN A 140 -6.15 0.52 -3.51
C GLN A 140 -5.03 1.21 -4.24
N LEU A 141 -5.36 2.09 -5.19
CA LEU A 141 -4.30 2.70 -5.96
C LEU A 141 -3.53 3.71 -5.16
N LYS A 142 -4.22 4.46 -4.28
CA LYS A 142 -3.52 5.46 -3.52
C LYS A 142 -2.69 4.88 -2.39
N ALA A 143 -3.17 3.83 -1.78
CA ALA A 143 -2.40 3.19 -0.75
C ALA A 143 -1.24 2.47 -1.37
N LEU A 144 -1.50 1.83 -2.50
CA LEU A 144 -0.47 1.13 -3.27
C LEU A 144 0.63 2.13 -3.63
N ASP A 145 0.19 3.32 -3.96
CA ASP A 145 1.02 4.47 -4.26
C ASP A 145 1.90 4.86 -3.08
N VAL A 146 1.27 5.19 -1.95
CA VAL A 146 2.00 5.65 -0.77
C VAL A 146 2.90 4.56 -0.18
N VAL A 147 2.51 3.32 -0.37
CA VAL A 147 3.30 2.21 0.06
C VAL A 147 4.52 2.05 -0.84
N LEU A 148 4.30 1.84 -2.12
CA LEU A 148 5.38 1.53 -3.04
C LEU A 148 6.29 2.71 -3.34
N PHE A 149 5.75 3.91 -3.23
CA PHE A 149 6.55 5.11 -3.41
C PHE A 149 7.23 5.42 -2.08
N GLY A 150 6.44 5.40 -1.02
CA GLY A 150 6.95 5.71 0.30
C GLY A 150 7.05 7.19 0.53
N GLY A 1 8.08 -23.01 1.69
CA GLY A 1 7.67 -21.90 2.53
C GLY A 1 6.18 -21.85 2.65
N SER A 2 5.70 -20.82 3.33
CA SER A 2 4.29 -20.56 3.54
C SER A 2 3.63 -21.64 4.43
N HIS A 3 3.49 -21.32 5.69
CA HIS A 3 2.85 -22.22 6.61
C HIS A 3 1.58 -21.58 7.16
N MET A 4 1.71 -20.41 7.73
CA MET A 4 0.59 -19.72 8.33
C MET A 4 1.00 -18.30 8.64
N ALA A 5 0.04 -17.48 8.96
CA ALA A 5 0.31 -16.15 9.41
C ALA A 5 0.29 -16.18 10.92
N SER A 6 1.29 -15.57 11.54
CA SER A 6 1.42 -15.58 12.97
C SER A 6 0.21 -14.89 13.62
N THR A 7 -0.11 -13.73 13.13
CA THR A 7 -1.26 -13.03 13.55
C THR A 7 -2.10 -12.77 12.27
N GLU A 8 -3.40 -12.57 12.41
CA GLU A 8 -4.27 -12.30 11.25
C GLU A 8 -3.90 -11.00 10.59
N GLU A 9 -3.30 -10.08 11.35
CA GLU A 9 -2.80 -8.86 10.78
C GLU A 9 -1.63 -9.12 9.85
N ASP A 10 -0.88 -10.22 10.06
CA ASP A 10 0.18 -10.60 9.11
C ASP A 10 -0.47 -10.94 7.81
N ARG A 11 -1.61 -11.53 7.88
CA ARG A 11 -2.35 -11.88 6.70
C ARG A 11 -2.77 -10.61 5.94
N PHE A 12 -3.08 -9.57 6.66
CA PHE A 12 -3.39 -8.30 6.01
C PHE A 12 -2.12 -7.56 5.57
N SER A 13 -1.22 -7.32 6.52
CA SER A 13 -0.05 -6.47 6.31
C SER A 13 1.06 -7.21 5.56
N LEU A 14 1.41 -8.39 6.04
CA LEU A 14 2.50 -9.15 5.48
C LEU A 14 2.12 -9.62 4.12
N GLU A 15 0.91 -10.08 3.99
CA GLU A 15 0.45 -10.56 2.74
C GLU A 15 0.22 -9.46 1.72
N ALA A 16 -0.21 -8.29 2.14
CA ALA A 16 -0.35 -7.17 1.22
C ALA A 16 1.01 -6.76 0.69
N LEU A 17 1.99 -6.68 1.59
CA LEU A 17 3.33 -6.32 1.20
C LEU A 17 3.99 -7.47 0.41
N GLN A 18 3.58 -8.69 0.70
CA GLN A 18 4.04 -9.87 -0.01
C GLN A 18 3.52 -9.82 -1.43
N THR A 19 2.31 -9.31 -1.58
CA THR A 19 1.64 -9.20 -2.86
C THR A 19 2.43 -8.29 -3.79
N ILE A 20 2.71 -7.08 -3.34
CA ILE A 20 3.46 -6.11 -4.14
C ILE A 20 4.88 -6.53 -4.35
N HIS A 21 5.45 -7.16 -3.35
CA HIS A 21 6.78 -7.71 -3.49
C HIS A 21 6.79 -8.82 -4.52
N LYS A 22 5.77 -9.68 -4.54
CA LYS A 22 5.66 -10.72 -5.55
C LYS A 22 5.39 -10.11 -6.93
N GLN A 23 4.65 -9.04 -6.96
CA GLN A 23 4.36 -8.34 -8.17
C GLN A 23 5.64 -7.77 -8.80
N MET A 24 6.54 -7.26 -7.97
CA MET A 24 7.81 -6.82 -8.48
C MET A 24 8.79 -7.99 -8.56
N ASP A 25 9.06 -8.60 -7.43
CA ASP A 25 10.00 -9.71 -7.33
C ASP A 25 9.18 -10.92 -7.62
N ASP A 26 9.22 -11.36 -8.81
CA ASP A 26 8.33 -12.41 -9.26
C ASP A 26 8.72 -13.73 -8.65
N ASP A 27 9.98 -13.85 -8.37
CA ASP A 27 10.50 -15.02 -7.73
C ASP A 27 10.54 -14.86 -6.21
N LYS A 28 10.38 -13.59 -5.73
CA LYS A 28 10.29 -13.16 -4.30
C LYS A 28 11.46 -13.67 -3.61
N ASP A 29 12.49 -13.67 -4.33
CA ASP A 29 13.68 -14.20 -3.94
C ASP A 29 14.29 -13.33 -2.88
N GLY A 30 13.77 -12.14 -2.79
CA GLY A 30 14.20 -11.23 -1.80
C GLY A 30 15.09 -10.24 -2.41
N GLY A 31 14.87 -10.04 -3.64
CA GLY A 31 15.63 -9.18 -4.36
C GLY A 31 14.83 -8.70 -5.51
N ILE A 32 14.18 -7.60 -5.30
CA ILE A 32 13.47 -6.97 -6.33
C ILE A 32 14.48 -6.30 -7.18
N GLU A 33 14.58 -6.76 -8.36
CA GLU A 33 15.49 -6.22 -9.31
C GLU A 33 14.89 -4.96 -9.79
N VAL A 34 15.72 -4.04 -10.18
CA VAL A 34 15.25 -2.76 -10.70
C VAL A 34 14.36 -3.01 -11.90
N GLU A 35 14.62 -4.10 -12.60
CA GLU A 35 13.82 -4.50 -13.72
C GLU A 35 12.46 -5.08 -13.25
N GLU A 36 12.50 -5.81 -12.13
CA GLU A 36 11.33 -6.45 -11.57
C GLU A 36 10.31 -5.40 -11.06
N SER A 37 10.80 -4.38 -10.41
CA SER A 37 9.96 -3.33 -9.86
C SER A 37 9.41 -2.41 -10.93
N ASP A 38 10.30 -2.02 -11.86
CA ASP A 38 9.98 -1.11 -12.96
C ASP A 38 8.75 -1.61 -13.69
N GLU A 39 8.71 -2.92 -13.88
CA GLU A 39 7.63 -3.61 -14.55
C GLU A 39 6.27 -3.29 -13.89
N PHE A 40 6.19 -3.41 -12.57
CA PHE A 40 4.93 -3.14 -11.85
C PHE A 40 4.61 -1.64 -11.85
N ILE A 41 5.63 -0.81 -11.83
CA ILE A 41 5.43 0.65 -11.84
C ILE A 41 4.82 1.07 -13.19
N ARG A 42 5.25 0.40 -14.26
CA ARG A 42 4.88 0.71 -15.66
C ARG A 42 3.39 0.83 -15.98
N GLU A 43 2.50 0.32 -15.16
CA GLU A 43 1.09 0.51 -15.42
C GLU A 43 0.33 0.82 -14.13
N ASP A 44 0.44 -0.10 -13.17
CA ASP A 44 -0.24 0.04 -11.89
C ASP A 44 0.14 1.33 -11.23
N MET A 45 1.43 1.58 -11.11
CA MET A 45 1.82 2.82 -10.51
C MET A 45 1.70 3.93 -11.52
N LYS A 46 1.78 3.58 -12.84
CA LYS A 46 1.74 4.52 -13.95
C LYS A 46 0.53 5.40 -13.91
N TYR A 47 -0.59 4.85 -13.36
CA TYR A 47 -1.82 5.66 -13.15
C TYR A 47 -1.47 7.00 -12.44
N LYS A 48 -0.38 6.98 -11.68
CA LYS A 48 0.05 8.09 -10.86
C LYS A 48 1.51 8.53 -11.19
N ASP A 49 2.45 7.59 -11.33
CA ASP A 49 3.87 7.93 -11.61
C ASP A 49 4.53 6.76 -12.34
N ALA A 50 5.75 6.92 -12.77
CA ALA A 50 6.48 5.89 -13.45
C ALA A 50 7.98 5.98 -13.14
N THR A 51 8.68 6.87 -13.84
CA THR A 51 10.12 7.02 -13.70
C THR A 51 10.50 7.46 -12.28
N ASN A 52 9.92 8.56 -11.87
CA ASN A 52 10.20 9.16 -10.57
C ASN A 52 9.84 8.21 -9.42
N LYS A 53 8.81 7.43 -9.65
CA LYS A 53 8.30 6.47 -8.70
C LYS A 53 9.37 5.45 -8.31
N HIS A 54 9.95 4.76 -9.29
CA HIS A 54 11.02 3.82 -8.96
C HIS A 54 12.26 4.54 -8.56
N SER A 55 12.49 5.69 -9.15
CA SER A 55 13.66 6.47 -8.89
C SER A 55 13.74 6.88 -7.42
N HIS A 56 12.61 7.04 -6.74
CA HIS A 56 12.64 7.39 -5.32
C HIS A 56 13.24 6.24 -4.48
N LEU A 57 12.93 5.00 -4.83
CA LEU A 57 13.53 3.86 -4.15
C LEU A 57 14.89 3.54 -4.72
N HIS A 58 14.92 3.40 -6.02
CA HIS A 58 16.11 2.93 -6.75
C HIS A 58 17.15 3.99 -6.94
N ARG A 59 16.90 5.12 -6.32
CA ARG A 59 17.88 6.21 -6.17
C ARG A 59 19.21 5.63 -5.63
N GLU A 60 19.07 4.59 -4.82
CA GLU A 60 20.17 3.89 -4.23
C GLU A 60 19.78 2.43 -4.08
N ASP A 61 18.60 2.23 -3.56
CA ASP A 61 18.11 0.94 -3.18
C ASP A 61 17.43 0.24 -4.34
N LYS A 62 18.11 -0.69 -4.95
CA LYS A 62 17.54 -1.49 -6.02
C LYS A 62 17.05 -2.79 -5.48
N HIS A 63 17.96 -3.56 -4.92
CA HIS A 63 17.61 -4.87 -4.37
C HIS A 63 16.83 -4.77 -3.06
N ILE A 64 15.54 -4.77 -3.21
CA ILE A 64 14.63 -4.71 -2.11
C ILE A 64 14.13 -6.13 -1.80
N THR A 65 14.17 -6.51 -0.55
CA THR A 65 13.79 -7.83 -0.12
C THR A 65 12.38 -7.77 0.51
N ILE A 66 11.66 -8.91 0.57
CA ILE A 66 10.30 -8.98 1.19
C ILE A 66 10.24 -8.28 2.59
N GLU A 67 11.27 -8.47 3.39
CA GLU A 67 11.38 -7.88 4.72
C GLU A 67 11.72 -6.38 4.64
N ASP A 68 12.37 -6.00 3.54
CA ASP A 68 12.83 -4.65 3.33
C ASP A 68 11.63 -3.77 3.16
N LEU A 69 10.62 -4.25 2.45
CA LEU A 69 9.36 -3.48 2.28
C LEU A 69 8.79 -3.14 3.63
N TRP A 70 8.75 -4.14 4.50
CA TRP A 70 8.24 -3.96 5.84
C TRP A 70 8.92 -2.85 6.57
N LYS A 71 10.24 -2.93 6.67
CA LYS A 71 11.00 -1.87 7.35
C LYS A 71 10.92 -0.54 6.61
N ARG A 72 10.85 -0.59 5.28
CA ARG A 72 10.77 0.63 4.46
C ARG A 72 9.58 1.43 4.86
N TRP A 73 8.42 0.81 4.81
CA TRP A 73 7.20 1.54 5.06
C TRP A 73 7.04 1.79 6.53
N LYS A 74 7.55 0.88 7.34
CA LYS A 74 7.52 0.99 8.79
C LYS A 74 8.29 2.21 9.26
N THR A 75 9.32 2.56 8.56
CA THR A 75 10.09 3.72 8.89
C THR A 75 9.64 4.94 8.08
N SER A 76 8.58 4.77 7.31
CA SER A 76 8.03 5.83 6.52
C SER A 76 6.74 6.34 7.13
N GLU A 77 6.30 7.47 6.67
CA GLU A 77 5.15 8.15 7.18
C GLU A 77 3.85 7.40 6.95
N VAL A 78 3.73 6.75 5.81
CA VAL A 78 2.51 6.02 5.41
C VAL A 78 2.00 5.06 6.49
N HIS A 79 2.89 4.33 7.03
CA HIS A 79 2.61 3.32 8.02
C HIS A 79 2.51 3.95 9.42
N ASN A 80 2.78 5.24 9.50
CA ASN A 80 2.81 5.97 10.76
C ASN A 80 1.77 7.07 10.83
N TRP A 81 0.99 7.26 9.78
CA TRP A 81 -0.09 8.25 9.80
C TRP A 81 -1.13 7.93 10.88
N THR A 82 -1.52 8.94 11.62
CA THR A 82 -2.61 8.78 12.55
C THR A 82 -3.92 9.00 11.79
N LEU A 83 -5.03 8.82 12.45
CA LEU A 83 -6.34 8.93 11.87
C LEU A 83 -6.61 10.30 11.27
N GLU A 84 -6.13 11.34 11.90
CA GLU A 84 -6.36 12.67 11.35
C GLU A 84 -5.45 12.91 10.14
N ASP A 85 -4.26 12.35 10.23
CA ASP A 85 -3.18 12.52 9.25
C ASP A 85 -3.53 11.74 7.98
N THR A 86 -4.04 10.54 8.18
CA THR A 86 -4.47 9.67 7.11
C THR A 86 -5.62 10.32 6.33
N LEU A 87 -6.56 10.87 7.05
CA LEU A 87 -7.73 11.43 6.43
C LEU A 87 -7.49 12.75 5.77
N GLN A 88 -6.64 13.54 6.35
CA GLN A 88 -6.24 14.77 5.69
C GLN A 88 -5.51 14.45 4.39
N TRP A 89 -4.73 13.39 4.40
CA TRP A 89 -4.10 12.91 3.18
C TRP A 89 -5.18 12.44 2.20
N LEU A 90 -6.21 11.77 2.71
CA LEU A 90 -7.31 11.28 1.90
C LEU A 90 -7.98 12.41 1.15
N ILE A 91 -8.43 13.41 1.78
CA ILE A 91 -9.10 14.43 1.01
C ILE A 91 -8.11 15.23 0.17
N GLU A 92 -6.91 15.42 0.68
CA GLU A 92 -5.87 16.18 -0.01
C GLU A 92 -5.33 15.49 -1.26
N PHE A 93 -5.16 14.20 -1.20
CA PHE A 93 -4.56 13.47 -2.33
C PHE A 93 -5.53 12.50 -2.99
N VAL A 94 -6.61 12.22 -2.34
CA VAL A 94 -7.67 11.36 -2.88
C VAL A 94 -8.86 12.22 -3.32
N GLU A 95 -9.13 13.30 -2.54
CA GLU A 95 -10.24 14.19 -2.75
C GLU A 95 -11.61 13.53 -2.50
N LEU A 96 -11.69 12.70 -1.47
CA LEU A 96 -12.97 12.04 -1.08
C LEU A 96 -13.44 12.42 0.35
N PRO A 97 -13.80 13.70 0.60
CA PRO A 97 -14.16 14.20 1.96
C PRO A 97 -15.56 13.79 2.42
N GLN A 98 -16.18 12.92 1.69
CA GLN A 98 -17.54 12.50 2.04
C GLN A 98 -17.50 11.19 2.79
N TYR A 99 -16.33 10.59 2.86
CA TYR A 99 -16.24 9.30 3.48
C TYR A 99 -15.12 9.25 4.48
N GLU A 100 -14.54 10.41 4.80
CA GLU A 100 -13.39 10.42 5.68
C GLU A 100 -13.81 10.01 7.08
N LYS A 101 -15.04 10.37 7.45
CA LYS A 101 -15.57 10.09 8.78
C LYS A 101 -15.62 8.59 9.05
N ASN A 102 -15.93 7.79 8.03
CA ASN A 102 -16.07 6.35 8.20
C ASN A 102 -14.75 5.71 8.41
N PHE A 103 -13.77 6.10 7.61
CA PHE A 103 -12.42 5.58 7.76
C PHE A 103 -11.86 6.00 9.11
N ARG A 104 -11.87 7.31 9.33
CA ARG A 104 -11.28 7.93 10.50
C ARG A 104 -11.79 7.23 11.74
N ASP A 105 -13.13 7.27 11.90
CA ASP A 105 -13.85 6.78 13.07
C ASP A 105 -13.84 5.26 13.22
N ASN A 106 -13.86 4.47 12.11
CA ASN A 106 -13.75 2.99 12.28
C ASN A 106 -12.35 2.66 12.74
N ASN A 107 -11.49 3.67 12.61
CA ASN A 107 -10.16 3.77 13.13
C ASN A 107 -9.18 3.47 12.09
N VAL A 108 -9.10 4.37 11.18
CA VAL A 108 -8.17 4.24 10.11
C VAL A 108 -7.01 5.16 10.32
N LYS A 109 -5.90 4.58 10.66
CA LYS A 109 -4.71 5.32 10.97
C LYS A 109 -3.48 4.66 10.43
N GLY A 110 -3.20 4.96 9.17
CA GLY A 110 -2.08 4.37 8.46
C GLY A 110 -2.14 2.85 8.43
N THR A 111 -3.32 2.32 8.66
CA THR A 111 -3.55 0.92 8.76
C THR A 111 -3.94 0.29 7.42
N THR A 112 -5.13 0.61 6.94
CA THR A 112 -5.60 0.04 5.69
C THR A 112 -4.71 0.46 4.51
N LEU A 113 -4.01 1.56 4.65
CA LEU A 113 -3.08 2.06 3.63
C LEU A 113 -2.07 0.94 3.20
N PRO A 114 -1.19 0.40 4.09
CA PRO A 114 -0.36 -0.73 3.71
C PRO A 114 -1.11 -2.07 3.79
N ARG A 115 -2.28 -2.09 4.49
CA ARG A 115 -3.06 -3.34 4.61
C ARG A 115 -4.15 -3.50 3.52
N ILE A 116 -4.17 -2.60 2.53
CA ILE A 116 -5.09 -2.71 1.40
C ILE A 116 -4.95 -4.03 0.67
N ALA A 117 -5.99 -4.40 0.03
CA ALA A 117 -6.00 -5.57 -0.73
C ALA A 117 -5.59 -5.19 -2.14
N VAL A 118 -4.41 -5.60 -2.51
CA VAL A 118 -3.89 -5.28 -3.82
C VAL A 118 -4.34 -6.33 -4.83
N HIS A 119 -4.45 -7.56 -4.37
CA HIS A 119 -4.85 -8.65 -5.25
C HIS A 119 -6.19 -9.26 -4.78
N GLU A 120 -6.77 -8.65 -3.78
CA GLU A 120 -8.03 -9.12 -3.20
C GLU A 120 -9.01 -7.92 -3.20
N PRO A 121 -10.30 -8.05 -2.73
CA PRO A 121 -11.25 -6.91 -2.72
C PRO A 121 -10.79 -5.73 -1.84
N SER A 122 -11.00 -5.84 -0.51
CA SER A 122 -10.59 -4.82 0.46
C SER A 122 -11.14 -5.20 1.83
N PHE A 123 -10.81 -4.42 2.83
CA PHE A 123 -11.22 -4.64 4.20
C PHE A 123 -12.14 -3.50 4.64
N MET A 124 -11.60 -2.29 4.57
CA MET A 124 -12.28 -1.06 5.02
C MET A 124 -13.62 -0.78 4.36
N ILE A 125 -13.84 -1.34 3.17
CA ILE A 125 -15.07 -1.12 2.37
C ILE A 125 -16.36 -1.45 3.14
N SER A 126 -16.26 -2.38 4.05
CA SER A 126 -17.37 -2.81 4.87
C SER A 126 -17.76 -1.73 5.90
N GLN A 127 -16.77 -0.95 6.31
CA GLN A 127 -16.93 0.04 7.37
C GLN A 127 -17.56 1.35 6.85
N LEU A 128 -17.96 1.37 5.61
CA LEU A 128 -18.59 2.55 5.02
C LEU A 128 -20.07 2.51 5.19
N LYS A 129 -20.72 3.61 4.87
CA LYS A 129 -22.17 3.66 4.92
C LYS A 129 -22.72 2.80 3.78
N ILE A 130 -22.34 3.17 2.57
CA ILE A 130 -22.70 2.49 1.34
C ILE A 130 -21.53 2.64 0.38
N SER A 131 -21.61 1.96 -0.77
CA SER A 131 -20.59 2.01 -1.83
C SER A 131 -19.26 1.33 -1.43
N ASP A 132 -18.55 0.80 -2.40
CA ASP A 132 -17.26 0.16 -2.12
C ASP A 132 -16.30 0.30 -3.29
N ARG A 133 -16.82 0.42 -4.52
CA ARG A 133 -15.98 0.53 -5.74
C ARG A 133 -15.06 1.72 -5.66
N SER A 134 -15.64 2.85 -5.44
CA SER A 134 -14.95 4.09 -5.31
C SER A 134 -13.92 4.01 -4.16
N HIS A 135 -14.33 3.39 -3.07
CA HIS A 135 -13.49 3.28 -1.90
C HIS A 135 -12.28 2.41 -2.17
N ARG A 136 -12.51 1.26 -2.78
CA ARG A 136 -11.46 0.33 -3.06
C ARG A 136 -10.46 0.96 -4.01
N GLN A 137 -10.93 1.55 -5.13
CA GLN A 137 -10.00 2.10 -6.13
C GLN A 137 -9.23 3.28 -5.59
N LYS A 138 -9.93 4.19 -4.88
CA LYS A 138 -9.29 5.39 -4.35
C LYS A 138 -8.12 4.99 -3.44
N LEU A 139 -8.37 4.05 -2.51
CA LEU A 139 -7.37 3.73 -1.53
C LEU A 139 -6.42 2.72 -2.08
N GLN A 140 -6.87 1.88 -2.98
CA GLN A 140 -5.99 0.85 -3.51
C GLN A 140 -4.87 1.52 -4.26
N LEU A 141 -5.19 2.38 -5.20
CA LEU A 141 -4.15 3.02 -5.95
C LEU A 141 -3.42 4.10 -5.17
N LYS A 142 -4.13 4.88 -4.36
CA LYS A 142 -3.45 5.94 -3.65
C LYS A 142 -2.58 5.43 -2.52
N ALA A 143 -3.11 4.52 -1.74
CA ALA A 143 -2.36 3.92 -0.67
C ALA A 143 -1.23 3.09 -1.21
N LEU A 144 -1.48 2.31 -2.25
CA LEU A 144 -0.44 1.49 -2.85
C LEU A 144 0.70 2.36 -3.33
N ASP A 145 0.34 3.49 -3.90
CA ASP A 145 1.32 4.41 -4.40
C ASP A 145 2.17 4.97 -3.28
N VAL A 146 1.52 5.43 -2.20
CA VAL A 146 2.24 5.99 -1.04
C VAL A 146 3.00 4.93 -0.27
N VAL A 147 2.51 3.72 -0.29
CA VAL A 147 3.21 2.61 0.27
C VAL A 147 4.49 2.40 -0.50
N LEU A 148 4.38 2.14 -1.78
CA LEU A 148 5.57 1.83 -2.61
C LEU A 148 6.48 3.02 -2.85
N PHE A 149 5.97 4.20 -2.67
CA PHE A 149 6.80 5.41 -2.83
C PHE A 149 7.47 5.73 -1.51
N GLY A 150 6.70 5.60 -0.45
CA GLY A 150 7.17 5.92 0.88
C GLY A 150 7.41 7.40 1.05
N GLY A 1 1.72 -16.43 3.49
CA GLY A 1 2.43 -17.35 2.61
C GLY A 1 1.47 -18.14 1.78
N SER A 2 1.93 -19.28 1.26
CA SER A 2 1.19 -20.15 0.36
C SER A 2 -0.21 -20.50 0.92
N HIS A 3 -0.24 -21.27 1.98
CA HIS A 3 -1.50 -21.71 2.57
C HIS A 3 -1.48 -21.36 4.04
N MET A 4 -0.47 -20.63 4.42
CA MET A 4 -0.24 -20.33 5.81
C MET A 4 -0.20 -18.83 6.04
N ALA A 5 -0.67 -18.46 7.20
CA ALA A 5 -0.68 -17.09 7.67
C ALA A 5 -0.84 -17.16 9.18
N SER A 6 0.10 -16.61 9.91
CA SER A 6 0.07 -16.65 11.36
C SER A 6 -1.18 -15.97 11.90
N THR A 7 -1.34 -14.72 11.60
CA THR A 7 -2.46 -13.96 12.03
C THR A 7 -3.20 -13.50 10.78
N GLU A 8 -4.46 -13.20 10.92
CA GLU A 8 -5.28 -12.75 9.80
C GLU A 8 -4.77 -11.39 9.34
N GLU A 9 -4.18 -10.63 10.28
CA GLU A 9 -3.60 -9.34 9.92
C GLU A 9 -2.44 -9.55 8.95
N ASP A 10 -1.81 -10.73 9.01
CA ASP A 10 -0.71 -11.04 8.09
C ASP A 10 -1.30 -11.28 6.74
N ARG A 11 -2.49 -11.83 6.72
CA ARG A 11 -3.17 -12.05 5.46
C ARG A 11 -3.54 -10.70 4.83
N PHE A 12 -3.83 -9.72 5.63
CA PHE A 12 -4.06 -8.40 5.08
C PHE A 12 -2.75 -7.70 4.73
N SER A 13 -1.88 -7.57 5.71
CA SER A 13 -0.71 -6.71 5.59
C SER A 13 0.52 -7.42 5.04
N LEU A 14 0.78 -8.64 5.51
CA LEU A 14 1.95 -9.37 5.02
C LEU A 14 1.74 -9.73 3.59
N GLU A 15 0.55 -10.20 3.32
CA GLU A 15 0.16 -10.55 1.98
C GLU A 15 0.08 -9.29 1.10
N ALA A 16 -0.38 -8.15 1.66
CA ALA A 16 -0.37 -6.87 0.92
C ALA A 16 1.01 -6.55 0.40
N LEU A 17 1.96 -6.51 1.31
CA LEU A 17 3.33 -6.17 0.99
C LEU A 17 3.98 -7.27 0.15
N GLN A 18 3.52 -8.47 0.35
CA GLN A 18 3.98 -9.63 -0.40
C GLN A 18 3.52 -9.54 -1.83
N THR A 19 2.30 -9.07 -2.01
CA THR A 19 1.72 -8.90 -3.32
C THR A 19 2.56 -7.92 -4.14
N ILE A 20 2.77 -6.72 -3.61
CA ILE A 20 3.53 -5.71 -4.32
C ILE A 20 4.98 -6.14 -4.55
N HIS A 21 5.55 -6.82 -3.57
CA HIS A 21 6.87 -7.38 -3.70
C HIS A 21 6.90 -8.42 -4.82
N LYS A 22 5.97 -9.36 -4.79
CA LYS A 22 5.84 -10.41 -5.81
C LYS A 22 5.51 -9.81 -7.19
N GLN A 23 4.83 -8.70 -7.21
CA GLN A 23 4.53 -8.08 -8.44
C GLN A 23 5.77 -7.41 -9.02
N MET A 24 6.65 -6.88 -8.16
CA MET A 24 7.90 -6.35 -8.66
C MET A 24 8.93 -7.44 -8.82
N ASP A 25 9.22 -8.14 -7.75
CA ASP A 25 10.16 -9.23 -7.73
C ASP A 25 9.33 -10.42 -8.08
N ASP A 26 9.23 -10.68 -9.33
CA ASP A 26 8.30 -11.68 -9.83
C ASP A 26 8.70 -13.05 -9.39
N ASP A 27 9.97 -13.22 -9.34
CA ASP A 27 10.54 -14.47 -8.97
C ASP A 27 10.74 -14.57 -7.47
N LYS A 28 10.63 -13.41 -6.77
CA LYS A 28 10.77 -13.29 -5.35
C LYS A 28 11.90 -14.01 -4.81
N ASP A 29 13.01 -13.46 -5.17
CA ASP A 29 14.27 -13.80 -4.68
C ASP A 29 14.25 -13.34 -3.26
N GLY A 30 13.50 -12.28 -3.10
CA GLY A 30 13.57 -11.49 -1.94
C GLY A 30 14.53 -10.41 -2.31
N GLY A 31 14.39 -9.98 -3.52
CA GLY A 31 15.22 -9.04 -4.09
C GLY A 31 14.61 -8.51 -5.34
N ILE A 32 14.00 -7.36 -5.19
CA ILE A 32 13.38 -6.69 -6.28
C ILE A 32 14.47 -6.04 -7.09
N GLU A 33 14.42 -6.28 -8.36
CA GLU A 33 15.33 -5.66 -9.27
C GLU A 33 14.73 -4.40 -9.73
N VAL A 34 15.56 -3.46 -10.07
CA VAL A 34 15.12 -2.18 -10.55
C VAL A 34 14.39 -2.35 -11.88
N GLU A 35 14.75 -3.39 -12.58
CA GLU A 35 14.08 -3.73 -13.79
C GLU A 35 12.71 -4.32 -13.47
N GLU A 36 12.72 -5.25 -12.51
CA GLU A 36 11.53 -5.96 -12.05
C GLU A 36 10.46 -4.98 -11.50
N SER A 37 10.89 -4.02 -10.71
CA SER A 37 9.98 -3.08 -10.08
C SER A 37 9.34 -2.15 -11.08
N ASP A 38 10.15 -1.69 -12.01
CA ASP A 38 9.73 -0.71 -13.00
C ASP A 38 8.50 -1.18 -13.74
N GLU A 39 8.47 -2.45 -14.15
CA GLU A 39 7.31 -2.99 -14.89
C GLU A 39 6.00 -2.84 -14.08
N PHE A 40 6.08 -3.11 -12.79
CA PHE A 40 4.92 -3.01 -11.92
C PHE A 40 4.49 -1.55 -11.81
N ILE A 41 5.46 -0.67 -11.69
CA ILE A 41 5.21 0.75 -11.58
C ILE A 41 4.57 1.26 -12.91
N ARG A 42 4.99 0.67 -14.01
CA ARG A 42 4.54 1.05 -15.35
C ARG A 42 3.04 0.92 -15.57
N GLU A 43 2.32 0.18 -14.76
CA GLU A 43 0.87 0.04 -14.96
C GLU A 43 0.12 0.29 -13.64
N ASP A 44 0.45 -0.51 -12.65
CA ASP A 44 -0.19 -0.42 -11.36
C ASP A 44 0.20 0.84 -10.65
N MET A 45 1.29 1.43 -11.03
CA MET A 45 1.57 2.76 -10.55
C MET A 45 1.35 3.79 -11.64
N LYS A 46 1.13 3.30 -12.91
CA LYS A 46 0.78 4.16 -14.08
C LYS A 46 -0.46 4.92 -13.75
N TYR A 47 -1.29 4.30 -12.88
CA TYR A 47 -2.41 5.03 -12.25
C TYR A 47 -2.01 6.47 -11.82
N LYS A 48 -0.72 6.67 -11.44
CA LYS A 48 -0.18 7.96 -11.06
C LYS A 48 1.22 8.20 -11.67
N ASP A 49 2.23 7.57 -11.09
CA ASP A 49 3.64 7.77 -11.48
C ASP A 49 4.26 6.49 -12.01
N ALA A 50 5.05 6.61 -13.05
CA ALA A 50 5.68 5.45 -13.66
C ALA A 50 7.20 5.40 -13.38
N THR A 51 7.89 6.48 -13.55
CA THR A 51 9.32 6.51 -13.31
C THR A 51 9.63 6.87 -11.83
N ASN A 52 8.87 7.78 -11.32
CA ASN A 52 9.10 8.40 -10.02
C ASN A 52 9.20 7.40 -8.84
N LYS A 53 8.45 6.28 -8.91
CA LYS A 53 8.55 5.27 -7.83
C LYS A 53 9.91 4.62 -7.78
N HIS A 54 10.47 4.23 -8.94
CA HIS A 54 11.78 3.61 -8.90
C HIS A 54 12.81 4.67 -8.57
N SER A 55 12.54 5.90 -8.96
CA SER A 55 13.44 6.98 -8.68
C SER A 55 13.58 7.22 -7.17
N HIS A 56 12.48 7.12 -6.42
CA HIS A 56 12.58 7.34 -4.98
C HIS A 56 13.17 6.13 -4.22
N LEU A 57 12.72 4.92 -4.53
CA LEU A 57 13.24 3.74 -3.82
C LEU A 57 14.57 3.26 -4.38
N HIS A 58 14.59 3.09 -5.66
CA HIS A 58 15.71 2.45 -6.36
C HIS A 58 16.78 3.47 -6.73
N ARG A 59 16.70 4.60 -6.06
CA ARG A 59 17.69 5.68 -6.13
C ARG A 59 19.09 5.17 -5.73
N GLU A 60 19.07 4.07 -5.00
CA GLU A 60 20.25 3.43 -4.46
C GLU A 60 19.82 2.06 -3.93
N ASP A 61 18.71 2.07 -3.23
CA ASP A 61 18.15 0.89 -2.65
C ASP A 61 17.37 0.12 -3.69
N LYS A 62 18.07 -0.64 -4.47
CA LYS A 62 17.44 -1.41 -5.52
C LYS A 62 16.98 -2.73 -5.00
N HIS A 63 17.92 -3.52 -4.53
CA HIS A 63 17.60 -4.84 -4.00
C HIS A 63 16.81 -4.75 -2.68
N ILE A 64 15.52 -4.87 -2.80
CA ILE A 64 14.63 -4.83 -1.68
C ILE A 64 14.05 -6.22 -1.46
N THR A 65 14.16 -6.73 -0.26
CA THR A 65 13.66 -8.04 0.09
C THR A 65 12.22 -7.92 0.60
N ILE A 66 11.46 -9.00 0.51
CA ILE A 66 10.06 -9.05 0.98
C ILE A 66 9.89 -8.47 2.42
N GLU A 67 10.83 -8.78 3.30
CA GLU A 67 10.80 -8.28 4.68
C GLU A 67 11.23 -6.81 4.77
N ASP A 68 11.99 -6.40 3.77
CA ASP A 68 12.53 -5.06 3.72
C ASP A 68 11.41 -4.09 3.51
N LEU A 69 10.41 -4.49 2.70
CA LEU A 69 9.22 -3.65 2.49
C LEU A 69 8.57 -3.34 3.83
N TRP A 70 8.40 -4.36 4.64
CA TRP A 70 7.83 -4.21 5.97
C TRP A 70 8.57 -3.20 6.79
N LYS A 71 9.88 -3.39 6.96
CA LYS A 71 10.68 -2.41 7.71
C LYS A 71 10.68 -1.03 7.06
N ARG A 72 10.65 -1.00 5.73
CA ARG A 72 10.65 0.27 4.97
C ARG A 72 9.47 1.12 5.36
N TRP A 73 8.29 0.54 5.25
CA TRP A 73 7.07 1.28 5.51
C TRP A 73 6.86 1.50 6.99
N LYS A 74 7.42 0.58 7.78
CA LYS A 74 7.47 0.68 9.23
C LYS A 74 8.20 1.96 9.63
N THR A 75 9.24 2.30 8.90
CA THR A 75 10.01 3.50 9.14
C THR A 75 9.56 4.66 8.23
N SER A 76 8.46 4.48 7.56
CA SER A 76 7.94 5.47 6.65
C SER A 76 6.79 6.22 7.30
N GLU A 77 6.50 7.39 6.76
CA GLU A 77 5.44 8.25 7.27
C GLU A 77 4.10 7.58 7.12
N VAL A 78 3.94 6.86 6.03
CA VAL A 78 2.67 6.25 5.64
C VAL A 78 1.99 5.46 6.77
N HIS A 79 2.76 4.66 7.41
CA HIS A 79 2.28 3.79 8.43
C HIS A 79 2.21 4.54 9.79
N ASN A 80 2.78 5.73 9.80
CA ASN A 80 2.89 6.53 11.00
C ASN A 80 1.83 7.65 11.05
N TRP A 81 1.19 7.91 9.91
CA TRP A 81 0.14 8.94 9.82
C TRP A 81 -0.95 8.71 10.86
N THR A 82 -1.26 9.73 11.63
CA THR A 82 -2.37 9.65 12.55
C THR A 82 -3.68 9.76 11.76
N LEU A 83 -4.77 9.59 12.44
CA LEU A 83 -6.10 9.61 11.86
C LEU A 83 -6.42 10.94 11.20
N GLU A 84 -5.95 12.01 11.77
CA GLU A 84 -6.18 13.31 11.14
C GLU A 84 -5.27 13.46 9.92
N ASP A 85 -4.07 12.92 10.04
CA ASP A 85 -3.02 13.05 9.02
C ASP A 85 -3.37 12.18 7.79
N THR A 86 -3.85 10.99 8.05
CA THR A 86 -4.24 10.06 7.02
C THR A 86 -5.40 10.64 6.19
N LEU A 87 -6.35 11.20 6.88
CA LEU A 87 -7.52 11.73 6.24
C LEU A 87 -7.27 13.01 5.51
N GLN A 88 -6.40 13.83 6.05
CA GLN A 88 -6.00 15.03 5.34
C GLN A 88 -5.25 14.64 4.06
N TRP A 89 -4.50 13.55 4.11
CA TRP A 89 -3.84 13.06 2.92
C TRP A 89 -4.91 12.56 1.92
N LEU A 90 -5.96 11.89 2.45
CA LEU A 90 -7.06 11.44 1.63
C LEU A 90 -7.71 12.61 0.89
N ILE A 91 -8.16 13.63 1.54
CA ILE A 91 -8.82 14.66 0.75
C ILE A 91 -7.83 15.41 -0.14
N GLU A 92 -6.60 15.56 0.35
CA GLU A 92 -5.56 16.24 -0.40
C GLU A 92 -5.12 15.49 -1.67
N PHE A 93 -5.00 14.20 -1.60
CA PHE A 93 -4.49 13.44 -2.75
C PHE A 93 -5.56 12.56 -3.39
N VAL A 94 -6.56 12.27 -2.65
CA VAL A 94 -7.67 11.46 -3.10
C VAL A 94 -8.84 12.36 -3.52
N GLU A 95 -9.05 13.45 -2.76
CA GLU A 95 -10.15 14.38 -2.97
C GLU A 95 -11.52 13.71 -2.64
N LEU A 96 -11.57 12.95 -1.53
CA LEU A 96 -12.81 12.29 -1.08
C LEU A 96 -13.25 12.68 0.36
N PRO A 97 -13.54 13.97 0.63
CA PRO A 97 -13.90 14.44 1.99
C PRO A 97 -15.29 13.99 2.45
N GLN A 98 -15.93 13.17 1.64
CA GLN A 98 -17.26 12.70 1.94
C GLN A 98 -17.19 11.46 2.81
N TYR A 99 -16.03 10.86 2.89
CA TYR A 99 -15.89 9.60 3.58
C TYR A 99 -14.72 9.61 4.49
N GLU A 100 -14.20 10.78 4.75
CA GLU A 100 -13.06 10.88 5.61
C GLU A 100 -13.45 10.59 7.04
N LYS A 101 -14.71 10.89 7.39
CA LYS A 101 -15.13 10.72 8.75
C LYS A 101 -15.27 9.25 9.07
N ASN A 102 -15.62 8.47 8.05
CA ASN A 102 -15.87 7.05 8.19
C ASN A 102 -14.59 6.36 8.54
N PHE A 103 -13.58 6.56 7.71
CA PHE A 103 -12.29 5.99 7.92
C PHE A 103 -11.71 6.45 9.25
N ARG A 104 -11.69 7.78 9.45
CA ARG A 104 -11.12 8.40 10.63
C ARG A 104 -11.66 7.72 11.86
N ASP A 105 -13.02 7.73 11.99
CA ASP A 105 -13.81 7.18 13.11
C ASP A 105 -13.62 5.69 13.31
N ASN A 106 -13.55 4.94 12.21
CA ASN A 106 -13.29 3.47 12.32
C ASN A 106 -11.89 3.25 12.81
N ASN A 107 -11.14 4.32 12.75
CA ASN A 107 -9.81 4.48 13.28
C ASN A 107 -8.82 4.21 12.24
N VAL A 108 -8.73 5.14 11.35
CA VAL A 108 -7.78 4.99 10.27
C VAL A 108 -6.59 5.88 10.45
N LYS A 109 -5.52 5.29 10.90
CA LYS A 109 -4.29 5.98 11.10
C LYS A 109 -3.12 5.23 10.51
N GLY A 110 -2.88 5.48 9.23
CA GLY A 110 -1.84 4.79 8.46
C GLY A 110 -1.99 3.28 8.52
N THR A 111 -3.19 2.84 8.79
CA THR A 111 -3.49 1.45 9.01
C THR A 111 -3.86 0.76 7.69
N THR A 112 -5.03 1.11 7.16
CA THR A 112 -5.55 0.46 5.99
C THR A 112 -4.67 0.75 4.77
N LEU A 113 -3.91 1.84 4.83
CA LEU A 113 -2.96 2.20 3.78
C LEU A 113 -1.99 1.02 3.44
N PRO A 114 -1.05 0.57 4.32
CA PRO A 114 -0.24 -0.61 4.01
C PRO A 114 -1.00 -1.93 4.30
N ARG A 115 -2.21 -1.84 4.88
CA ARG A 115 -2.97 -3.07 5.12
C ARG A 115 -4.08 -3.30 4.07
N ILE A 116 -4.12 -2.48 3.01
CA ILE A 116 -5.01 -2.74 1.86
C ILE A 116 -4.72 -4.10 1.24
N ALA A 117 -5.71 -4.68 0.65
CA ALA A 117 -5.52 -5.93 -0.03
C ALA A 117 -6.06 -5.78 -1.44
N VAL A 118 -5.22 -6.07 -2.41
CA VAL A 118 -5.58 -5.87 -3.80
C VAL A 118 -6.40 -7.04 -4.36
N HIS A 119 -5.78 -8.21 -4.45
CA HIS A 119 -6.44 -9.39 -5.04
C HIS A 119 -7.36 -10.03 -4.01
N GLU A 120 -7.03 -9.83 -2.77
CA GLU A 120 -7.76 -10.37 -1.65
C GLU A 120 -8.72 -9.31 -1.08
N PRO A 121 -9.70 -9.73 -0.26
CA PRO A 121 -10.62 -8.79 0.41
C PRO A 121 -9.87 -7.87 1.36
N SER A 122 -10.25 -6.63 1.40
CA SER A 122 -9.57 -5.67 2.20
C SER A 122 -10.52 -5.06 3.22
N PHE A 123 -9.97 -4.78 4.38
CA PHE A 123 -10.73 -4.41 5.59
C PHE A 123 -11.77 -3.27 5.37
N MET A 124 -11.29 -2.04 5.17
CA MET A 124 -12.18 -0.87 4.97
C MET A 124 -12.86 -0.90 3.59
N ILE A 125 -12.22 -1.59 2.68
CA ILE A 125 -12.58 -1.62 1.29
C ILE A 125 -13.81 -2.47 0.98
N SER A 126 -13.84 -3.68 1.52
CA SER A 126 -14.90 -4.60 1.23
C SER A 126 -16.27 -4.09 1.66
N GLN A 127 -16.32 -3.29 2.74
CA GLN A 127 -17.61 -2.80 3.25
C GLN A 127 -17.51 -1.40 3.85
N LEU A 128 -17.91 -0.41 3.06
CA LEU A 128 -18.02 0.96 3.55
C LEU A 128 -19.32 1.55 3.02
N LYS A 129 -20.32 1.54 3.89
CA LYS A 129 -21.65 2.08 3.64
C LYS A 129 -22.33 1.39 2.44
N ILE A 130 -22.42 2.10 1.32
CA ILE A 130 -23.09 1.61 0.10
C ILE A 130 -22.39 2.17 -1.12
N SER A 131 -21.18 2.63 -0.91
CA SER A 131 -20.44 3.32 -1.95
C SER A 131 -19.03 2.75 -1.98
N ASP A 132 -18.98 1.48 -1.64
CA ASP A 132 -17.79 0.66 -1.46
C ASP A 132 -16.80 0.79 -2.63
N ARG A 133 -17.33 0.93 -3.84
CA ARG A 133 -16.53 1.07 -5.06
C ARG A 133 -15.51 2.20 -4.99
N SER A 134 -15.94 3.37 -4.51
CA SER A 134 -15.07 4.53 -4.49
C SER A 134 -13.89 4.29 -3.55
N HIS A 135 -14.21 3.77 -2.38
CA HIS A 135 -13.24 3.46 -1.33
C HIS A 135 -12.25 2.45 -1.85
N ARG A 136 -12.79 1.45 -2.51
CA ARG A 136 -12.03 0.36 -3.08
C ARG A 136 -10.98 0.86 -4.03
N GLN A 137 -11.37 1.69 -4.97
CA GLN A 137 -10.41 2.17 -5.94
C GLN A 137 -9.44 3.18 -5.35
N LYS A 138 -9.96 4.13 -4.55
CA LYS A 138 -9.12 5.20 -4.03
C LYS A 138 -8.05 4.69 -3.13
N LEU A 139 -8.42 3.87 -2.21
CA LEU A 139 -7.48 3.49 -1.23
C LEU A 139 -6.58 2.43 -1.74
N GLN A 140 -7.06 1.56 -2.61
CA GLN A 140 -6.20 0.53 -3.15
C GLN A 140 -5.06 1.19 -3.95
N LEU A 141 -5.39 2.06 -4.90
CA LEU A 141 -4.35 2.69 -5.71
C LEU A 141 -3.57 3.77 -4.99
N LYS A 142 -4.22 4.52 -4.12
CA LYS A 142 -3.52 5.61 -3.45
C LYS A 142 -2.62 5.06 -2.35
N ALA A 143 -3.09 4.04 -1.65
CA ALA A 143 -2.28 3.39 -0.66
C ALA A 143 -1.14 2.68 -1.33
N LEU A 144 -1.44 2.02 -2.44
CA LEU A 144 -0.42 1.36 -3.27
C LEU A 144 0.70 2.38 -3.57
N ASP A 145 0.26 3.55 -3.96
CA ASP A 145 1.12 4.69 -4.24
C ASP A 145 1.99 5.08 -3.06
N VAL A 146 1.37 5.38 -1.94
CA VAL A 146 2.07 5.86 -0.75
C VAL A 146 2.92 4.79 -0.10
N VAL A 147 2.50 3.55 -0.21
CA VAL A 147 3.27 2.46 0.30
C VAL A 147 4.54 2.32 -0.50
N LEU A 148 4.42 2.17 -1.81
CA LEU A 148 5.59 1.94 -2.65
C LEU A 148 6.43 3.18 -2.87
N PHE A 149 5.87 4.32 -2.63
CA PHE A 149 6.65 5.53 -2.73
C PHE A 149 7.31 5.81 -1.38
N GLY A 150 6.55 5.62 -0.32
CA GLY A 150 7.03 5.84 1.01
C GLY A 150 7.29 7.30 1.31
N GLY A 1 -5.76 -22.34 18.81
CA GLY A 1 -6.14 -20.93 18.76
C GLY A 1 -6.80 -20.61 17.47
N SER A 2 -6.83 -19.35 17.11
CA SER A 2 -7.37 -18.96 15.84
C SER A 2 -6.23 -18.87 14.83
N HIS A 3 -5.05 -18.56 15.35
CA HIS A 3 -3.83 -18.42 14.57
C HIS A 3 -2.64 -18.58 15.52
N MET A 4 -1.55 -19.14 15.05
CA MET A 4 -0.40 -19.38 15.92
C MET A 4 0.79 -18.52 15.54
N ALA A 5 1.52 -18.93 14.52
CA ALA A 5 2.71 -18.22 14.10
C ALA A 5 2.33 -17.11 13.15
N SER A 6 1.31 -17.35 12.40
CA SER A 6 0.76 -16.37 11.54
C SER A 6 -0.27 -15.60 12.32
N THR A 7 -0.16 -14.32 12.32
CA THR A 7 -1.12 -13.49 12.97
C THR A 7 -1.99 -12.88 11.89
N GLU A 8 -3.22 -12.53 12.22
CA GLU A 8 -4.08 -11.94 11.21
C GLU A 8 -3.58 -10.55 10.80
N GLU A 9 -2.76 -9.92 11.66
CA GLU A 9 -2.13 -8.66 11.29
C GLU A 9 -1.14 -8.92 10.15
N ASP A 10 -0.52 -10.10 10.16
CA ASP A 10 0.45 -10.50 9.14
C ASP A 10 -0.29 -10.80 7.89
N ARG A 11 -1.45 -11.34 8.06
CA ARG A 11 -2.30 -11.66 6.94
C ARG A 11 -2.65 -10.41 6.17
N PHE A 12 -2.91 -9.35 6.87
CA PHE A 12 -3.18 -8.13 6.18
C PHE A 12 -1.89 -7.43 5.72
N SER A 13 -0.98 -7.18 6.66
CA SER A 13 0.20 -6.39 6.37
C SER A 13 1.29 -7.19 5.65
N LEU A 14 1.61 -8.37 6.15
CA LEU A 14 2.69 -9.15 5.56
C LEU A 14 2.28 -9.64 4.21
N GLU A 15 1.06 -10.12 4.10
CA GLU A 15 0.56 -10.60 2.86
C GLU A 15 0.39 -9.50 1.83
N ALA A 16 -0.12 -8.33 2.22
CA ALA A 16 -0.25 -7.22 1.28
C ALA A 16 1.10 -6.74 0.79
N LEU A 17 2.06 -6.64 1.69
CA LEU A 17 3.39 -6.20 1.31
C LEU A 17 4.10 -7.29 0.50
N GLN A 18 3.74 -8.53 0.76
CA GLN A 18 4.28 -9.65 0.04
C GLN A 18 3.74 -9.67 -1.37
N THR A 19 2.49 -9.24 -1.51
CA THR A 19 1.84 -9.18 -2.79
C THR A 19 2.56 -8.18 -3.69
N ILE A 20 2.73 -6.95 -3.22
CA ILE A 20 3.42 -5.91 -4.00
C ILE A 20 4.87 -6.28 -4.25
N HIS A 21 5.48 -6.93 -3.28
CA HIS A 21 6.82 -7.45 -3.45
C HIS A 21 6.84 -8.48 -4.57
N LYS A 22 5.89 -9.44 -4.56
CA LYS A 22 5.78 -10.42 -5.64
C LYS A 22 5.46 -9.75 -6.97
N GLN A 23 4.69 -8.70 -6.90
CA GLN A 23 4.35 -7.93 -8.07
C GLN A 23 5.60 -7.36 -8.72
N MET A 24 6.53 -6.88 -7.91
CA MET A 24 7.79 -6.43 -8.46
C MET A 24 8.77 -7.59 -8.62
N ASP A 25 9.07 -8.25 -7.53
CA ASP A 25 10.02 -9.35 -7.49
C ASP A 25 9.22 -10.57 -7.82
N ASP A 26 9.32 -11.01 -9.03
CA ASP A 26 8.49 -12.12 -9.50
C ASP A 26 8.89 -13.39 -8.82
N ASP A 27 10.16 -13.52 -8.63
CA ASP A 27 10.68 -14.68 -8.00
C ASP A 27 10.73 -14.55 -6.49
N LYS A 28 10.57 -13.27 -6.00
CA LYS A 28 10.46 -12.90 -4.57
C LYS A 28 11.65 -13.40 -3.90
N ASP A 29 12.69 -13.38 -4.64
CA ASP A 29 13.88 -13.94 -4.30
C ASP A 29 14.58 -13.11 -3.27
N GLY A 30 14.01 -11.97 -3.04
CA GLY A 30 14.52 -11.14 -2.02
C GLY A 30 15.30 -10.05 -2.61
N GLY A 31 15.00 -9.78 -3.81
CA GLY A 31 15.68 -8.81 -4.50
C GLY A 31 14.84 -8.36 -5.63
N ILE A 32 14.18 -7.28 -5.42
CA ILE A 32 13.39 -6.68 -6.42
C ILE A 32 14.33 -5.99 -7.35
N GLU A 33 14.40 -6.46 -8.53
CA GLU A 33 15.24 -5.83 -9.50
C GLU A 33 14.63 -4.52 -9.87
N VAL A 34 15.45 -3.60 -10.26
CA VAL A 34 14.95 -2.32 -10.67
C VAL A 34 14.06 -2.50 -11.90
N GLU A 35 14.38 -3.52 -12.69
CA GLU A 35 13.55 -3.87 -13.80
C GLU A 35 12.26 -4.56 -13.32
N GLU A 36 12.38 -5.40 -12.29
CA GLU A 36 11.25 -6.12 -11.70
C GLU A 36 10.22 -5.13 -11.12
N SER A 37 10.69 -4.10 -10.44
CA SER A 37 9.82 -3.11 -9.85
C SER A 37 9.15 -2.28 -10.91
N ASP A 38 9.94 -1.84 -11.88
CA ASP A 38 9.50 -1.02 -13.00
C ASP A 38 8.30 -1.63 -13.69
N GLU A 39 8.29 -2.93 -13.79
CA GLU A 39 7.20 -3.66 -14.42
C GLU A 39 5.87 -3.47 -13.66
N PHE A 40 5.91 -3.49 -12.35
CA PHE A 40 4.70 -3.31 -11.58
C PHE A 40 4.31 -1.84 -11.59
N ILE A 41 5.29 -0.98 -11.59
CA ILE A 41 5.07 0.44 -11.56
C ILE A 41 4.46 0.91 -12.88
N ARG A 42 5.05 0.47 -13.98
CA ARG A 42 4.76 0.96 -15.34
C ARG A 42 3.29 1.03 -15.75
N GLU A 43 2.45 0.29 -15.11
CA GLU A 43 1.02 0.36 -15.33
C GLU A 43 0.27 0.58 -14.01
N ASP A 44 0.44 -0.36 -13.09
CA ASP A 44 -0.28 -0.35 -11.80
C ASP A 44 0.06 0.85 -10.94
N MET A 45 1.24 1.38 -11.11
CA MET A 45 1.55 2.63 -10.44
C MET A 45 1.45 3.78 -11.41
N LYS A 46 1.44 3.47 -12.74
CA LYS A 46 1.30 4.46 -13.85
C LYS A 46 0.03 5.22 -13.67
N TYR A 47 -0.93 4.57 -12.98
CA TYR A 47 -2.14 5.28 -12.46
C TYR A 47 -1.77 6.68 -11.90
N LYS A 48 -0.56 6.77 -11.36
CA LYS A 48 0.01 8.01 -10.86
C LYS A 48 1.43 8.22 -11.43
N ASP A 49 2.39 7.51 -10.88
CA ASP A 49 3.81 7.67 -11.20
C ASP A 49 4.37 6.43 -11.80
N ALA A 50 5.18 6.59 -12.81
CA ALA A 50 5.83 5.46 -13.41
C ALA A 50 7.36 5.54 -13.22
N THR A 51 8.01 6.48 -13.88
CA THR A 51 9.46 6.58 -13.78
C THR A 51 9.90 7.11 -12.39
N ASN A 52 9.10 8.00 -11.82
CA ASN A 52 9.39 8.65 -10.52
C ASN A 52 9.54 7.63 -9.40
N LYS A 53 8.76 6.57 -9.48
CA LYS A 53 8.74 5.52 -8.46
C LYS A 53 10.09 4.86 -8.29
N HIS A 54 10.62 4.31 -9.37
CA HIS A 54 11.89 3.66 -9.28
C HIS A 54 13.01 4.67 -9.15
N SER A 55 12.84 5.83 -9.71
CA SER A 55 13.86 6.84 -9.59
C SER A 55 13.98 7.34 -8.14
N HIS A 56 12.86 7.48 -7.45
CA HIS A 56 12.91 7.91 -6.07
C HIS A 56 13.28 6.77 -5.10
N LEU A 57 12.64 5.61 -5.25
CA LEU A 57 12.88 4.49 -4.32
C LEU A 57 14.15 3.71 -4.66
N HIS A 58 14.32 3.40 -5.92
CA HIS A 58 15.43 2.57 -6.39
C HIS A 58 16.64 3.42 -6.73
N ARG A 59 16.65 4.62 -6.19
CA ARG A 59 17.76 5.58 -6.30
C ARG A 59 19.01 5.04 -5.60
N GLU A 60 18.78 4.03 -4.80
CA GLU A 60 19.77 3.46 -3.95
C GLU A 60 19.41 2.01 -3.72
N ASP A 61 18.26 1.80 -3.13
CA ASP A 61 17.76 0.46 -2.88
C ASP A 61 17.10 -0.06 -4.10
N LYS A 62 17.80 -0.89 -4.82
CA LYS A 62 17.22 -1.52 -5.97
C LYS A 62 16.72 -2.85 -5.57
N HIS A 63 17.64 -3.75 -5.25
CA HIS A 63 17.26 -5.12 -4.87
C HIS A 63 16.65 -5.20 -3.45
N ILE A 64 15.44 -4.72 -3.35
CA ILE A 64 14.70 -4.68 -2.12
C ILE A 64 14.16 -6.09 -1.81
N THR A 65 14.38 -6.54 -0.60
CA THR A 65 13.98 -7.87 -0.18
C THR A 65 12.58 -7.80 0.46
N ILE A 66 11.85 -8.92 0.48
CA ILE A 66 10.49 -9.00 1.09
C ILE A 66 10.44 -8.34 2.51
N GLU A 67 11.46 -8.56 3.31
CA GLU A 67 11.54 -8.01 4.66
C GLU A 67 11.89 -6.51 4.63
N ASP A 68 12.56 -6.13 3.55
CA ASP A 68 13.06 -4.78 3.39
C ASP A 68 11.91 -3.85 3.21
N LEU A 69 10.85 -4.33 2.53
CA LEU A 69 9.63 -3.52 2.37
C LEU A 69 9.07 -3.18 3.73
N TRP A 70 9.02 -4.18 4.59
CA TRP A 70 8.53 -4.01 5.93
C TRP A 70 9.28 -2.94 6.66
N LYS A 71 10.59 -3.09 6.75
CA LYS A 71 11.39 -2.06 7.44
C LYS A 71 11.31 -0.71 6.71
N ARG A 72 11.22 -0.74 5.39
CA ARG A 72 11.09 0.46 4.60
C ARG A 72 9.87 1.26 5.01
N TRP A 73 8.72 0.62 5.01
CA TRP A 73 7.51 1.34 5.34
C TRP A 73 7.42 1.58 6.84
N LYS A 74 7.96 0.64 7.62
CA LYS A 74 8.03 0.80 9.09
C LYS A 74 8.86 2.01 9.49
N THR A 75 9.81 2.37 8.69
CA THR A 75 10.60 3.54 8.96
C THR A 75 10.17 4.72 8.09
N SER A 76 9.05 4.55 7.43
CA SER A 76 8.49 5.57 6.62
C SER A 76 7.31 6.18 7.37
N GLU A 77 6.83 7.28 6.87
CA GLU A 77 5.74 7.99 7.49
C GLU A 77 4.40 7.31 7.23
N VAL A 78 4.27 6.65 6.09
CA VAL A 78 3.02 6.02 5.67
C VAL A 78 2.44 5.09 6.74
N HIS A 79 3.29 4.25 7.24
CA HIS A 79 2.93 3.25 8.20
C HIS A 79 2.95 3.83 9.64
N ASN A 80 3.05 5.14 9.72
CA ASN A 80 3.10 5.85 11.00
C ASN A 80 1.92 6.82 11.12
N TRP A 81 1.33 7.20 9.96
CA TRP A 81 0.22 8.18 9.93
C TRP A 81 -0.91 7.80 10.89
N THR A 82 -1.43 8.77 11.59
CA THR A 82 -2.55 8.52 12.45
C THR A 82 -3.84 8.85 11.70
N LEU A 83 -4.94 8.82 12.41
CA LEU A 83 -6.25 9.06 11.88
C LEU A 83 -6.41 10.44 11.30
N GLU A 84 -5.79 11.43 11.90
CA GLU A 84 -5.89 12.77 11.36
C GLU A 84 -5.03 12.89 10.11
N ASP A 85 -3.90 12.19 10.11
CA ASP A 85 -2.94 12.23 9.00
C ASP A 85 -3.48 11.50 7.80
N THR A 86 -4.01 10.32 8.03
CA THR A 86 -4.51 9.49 6.96
C THR A 86 -5.70 10.18 6.27
N LEU A 87 -6.55 10.81 7.04
CA LEU A 87 -7.71 11.46 6.49
C LEU A 87 -7.42 12.76 5.84
N GLN A 88 -6.49 13.50 6.39
CA GLN A 88 -6.06 14.72 5.74
C GLN A 88 -5.43 14.36 4.38
N TRP A 89 -4.70 13.27 4.36
CA TRP A 89 -4.10 12.77 3.16
C TRP A 89 -5.20 12.35 2.16
N LEU A 90 -6.25 11.71 2.67
CA LEU A 90 -7.39 11.34 1.85
C LEU A 90 -7.99 12.56 1.17
N ILE A 91 -8.35 13.57 1.87
CA ILE A 91 -8.96 14.66 1.14
C ILE A 91 -7.93 15.44 0.32
N GLU A 92 -6.72 15.58 0.85
CA GLU A 92 -5.63 16.33 0.18
C GLU A 92 -5.17 15.69 -1.12
N PHE A 93 -5.12 14.39 -1.16
CA PHE A 93 -4.63 13.70 -2.34
C PHE A 93 -5.72 12.96 -3.08
N VAL A 94 -6.64 12.41 -2.35
CA VAL A 94 -7.75 11.65 -2.88
C VAL A 94 -8.90 12.59 -3.30
N GLU A 95 -9.13 13.63 -2.48
CA GLU A 95 -10.23 14.58 -2.68
C GLU A 95 -11.62 13.89 -2.46
N LEU A 96 -11.70 13.07 -1.43
CA LEU A 96 -12.98 12.41 -1.06
C LEU A 96 -13.40 12.75 0.40
N PRO A 97 -13.64 14.03 0.72
CA PRO A 97 -13.91 14.49 2.11
C PRO A 97 -15.27 14.08 2.63
N GLN A 98 -16.03 13.39 1.84
CA GLN A 98 -17.36 13.05 2.22
C GLN A 98 -17.38 11.72 2.94
N TYR A 99 -16.24 11.06 2.96
CA TYR A 99 -16.16 9.76 3.58
C TYR A 99 -15.02 9.71 4.58
N GLU A 100 -14.43 10.86 4.87
CA GLU A 100 -13.28 10.89 5.74
C GLU A 100 -13.65 10.57 7.17
N LYS A 101 -14.79 11.08 7.59
CA LYS A 101 -15.25 10.90 8.94
C LYS A 101 -15.50 9.41 9.26
N ASN A 102 -15.89 8.66 8.22
CA ASN A 102 -16.21 7.25 8.36
C ASN A 102 -14.95 6.49 8.66
N PHE A 103 -13.96 6.64 7.79
CA PHE A 103 -12.70 6.00 7.94
C PHE A 103 -12.06 6.40 9.24
N ARG A 104 -12.03 7.70 9.48
CA ARG A 104 -11.43 8.28 10.66
C ARG A 104 -11.92 7.57 11.90
N ASP A 105 -13.26 7.67 12.14
CA ASP A 105 -13.94 7.12 13.33
C ASP A 105 -13.95 5.63 13.43
N ASN A 106 -14.01 4.95 12.29
CA ASN A 106 -13.90 3.47 12.29
C ASN A 106 -12.48 3.08 12.70
N ASN A 107 -11.64 4.09 12.63
CA ASN A 107 -10.30 4.16 13.18
C ASN A 107 -9.29 3.85 12.17
N VAL A 108 -9.13 4.77 11.29
CA VAL A 108 -8.18 4.60 10.22
C VAL A 108 -6.92 5.39 10.47
N LYS A 109 -5.87 4.69 10.78
CA LYS A 109 -4.58 5.29 11.09
C LYS A 109 -3.44 4.54 10.48
N GLY A 110 -3.17 4.82 9.21
CA GLY A 110 -2.11 4.14 8.47
C GLY A 110 -2.30 2.63 8.46
N THR A 111 -3.53 2.21 8.60
CA THR A 111 -3.86 0.83 8.73
C THR A 111 -4.38 0.23 7.43
N THR A 112 -5.56 0.66 7.02
CA THR A 112 -6.17 0.14 5.82
C THR A 112 -5.35 0.48 4.57
N LEU A 113 -4.49 1.48 4.67
CA LEU A 113 -3.61 1.84 3.57
C LEU A 113 -2.67 0.69 3.17
N PRO A 114 -1.73 0.22 4.04
CA PRO A 114 -0.93 -0.94 3.68
C PRO A 114 -1.77 -2.23 3.71
N ARG A 115 -2.96 -2.18 4.35
CA ARG A 115 -3.83 -3.35 4.45
C ARG A 115 -5.01 -3.33 3.44
N ILE A 116 -4.93 -2.43 2.43
CA ILE A 116 -5.89 -2.43 1.30
C ILE A 116 -6.01 -3.78 0.61
N ALA A 117 -7.00 -3.89 -0.23
CA ALA A 117 -7.23 -5.09 -0.96
C ALA A 117 -6.35 -5.12 -2.19
N VAL A 118 -5.15 -5.60 -2.02
CA VAL A 118 -4.26 -5.76 -3.14
C VAL A 118 -4.68 -7.02 -3.89
N HIS A 119 -4.88 -8.10 -3.15
CA HIS A 119 -5.42 -9.32 -3.74
C HIS A 119 -6.91 -9.17 -3.98
N GLU A 120 -7.67 -9.16 -2.89
CA GLU A 120 -9.12 -9.07 -2.93
C GLU A 120 -9.69 -8.82 -1.53
N PRO A 121 -9.22 -9.56 -0.43
CA PRO A 121 -9.64 -9.28 0.95
C PRO A 121 -9.62 -7.78 1.28
N SER A 122 -10.78 -7.23 1.43
CA SER A 122 -10.91 -5.83 1.66
C SER A 122 -11.31 -5.56 3.10
N PHE A 123 -10.61 -4.61 3.72
CA PHE A 123 -10.88 -4.29 5.09
C PHE A 123 -11.89 -3.11 5.21
N MET A 124 -11.38 -1.87 5.31
CA MET A 124 -12.27 -0.69 5.50
C MET A 124 -13.04 -0.34 4.24
N ILE A 125 -12.45 -0.65 3.12
CA ILE A 125 -13.01 -0.35 1.82
C ILE A 125 -14.21 -1.23 1.45
N SER A 126 -14.24 -2.44 2.01
CA SER A 126 -15.27 -3.44 1.69
C SER A 126 -16.69 -2.92 1.94
N GLN A 127 -16.89 -2.24 3.05
CA GLN A 127 -18.21 -1.78 3.43
C GLN A 127 -18.16 -0.34 3.81
N LEU A 128 -18.48 0.53 2.89
CA LEU A 128 -18.49 1.93 3.18
C LEU A 128 -19.76 2.57 2.57
N LYS A 129 -20.73 2.79 3.44
CA LYS A 129 -22.03 3.38 3.12
C LYS A 129 -22.84 2.58 2.09
N ILE A 130 -22.56 2.79 0.82
CA ILE A 130 -23.32 2.19 -0.28
C ILE A 130 -22.42 1.86 -1.46
N SER A 131 -21.14 1.96 -1.27
CA SER A 131 -20.23 1.78 -2.36
C SER A 131 -18.97 1.07 -1.90
N ASP A 132 -18.51 0.12 -2.67
CA ASP A 132 -17.25 -0.51 -2.35
C ASP A 132 -16.19 -0.05 -3.34
N ARG A 133 -16.62 0.18 -4.59
CA ARG A 133 -15.72 0.48 -5.71
C ARG A 133 -14.94 1.77 -5.52
N SER A 134 -15.65 2.85 -5.30
CA SER A 134 -15.07 4.17 -5.18
C SER A 134 -14.01 4.20 -4.05
N HIS A 135 -14.38 3.67 -2.92
CA HIS A 135 -13.51 3.59 -1.78
C HIS A 135 -12.34 2.66 -2.04
N ARG A 136 -12.64 1.55 -2.68
CA ARG A 136 -11.64 0.55 -3.04
C ARG A 136 -10.61 1.15 -3.96
N GLN A 137 -11.06 1.79 -5.04
CA GLN A 137 -10.14 2.32 -6.03
C GLN A 137 -9.32 3.47 -5.49
N LYS A 138 -9.96 4.38 -4.72
CA LYS A 138 -9.26 5.53 -4.18
C LYS A 138 -8.13 5.05 -3.26
N LEU A 139 -8.45 4.10 -2.39
CA LEU A 139 -7.50 3.69 -1.42
C LEU A 139 -6.53 2.72 -2.02
N GLN A 140 -6.95 1.89 -2.98
CA GLN A 140 -6.02 0.97 -3.62
C GLN A 140 -4.90 1.71 -4.28
N LEU A 141 -5.23 2.64 -5.16
CA LEU A 141 -4.18 3.31 -5.89
C LEU A 141 -3.43 4.31 -5.06
N LYS A 142 -4.12 5.02 -4.16
CA LYS A 142 -3.44 5.99 -3.34
C LYS A 142 -2.55 5.34 -2.29
N ALA A 143 -3.07 4.34 -1.62
CA ALA A 143 -2.32 3.64 -0.60
C ALA A 143 -1.18 2.86 -1.22
N LEU A 144 -1.46 2.19 -2.33
CA LEU A 144 -0.42 1.47 -3.11
C LEU A 144 0.71 2.45 -3.41
N ASP A 145 0.30 3.64 -3.82
CA ASP A 145 1.22 4.72 -4.10
C ASP A 145 2.08 5.07 -2.92
N VAL A 146 1.46 5.39 -1.80
CA VAL A 146 2.19 5.86 -0.62
C VAL A 146 2.97 4.77 0.06
N VAL A 147 2.48 3.55 -0.01
CA VAL A 147 3.22 2.45 0.52
C VAL A 147 4.49 2.26 -0.29
N LEU A 148 4.37 2.12 -1.58
CA LEU A 148 5.54 1.86 -2.43
C LEU A 148 6.44 3.07 -2.65
N PHE A 149 5.90 4.24 -2.44
CA PHE A 149 6.71 5.45 -2.58
C PHE A 149 7.32 5.81 -1.24
N GLY A 150 6.54 5.64 -0.20
CA GLY A 150 6.97 5.96 1.14
C GLY A 150 6.73 7.42 1.49
N GLY A 1 13.07 -21.60 10.96
CA GLY A 1 11.90 -21.40 10.10
C GLY A 1 10.63 -21.56 10.89
N SER A 2 9.48 -21.56 10.19
CA SER A 2 8.16 -21.71 10.79
C SER A 2 7.78 -20.44 11.57
N HIS A 3 7.06 -19.56 10.92
CA HIS A 3 6.70 -18.28 11.54
C HIS A 3 5.22 -18.22 11.84
N MET A 4 4.45 -19.06 11.15
CA MET A 4 3.00 -19.19 11.35
C MET A 4 2.29 -17.85 11.14
N ALA A 5 2.81 -17.06 10.23
CA ALA A 5 2.23 -15.78 9.93
C ALA A 5 1.05 -15.95 8.99
N SER A 6 -0.11 -16.08 9.57
CA SER A 6 -1.36 -16.28 8.87
C SER A 6 -2.48 -15.64 9.67
N THR A 7 -2.15 -14.56 10.33
CA THR A 7 -3.05 -13.86 11.18
C THR A 7 -3.80 -12.92 10.28
N GLU A 8 -4.91 -12.39 10.73
CA GLU A 8 -5.64 -11.46 9.95
C GLU A 8 -4.76 -10.25 9.62
N GLU A 9 -3.96 -9.84 10.59
CA GLU A 9 -3.05 -8.74 10.38
C GLU A 9 -2.00 -9.09 9.30
N ASP A 10 -1.59 -10.37 9.24
CA ASP A 10 -0.63 -10.82 8.21
C ASP A 10 -1.33 -10.89 6.88
N ARG A 11 -2.55 -11.37 6.90
CA ARG A 11 -3.38 -11.48 5.72
C ARG A 11 -3.52 -10.13 5.04
N PHE A 12 -3.69 -9.11 5.82
CA PHE A 12 -3.77 -7.80 5.25
C PHE A 12 -2.41 -7.23 4.89
N SER A 13 -1.53 -7.18 5.88
CA SER A 13 -0.26 -6.48 5.72
C SER A 13 0.76 -7.29 4.95
N LEU A 14 0.95 -8.52 5.36
CA LEU A 14 1.98 -9.34 4.79
C LEU A 14 1.61 -9.71 3.38
N GLU A 15 0.37 -10.07 3.20
CA GLU A 15 -0.12 -10.44 1.91
C GLU A 15 -0.17 -9.26 0.95
N ALA A 16 -0.58 -8.06 1.42
CA ALA A 16 -0.58 -6.86 0.57
C ALA A 16 0.83 -6.52 0.11
N LEU A 17 1.76 -6.53 1.04
CA LEU A 17 3.13 -6.19 0.74
C LEU A 17 3.79 -7.28 -0.10
N GLN A 18 3.36 -8.49 0.09
CA GLN A 18 3.87 -9.61 -0.67
C GLN A 18 3.37 -9.54 -2.10
N THR A 19 2.16 -9.04 -2.26
CA THR A 19 1.56 -8.86 -3.57
C THR A 19 2.38 -7.87 -4.41
N ILE A 20 2.64 -6.68 -3.86
CA ILE A 20 3.44 -5.68 -4.57
C ILE A 20 4.86 -6.16 -4.77
N HIS A 21 5.37 -6.87 -3.78
CA HIS A 21 6.67 -7.47 -3.88
C HIS A 21 6.71 -8.47 -5.02
N LYS A 22 5.69 -9.34 -5.14
CA LYS A 22 5.60 -10.31 -6.22
C LYS A 22 5.42 -9.60 -7.56
N GLN A 23 4.69 -8.51 -7.54
CA GLN A 23 4.49 -7.76 -8.74
C GLN A 23 5.82 -7.21 -9.26
N MET A 24 6.70 -6.75 -8.36
CA MET A 24 8.01 -6.34 -8.80
C MET A 24 8.97 -7.52 -8.89
N ASP A 25 9.15 -8.20 -7.79
CA ASP A 25 10.05 -9.34 -7.67
C ASP A 25 9.21 -10.50 -8.08
N ASP A 26 9.28 -10.87 -9.29
CA ASP A 26 8.37 -11.86 -9.83
C ASP A 26 8.61 -13.20 -9.23
N ASP A 27 9.86 -13.45 -8.95
CA ASP A 27 10.23 -14.67 -8.36
C ASP A 27 10.16 -14.60 -6.82
N LYS A 28 10.07 -13.34 -6.31
CA LYS A 28 9.93 -12.97 -4.87
C LYS A 28 11.02 -13.60 -4.15
N ASP A 29 12.08 -13.65 -4.82
CA ASP A 29 13.21 -14.29 -4.40
C ASP A 29 13.81 -13.55 -3.24
N GLY A 30 13.38 -12.34 -3.10
CA GLY A 30 13.83 -11.54 -2.04
C GLY A 30 14.83 -10.62 -2.55
N GLY A 31 14.53 -10.11 -3.68
CA GLY A 31 15.37 -9.23 -4.33
C GLY A 31 14.65 -8.65 -5.46
N ILE A 32 14.02 -7.53 -5.21
CA ILE A 32 13.38 -6.78 -6.23
C ILE A 32 14.46 -6.06 -6.94
N GLU A 33 14.69 -6.48 -8.11
CA GLU A 33 15.68 -5.91 -8.95
C GLU A 33 15.16 -4.61 -9.46
N VAL A 34 16.04 -3.74 -9.86
CA VAL A 34 15.61 -2.46 -10.34
C VAL A 34 14.90 -2.64 -11.68
N GLU A 35 15.24 -3.72 -12.36
CA GLU A 35 14.59 -4.08 -13.59
C GLU A 35 13.19 -4.63 -13.28
N GLU A 36 13.08 -5.35 -12.17
CA GLU A 36 11.83 -5.99 -11.76
C GLU A 36 10.78 -4.94 -11.31
N SER A 37 11.19 -3.98 -10.50
CA SER A 37 10.27 -2.98 -9.95
C SER A 37 9.79 -1.99 -10.99
N ASP A 38 10.72 -1.57 -11.83
CA ASP A 38 10.50 -0.58 -12.87
C ASP A 38 9.29 -0.96 -13.69
N GLU A 39 9.22 -2.23 -14.05
CA GLU A 39 8.16 -2.74 -14.88
C GLU A 39 6.79 -2.61 -14.20
N PHE A 40 6.73 -2.85 -12.89
CA PHE A 40 5.48 -2.72 -12.17
C PHE A 40 5.04 -1.25 -12.13
N ILE A 41 6.03 -0.36 -12.02
CA ILE A 41 5.71 1.06 -11.98
C ILE A 41 5.20 1.52 -13.36
N ARG A 42 5.73 0.93 -14.40
CA ARG A 42 5.46 1.30 -15.82
C ARG A 42 4.00 1.30 -16.25
N GLU A 43 3.14 0.65 -15.52
CA GLU A 43 1.73 0.74 -15.88
C GLU A 43 0.86 0.82 -14.65
N ASP A 44 0.97 -0.20 -13.82
CA ASP A 44 0.12 -0.34 -12.65
C ASP A 44 0.30 0.87 -11.73
N MET A 45 1.55 1.32 -11.58
CA MET A 45 1.78 2.53 -10.81
C MET A 45 1.74 3.76 -11.71
N LYS A 46 1.85 3.55 -13.04
CA LYS A 46 1.83 4.61 -14.05
C LYS A 46 0.51 5.32 -13.98
N TYR A 47 -0.49 4.63 -13.41
CA TYR A 47 -1.78 5.24 -13.01
C TYR A 47 -1.54 6.62 -12.32
N LYS A 48 -0.40 6.74 -11.64
CA LYS A 48 0.03 7.98 -11.03
C LYS A 48 1.38 8.47 -11.58
N ASP A 49 2.41 7.62 -11.58
CA ASP A 49 3.77 8.08 -12.00
C ASP A 49 4.53 6.89 -12.57
N ALA A 50 5.73 7.12 -13.02
CA ALA A 50 6.52 6.08 -13.61
C ALA A 50 7.96 6.12 -13.11
N THR A 51 8.67 7.15 -13.46
CA THR A 51 10.07 7.17 -13.15
C THR A 51 10.36 7.65 -11.72
N ASN A 52 9.50 8.50 -11.18
CA ASN A 52 9.78 9.11 -9.88
C ASN A 52 9.72 8.08 -8.76
N LYS A 53 8.88 7.08 -8.94
CA LYS A 53 8.67 6.07 -7.92
C LYS A 53 9.92 5.23 -7.70
N HIS A 54 10.51 4.71 -8.77
CA HIS A 54 11.71 3.92 -8.61
C HIS A 54 12.90 4.81 -8.28
N SER A 55 12.90 6.04 -8.81
CA SER A 55 13.98 6.97 -8.53
C SER A 55 14.03 7.33 -7.04
N HIS A 56 12.87 7.41 -6.40
CA HIS A 56 12.82 7.71 -4.99
C HIS A 56 13.15 6.47 -4.14
N LEU A 57 12.61 5.32 -4.52
CA LEU A 57 12.78 4.10 -3.72
C LEU A 57 14.12 3.40 -3.97
N HIS A 58 14.45 3.17 -5.23
CA HIS A 58 15.65 2.38 -5.61
C HIS A 58 16.78 3.32 -5.92
N ARG A 59 16.66 4.51 -5.38
CA ARG A 59 17.65 5.61 -5.43
C ARG A 59 19.09 5.13 -5.15
N GLU A 60 19.19 4.09 -4.35
CA GLU A 60 20.44 3.51 -3.95
C GLU A 60 20.23 2.05 -3.76
N ASP A 61 19.30 1.72 -2.90
CA ASP A 61 18.99 0.37 -2.58
C ASP A 61 17.96 -0.16 -3.54
N LYS A 62 18.45 -0.81 -4.55
CA LYS A 62 17.65 -1.36 -5.60
C LYS A 62 17.05 -2.65 -5.17
N HIS A 63 17.91 -3.56 -4.80
CA HIS A 63 17.51 -4.92 -4.42
C HIS A 63 16.77 -4.92 -3.08
N ILE A 64 15.47 -4.99 -3.16
CA ILE A 64 14.61 -4.96 -1.99
C ILE A 64 14.00 -6.36 -1.74
N THR A 65 14.16 -6.88 -0.55
CA THR A 65 13.67 -8.20 -0.20
C THR A 65 12.23 -8.08 0.35
N ILE A 66 11.42 -9.18 0.32
CA ILE A 66 10.03 -9.19 0.88
C ILE A 66 9.94 -8.54 2.29
N GLU A 67 10.93 -8.81 3.14
CA GLU A 67 10.96 -8.28 4.49
C GLU A 67 11.34 -6.79 4.50
N ASP A 68 12.11 -6.38 3.49
CA ASP A 68 12.56 -5.01 3.35
C ASP A 68 11.40 -4.10 3.17
N LEU A 69 10.36 -4.56 2.49
CA LEU A 69 9.18 -3.72 2.30
C LEU A 69 8.56 -3.43 3.64
N TRP A 70 8.43 -4.46 4.45
CA TRP A 70 7.86 -4.33 5.78
C TRP A 70 8.57 -3.30 6.60
N LYS A 71 9.88 -3.45 6.75
CA LYS A 71 10.67 -2.45 7.49
C LYS A 71 10.65 -1.08 6.83
N ARG A 72 10.66 -1.07 5.50
CA ARG A 72 10.63 0.17 4.73
C ARG A 72 9.41 0.96 5.07
N TRP A 73 8.26 0.35 4.94
CA TRP A 73 7.03 1.08 5.14
C TRP A 73 6.78 1.31 6.61
N LYS A 74 7.28 0.39 7.43
CA LYS A 74 7.24 0.48 8.88
C LYS A 74 7.86 1.80 9.34
N THR A 75 8.95 2.15 8.70
CA THR A 75 9.66 3.36 9.03
C THR A 75 9.25 4.55 8.16
N SER A 76 8.53 4.29 7.07
CA SER A 76 8.09 5.35 6.18
C SER A 76 6.88 6.05 6.74
N GLU A 77 6.64 7.26 6.26
CA GLU A 77 5.56 8.11 6.74
C GLU A 77 4.19 7.42 6.63
N VAL A 78 3.99 6.66 5.55
CA VAL A 78 2.70 6.01 5.25
C VAL A 78 2.13 5.24 6.45
N HIS A 79 2.95 4.48 7.07
CA HIS A 79 2.54 3.64 8.15
C HIS A 79 2.52 4.42 9.47
N ASN A 80 3.04 5.61 9.42
CA ASN A 80 3.17 6.45 10.59
C ASN A 80 2.11 7.55 10.64
N TRP A 81 1.40 7.77 9.53
CA TRP A 81 0.33 8.77 9.50
C TRP A 81 -0.73 8.48 10.56
N THR A 82 -1.03 9.48 11.37
CA THR A 82 -2.10 9.36 12.34
C THR A 82 -3.43 9.58 11.63
N LEU A 83 -4.51 9.31 12.32
CA LEU A 83 -5.86 9.42 11.80
C LEU A 83 -6.16 10.79 11.21
N GLU A 84 -5.66 11.83 11.83
CA GLU A 84 -5.93 13.15 11.28
C GLU A 84 -5.11 13.40 10.03
N ASP A 85 -3.87 12.93 10.05
CA ASP A 85 -2.92 13.15 8.99
C ASP A 85 -3.28 12.29 7.77
N THR A 86 -3.75 11.08 8.03
CA THR A 86 -4.20 10.17 7.00
C THR A 86 -5.40 10.76 6.25
N LEU A 87 -6.36 11.26 6.99
CA LEU A 87 -7.57 11.79 6.39
C LEU A 87 -7.35 13.09 5.67
N GLN A 88 -6.48 13.93 6.18
CA GLN A 88 -6.14 15.14 5.45
C GLN A 88 -5.40 14.78 4.17
N TRP A 89 -4.57 13.76 4.25
CA TRP A 89 -3.91 13.23 3.07
C TRP A 89 -4.97 12.69 2.11
N LEU A 90 -5.99 12.02 2.66
CA LEU A 90 -7.07 11.46 1.89
C LEU A 90 -7.78 12.50 1.08
N ILE A 91 -8.27 13.53 1.66
CA ILE A 91 -8.99 14.46 0.81
C ILE A 91 -8.03 15.21 -0.12
N GLU A 92 -6.83 15.49 0.36
CA GLU A 92 -5.81 16.20 -0.41
C GLU A 92 -5.31 15.43 -1.63
N PHE A 93 -5.08 14.16 -1.48
CA PHE A 93 -4.57 13.33 -2.58
C PHE A 93 -5.63 12.45 -3.16
N VAL A 94 -6.43 11.87 -2.32
CA VAL A 94 -7.50 10.98 -2.73
C VAL A 94 -8.67 11.79 -3.30
N GLU A 95 -8.97 12.95 -2.64
CA GLU A 95 -10.08 13.83 -2.99
C GLU A 95 -11.45 13.22 -2.63
N LEU A 96 -11.50 12.46 -1.54
CA LEU A 96 -12.77 11.83 -1.10
C LEU A 96 -13.23 12.27 0.32
N PRO A 97 -13.56 13.57 0.53
CA PRO A 97 -13.96 14.10 1.87
C PRO A 97 -15.35 13.66 2.32
N GLN A 98 -15.98 12.84 1.53
CA GLN A 98 -17.36 12.45 1.79
C GLN A 98 -17.39 11.23 2.67
N TYR A 99 -16.26 10.60 2.82
CA TYR A 99 -16.19 9.40 3.61
C TYR A 99 -15.07 9.51 4.60
N GLU A 100 -14.44 10.68 4.68
CA GLU A 100 -13.25 10.84 5.51
C GLU A 100 -13.59 10.65 6.95
N LYS A 101 -14.75 11.15 7.33
CA LYS A 101 -15.19 11.07 8.69
C LYS A 101 -15.39 9.61 9.12
N ASN A 102 -15.81 8.79 8.16
CA ASN A 102 -16.12 7.40 8.41
C ASN A 102 -14.85 6.63 8.66
N PHE A 103 -13.84 6.81 7.80
CA PHE A 103 -12.56 6.15 7.97
C PHE A 103 -11.95 6.64 9.29
N ARG A 104 -11.97 7.97 9.45
CA ARG A 104 -11.40 8.65 10.60
C ARG A 104 -11.87 7.98 11.88
N ASP A 105 -13.20 8.01 12.10
CA ASP A 105 -13.88 7.51 13.31
C ASP A 105 -13.83 6.01 13.45
N ASN A 106 -13.81 5.28 12.34
CA ASN A 106 -13.66 3.82 12.42
C ASN A 106 -12.24 3.50 12.86
N ASN A 107 -11.43 4.55 12.83
CA ASN A 107 -10.10 4.65 13.35
C ASN A 107 -9.12 4.34 12.33
N VAL A 108 -9.09 5.20 11.38
CA VAL A 108 -8.20 4.99 10.26
C VAL A 108 -7.04 5.93 10.28
N LYS A 109 -5.89 5.36 10.46
CA LYS A 109 -4.67 6.06 10.36
C LYS A 109 -3.93 5.38 9.23
N GLY A 110 -2.63 5.46 9.19
CA GLY A 110 -1.86 4.64 8.25
C GLY A 110 -2.03 3.13 8.55
N THR A 111 -3.27 2.66 8.41
CA THR A 111 -3.68 1.32 8.67
C THR A 111 -4.00 0.63 7.34
N THR A 112 -5.12 1.05 6.75
CA THR A 112 -5.61 0.46 5.54
C THR A 112 -4.72 0.82 4.37
N LEU A 113 -3.91 1.85 4.55
CA LEU A 113 -2.95 2.26 3.56
C LEU A 113 -1.98 1.09 3.21
N PRO A 114 -1.14 0.56 4.14
CA PRO A 114 -0.35 -0.63 3.82
C PRO A 114 -1.17 -1.91 3.90
N ARG A 115 -2.37 -1.84 4.49
CA ARG A 115 -3.23 -3.02 4.60
C ARG A 115 -4.30 -3.12 3.50
N ILE A 116 -4.22 -2.25 2.49
CA ILE A 116 -5.09 -2.37 1.30
C ILE A 116 -5.01 -3.76 0.72
N ALA A 117 -6.11 -4.40 0.72
CA ALA A 117 -6.13 -5.72 0.20
C ALA A 117 -6.42 -5.67 -1.27
N VAL A 118 -5.37 -5.83 -2.02
CA VAL A 118 -5.43 -5.75 -3.47
C VAL A 118 -6.17 -6.96 -4.06
N HIS A 119 -6.05 -8.09 -3.39
CA HIS A 119 -6.62 -9.34 -3.90
C HIS A 119 -7.81 -9.85 -3.06
N GLU A 120 -8.09 -9.19 -1.95
CA GLU A 120 -9.16 -9.62 -1.06
C GLU A 120 -9.92 -8.39 -0.57
N PRO A 121 -11.09 -8.55 0.10
CA PRO A 121 -11.77 -7.41 0.69
C PRO A 121 -11.10 -6.98 2.00
N SER A 122 -10.47 -5.81 1.96
CA SER A 122 -9.79 -5.27 3.13
C SER A 122 -10.80 -4.71 4.14
N PHE A 123 -10.28 -3.97 5.09
CA PHE A 123 -11.04 -3.44 6.25
C PHE A 123 -12.32 -2.69 5.83
N MET A 124 -12.14 -1.53 5.21
CA MET A 124 -13.26 -0.70 4.75
C MET A 124 -13.95 -1.34 3.54
N ILE A 125 -13.22 -2.20 2.85
CA ILE A 125 -13.70 -2.84 1.63
C ILE A 125 -14.81 -3.85 1.97
N SER A 126 -14.73 -4.42 3.18
CA SER A 126 -15.75 -5.33 3.64
C SER A 126 -17.12 -4.62 3.60
N GLN A 127 -17.16 -3.35 4.01
CA GLN A 127 -18.35 -2.54 4.00
C GLN A 127 -18.02 -1.13 4.46
N LEU A 128 -18.37 -0.17 3.66
CA LEU A 128 -18.28 1.21 4.06
C LEU A 128 -19.62 1.82 3.75
N LYS A 129 -20.43 1.89 4.79
CA LYS A 129 -21.78 2.42 4.75
C LYS A 129 -22.71 1.53 3.90
N ILE A 130 -22.61 1.66 2.58
CA ILE A 130 -23.48 0.93 1.67
C ILE A 130 -22.72 0.48 0.43
N SER A 131 -21.45 0.79 0.33
CA SER A 131 -20.72 0.48 -0.87
C SER A 131 -19.23 0.24 -0.57
N ASP A 132 -18.49 -0.15 -1.60
CA ASP A 132 -17.06 -0.41 -1.42
C ASP A 132 -16.25 0.03 -2.62
N ARG A 133 -16.88 0.17 -3.79
CA ARG A 133 -16.17 0.43 -5.07
C ARG A 133 -15.29 1.66 -5.01
N SER A 134 -15.87 2.79 -4.67
CA SER A 134 -15.16 4.04 -4.65
C SER A 134 -14.08 4.01 -3.58
N HIS A 135 -14.38 3.36 -2.48
CA HIS A 135 -13.47 3.22 -1.37
C HIS A 135 -12.27 2.37 -1.77
N ARG A 136 -12.55 1.27 -2.44
CA ARG A 136 -11.56 0.34 -2.87
C ARG A 136 -10.66 0.99 -3.88
N GLN A 137 -11.24 1.59 -4.92
CA GLN A 137 -10.44 2.18 -5.99
C GLN A 137 -9.64 3.36 -5.54
N LYS A 138 -10.21 4.17 -4.66
CA LYS A 138 -9.52 5.33 -4.18
C LYS A 138 -8.25 4.90 -3.40
N LEU A 139 -8.42 4.00 -2.43
CA LEU A 139 -7.34 3.74 -1.55
C LEU A 139 -6.47 2.63 -2.01
N GLN A 140 -6.99 1.69 -2.78
CA GLN A 140 -6.16 0.60 -3.28
C GLN A 140 -5.03 1.23 -4.11
N LEU A 141 -5.38 2.09 -5.08
CA LEU A 141 -4.34 2.70 -5.92
C LEU A 141 -3.56 3.81 -5.20
N LYS A 142 -4.26 4.66 -4.40
CA LYS A 142 -3.54 5.73 -3.72
C LYS A 142 -2.56 5.18 -2.68
N ALA A 143 -3.02 4.21 -1.93
CA ALA A 143 -2.21 3.58 -0.93
C ALA A 143 -1.12 2.76 -1.58
N LEU A 144 -1.46 2.10 -2.70
CA LEU A 144 -0.49 1.32 -3.50
C LEU A 144 0.73 2.20 -3.75
N ASP A 145 0.44 3.41 -4.19
CA ASP A 145 1.44 4.43 -4.41
C ASP A 145 2.22 4.77 -3.17
N VAL A 146 1.54 5.23 -2.14
CA VAL A 146 2.20 5.69 -0.92
C VAL A 146 2.91 4.59 -0.18
N VAL A 147 2.48 3.39 -0.37
CA VAL A 147 3.17 2.27 0.16
C VAL A 147 4.49 2.14 -0.58
N LEU A 148 4.43 2.00 -1.88
CA LEU A 148 5.65 1.78 -2.67
C LEU A 148 6.54 3.02 -2.78
N PHE A 149 5.96 4.18 -2.65
CA PHE A 149 6.69 5.43 -2.68
C PHE A 149 7.12 5.81 -1.27
N GLY A 150 6.46 5.22 -0.29
CA GLY A 150 6.77 5.45 1.10
C GLY A 150 6.31 6.78 1.62
N GLY A 1 -3.31 -13.90 22.87
CA GLY A 1 -2.61 -15.13 22.49
C GLY A 1 -1.44 -14.83 21.58
N SER A 2 -0.47 -15.71 21.56
CA SER A 2 0.71 -15.55 20.75
C SER A 2 0.40 -15.97 19.33
N HIS A 3 0.54 -15.08 18.41
CA HIS A 3 0.30 -15.40 17.03
C HIS A 3 1.56 -15.19 16.23
N MET A 4 1.87 -16.13 15.39
CA MET A 4 3.01 -16.09 14.52
C MET A 4 2.63 -16.82 13.26
N ALA A 5 2.40 -16.05 12.20
CA ALA A 5 1.98 -16.56 10.89
C ALA A 5 0.54 -17.09 10.93
N SER A 6 -0.12 -17.06 9.78
CA SER A 6 -1.50 -17.52 9.62
C SER A 6 -2.47 -16.67 10.48
N THR A 7 -2.06 -15.46 10.81
CA THR A 7 -2.82 -14.59 11.64
C THR A 7 -3.48 -13.57 10.76
N GLU A 8 -4.57 -13.00 11.22
CA GLU A 8 -5.27 -12.01 10.46
C GLU A 8 -4.37 -10.79 10.20
N GLU A 9 -3.49 -10.47 11.15
CA GLU A 9 -2.58 -9.37 10.94
C GLU A 9 -1.58 -9.71 9.82
N ASP A 10 -1.19 -10.99 9.74
CA ASP A 10 -0.28 -11.45 8.68
C ASP A 10 -1.00 -11.38 7.38
N ARG A 11 -2.26 -11.79 7.39
CA ARG A 11 -3.10 -11.73 6.22
C ARG A 11 -3.18 -10.32 5.67
N PHE A 12 -3.33 -9.36 6.53
CA PHE A 12 -3.41 -8.02 6.05
C PHE A 12 -2.07 -7.40 5.73
N SER A 13 -1.19 -7.39 6.69
CA SER A 13 0.07 -6.66 6.56
C SER A 13 1.10 -7.44 5.77
N LEU A 14 1.32 -8.69 6.15
CA LEU A 14 2.36 -9.47 5.51
C LEU A 14 1.98 -9.79 4.12
N GLU A 15 0.78 -10.24 3.95
CA GLU A 15 0.28 -10.58 2.65
C GLU A 15 0.21 -9.35 1.73
N ALA A 16 -0.20 -8.17 2.25
CA ALA A 16 -0.21 -6.94 1.42
C ALA A 16 1.18 -6.64 0.90
N LEU A 17 2.14 -6.57 1.82
CA LEU A 17 3.50 -6.23 1.45
C LEU A 17 4.13 -7.32 0.59
N GLN A 18 3.75 -8.55 0.84
CA GLN A 18 4.23 -9.69 0.08
C GLN A 18 3.73 -9.65 -1.34
N THR A 19 2.45 -9.33 -1.50
CA THR A 19 1.84 -9.30 -2.79
C THR A 19 2.45 -8.22 -3.67
N ILE A 20 2.72 -7.05 -3.09
CA ILE A 20 3.32 -5.97 -3.87
C ILE A 20 4.78 -6.25 -4.16
N HIS A 21 5.44 -6.90 -3.21
CA HIS A 21 6.79 -7.37 -3.44
C HIS A 21 6.78 -8.38 -4.57
N LYS A 22 5.81 -9.29 -4.56
CA LYS A 22 5.59 -10.25 -5.67
C LYS A 22 5.29 -9.50 -6.96
N GLN A 23 4.52 -8.45 -6.87
CA GLN A 23 4.20 -7.67 -8.03
C GLN A 23 5.46 -7.09 -8.66
N MET A 24 6.40 -6.64 -7.86
CA MET A 24 7.63 -6.17 -8.42
C MET A 24 8.60 -7.33 -8.66
N ASP A 25 8.93 -8.03 -7.60
CA ASP A 25 9.87 -9.14 -7.66
C ASP A 25 9.03 -10.31 -8.06
N ASP A 26 9.09 -10.66 -9.31
CA ASP A 26 8.17 -11.63 -9.89
C ASP A 26 8.50 -13.01 -9.42
N ASP A 27 9.70 -13.16 -9.03
CA ASP A 27 10.15 -14.38 -8.47
C ASP A 27 10.25 -14.33 -6.95
N LYS A 28 10.21 -13.09 -6.38
CA LYS A 28 10.21 -12.80 -4.92
C LYS A 28 11.39 -13.43 -4.33
N ASP A 29 12.39 -13.40 -5.11
CA ASP A 29 13.57 -14.03 -4.84
C ASP A 29 14.34 -13.27 -3.79
N GLY A 30 13.79 -12.14 -3.43
CA GLY A 30 14.33 -11.37 -2.38
C GLY A 30 15.13 -10.29 -2.94
N GLY A 31 14.77 -9.91 -4.11
CA GLY A 31 15.46 -8.92 -4.78
C GLY A 31 14.63 -8.39 -5.87
N ILE A 32 13.96 -7.31 -5.57
CA ILE A 32 13.17 -6.61 -6.53
C ILE A 32 14.15 -5.87 -7.39
N GLU A 33 14.27 -6.29 -8.58
CA GLU A 33 15.19 -5.67 -9.47
C GLU A 33 14.56 -4.42 -9.98
N VAL A 34 15.38 -3.51 -10.47
CA VAL A 34 14.87 -2.26 -10.96
C VAL A 34 14.05 -2.49 -12.22
N GLU A 35 14.33 -3.60 -12.87
CA GLU A 35 13.60 -4.01 -14.01
C GLU A 35 12.24 -4.55 -13.55
N GLU A 36 12.28 -5.32 -12.46
CA GLU A 36 11.11 -5.96 -11.90
C GLU A 36 10.11 -4.93 -11.32
N SER A 37 10.63 -3.94 -10.59
CA SER A 37 9.79 -2.94 -9.93
C SER A 37 9.11 -2.04 -10.93
N ASP A 38 9.85 -1.69 -11.99
CA ASP A 38 9.36 -0.83 -13.05
C ASP A 38 8.06 -1.34 -13.58
N GLU A 39 7.94 -2.65 -13.73
CA GLU A 39 6.73 -3.30 -14.21
C GLU A 39 5.50 -2.86 -13.39
N PHE A 40 5.59 -2.97 -12.08
CA PHE A 40 4.45 -2.64 -11.24
C PHE A 40 4.22 -1.12 -11.22
N ILE A 41 5.28 -0.34 -11.34
CA ILE A 41 5.16 1.10 -11.37
C ILE A 41 4.50 1.54 -12.72
N ARG A 42 4.82 0.81 -13.80
CA ARG A 42 4.35 1.06 -15.20
C ARG A 42 2.84 1.22 -15.38
N GLU A 43 2.06 0.78 -14.45
CA GLU A 43 0.63 0.89 -14.64
C GLU A 43 -0.05 1.29 -13.33
N ASP A 44 0.09 0.44 -12.33
CA ASP A 44 -0.58 0.62 -11.05
C ASP A 44 -0.11 1.90 -10.40
N MET A 45 1.19 2.11 -10.34
CA MET A 45 1.66 3.36 -9.81
C MET A 45 1.56 4.43 -10.87
N LYS A 46 1.57 4.03 -12.16
CA LYS A 46 1.56 4.94 -13.33
C LYS A 46 0.44 5.92 -13.26
N TYR A 47 -0.69 5.48 -12.68
CA TYR A 47 -1.84 6.41 -12.44
C TYR A 47 -1.44 7.64 -11.58
N LYS A 48 -0.25 7.61 -11.04
CA LYS A 48 0.28 8.63 -10.15
C LYS A 48 1.73 9.00 -10.54
N ASP A 49 2.59 7.98 -10.70
CA ASP A 49 4.03 8.18 -11.05
C ASP A 49 4.53 6.97 -11.79
N ALA A 50 5.50 7.14 -12.66
CA ALA A 50 6.00 6.02 -13.43
C ALA A 50 7.52 5.87 -13.29
N THR A 51 8.24 6.87 -13.67
CA THR A 51 9.68 6.78 -13.71
C THR A 51 10.32 7.15 -12.37
N ASN A 52 9.83 8.22 -11.80
CA ASN A 52 10.43 8.86 -10.65
C ASN A 52 10.52 7.97 -9.42
N LYS A 53 9.49 7.20 -9.12
CA LYS A 53 9.52 6.31 -7.95
C LYS A 53 10.68 5.34 -7.96
N HIS A 54 10.85 4.60 -9.05
CA HIS A 54 11.91 3.63 -9.08
C HIS A 54 13.24 4.32 -9.22
N SER A 55 13.28 5.40 -9.97
CA SER A 55 14.49 6.14 -10.15
C SER A 55 14.95 6.71 -8.81
N HIS A 56 14.02 7.06 -7.95
CA HIS A 56 14.35 7.58 -6.64
C HIS A 56 14.76 6.48 -5.65
N LEU A 57 13.95 5.44 -5.51
CA LEU A 57 14.23 4.41 -4.51
C LEU A 57 15.41 3.55 -4.98
N HIS A 58 15.32 3.10 -6.21
CA HIS A 58 16.28 2.15 -6.76
C HIS A 58 17.55 2.83 -7.22
N ARG A 59 17.59 4.15 -7.06
CA ARG A 59 18.81 4.91 -7.38
C ARG A 59 19.97 4.40 -6.56
N GLU A 60 19.70 4.08 -5.29
CA GLU A 60 20.74 3.64 -4.39
C GLU A 60 20.64 2.15 -4.10
N ASP A 61 19.46 1.64 -3.92
CA ASP A 61 19.29 0.23 -3.68
C ASP A 61 18.18 -0.29 -4.53
N LYS A 62 18.51 -1.23 -5.38
CA LYS A 62 17.56 -1.79 -6.31
C LYS A 62 16.93 -3.00 -5.74
N HIS A 63 17.70 -4.06 -5.65
CA HIS A 63 17.24 -5.36 -5.14
C HIS A 63 16.72 -5.32 -3.70
N ILE A 64 15.47 -5.00 -3.58
CA ILE A 64 14.76 -4.93 -2.32
C ILE A 64 14.21 -6.31 -1.99
N THR A 65 14.43 -6.76 -0.78
CA THR A 65 14.00 -8.06 -0.35
C THR A 65 12.64 -7.95 0.37
N ILE A 66 11.84 -9.04 0.39
CA ILE A 66 10.52 -9.08 1.06
C ILE A 66 10.55 -8.45 2.49
N GLU A 67 11.61 -8.73 3.23
CA GLU A 67 11.79 -8.23 4.60
C GLU A 67 12.08 -6.71 4.61
N ASP A 68 12.70 -6.25 3.55
CA ASP A 68 13.16 -4.87 3.45
C ASP A 68 11.99 -3.96 3.32
N LEU A 69 10.95 -4.42 2.62
CA LEU A 69 9.71 -3.63 2.50
C LEU A 69 9.12 -3.42 3.88
N TRP A 70 9.07 -4.49 4.64
CA TRP A 70 8.53 -4.46 5.98
C TRP A 70 9.20 -3.44 6.84
N LYS A 71 10.52 -3.54 6.95
CA LYS A 71 11.27 -2.55 7.73
C LYS A 71 11.20 -1.16 7.11
N ARG A 72 11.18 -1.09 5.78
CA ARG A 72 11.14 0.19 5.08
C ARG A 72 9.93 0.97 5.49
N TRP A 73 8.77 0.37 5.35
CA TRP A 73 7.55 1.09 5.63
C TRP A 73 7.34 1.22 7.11
N LYS A 74 7.87 0.25 7.86
CA LYS A 74 7.87 0.27 9.32
C LYS A 74 8.56 1.51 9.83
N THR A 75 9.62 1.91 9.15
CA THR A 75 10.37 3.08 9.53
C THR A 75 10.03 4.31 8.68
N SER A 76 9.03 4.18 7.82
CA SER A 76 8.61 5.30 7.01
C SER A 76 7.35 5.91 7.63
N GLU A 77 7.02 7.12 7.21
CA GLU A 77 5.93 7.86 7.82
C GLU A 77 4.55 7.27 7.57
N VAL A 78 4.36 6.61 6.42
CA VAL A 78 3.05 6.05 6.04
C VAL A 78 2.41 5.19 7.14
N HIS A 79 3.23 4.46 7.82
CA HIS A 79 2.80 3.52 8.81
C HIS A 79 2.55 4.24 10.16
N ASN A 80 3.08 5.45 10.24
CA ASN A 80 3.00 6.29 11.44
C ASN A 80 1.90 7.35 11.26
N TRP A 81 1.32 7.41 10.08
CA TRP A 81 0.22 8.33 9.82
C TRP A 81 -0.97 8.04 10.72
N THR A 82 -1.52 9.07 11.31
CA THR A 82 -2.67 8.92 12.13
C THR A 82 -3.92 9.17 11.26
N LEU A 83 -5.05 9.21 11.88
CA LEU A 83 -6.31 9.38 11.23
C LEU A 83 -6.42 10.72 10.54
N GLU A 84 -5.85 11.74 11.12
CA GLU A 84 -5.89 13.04 10.49
C GLU A 84 -5.01 13.06 9.24
N ASP A 85 -3.88 12.36 9.30
CA ASP A 85 -2.95 12.26 8.17
C ASP A 85 -3.60 11.49 7.05
N THR A 86 -4.14 10.33 7.41
CA THR A 86 -4.77 9.44 6.47
C THR A 86 -5.92 10.13 5.71
N LEU A 87 -6.79 10.76 6.45
CA LEU A 87 -7.95 11.40 5.87
C LEU A 87 -7.64 12.65 5.15
N GLN A 88 -6.69 13.42 5.64
CA GLN A 88 -6.29 14.61 4.94
C GLN A 88 -5.66 14.23 3.60
N TRP A 89 -4.92 13.13 3.56
CA TRP A 89 -4.33 12.66 2.32
C TRP A 89 -5.44 12.16 1.40
N LEU A 90 -6.46 11.53 1.98
CA LEU A 90 -7.61 11.06 1.24
C LEU A 90 -8.28 12.23 0.51
N ILE A 91 -8.67 13.25 1.16
CA ILE A 91 -9.35 14.26 0.41
C ILE A 91 -8.37 15.06 -0.44
N GLU A 92 -7.18 15.29 0.07
CA GLU A 92 -6.19 16.07 -0.65
C GLU A 92 -5.71 15.41 -1.93
N PHE A 93 -5.42 14.15 -1.88
CA PHE A 93 -4.86 13.47 -3.02
C PHE A 93 -5.87 12.59 -3.71
N VAL A 94 -6.81 12.08 -2.96
CA VAL A 94 -7.85 11.22 -3.51
C VAL A 94 -9.03 12.07 -3.97
N GLU A 95 -9.33 13.11 -3.17
CA GLU A 95 -10.42 14.03 -3.40
C GLU A 95 -11.78 13.38 -3.17
N LEU A 96 -11.86 12.50 -2.14
CA LEU A 96 -13.13 11.83 -1.78
C LEU A 96 -13.62 12.22 -0.36
N PRO A 97 -14.00 13.51 -0.13
CA PRO A 97 -14.39 14.01 1.22
C PRO A 97 -15.75 13.51 1.69
N GLN A 98 -16.34 12.64 0.93
CA GLN A 98 -17.67 12.16 1.23
C GLN A 98 -17.62 10.94 2.12
N TYR A 99 -16.47 10.31 2.19
CA TYR A 99 -16.35 9.07 2.95
C TYR A 99 -15.23 9.12 3.95
N GLU A 100 -14.71 10.31 4.14
CA GLU A 100 -13.60 10.50 5.05
C GLU A 100 -14.02 10.25 6.49
N LYS A 101 -15.28 10.57 6.77
CA LYS A 101 -15.81 10.40 8.10
C LYS A 101 -15.87 8.91 8.47
N ASN A 102 -16.18 8.08 7.47
CA ASN A 102 -16.31 6.64 7.65
C ASN A 102 -15.01 6.06 8.05
N PHE A 103 -13.99 6.35 7.29
CA PHE A 103 -12.67 5.87 7.56
C PHE A 103 -12.19 6.33 8.92
N ARG A 104 -12.09 7.64 9.10
CA ARG A 104 -11.57 8.22 10.33
C ARG A 104 -12.24 7.62 11.55
N ASP A 105 -13.59 7.77 11.61
CA ASP A 105 -14.45 7.38 12.76
C ASP A 105 -14.45 5.89 13.02
N ASN A 106 -14.50 5.09 11.95
CA ASN A 106 -14.46 3.61 12.07
C ASN A 106 -13.08 3.19 12.57
N ASN A 107 -12.18 4.16 12.47
CA ASN A 107 -10.87 4.21 13.07
C ASN A 107 -9.79 3.88 12.12
N VAL A 108 -9.52 4.81 11.28
CA VAL A 108 -8.47 4.60 10.31
C VAL A 108 -7.28 5.50 10.55
N LYS A 109 -6.20 4.92 11.00
CA LYS A 109 -5.00 5.67 11.28
C LYS A 109 -3.75 4.94 10.83
N GLY A 110 -3.44 5.07 9.54
CA GLY A 110 -2.29 4.35 8.99
C GLY A 110 -2.50 2.86 9.06
N THR A 111 -3.75 2.49 9.08
CA THR A 111 -4.13 1.12 9.26
C THR A 111 -4.44 0.45 7.90
N THR A 112 -5.53 0.86 7.29
CA THR A 112 -5.96 0.28 6.05
C THR A 112 -4.98 0.61 4.93
N LEU A 113 -4.27 1.72 5.05
CA LEU A 113 -3.25 2.12 4.11
C LEU A 113 -2.22 0.98 3.83
N PRO A 114 -1.41 0.49 4.80
CA PRO A 114 -0.55 -0.66 4.53
C PRO A 114 -1.31 -2.00 4.59
N ARG A 115 -2.51 -2.00 5.20
CA ARG A 115 -3.28 -3.24 5.33
C ARG A 115 -4.36 -3.42 4.25
N ILE A 116 -4.33 -2.58 3.20
CA ILE A 116 -5.21 -2.78 2.04
C ILE A 116 -5.03 -4.14 1.42
N ALA A 117 -6.09 -4.62 0.88
CA ALA A 117 -6.09 -5.85 0.17
C ALA A 117 -6.13 -5.48 -1.28
N VAL A 118 -5.32 -6.11 -2.08
CA VAL A 118 -5.29 -5.77 -3.47
C VAL A 118 -6.15 -6.73 -4.24
N HIS A 119 -6.89 -6.18 -5.21
CA HIS A 119 -7.80 -6.91 -6.10
C HIS A 119 -9.12 -7.25 -5.37
N GLU A 120 -9.15 -7.09 -4.07
CA GLU A 120 -10.29 -7.42 -3.26
C GLU A 120 -10.56 -6.28 -2.29
N PRO A 121 -11.81 -6.15 -1.78
CA PRO A 121 -12.13 -5.14 -0.78
C PRO A 121 -11.38 -5.42 0.54
N SER A 122 -10.72 -4.41 1.06
CA SER A 122 -9.99 -4.54 2.30
C SER A 122 -10.96 -4.44 3.48
N PHE A 123 -10.40 -4.52 4.66
CA PHE A 123 -11.13 -4.52 5.94
C PHE A 123 -12.06 -3.30 6.06
N MET A 124 -11.48 -2.12 5.94
CA MET A 124 -12.24 -0.87 6.07
C MET A 124 -13.17 -0.64 4.91
N ILE A 125 -12.81 -1.21 3.79
CA ILE A 125 -13.57 -1.08 2.57
C ILE A 125 -14.83 -1.95 2.67
N SER A 126 -14.69 -3.07 3.33
CA SER A 126 -15.78 -3.99 3.58
C SER A 126 -16.80 -3.33 4.52
N GLN A 127 -16.29 -2.59 5.49
CA GLN A 127 -17.14 -1.94 6.51
C GLN A 127 -17.66 -0.57 6.05
N LEU A 128 -17.56 -0.28 4.78
CA LEU A 128 -17.98 1.02 4.30
C LEU A 128 -19.49 1.03 4.06
N LYS A 129 -20.07 2.22 4.22
CA LYS A 129 -21.50 2.46 4.16
C LYS A 129 -22.11 1.95 2.86
N ILE A 130 -21.54 2.32 1.74
CA ILE A 130 -22.06 1.96 0.41
C ILE A 130 -20.93 1.81 -0.56
N SER A 131 -21.23 1.19 -1.71
CA SER A 131 -20.39 1.05 -2.89
C SER A 131 -18.88 0.95 -2.61
N ASP A 132 -18.40 -0.25 -2.42
CA ASP A 132 -17.00 -0.48 -2.05
C ASP A 132 -16.02 -0.18 -3.19
N ARG A 133 -16.53 -0.09 -4.41
CA ARG A 133 -15.70 0.10 -5.61
C ARG A 133 -14.81 1.34 -5.55
N SER A 134 -15.43 2.49 -5.31
CA SER A 134 -14.71 3.76 -5.23
C SER A 134 -13.66 3.69 -4.11
N HIS A 135 -14.05 3.12 -3.00
CA HIS A 135 -13.21 3.00 -1.84
C HIS A 135 -12.04 2.09 -2.12
N ARG A 136 -12.32 1.01 -2.82
CA ARG A 136 -11.33 0.01 -3.13
C ARG A 136 -10.32 0.59 -4.09
N GLN A 137 -10.78 1.19 -5.18
CA GLN A 137 -9.86 1.77 -6.15
C GLN A 137 -9.03 2.90 -5.56
N LYS A 138 -9.70 3.82 -4.85
CA LYS A 138 -9.04 5.00 -4.30
C LYS A 138 -7.97 4.59 -3.29
N LEU A 139 -8.33 3.70 -2.38
CA LEU A 139 -7.46 3.39 -1.28
C LEU A 139 -6.41 2.44 -1.72
N GLN A 140 -6.77 1.47 -2.56
CA GLN A 140 -5.79 0.50 -3.01
C GLN A 140 -4.66 1.23 -3.70
N LEU A 141 -4.97 2.10 -4.66
CA LEU A 141 -3.92 2.77 -5.40
C LEU A 141 -3.22 3.83 -4.60
N LYS A 142 -3.95 4.55 -3.76
CA LYS A 142 -3.34 5.63 -3.01
C LYS A 142 -2.50 5.11 -1.87
N ALA A 143 -3.02 4.15 -1.17
CA ALA A 143 -2.32 3.55 -0.06
C ALA A 143 -1.14 2.80 -0.58
N LEU A 144 -1.29 2.11 -1.68
CA LEU A 144 -0.19 1.40 -2.29
C LEU A 144 0.88 2.39 -2.72
N ASP A 145 0.42 3.51 -3.24
CA ASP A 145 1.27 4.61 -3.65
C ASP A 145 2.13 5.10 -2.49
N VAL A 146 1.47 5.40 -1.38
CA VAL A 146 2.15 5.89 -0.19
C VAL A 146 2.98 4.82 0.49
N VAL A 147 2.55 3.59 0.42
CA VAL A 147 3.33 2.50 0.95
C VAL A 147 4.63 2.37 0.17
N LEU A 148 4.53 2.21 -1.13
CA LEU A 148 5.71 1.95 -1.97
C LEU A 148 6.64 3.14 -2.13
N PHE A 149 6.13 4.34 -2.00
CA PHE A 149 7.01 5.49 -2.12
C PHE A 149 7.34 6.09 -0.75
N GLY A 150 6.38 6.09 0.15
CA GLY A 150 6.57 6.73 1.43
C GLY A 150 6.67 5.74 2.56
N GLY A 1 9.72 -11.49 8.75
CA GLY A 1 8.30 -11.51 9.05
C GLY A 1 8.00 -12.54 10.10
N SER A 2 6.75 -12.66 10.48
CA SER A 2 6.33 -13.62 11.47
C SER A 2 6.21 -15.01 10.83
N HIS A 3 7.16 -15.88 11.12
CA HIS A 3 7.18 -17.21 10.53
C HIS A 3 6.23 -18.18 11.22
N MET A 4 6.31 -18.26 12.52
CA MET A 4 5.48 -19.20 13.27
C MET A 4 4.22 -18.54 13.78
N ALA A 5 4.38 -17.53 14.60
CA ALA A 5 3.25 -16.85 15.19
C ALA A 5 2.69 -15.84 14.21
N SER A 6 1.77 -16.28 13.41
CA SER A 6 1.16 -15.46 12.43
C SER A 6 0.03 -14.67 13.07
N THR A 7 0.14 -13.39 13.03
CA THR A 7 -0.81 -12.52 13.63
C THR A 7 -1.80 -12.17 12.55
N GLU A 8 -2.98 -11.79 12.92
CA GLU A 8 -3.95 -11.39 11.94
C GLU A 8 -3.52 -10.09 11.29
N GLU A 9 -2.71 -9.31 11.99
CA GLU A 9 -2.17 -8.12 11.40
C GLU A 9 -1.20 -8.49 10.29
N ASP A 10 -0.52 -9.65 10.41
CA ASP A 10 0.40 -10.11 9.34
C ASP A 10 -0.43 -10.53 8.16
N ARG A 11 -1.56 -11.09 8.45
CA ARG A 11 -2.51 -11.49 7.43
C ARG A 11 -2.93 -10.28 6.58
N PHE A 12 -3.12 -9.16 7.19
CA PHE A 12 -3.39 -7.97 6.42
C PHE A 12 -2.11 -7.34 5.84
N SER A 13 -1.16 -7.04 6.73
CA SER A 13 0.04 -6.28 6.39
C SER A 13 1.04 -7.11 5.58
N LEU A 14 1.35 -8.29 6.06
CA LEU A 14 2.35 -9.12 5.43
C LEU A 14 1.85 -9.60 4.11
N GLU A 15 0.60 -10.03 4.08
CA GLU A 15 -0.01 -10.48 2.86
C GLU A 15 -0.04 -9.37 1.80
N ALA A 16 -0.44 -8.16 2.20
CA ALA A 16 -0.46 -6.99 1.30
C ALA A 16 0.94 -6.68 0.79
N LEU A 17 1.91 -6.59 1.69
CA LEU A 17 3.27 -6.27 1.32
C LEU A 17 3.91 -7.38 0.51
N GLN A 18 3.50 -8.60 0.79
CA GLN A 18 3.97 -9.77 0.08
C GLN A 18 3.49 -9.73 -1.35
N THR A 19 2.27 -9.26 -1.54
CA THR A 19 1.70 -9.18 -2.86
C THR A 19 2.42 -8.11 -3.71
N ILE A 20 2.65 -6.93 -3.16
CA ILE A 20 3.34 -5.88 -3.91
C ILE A 20 4.77 -6.24 -4.18
N HIS A 21 5.40 -6.94 -3.25
CA HIS A 21 6.72 -7.45 -3.47
C HIS A 21 6.68 -8.53 -4.54
N LYS A 22 5.68 -9.41 -4.52
CA LYS A 22 5.48 -10.40 -5.55
C LYS A 22 5.25 -9.73 -6.93
N GLN A 23 4.74 -8.54 -6.92
CA GLN A 23 4.56 -7.82 -8.13
C GLN A 23 5.91 -7.25 -8.63
N MET A 24 6.65 -6.58 -7.72
CA MET A 24 7.95 -5.98 -8.07
C MET A 24 9.07 -6.99 -8.16
N ASP A 25 8.93 -8.02 -7.45
CA ASP A 25 9.80 -9.15 -7.53
C ASP A 25 8.87 -10.23 -7.95
N ASP A 26 8.68 -10.28 -9.23
CA ASP A 26 7.67 -11.13 -9.89
C ASP A 26 7.79 -12.57 -9.47
N ASP A 27 9.00 -12.96 -9.32
CA ASP A 27 9.33 -14.29 -8.97
C ASP A 27 9.64 -14.45 -7.48
N LYS A 28 9.76 -13.32 -6.74
CA LYS A 28 10.10 -13.32 -5.35
C LYS A 28 11.23 -14.14 -4.99
N ASP A 29 12.32 -13.67 -5.54
CA ASP A 29 13.62 -14.10 -5.34
C ASP A 29 13.97 -13.72 -3.95
N GLY A 30 13.29 -12.69 -3.54
CA GLY A 30 13.64 -12.00 -2.36
C GLY A 30 14.59 -10.93 -2.82
N GLY A 31 14.31 -10.47 -4.01
CA GLY A 31 15.10 -9.56 -4.68
C GLY A 31 14.34 -8.91 -5.79
N ILE A 32 13.87 -7.73 -5.49
CA ILE A 32 13.18 -6.93 -6.43
C ILE A 32 14.21 -6.36 -7.34
N GLU A 33 13.98 -6.53 -8.58
CA GLU A 33 14.86 -6.05 -9.56
C GLU A 33 14.25 -4.84 -10.12
N VAL A 34 15.07 -3.92 -10.49
CA VAL A 34 14.65 -2.66 -11.00
C VAL A 34 13.73 -2.85 -12.22
N GLU A 35 14.06 -3.82 -13.05
CA GLU A 35 13.31 -4.12 -14.22
C GLU A 35 11.98 -4.82 -13.89
N GLU A 36 12.02 -5.69 -12.86
CA GLU A 36 10.83 -6.38 -12.38
C GLU A 36 9.85 -5.34 -11.74
N SER A 37 10.42 -4.43 -10.94
CA SER A 37 9.66 -3.43 -10.20
C SER A 37 9.01 -2.42 -11.12
N ASP A 38 9.77 -2.02 -12.13
CA ASP A 38 9.33 -1.05 -13.12
C ASP A 38 7.99 -1.44 -13.70
N GLU A 39 7.81 -2.74 -13.95
CA GLU A 39 6.56 -3.27 -14.51
C GLU A 39 5.35 -2.86 -13.63
N PHE A 40 5.48 -3.03 -12.31
CA PHE A 40 4.37 -2.72 -11.40
C PHE A 40 4.19 -1.19 -11.26
N ILE A 41 5.27 -0.45 -11.36
CA ILE A 41 5.16 1.01 -11.29
C ILE A 41 4.49 1.52 -12.57
N ARG A 42 4.90 0.97 -13.69
CA ARG A 42 4.45 1.33 -15.04
C ARG A 42 2.93 1.32 -15.27
N GLU A 43 2.16 0.69 -14.43
CA GLU A 43 0.71 0.74 -14.63
C GLU A 43 -0.02 1.18 -13.34
N ASP A 44 0.08 0.33 -12.31
CA ASP A 44 -0.58 0.59 -11.04
C ASP A 44 -0.09 1.83 -10.39
N MET A 45 1.19 2.09 -10.46
CA MET A 45 1.62 3.35 -9.93
C MET A 45 1.47 4.44 -10.97
N LYS A 46 1.51 4.04 -12.25
CA LYS A 46 1.47 4.95 -13.44
C LYS A 46 0.31 5.90 -13.36
N TYR A 47 -0.82 5.40 -12.86
CA TYR A 47 -2.02 6.25 -12.67
C TYR A 47 -1.73 7.53 -11.84
N LYS A 48 -0.58 7.54 -11.17
CA LYS A 48 -0.15 8.61 -10.29
C LYS A 48 1.31 9.00 -10.56
N ASP A 49 2.18 8.01 -10.75
CA ASP A 49 3.62 8.23 -10.91
C ASP A 49 4.23 7.06 -11.66
N ALA A 50 5.03 7.34 -12.65
CA ALA A 50 5.63 6.28 -13.40
C ALA A 50 7.15 6.13 -13.12
N THR A 51 7.96 7.09 -13.48
CA THR A 51 9.40 6.92 -13.26
C THR A 51 9.84 7.40 -11.86
N ASN A 52 9.22 8.46 -11.39
CA ASN A 52 9.62 9.12 -10.13
C ASN A 52 9.46 8.20 -8.92
N LYS A 53 8.41 7.40 -8.94
CA LYS A 53 8.10 6.43 -7.91
C LYS A 53 9.30 5.50 -7.67
N HIS A 54 9.82 4.89 -8.73
CA HIS A 54 10.97 4.01 -8.57
C HIS A 54 12.25 4.77 -8.47
N SER A 55 12.32 5.94 -9.06
CA SER A 55 13.52 6.74 -8.99
C SER A 55 13.82 7.10 -7.52
N HIS A 56 12.77 7.36 -6.75
CA HIS A 56 12.93 7.64 -5.33
C HIS A 56 13.16 6.39 -4.51
N LEU A 57 12.60 5.29 -4.90
CA LEU A 57 12.78 4.07 -4.11
C LEU A 57 14.15 3.41 -4.47
N HIS A 58 14.36 3.25 -5.76
CA HIS A 58 15.50 2.52 -6.31
C HIS A 58 16.71 3.39 -6.51
N ARG A 59 16.67 4.61 -5.98
CA ARG A 59 17.82 5.53 -6.07
C ARG A 59 19.08 4.90 -5.44
N GLU A 60 18.85 4.01 -4.49
CA GLU A 60 19.92 3.35 -3.81
C GLU A 60 19.56 1.88 -3.56
N ASP A 61 18.28 1.61 -3.39
CA ASP A 61 17.81 0.27 -3.19
C ASP A 61 17.22 -0.29 -4.44
N LYS A 62 17.99 -1.05 -5.14
CA LYS A 62 17.49 -1.76 -6.28
C LYS A 62 16.96 -3.06 -5.76
N HIS A 63 17.88 -3.81 -5.24
CA HIS A 63 17.60 -5.09 -4.64
C HIS A 63 16.87 -4.91 -3.33
N ILE A 64 15.60 -5.10 -3.39
CA ILE A 64 14.75 -5.02 -2.22
C ILE A 64 14.20 -6.41 -1.95
N THR A 65 14.36 -6.90 -0.76
CA THR A 65 13.83 -8.19 -0.40
C THR A 65 12.47 -7.99 0.31
N ILE A 66 11.63 -9.04 0.33
CA ILE A 66 10.30 -9.03 0.96
C ILE A 66 10.33 -8.42 2.41
N GLU A 67 11.36 -8.77 3.14
CA GLU A 67 11.59 -8.28 4.51
C GLU A 67 11.93 -6.78 4.52
N ASP A 68 12.56 -6.33 3.43
CA ASP A 68 13.04 -4.97 3.33
C ASP A 68 11.88 -4.03 3.21
N LEU A 69 10.83 -4.46 2.50
CA LEU A 69 9.61 -3.64 2.39
C LEU A 69 9.03 -3.41 3.77
N TRP A 70 9.02 -4.45 4.58
CA TRP A 70 8.52 -4.37 5.93
C TRP A 70 9.26 -3.36 6.74
N LYS A 71 10.57 -3.49 6.82
CA LYS A 71 11.37 -2.50 7.54
C LYS A 71 11.27 -1.12 6.89
N ARG A 72 11.13 -1.08 5.58
CA ARG A 72 10.98 0.17 4.87
C ARG A 72 9.75 0.92 5.26
N TRP A 73 8.62 0.28 5.18
CA TRP A 73 7.39 0.97 5.48
C TRP A 73 7.23 1.16 6.97
N LYS A 74 7.86 0.27 7.73
CA LYS A 74 7.98 0.40 9.18
C LYS A 74 8.66 1.70 9.54
N THR A 75 9.72 2.00 8.82
CA THR A 75 10.46 3.20 9.06
C THR A 75 9.96 4.34 8.18
N SER A 76 8.82 4.13 7.57
CA SER A 76 8.22 5.10 6.74
C SER A 76 7.11 5.76 7.51
N GLU A 77 6.85 6.97 7.15
CA GLU A 77 5.83 7.77 7.77
C GLU A 77 4.44 7.20 7.53
N VAL A 78 4.22 6.53 6.38
CA VAL A 78 2.91 6.02 5.98
C VAL A 78 2.23 5.18 7.08
N HIS A 79 3.01 4.34 7.70
CA HIS A 79 2.53 3.40 8.67
C HIS A 79 2.42 4.08 10.05
N ASN A 80 2.85 5.31 10.09
CA ASN A 80 2.89 6.10 11.30
C ASN A 80 1.81 7.20 11.31
N TRP A 81 1.27 7.51 10.12
CA TRP A 81 0.25 8.57 9.97
C TRP A 81 -0.96 8.37 10.89
N THR A 82 -1.31 9.44 11.55
CA THR A 82 -2.47 9.50 12.39
C THR A 82 -3.73 9.59 11.53
N LEU A 83 -4.88 9.36 12.14
CA LEU A 83 -6.16 9.40 11.47
C LEU A 83 -6.42 10.72 10.80
N GLU A 84 -5.98 11.78 11.42
CA GLU A 84 -6.16 13.07 10.84
C GLU A 84 -5.26 13.24 9.61
N ASP A 85 -4.04 12.70 9.69
CA ASP A 85 -3.06 12.86 8.62
C ASP A 85 -3.45 11.97 7.44
N THR A 86 -3.88 10.76 7.75
CA THR A 86 -4.35 9.79 6.76
C THR A 86 -5.53 10.36 5.95
N LEU A 87 -6.49 10.92 6.64
CA LEU A 87 -7.66 11.45 6.01
C LEU A 87 -7.43 12.72 5.29
N GLN A 88 -6.56 13.54 5.81
CA GLN A 88 -6.22 14.72 5.06
C GLN A 88 -5.47 14.33 3.80
N TRP A 89 -4.69 13.28 3.86
CA TRP A 89 -4.00 12.80 2.69
C TRP A 89 -5.05 12.25 1.70
N LEU A 90 -6.13 11.68 2.24
CA LEU A 90 -7.24 11.24 1.43
C LEU A 90 -7.86 12.41 0.68
N ILE A 91 -8.28 13.44 1.31
CA ILE A 91 -8.92 14.48 0.53
C ILE A 91 -7.89 15.26 -0.32
N GLU A 92 -6.71 15.43 0.24
CA GLU A 92 -5.64 16.18 -0.41
C GLU A 92 -5.04 15.45 -1.62
N PHE A 93 -5.00 14.15 -1.59
CA PHE A 93 -4.41 13.40 -2.70
C PHE A 93 -5.41 12.50 -3.41
N VAL A 94 -6.50 12.24 -2.77
CA VAL A 94 -7.56 11.40 -3.32
C VAL A 94 -8.74 12.26 -3.76
N GLU A 95 -9.02 13.31 -2.97
CA GLU A 95 -10.16 14.21 -3.18
C GLU A 95 -11.51 13.55 -2.90
N LEU A 96 -11.57 12.71 -1.88
CA LEU A 96 -12.84 12.03 -1.51
C LEU A 96 -13.32 12.38 -0.08
N PRO A 97 -13.65 13.67 0.21
CA PRO A 97 -14.02 14.12 1.58
C PRO A 97 -15.39 13.64 2.03
N GLN A 98 -16.05 12.93 1.16
CA GLN A 98 -17.39 12.48 1.45
C GLN A 98 -17.33 11.23 2.29
N TYR A 99 -16.16 10.61 2.33
CA TYR A 99 -16.04 9.36 3.04
C TYR A 99 -14.87 9.38 3.99
N GLU A 100 -14.34 10.56 4.23
CA GLU A 100 -13.20 10.68 5.11
C GLU A 100 -13.60 10.48 6.55
N LYS A 101 -14.75 11.03 6.90
CA LYS A 101 -15.21 10.99 8.25
C LYS A 101 -15.49 9.58 8.70
N ASN A 102 -15.98 8.77 7.76
CA ASN A 102 -16.30 7.39 8.02
C ASN A 102 -15.05 6.64 8.37
N PHE A 103 -14.04 6.70 7.48
CA PHE A 103 -12.76 6.06 7.70
C PHE A 103 -12.13 6.52 8.98
N ARG A 104 -12.00 7.83 9.09
CA ARG A 104 -11.33 8.47 10.22
C ARG A 104 -11.83 7.93 11.50
N ASP A 105 -13.15 8.08 11.71
CA ASP A 105 -13.84 7.73 12.95
C ASP A 105 -14.00 6.24 13.16
N ASN A 106 -13.97 5.46 12.08
CA ASN A 106 -13.93 3.99 12.22
C ASN A 106 -12.55 3.59 12.72
N ASN A 107 -11.65 4.55 12.59
CA ASN A 107 -10.29 4.59 13.10
C ASN A 107 -9.31 4.18 12.08
N VAL A 108 -9.15 5.06 11.14
CA VAL A 108 -8.22 4.84 10.06
C VAL A 108 -6.99 5.71 10.21
N LYS A 109 -5.92 5.10 10.67
CA LYS A 109 -4.67 5.80 10.90
C LYS A 109 -3.49 4.99 10.42
N GLY A 110 -3.14 5.18 9.16
CA GLY A 110 -2.08 4.37 8.55
C GLY A 110 -2.37 2.89 8.66
N THR A 111 -3.64 2.58 8.72
CA THR A 111 -4.10 1.23 8.91
C THR A 111 -4.38 0.55 7.57
N THR A 112 -5.46 0.96 6.94
CA THR A 112 -5.90 0.36 5.71
C THR A 112 -4.93 0.68 4.58
N LEU A 113 -4.17 1.74 4.74
CA LEU A 113 -3.14 2.10 3.80
C LEU A 113 -2.16 0.91 3.53
N PRO A 114 -1.37 0.40 4.50
CA PRO A 114 -0.58 -0.79 4.25
C PRO A 114 -1.43 -2.09 4.36
N ARG A 115 -2.68 -1.97 4.86
CA ARG A 115 -3.55 -3.14 5.00
C ARG A 115 -4.70 -3.21 3.98
N ILE A 116 -4.57 -2.49 2.86
CA ILE A 116 -5.44 -2.71 1.71
C ILE A 116 -5.26 -4.12 1.15
N ALA A 117 -6.14 -4.50 0.27
CA ALA A 117 -6.10 -5.83 -0.28
C ALA A 117 -4.98 -6.04 -1.26
N VAL A 118 -4.99 -5.24 -2.32
CA VAL A 118 -4.09 -5.38 -3.47
C VAL A 118 -4.55 -6.59 -4.29
N HIS A 119 -4.69 -7.71 -3.61
CA HIS A 119 -5.17 -8.92 -4.20
C HIS A 119 -6.17 -9.63 -3.25
N GLU A 120 -5.84 -9.76 -1.98
CA GLU A 120 -6.71 -10.53 -1.07
C GLU A 120 -7.23 -9.77 0.20
N PRO A 121 -6.36 -9.35 1.18
CA PRO A 121 -6.82 -8.83 2.48
C PRO A 121 -7.55 -7.47 2.44
N SER A 122 -8.81 -7.50 2.11
CA SER A 122 -9.60 -6.32 2.08
C SER A 122 -10.22 -6.11 3.44
N PHE A 123 -9.99 -4.95 4.02
CA PHE A 123 -10.59 -4.66 5.31
C PHE A 123 -11.54 -3.44 5.23
N MET A 124 -10.98 -2.24 5.25
CA MET A 124 -11.77 -0.99 5.20
C MET A 124 -12.37 -0.76 3.81
N ILE A 125 -11.70 -1.28 2.82
CA ILE A 125 -12.09 -1.10 1.43
C ILE A 125 -13.30 -1.94 1.01
N SER A 126 -13.48 -3.07 1.68
CA SER A 126 -14.50 -4.05 1.35
C SER A 126 -15.92 -3.46 1.19
N GLN A 127 -16.24 -2.50 2.03
CA GLN A 127 -17.52 -1.83 1.98
C GLN A 127 -17.46 -0.56 2.78
N LEU A 128 -17.85 0.51 2.18
CA LEU A 128 -17.94 1.74 2.88
C LEU A 128 -19.22 2.46 2.53
N LYS A 129 -20.06 2.63 3.53
CA LYS A 129 -21.29 3.40 3.46
C LYS A 129 -22.34 2.76 2.55
N ILE A 130 -22.11 2.85 1.26
CA ILE A 130 -23.06 2.41 0.29
C ILE A 130 -22.50 1.32 -0.62
N SER A 131 -21.21 1.35 -0.86
CA SER A 131 -20.60 0.43 -1.82
C SER A 131 -19.12 0.28 -1.51
N ASP A 132 -18.36 -0.28 -2.45
CA ASP A 132 -16.92 -0.36 -2.29
C ASP A 132 -16.20 0.12 -3.52
N ARG A 133 -16.92 0.31 -4.63
CA ARG A 133 -16.27 0.62 -5.92
C ARG A 133 -15.33 1.81 -5.88
N SER A 134 -15.82 2.95 -5.44
CA SER A 134 -15.01 4.14 -5.42
C SER A 134 -14.03 4.10 -4.24
N HIS A 135 -14.44 3.45 -3.18
CA HIS A 135 -13.72 3.43 -1.93
C HIS A 135 -12.47 2.56 -2.06
N ARG A 136 -12.68 1.39 -2.62
CA ARG A 136 -11.63 0.45 -2.85
C ARG A 136 -10.63 0.97 -3.85
N GLN A 137 -11.11 1.46 -5.00
CA GLN A 137 -10.20 1.97 -6.03
C GLN A 137 -9.38 3.15 -5.51
N LYS A 138 -10.04 4.08 -4.79
CA LYS A 138 -9.36 5.27 -4.31
C LYS A 138 -8.26 4.88 -3.32
N LEU A 139 -8.60 4.00 -2.38
CA LEU A 139 -7.68 3.72 -1.32
C LEU A 139 -6.68 2.73 -1.76
N GLN A 140 -7.07 1.76 -2.55
CA GLN A 140 -6.14 0.74 -2.93
C GLN A 140 -5.02 1.33 -3.76
N LEU A 141 -5.34 2.18 -4.73
CA LEU A 141 -4.28 2.75 -5.51
C LEU A 141 -3.53 3.81 -4.75
N LYS A 142 -4.21 4.59 -3.90
CA LYS A 142 -3.51 5.61 -3.18
C LYS A 142 -2.68 5.06 -2.02
N ALA A 143 -3.19 4.05 -1.38
CA ALA A 143 -2.47 3.37 -0.32
C ALA A 143 -1.26 2.70 -0.91
N LEU A 144 -1.47 2.03 -2.03
CA LEU A 144 -0.39 1.37 -2.77
C LEU A 144 0.70 2.41 -3.08
N ASP A 145 0.23 3.56 -3.51
CA ASP A 145 1.03 4.73 -3.86
C ASP A 145 1.88 5.20 -2.67
N VAL A 146 1.25 5.35 -1.51
CA VAL A 146 1.94 5.84 -0.32
C VAL A 146 2.76 4.79 0.36
N VAL A 147 2.37 3.55 0.26
CA VAL A 147 3.15 2.48 0.81
C VAL A 147 4.45 2.39 0.06
N LEU A 148 4.38 2.29 -1.24
CA LEU A 148 5.55 2.10 -2.06
C LEU A 148 6.41 3.37 -2.20
N PHE A 149 5.80 4.53 -2.14
CA PHE A 149 6.60 5.75 -2.21
C PHE A 149 7.03 6.18 -0.80
N GLY A 150 6.28 5.76 0.17
CA GLY A 150 6.57 6.07 1.55
C GLY A 150 5.90 7.35 2.02
N GLY A 1 -3.23 -16.81 3.34
CA GLY A 1 -3.86 -16.95 2.04
C GLY A 1 -2.89 -17.36 0.95
N SER A 2 -2.00 -16.47 0.56
CA SER A 2 -1.04 -16.75 -0.50
C SER A 2 0.09 -17.69 -0.03
N HIS A 3 1.08 -17.15 0.65
CA HIS A 3 2.18 -17.97 1.13
C HIS A 3 2.37 -17.84 2.63
N MET A 4 2.91 -16.74 3.07
CA MET A 4 3.23 -16.60 4.48
C MET A 4 2.23 -15.76 5.22
N ALA A 5 1.57 -16.39 6.19
CA ALA A 5 0.58 -15.74 7.05
C ALA A 5 0.21 -16.70 8.17
N SER A 6 0.58 -16.38 9.38
CA SER A 6 0.27 -17.23 10.50
C SER A 6 -0.92 -16.70 11.29
N THR A 7 -0.99 -15.41 11.38
CA THR A 7 -2.04 -14.74 12.07
C THR A 7 -2.86 -14.00 11.03
N GLU A 8 -4.13 -13.72 11.32
CA GLU A 8 -4.98 -13.03 10.38
C GLU A 8 -4.43 -11.65 10.05
N GLU A 9 -3.75 -11.03 11.03
CA GLU A 9 -3.11 -9.75 10.78
C GLU A 9 -1.99 -9.91 9.75
N ASP A 10 -1.40 -11.10 9.66
CA ASP A 10 -0.35 -11.37 8.69
C ASP A 10 -0.99 -11.49 7.36
N ARG A 11 -2.13 -12.16 7.31
CA ARG A 11 -2.88 -12.27 6.08
C ARG A 11 -3.18 -10.89 5.49
N PHE A 12 -3.53 -9.96 6.34
CA PHE A 12 -3.80 -8.64 5.86
C PHE A 12 -2.51 -7.85 5.59
N SER A 13 -1.65 -7.74 6.58
CA SER A 13 -0.51 -6.84 6.49
C SER A 13 0.69 -7.50 5.80
N LEU A 14 1.02 -8.71 6.21
CA LEU A 14 2.18 -9.41 5.65
C LEU A 14 1.90 -9.74 4.24
N GLU A 15 0.70 -10.20 3.97
CA GLU A 15 0.32 -10.52 2.64
C GLU A 15 0.11 -9.29 1.78
N ALA A 16 -0.35 -8.18 2.34
CA ALA A 16 -0.43 -6.95 1.55
C ALA A 16 0.94 -6.57 1.03
N LEU A 17 1.91 -6.57 1.93
CA LEU A 17 3.26 -6.24 1.53
C LEU A 17 3.88 -7.36 0.65
N GLN A 18 3.41 -8.57 0.87
CA GLN A 18 3.84 -9.74 0.13
C GLN A 18 3.29 -9.66 -1.29
N THR A 19 2.08 -9.12 -1.40
CA THR A 19 1.41 -8.92 -2.67
C THR A 19 2.21 -7.96 -3.53
N ILE A 20 2.50 -6.77 -3.01
CA ILE A 20 3.25 -5.76 -3.77
C ILE A 20 4.66 -6.22 -4.06
N HIS A 21 5.25 -6.94 -3.12
CA HIS A 21 6.53 -7.53 -3.34
C HIS A 21 6.45 -8.50 -4.51
N LYS A 22 5.43 -9.37 -4.54
CA LYS A 22 5.20 -10.29 -5.66
C LYS A 22 4.90 -9.52 -6.96
N GLN A 23 4.32 -8.35 -6.84
CA GLN A 23 4.02 -7.56 -8.01
C GLN A 23 5.31 -7.09 -8.68
N MET A 24 6.26 -6.66 -7.86
CA MET A 24 7.55 -6.25 -8.39
C MET A 24 8.46 -7.45 -8.55
N ASP A 25 8.69 -8.17 -7.47
CA ASP A 25 9.55 -9.32 -7.44
C ASP A 25 8.63 -10.44 -7.82
N ASP A 26 8.56 -10.72 -9.06
CA ASP A 26 7.57 -11.65 -9.59
C ASP A 26 7.86 -13.05 -9.15
N ASP A 27 9.11 -13.31 -8.93
CA ASP A 27 9.53 -14.58 -8.44
C ASP A 27 9.62 -14.59 -6.90
N LYS A 28 9.60 -13.37 -6.30
CA LYS A 28 9.61 -13.09 -4.83
C LYS A 28 10.69 -13.84 -4.25
N ASP A 29 11.74 -13.75 -4.90
CA ASP A 29 12.84 -14.44 -4.60
C ASP A 29 13.58 -13.73 -3.49
N GLY A 30 13.04 -12.59 -3.14
CA GLY A 30 13.56 -11.83 -2.08
C GLY A 30 14.49 -10.85 -2.62
N GLY A 31 14.11 -10.35 -3.74
CA GLY A 31 14.91 -9.44 -4.41
C GLY A 31 14.16 -8.80 -5.50
N ILE A 32 13.64 -7.66 -5.20
CA ILE A 32 13.00 -6.88 -6.19
C ILE A 32 14.09 -6.25 -6.97
N GLU A 33 14.21 -6.68 -8.16
CA GLU A 33 15.16 -6.16 -9.07
C GLU A 33 14.65 -4.86 -9.54
N VAL A 34 15.56 -4.00 -9.92
CA VAL A 34 15.21 -2.70 -10.41
C VAL A 34 14.29 -2.83 -11.62
N GLU A 35 14.58 -3.82 -12.43
CA GLU A 35 13.80 -4.12 -13.60
C GLU A 35 12.44 -4.69 -13.22
N GLU A 36 12.42 -5.56 -12.20
CA GLU A 36 11.20 -6.16 -11.71
C GLU A 36 10.21 -5.09 -11.17
N SER A 37 10.75 -4.15 -10.37
CA SER A 37 9.94 -3.07 -9.78
C SER A 37 9.32 -2.18 -10.85
N ASP A 38 10.14 -1.83 -11.81
CA ASP A 38 9.77 -0.95 -12.89
C ASP A 38 8.49 -1.37 -13.58
N GLU A 39 8.32 -2.67 -13.81
CA GLU A 39 7.11 -3.17 -14.46
C GLU A 39 5.86 -2.78 -13.66
N PHE A 40 5.89 -2.99 -12.36
CA PHE A 40 4.75 -2.71 -11.53
C PHE A 40 4.48 -1.21 -11.47
N ILE A 41 5.55 -0.41 -11.47
CA ILE A 41 5.37 1.03 -11.46
C ILE A 41 4.79 1.46 -12.81
N ARG A 42 5.38 0.94 -13.88
CA ARG A 42 5.04 1.26 -15.27
C ARG A 42 3.58 1.07 -15.64
N GLU A 43 2.81 0.37 -14.87
CA GLU A 43 1.40 0.24 -15.20
C GLU A 43 0.50 0.54 -13.98
N ASP A 44 0.57 -0.31 -12.95
CA ASP A 44 -0.30 -0.16 -11.78
C ASP A 44 -0.01 1.11 -11.02
N MET A 45 1.23 1.55 -11.03
CA MET A 45 1.52 2.81 -10.40
C MET A 45 1.39 3.93 -11.40
N LYS A 46 1.49 3.59 -12.71
CA LYS A 46 1.34 4.53 -13.85
C LYS A 46 -0.05 5.13 -13.82
N TYR A 47 -0.94 4.41 -13.14
CA TYR A 47 -2.26 4.93 -12.76
C TYR A 47 -2.11 6.35 -12.11
N LYS A 48 -0.92 6.62 -11.55
CA LYS A 48 -0.54 7.91 -11.01
C LYS A 48 0.80 8.38 -11.60
N ASP A 49 1.87 7.66 -11.23
CA ASP A 49 3.26 8.02 -11.60
C ASP A 49 4.01 6.83 -12.15
N ALA A 50 4.81 7.06 -13.16
CA ALA A 50 5.56 5.98 -13.78
C ALA A 50 7.05 5.98 -13.36
N THR A 51 7.71 7.10 -13.47
CA THR A 51 9.12 7.16 -13.08
C THR A 51 9.29 7.51 -11.59
N ASN A 52 8.48 8.42 -11.14
CA ASN A 52 8.58 9.03 -9.83
C ASN A 52 8.60 8.04 -8.65
N LYS A 53 7.85 6.97 -8.76
CA LYS A 53 7.76 6.00 -7.66
C LYS A 53 9.10 5.32 -7.41
N HIS A 54 9.71 4.79 -8.46
CA HIS A 54 10.99 4.11 -8.31
C HIS A 54 12.12 5.12 -8.20
N SER A 55 11.91 6.32 -8.69
CA SER A 55 12.91 7.34 -8.56
C SER A 55 13.02 7.74 -7.08
N HIS A 56 11.89 7.76 -6.38
CA HIS A 56 11.88 8.08 -4.98
C HIS A 56 12.34 6.88 -4.11
N LEU A 57 11.75 5.70 -4.35
CA LEU A 57 12.05 4.52 -3.52
C LEU A 57 13.39 3.90 -3.93
N HIS A 58 13.56 3.65 -5.22
CA HIS A 58 14.72 2.92 -5.73
C HIS A 58 15.81 3.88 -6.11
N ARG A 59 15.85 4.99 -5.38
CA ARG A 59 16.87 6.03 -5.50
C ARG A 59 18.25 5.48 -5.16
N GLU A 60 18.27 4.38 -4.44
CA GLU A 60 19.47 3.70 -4.05
C GLU A 60 19.14 2.25 -3.76
N ASP A 61 18.02 2.02 -3.10
CA ASP A 61 17.57 0.65 -2.84
C ASP A 61 16.93 0.09 -4.08
N LYS A 62 17.71 -0.62 -4.84
CA LYS A 62 17.19 -1.28 -6.02
C LYS A 62 16.60 -2.56 -5.60
N HIS A 63 17.42 -3.30 -4.91
CA HIS A 63 17.14 -4.63 -4.44
C HIS A 63 16.40 -4.54 -3.12
N ILE A 64 15.19 -5.00 -3.13
CA ILE A 64 14.35 -4.99 -1.96
C ILE A 64 13.84 -6.41 -1.69
N THR A 65 14.11 -6.93 -0.53
CA THR A 65 13.64 -8.27 -0.16
C THR A 65 12.23 -8.13 0.44
N ILE A 66 11.42 -9.22 0.46
CA ILE A 66 10.09 -9.24 1.10
C ILE A 66 10.11 -8.58 2.52
N GLU A 67 11.13 -8.87 3.30
CA GLU A 67 11.28 -8.32 4.64
C GLU A 67 11.64 -6.82 4.60
N ASP A 68 12.34 -6.41 3.52
CA ASP A 68 12.77 -5.04 3.35
C ASP A 68 11.61 -4.14 3.25
N LEU A 69 10.51 -4.59 2.66
CA LEU A 69 9.31 -3.76 2.57
C LEU A 69 8.81 -3.45 3.96
N TRP A 70 8.74 -4.48 4.80
CA TRP A 70 8.28 -4.32 6.16
C TRP A 70 9.08 -3.30 6.91
N LYS A 71 10.40 -3.49 6.97
CA LYS A 71 11.27 -2.52 7.65
C LYS A 71 11.22 -1.15 6.99
N ARG A 72 11.03 -1.15 5.68
CA ARG A 72 10.94 0.08 4.94
C ARG A 72 9.80 0.91 5.38
N TRP A 73 8.62 0.35 5.40
CA TRP A 73 7.46 1.14 5.73
C TRP A 73 7.41 1.39 7.23
N LYS A 74 8.03 0.48 8.00
CA LYS A 74 8.25 0.71 9.43
C LYS A 74 8.99 2.00 9.67
N THR A 75 9.99 2.23 8.85
CA THR A 75 10.83 3.41 8.97
C THR A 75 10.37 4.57 8.07
N SER A 76 9.18 4.45 7.50
CA SER A 76 8.65 5.50 6.68
C SER A 76 7.43 6.16 7.33
N GLU A 77 7.18 7.40 6.94
CA GLU A 77 6.12 8.21 7.51
C GLU A 77 4.74 7.62 7.31
N VAL A 78 4.53 6.90 6.20
CA VAL A 78 3.23 6.33 5.82
C VAL A 78 2.54 5.58 6.98
N HIS A 79 3.32 4.81 7.66
CA HIS A 79 2.84 3.95 8.70
C HIS A 79 2.72 4.73 10.03
N ASN A 80 3.30 5.90 10.05
CA ASN A 80 3.33 6.74 11.24
C ASN A 80 2.24 7.81 11.12
N TRP A 81 1.65 7.92 9.94
CA TRP A 81 0.57 8.86 9.71
C TRP A 81 -0.58 8.55 10.62
N THR A 82 -1.03 9.54 11.32
CA THR A 82 -2.14 9.34 12.16
C THR A 82 -3.41 9.54 11.33
N LEU A 83 -4.51 9.48 11.98
CA LEU A 83 -5.79 9.62 11.35
C LEU A 83 -5.98 10.96 10.68
N GLU A 84 -5.45 12.02 11.28
CA GLU A 84 -5.59 13.31 10.63
C GLU A 84 -4.70 13.37 9.38
N ASP A 85 -3.52 12.74 9.48
CA ASP A 85 -2.56 12.68 8.36
C ASP A 85 -3.14 11.87 7.22
N THR A 86 -3.63 10.69 7.55
CA THR A 86 -4.16 9.76 6.57
C THR A 86 -5.35 10.36 5.82
N LEU A 87 -6.25 10.97 6.56
CA LEU A 87 -7.44 11.52 5.96
C LEU A 87 -7.19 12.77 5.19
N GLN A 88 -6.28 13.59 5.68
CA GLN A 88 -5.92 14.78 4.93
C GLN A 88 -5.26 14.35 3.61
N TRP A 89 -4.48 13.28 3.65
CA TRP A 89 -3.86 12.77 2.45
C TRP A 89 -4.96 12.21 1.53
N LEU A 90 -6.00 11.61 2.14
CA LEU A 90 -7.12 11.10 1.37
C LEU A 90 -7.78 12.20 0.57
N ILE A 91 -8.26 13.26 1.18
CA ILE A 91 -8.94 14.27 0.37
C ILE A 91 -7.93 15.03 -0.50
N GLU A 92 -6.71 15.17 -0.04
CA GLU A 92 -5.68 15.89 -0.79
C GLU A 92 -5.20 15.15 -2.03
N PHE A 93 -5.32 13.86 -2.02
CA PHE A 93 -4.89 13.08 -3.16
C PHE A 93 -6.04 12.36 -3.85
N VAL A 94 -6.98 11.85 -3.09
CA VAL A 94 -8.11 11.16 -3.67
C VAL A 94 -9.24 12.13 -3.94
N GLU A 95 -9.32 13.21 -3.10
CA GLU A 95 -10.38 14.21 -3.20
C GLU A 95 -11.74 13.65 -2.85
N LEU A 96 -11.75 12.65 -1.96
CA LEU A 96 -13.05 12.06 -1.49
C LEU A 96 -13.31 12.37 0.00
N PRO A 97 -13.69 13.61 0.35
CA PRO A 97 -13.88 14.03 1.75
C PRO A 97 -15.16 13.49 2.39
N GLN A 98 -15.96 12.80 1.65
CA GLN A 98 -17.24 12.41 2.20
C GLN A 98 -17.16 11.01 2.78
N TYR A 99 -15.97 10.50 2.86
CA TYR A 99 -15.77 9.21 3.45
C TYR A 99 -14.61 9.24 4.40
N GLU A 100 -14.12 10.44 4.68
CA GLU A 100 -12.97 10.59 5.55
C GLU A 100 -13.35 10.23 6.98
N LYS A 101 -14.55 10.66 7.36
CA LYS A 101 -15.08 10.44 8.69
C LYS A 101 -15.24 8.95 8.97
N ASN A 102 -15.52 8.18 7.93
CA ASN A 102 -15.72 6.76 8.07
C ASN A 102 -14.42 6.09 8.38
N PHE A 103 -13.42 6.33 7.54
CA PHE A 103 -12.09 5.78 7.74
C PHE A 103 -11.55 6.21 9.09
N ARG A 104 -11.53 7.52 9.29
CA ARG A 104 -10.99 8.12 10.51
C ARG A 104 -11.55 7.45 11.72
N ASP A 105 -12.92 7.46 11.82
CA ASP A 105 -13.69 6.95 13.00
C ASP A 105 -13.55 5.45 13.18
N ASN A 106 -13.43 4.69 12.08
CA ASN A 106 -13.19 3.23 12.20
C ASN A 106 -11.81 3.01 12.76
N ASN A 107 -11.04 4.06 12.64
CA ASN A 107 -9.73 4.26 13.18
C ASN A 107 -8.71 3.96 12.19
N VAL A 108 -8.60 4.89 11.29
CA VAL A 108 -7.64 4.75 10.22
C VAL A 108 -6.46 5.67 10.42
N LYS A 109 -5.36 5.09 10.85
CA LYS A 109 -4.15 5.84 11.06
C LYS A 109 -2.95 5.13 10.46
N GLY A 110 -2.76 5.34 9.15
CA GLY A 110 -1.71 4.65 8.43
C GLY A 110 -1.88 3.14 8.52
N THR A 111 -3.10 2.71 8.76
CA THR A 111 -3.41 1.33 9.00
C THR A 111 -3.79 0.60 7.69
N THR A 112 -4.94 0.95 7.15
CA THR A 112 -5.46 0.30 5.98
C THR A 112 -4.59 0.61 4.75
N LEU A 113 -3.83 1.67 4.82
CA LEU A 113 -2.91 2.02 3.76
C LEU A 113 -1.90 0.88 3.45
N PRO A 114 -1.03 0.44 4.39
CA PRO A 114 -0.21 -0.73 4.14
C PRO A 114 -1.00 -2.04 4.32
N ARG A 115 -2.20 -1.96 4.91
CA ARG A 115 -3.00 -3.17 5.13
C ARG A 115 -4.15 -3.34 4.07
N ILE A 116 -4.11 -2.56 2.98
CA ILE A 116 -5.01 -2.80 1.83
C ILE A 116 -4.82 -4.20 1.22
N ALA A 117 -5.68 -4.52 0.32
CA ALA A 117 -5.63 -5.75 -0.41
C ALA A 117 -5.86 -5.39 -1.85
N VAL A 118 -5.07 -5.96 -2.73
CA VAL A 118 -5.13 -5.57 -4.13
C VAL A 118 -5.99 -6.52 -4.95
N HIS A 119 -5.78 -7.81 -4.76
CA HIS A 119 -6.50 -8.81 -5.56
C HIS A 119 -7.87 -9.12 -4.98
N GLU A 120 -8.23 -8.44 -3.93
CA GLU A 120 -9.51 -8.62 -3.29
C GLU A 120 -9.84 -7.32 -2.57
N PRO A 121 -11.12 -7.05 -2.25
CA PRO A 121 -11.51 -5.83 -1.56
C PRO A 121 -10.82 -5.71 -0.21
N SER A 122 -10.21 -4.58 0.04
CA SER A 122 -9.48 -4.36 1.27
C SER A 122 -10.42 -4.30 2.46
N PHE A 123 -9.84 -4.30 3.64
CA PHE A 123 -10.57 -4.36 4.91
C PHE A 123 -11.57 -3.20 5.03
N MET A 124 -11.07 -1.98 5.01
CA MET A 124 -11.91 -0.79 5.15
C MET A 124 -12.82 -0.61 3.95
N ILE A 125 -12.45 -1.18 2.82
CA ILE A 125 -13.23 -1.08 1.59
C ILE A 125 -14.47 -1.99 1.67
N SER A 126 -14.25 -3.23 2.12
CA SER A 126 -15.30 -4.24 2.21
C SER A 126 -16.41 -3.81 3.18
N GLN A 127 -16.05 -3.05 4.17
CA GLN A 127 -16.99 -2.61 5.17
C GLN A 127 -17.38 -1.15 5.00
N LEU A 128 -16.94 -0.52 3.90
CA LEU A 128 -17.23 0.90 3.75
C LEU A 128 -18.60 1.12 3.14
N LYS A 129 -19.56 1.19 4.02
CA LYS A 129 -20.95 1.46 3.74
C LYS A 129 -21.56 0.41 2.80
N ILE A 130 -21.51 0.67 1.50
CA ILE A 130 -22.13 -0.22 0.50
C ILE A 130 -21.40 -0.15 -0.84
N SER A 131 -20.19 0.35 -0.85
CA SER A 131 -19.53 0.55 -2.12
C SER A 131 -18.09 0.11 -2.11
N ASP A 132 -17.64 -0.31 -3.26
CA ASP A 132 -16.31 -0.85 -3.45
C ASP A 132 -15.44 0.09 -4.26
N ARG A 133 -15.90 0.44 -5.46
CA ARG A 133 -15.09 1.17 -6.47
C ARG A 133 -14.46 2.45 -5.98
N SER A 134 -15.26 3.31 -5.39
CA SER A 134 -14.81 4.59 -4.90
C SER A 134 -13.69 4.40 -3.86
N HIS A 135 -13.94 3.54 -2.93
CA HIS A 135 -13.03 3.29 -1.85
C HIS A 135 -11.80 2.56 -2.35
N ARG A 136 -12.00 1.70 -3.33
CA ARG A 136 -10.93 0.95 -3.94
C ARG A 136 -10.00 1.88 -4.74
N GLN A 137 -10.59 2.72 -5.59
CA GLN A 137 -9.77 3.61 -6.42
C GLN A 137 -9.04 4.60 -5.56
N LYS A 138 -9.67 5.04 -4.50
CA LYS A 138 -9.03 5.96 -3.65
C LYS A 138 -7.96 5.33 -2.76
N LEU A 139 -8.33 4.34 -1.98
CA LEU A 139 -7.42 3.82 -1.00
C LEU A 139 -6.47 2.89 -1.59
N GLN A 140 -6.96 1.82 -2.21
CA GLN A 140 -6.10 0.78 -2.76
C GLN A 140 -5.02 1.37 -3.64
N LEU A 141 -5.38 2.31 -4.48
CA LEU A 141 -4.48 2.94 -5.36
C LEU A 141 -3.54 3.91 -4.61
N LYS A 142 -4.10 4.81 -3.79
CA LYS A 142 -3.27 5.80 -3.09
C LYS A 142 -2.40 5.17 -2.03
N ALA A 143 -2.93 4.21 -1.36
CA ALA A 143 -2.21 3.44 -0.36
C ALA A 143 -1.09 2.68 -1.03
N LEU A 144 -1.42 2.01 -2.14
CA LEU A 144 -0.42 1.28 -2.96
C LEU A 144 0.73 2.22 -3.28
N ASP A 145 0.34 3.40 -3.68
CA ASP A 145 1.22 4.49 -3.99
C ASP A 145 2.11 4.83 -2.82
N VAL A 146 1.53 5.30 -1.73
CA VAL A 146 2.28 5.79 -0.56
C VAL A 146 3.13 4.73 0.07
N VAL A 147 2.66 3.50 0.05
CA VAL A 147 3.42 2.40 0.55
C VAL A 147 4.68 2.24 -0.29
N LEU A 148 4.51 2.07 -1.58
CA LEU A 148 5.64 1.83 -2.48
C LEU A 148 6.35 3.13 -2.90
N PHE A 149 5.89 4.20 -2.36
CA PHE A 149 6.54 5.48 -2.54
C PHE A 149 7.37 5.79 -1.31
N GLY A 150 6.69 5.84 -0.19
CA GLY A 150 7.31 6.17 1.07
C GLY A 150 8.33 5.17 1.51
N GLY A 1 8.39 -24.78 8.93
CA GLY A 1 7.09 -25.23 9.40
C GLY A 1 6.35 -24.10 10.04
N SER A 2 5.27 -24.41 10.69
CA SER A 2 4.50 -23.41 11.34
C SER A 2 4.91 -23.31 12.81
N HIS A 3 5.86 -22.45 13.07
CA HIS A 3 6.28 -22.17 14.44
C HIS A 3 5.38 -21.09 15.02
N MET A 4 4.80 -20.33 14.13
CA MET A 4 3.91 -19.25 14.46
C MET A 4 2.79 -19.27 13.46
N ALA A 5 1.62 -19.63 13.92
CA ALA A 5 0.43 -19.74 13.08
C ALA A 5 0.11 -18.42 12.40
N SER A 6 -0.12 -18.50 11.10
CA SER A 6 -0.42 -17.34 10.32
C SER A 6 -1.71 -16.69 10.78
N THR A 7 -1.58 -15.48 11.23
CA THR A 7 -2.65 -14.74 11.78
C THR A 7 -3.29 -13.95 10.65
N GLU A 8 -4.52 -13.55 10.80
CA GLU A 8 -5.18 -12.83 9.74
C GLU A 8 -4.57 -11.46 9.52
N GLU A 9 -3.92 -10.89 10.54
CA GLU A 9 -3.22 -9.64 10.36
C GLU A 9 -2.02 -9.84 9.42
N ASP A 10 -1.48 -11.07 9.38
CA ASP A 10 -0.41 -11.42 8.44
C ASP A 10 -1.00 -11.45 7.07
N ARG A 11 -2.17 -12.01 6.97
CA ARG A 11 -2.87 -12.10 5.70
C ARG A 11 -3.14 -10.71 5.14
N PHE A 12 -3.45 -9.79 5.99
CA PHE A 12 -3.68 -8.45 5.51
C PHE A 12 -2.36 -7.73 5.24
N SER A 13 -1.50 -7.66 6.23
CA SER A 13 -0.32 -6.82 6.15
C SER A 13 0.81 -7.52 5.37
N LEU A 14 1.11 -8.74 5.76
CA LEU A 14 2.20 -9.48 5.17
C LEU A 14 1.87 -9.84 3.76
N GLU A 15 0.65 -10.26 3.53
CA GLU A 15 0.25 -10.62 2.22
C GLU A 15 0.06 -9.43 1.31
N ALA A 16 -0.43 -8.30 1.81
CA ALA A 16 -0.52 -7.10 0.97
C ALA A 16 0.84 -6.69 0.49
N LEU A 17 1.79 -6.67 1.41
CA LEU A 17 3.15 -6.29 1.06
C LEU A 17 3.81 -7.39 0.21
N GLN A 18 3.45 -8.64 0.46
CA GLN A 18 3.98 -9.75 -0.31
C GLN A 18 3.47 -9.72 -1.73
N THR A 19 2.22 -9.32 -1.89
CA THR A 19 1.61 -9.26 -3.19
C THR A 19 2.31 -8.23 -4.07
N ILE A 20 2.56 -7.04 -3.55
CA ILE A 20 3.26 -6.02 -4.32
C ILE A 20 4.71 -6.42 -4.57
N HIS A 21 5.32 -7.04 -3.57
CA HIS A 21 6.65 -7.58 -3.70
C HIS A 21 6.66 -8.66 -4.79
N LYS A 22 5.68 -9.56 -4.77
CA LYS A 22 5.53 -10.60 -5.82
C LYS A 22 5.28 -9.97 -7.18
N GLN A 23 4.50 -8.93 -7.21
CA GLN A 23 4.23 -8.31 -8.47
C GLN A 23 5.50 -7.68 -9.05
N MET A 24 6.41 -7.21 -8.19
CA MET A 24 7.69 -6.77 -8.70
C MET A 24 8.66 -7.94 -8.83
N ASP A 25 8.93 -8.60 -7.72
CA ASP A 25 9.89 -9.70 -7.63
C ASP A 25 9.12 -10.92 -8.03
N ASP A 26 9.35 -11.39 -9.20
CA ASP A 26 8.52 -12.44 -9.76
C ASP A 26 8.84 -13.78 -9.14
N ASP A 27 10.00 -13.87 -8.62
CA ASP A 27 10.40 -15.06 -7.93
C ASP A 27 10.31 -14.89 -6.41
N LYS A 28 10.19 -13.60 -5.97
CA LYS A 28 10.02 -13.18 -4.55
C LYS A 28 11.16 -13.69 -3.79
N ASP A 29 12.24 -13.73 -4.47
CA ASP A 29 13.39 -14.27 -4.01
C ASP A 29 14.01 -13.39 -2.98
N GLY A 30 13.47 -12.21 -2.88
CA GLY A 30 13.91 -11.31 -1.90
C GLY A 30 14.87 -10.38 -2.50
N GLY A 31 14.65 -10.14 -3.73
CA GLY A 31 15.46 -9.32 -4.46
C GLY A 31 14.73 -8.86 -5.64
N ILE A 32 14.08 -7.73 -5.49
CA ILE A 32 13.36 -7.13 -6.55
C ILE A 32 14.36 -6.47 -7.45
N GLU A 33 14.40 -6.91 -8.65
CA GLU A 33 15.27 -6.32 -9.62
C GLU A 33 14.69 -4.99 -10.00
N VAL A 34 15.53 -4.09 -10.39
CA VAL A 34 15.09 -2.78 -10.78
C VAL A 34 14.20 -2.87 -12.03
N GLU A 35 14.43 -3.91 -12.82
CA GLU A 35 13.61 -4.18 -13.96
C GLU A 35 12.25 -4.78 -13.50
N GLU A 36 12.30 -5.55 -12.42
CA GLU A 36 11.11 -6.21 -11.85
C GLU A 36 10.12 -5.17 -11.30
N SER A 37 10.62 -4.26 -10.47
CA SER A 37 9.80 -3.23 -9.85
C SER A 37 9.16 -2.34 -10.88
N ASP A 38 9.94 -2.06 -11.90
CA ASP A 38 9.54 -1.23 -13.02
C ASP A 38 8.22 -1.68 -13.59
N GLU A 39 8.09 -2.97 -13.81
CA GLU A 39 6.89 -3.57 -14.41
C GLU A 39 5.63 -3.17 -13.62
N PHE A 40 5.71 -3.22 -12.30
CA PHE A 40 4.58 -2.92 -11.45
C PHE A 40 4.31 -1.40 -11.40
N ILE A 41 5.38 -0.61 -11.42
CA ILE A 41 5.23 0.84 -11.40
C ILE A 41 4.56 1.31 -12.70
N ARG A 42 4.88 0.62 -13.79
CA ARG A 42 4.41 0.93 -15.15
C ARG A 42 2.90 0.97 -15.32
N GLU A 43 2.15 0.38 -14.40
CA GLU A 43 0.70 0.39 -14.57
C GLU A 43 0.00 0.74 -13.24
N ASP A 44 0.17 -0.14 -12.24
CA ASP A 44 -0.45 0.06 -10.92
C ASP A 44 -0.02 1.34 -10.29
N MET A 45 1.23 1.71 -10.52
CA MET A 45 1.68 2.98 -10.03
C MET A 45 1.50 4.05 -11.06
N LYS A 46 1.35 3.63 -12.35
CA LYS A 46 1.18 4.54 -13.51
C LYS A 46 -0.03 5.37 -13.31
N TYR A 47 -0.99 4.81 -12.56
CA TYR A 47 -2.16 5.58 -12.08
C TYR A 47 -1.74 6.95 -11.47
N LYS A 48 -0.50 7.05 -11.01
CA LYS A 48 0.06 8.28 -10.53
C LYS A 48 1.38 8.63 -11.25
N ASP A 49 2.37 7.72 -11.23
CA ASP A 49 3.73 8.00 -11.75
C ASP A 49 4.26 6.73 -12.44
N ALA A 50 5.45 6.77 -13.00
CA ALA A 50 5.99 5.64 -13.71
C ALA A 50 7.50 5.52 -13.51
N THR A 51 8.22 6.52 -13.92
CA THR A 51 9.67 6.49 -13.85
C THR A 51 10.18 7.00 -12.49
N ASN A 52 9.73 8.18 -12.17
CA ASN A 52 10.17 8.93 -11.01
C ASN A 52 9.90 8.18 -9.71
N LYS A 53 8.76 7.52 -9.66
CA LYS A 53 8.34 6.76 -8.48
C LYS A 53 9.38 5.70 -8.08
N HIS A 54 9.88 4.91 -9.05
CA HIS A 54 10.92 3.96 -8.69
C HIS A 54 12.23 4.63 -8.54
N SER A 55 12.45 5.72 -9.27
CA SER A 55 13.69 6.48 -9.19
C SER A 55 13.98 6.94 -7.76
N HIS A 56 12.94 7.34 -7.04
CA HIS A 56 13.10 7.79 -5.65
C HIS A 56 13.55 6.63 -4.73
N LEU A 57 13.02 5.45 -4.92
CA LEU A 57 13.39 4.32 -4.07
C LEU A 57 14.70 3.67 -4.59
N HIS A 58 14.70 3.39 -5.89
CA HIS A 58 15.78 2.65 -6.59
C HIS A 58 16.96 3.53 -6.92
N ARG A 59 16.93 4.70 -6.34
CA ARG A 59 18.04 5.67 -6.34
C ARG A 59 19.34 5.04 -5.76
N GLU A 60 19.16 3.99 -5.00
CA GLU A 60 20.24 3.31 -4.31
C GLU A 60 19.75 1.91 -3.98
N ASP A 61 18.51 1.83 -3.57
CA ASP A 61 17.91 0.60 -3.15
C ASP A 61 17.15 -0.01 -4.30
N LYS A 62 17.79 -0.90 -5.00
CA LYS A 62 17.16 -1.59 -6.11
C LYS A 62 16.66 -2.92 -5.67
N HIS A 63 17.57 -3.74 -5.23
CA HIS A 63 17.23 -5.09 -4.82
C HIS A 63 16.59 -5.14 -3.44
N ILE A 64 15.31 -4.91 -3.43
CA ILE A 64 14.49 -4.91 -2.24
C ILE A 64 14.02 -6.34 -1.93
N THR A 65 14.01 -6.70 -0.68
CA THR A 65 13.63 -8.03 -0.25
C THR A 65 12.21 -7.97 0.35
N ILE A 66 11.48 -9.09 0.36
CA ILE A 66 10.11 -9.16 0.96
C ILE A 66 10.07 -8.53 2.38
N GLU A 67 11.07 -8.82 3.17
CA GLU A 67 11.19 -8.31 4.52
C GLU A 67 11.61 -6.85 4.54
N ASP A 68 12.28 -6.45 3.46
CA ASP A 68 12.77 -5.10 3.34
C ASP A 68 11.59 -4.18 3.23
N LEU A 69 10.56 -4.59 2.48
CA LEU A 69 9.32 -3.79 2.38
C LEU A 69 8.75 -3.54 3.76
N TRP A 70 8.73 -4.58 4.56
CA TRP A 70 8.21 -4.49 5.91
C TRP A 70 8.94 -3.44 6.70
N LYS A 71 10.26 -3.58 6.81
CA LYS A 71 11.05 -2.60 7.56
C LYS A 71 10.95 -1.22 6.94
N ARG A 72 10.86 -1.16 5.62
CA ARG A 72 10.76 0.11 4.92
C ARG A 72 9.58 0.88 5.40
N TRP A 73 8.41 0.27 5.33
CA TRP A 73 7.19 0.98 5.68
C TRP A 73 7.05 1.11 7.18
N LYS A 74 7.60 0.12 7.92
CA LYS A 74 7.66 0.18 9.38
C LYS A 74 8.44 1.40 9.85
N THR A 75 9.41 1.80 9.06
CA THR A 75 10.19 2.97 9.37
C THR A 75 9.79 4.18 8.51
N SER A 76 8.65 4.10 7.85
CA SER A 76 8.17 5.20 7.05
C SER A 76 6.95 5.84 7.71
N GLU A 77 6.71 7.10 7.40
CA GLU A 77 5.63 7.87 8.00
C GLU A 77 4.25 7.29 7.68
N VAL A 78 4.12 6.64 6.52
CA VAL A 78 2.85 6.09 6.02
C VAL A 78 2.13 5.25 7.06
N HIS A 79 2.87 4.43 7.72
CA HIS A 79 2.36 3.50 8.66
C HIS A 79 2.15 4.16 10.03
N ASN A 80 2.61 5.38 10.15
CA ASN A 80 2.55 6.12 11.40
C ASN A 80 1.46 7.17 11.37
N TRP A 81 0.96 7.49 10.16
CA TRP A 81 -0.10 8.51 9.97
C TRP A 81 -1.28 8.28 10.87
N THR A 82 -1.63 9.30 11.60
CA THR A 82 -2.80 9.24 12.45
C THR A 82 -4.06 9.42 11.60
N LEU A 83 -5.19 9.18 12.20
CA LEU A 83 -6.48 9.25 11.57
C LEU A 83 -6.77 10.62 10.98
N GLU A 84 -6.33 11.65 11.64
CA GLU A 84 -6.56 12.98 11.13
C GLU A 84 -5.66 13.26 9.93
N ASP A 85 -4.43 12.77 9.99
CA ASP A 85 -3.47 13.02 8.93
C ASP A 85 -3.82 12.18 7.71
N THR A 86 -4.23 10.95 7.96
CA THR A 86 -4.65 10.03 6.93
C THR A 86 -5.83 10.60 6.12
N LEU A 87 -6.82 11.07 6.83
CA LEU A 87 -8.01 11.59 6.20
C LEU A 87 -7.80 12.91 5.57
N GLN A 88 -6.96 13.72 6.14
CA GLN A 88 -6.63 14.95 5.48
C GLN A 88 -5.87 14.67 4.18
N TRP A 89 -5.06 13.63 4.18
CA TRP A 89 -4.35 13.22 2.96
C TRP A 89 -5.39 12.76 1.94
N LEU A 90 -6.44 12.09 2.42
CA LEU A 90 -7.53 11.67 1.57
C LEU A 90 -8.18 12.86 0.90
N ILE A 91 -8.64 13.83 1.60
CA ILE A 91 -9.32 14.90 0.87
C ILE A 91 -8.34 15.75 0.07
N GLU A 92 -7.16 15.93 0.62
CA GLU A 92 -6.13 16.75 -0.01
C GLU A 92 -5.60 16.16 -1.31
N PHE A 93 -5.38 14.88 -1.33
CA PHE A 93 -4.81 14.23 -2.52
C PHE A 93 -5.85 13.43 -3.29
N VAL A 94 -6.75 12.82 -2.57
CA VAL A 94 -7.79 12.00 -3.13
C VAL A 94 -9.00 12.87 -3.53
N GLU A 95 -9.30 13.90 -2.71
CA GLU A 95 -10.43 14.81 -2.91
C GLU A 95 -11.80 14.14 -2.67
N LEU A 96 -11.86 13.22 -1.72
CA LEU A 96 -13.13 12.52 -1.38
C LEU A 96 -13.64 12.84 0.05
N PRO A 97 -13.99 14.13 0.36
CA PRO A 97 -14.35 14.55 1.74
C PRO A 97 -15.66 14.00 2.24
N GLN A 98 -16.39 13.35 1.37
CA GLN A 98 -17.71 12.86 1.71
C GLN A 98 -17.64 11.42 2.13
N TYR A 99 -16.44 10.91 2.23
CA TYR A 99 -16.23 9.55 2.63
C TYR A 99 -15.16 9.44 3.69
N GLU A 100 -14.66 10.57 4.13
CA GLU A 100 -13.58 10.55 5.11
C GLU A 100 -14.10 10.10 6.47
N LYS A 101 -15.37 10.43 6.75
CA LYS A 101 -16.01 10.14 8.03
C LYS A 101 -16.01 8.64 8.33
N ASN A 102 -16.23 7.85 7.28
CA ASN A 102 -16.33 6.40 7.44
C ASN A 102 -15.00 5.82 7.81
N PHE A 103 -13.98 6.12 7.04
CA PHE A 103 -12.64 5.66 7.35
C PHE A 103 -12.22 6.13 8.74
N ARG A 104 -12.28 7.44 8.93
CA ARG A 104 -11.79 8.10 10.13
C ARG A 104 -12.34 7.40 11.35
N ASP A 105 -13.70 7.36 11.42
CA ASP A 105 -14.44 6.79 12.57
C ASP A 105 -14.26 5.28 12.68
N ASN A 106 -14.12 4.60 11.54
CA ASN A 106 -13.82 3.14 11.56
C ASN A 106 -12.41 2.88 12.07
N ASN A 107 -11.72 3.99 12.23
CA ASN A 107 -10.44 4.13 12.91
C ASN A 107 -9.36 3.96 11.94
N VAL A 108 -9.39 4.79 10.95
CA VAL A 108 -8.40 4.66 9.91
C VAL A 108 -7.21 5.54 10.16
N LYS A 109 -6.12 4.91 10.51
CA LYS A 109 -4.89 5.59 10.85
C LYS A 109 -3.68 4.86 10.34
N GLY A 110 -3.35 5.11 9.08
CA GLY A 110 -2.23 4.44 8.42
C GLY A 110 -2.39 2.92 8.39
N THR A 111 -3.62 2.48 8.56
CA THR A 111 -3.93 1.09 8.64
C THR A 111 -4.27 0.50 7.28
N THR A 112 -5.30 1.01 6.68
CA THR A 112 -5.70 0.49 5.42
C THR A 112 -4.76 0.96 4.31
N LEU A 113 -3.99 1.99 4.55
CA LEU A 113 -2.99 2.45 3.57
C LEU A 113 -2.09 1.27 3.09
N PRO A 114 -1.40 0.50 3.99
CA PRO A 114 -0.71 -0.70 3.57
C PRO A 114 -1.65 -1.91 3.48
N ARG A 115 -2.79 -1.88 4.21
CA ARG A 115 -3.71 -3.03 4.21
C ARG A 115 -4.90 -2.87 3.24
N ILE A 116 -4.75 -1.99 2.25
CA ILE A 116 -5.71 -1.82 1.15
C ILE A 116 -5.97 -3.11 0.39
N ALA A 117 -7.10 -3.17 -0.25
CA ALA A 117 -7.42 -4.28 -1.07
C ALA A 117 -6.81 -4.13 -2.44
N VAL A 118 -5.54 -4.47 -2.54
CA VAL A 118 -4.83 -4.46 -3.82
C VAL A 118 -5.32 -5.64 -4.63
N HIS A 119 -5.18 -6.80 -4.04
CA HIS A 119 -5.55 -8.01 -4.69
C HIS A 119 -6.61 -8.72 -3.84
N GLU A 120 -6.24 -9.14 -2.64
CA GLU A 120 -7.20 -9.76 -1.74
C GLU A 120 -7.53 -8.90 -0.48
N PRO A 121 -6.51 -8.64 0.47
CA PRO A 121 -6.70 -8.00 1.79
C PRO A 121 -7.91 -7.09 1.93
N SER A 122 -9.03 -7.66 2.32
CA SER A 122 -10.21 -6.89 2.43
C SER A 122 -10.33 -6.34 3.82
N PHE A 123 -9.79 -5.20 3.98
CA PHE A 123 -9.84 -4.53 5.25
C PHE A 123 -10.73 -3.31 5.12
N MET A 124 -10.31 -2.40 4.27
CA MET A 124 -11.03 -1.17 3.96
C MET A 124 -12.45 -1.42 3.44
N ILE A 125 -12.63 -2.45 2.61
CA ILE A 125 -13.91 -2.66 1.95
C ILE A 125 -14.98 -3.11 2.90
N SER A 126 -14.57 -3.82 3.91
CA SER A 126 -15.44 -4.33 4.91
C SER A 126 -16.02 -3.20 5.76
N GLN A 127 -15.25 -2.13 5.90
CA GLN A 127 -15.63 -0.99 6.72
C GLN A 127 -16.64 -0.08 6.02
N LEU A 128 -16.86 -0.27 4.73
CA LEU A 128 -17.76 0.61 4.01
C LEU A 128 -19.16 0.12 3.85
N LYS A 129 -20.07 0.98 4.19
CA LYS A 129 -21.48 0.75 4.06
C LYS A 129 -21.98 1.34 2.76
N ILE A 130 -21.44 2.49 2.40
CA ILE A 130 -21.90 3.21 1.23
C ILE A 130 -21.42 2.53 -0.06
N SER A 131 -20.16 2.65 -0.34
CA SER A 131 -19.60 2.02 -1.51
C SER A 131 -18.15 1.75 -1.24
N ASP A 132 -17.75 0.54 -1.46
CA ASP A 132 -16.36 0.18 -1.29
C ASP A 132 -15.63 0.36 -2.60
N ARG A 133 -16.39 0.49 -3.68
CA ARG A 133 -15.83 0.62 -5.04
C ARG A 133 -14.95 1.85 -5.16
N SER A 134 -15.49 3.00 -4.82
CA SER A 134 -14.78 4.25 -4.92
C SER A 134 -13.60 4.24 -3.97
N HIS A 135 -13.83 3.68 -2.80
CA HIS A 135 -12.81 3.61 -1.79
C HIS A 135 -11.67 2.77 -2.23
N ARG A 136 -11.99 1.63 -2.80
CA ARG A 136 -11.02 0.68 -3.25
C ARG A 136 -10.11 1.31 -4.26
N GLN A 137 -10.68 1.94 -5.27
CA GLN A 137 -9.86 2.52 -6.33
C GLN A 137 -9.01 3.70 -5.84
N LYS A 138 -9.62 4.60 -5.04
CA LYS A 138 -8.90 5.78 -4.55
C LYS A 138 -7.72 5.40 -3.71
N LEU A 139 -7.97 4.57 -2.75
CA LEU A 139 -7.00 4.25 -1.78
C LEU A 139 -6.06 3.22 -2.32
N GLN A 140 -6.52 2.34 -3.21
CA GLN A 140 -5.61 1.36 -3.77
C GLN A 140 -4.49 2.04 -4.50
N LEU A 141 -4.80 2.95 -5.41
CA LEU A 141 -3.75 3.59 -6.16
C LEU A 141 -2.97 4.62 -5.32
N LYS A 142 -3.70 5.42 -4.54
CA LYS A 142 -3.08 6.48 -3.76
C LYS A 142 -2.20 5.89 -2.62
N ALA A 143 -2.74 4.88 -1.94
CA ALA A 143 -2.05 4.26 -0.84
C ALA A 143 -0.95 3.37 -1.32
N LEU A 144 -1.19 2.62 -2.40
CA LEU A 144 -0.12 1.82 -3.01
C LEU A 144 1.06 2.71 -3.31
N ASP A 145 0.76 3.93 -3.74
CA ASP A 145 1.78 4.91 -3.97
C ASP A 145 2.51 5.23 -2.69
N VAL A 146 1.79 5.67 -1.65
CA VAL A 146 2.41 6.05 -0.36
C VAL A 146 3.16 4.89 0.28
N VAL A 147 2.67 3.69 0.10
CA VAL A 147 3.31 2.52 0.61
C VAL A 147 4.65 2.34 -0.09
N LEU A 148 4.64 2.19 -1.39
CA LEU A 148 5.86 1.90 -2.13
C LEU A 148 6.78 3.10 -2.29
N PHE A 149 6.28 4.24 -1.98
CA PHE A 149 7.09 5.45 -2.06
C PHE A 149 7.66 5.77 -0.69
N GLY A 150 6.84 5.57 0.33
CA GLY A 150 7.24 5.84 1.69
C GLY A 150 7.34 7.32 1.97
N GLY A 1 10.66 -20.58 0.63
CA GLY A 1 10.12 -19.23 0.40
C GLY A 1 8.61 -19.26 0.26
N SER A 2 7.95 -19.80 1.24
CA SER A 2 6.52 -19.92 1.22
C SER A 2 5.90 -18.86 2.12
N HIS A 3 4.58 -18.78 2.15
CA HIS A 3 3.93 -17.82 2.99
C HIS A 3 3.00 -18.52 3.94
N MET A 4 2.67 -17.87 5.02
CA MET A 4 1.81 -18.42 6.05
C MET A 4 1.33 -17.30 6.91
N ALA A 5 0.18 -17.48 7.48
CA ALA A 5 -0.37 -16.52 8.38
C ALA A 5 -0.46 -17.14 9.75
N SER A 6 0.38 -16.71 10.64
CA SER A 6 0.39 -17.21 11.98
C SER A 6 -0.50 -16.34 12.86
N THR A 7 -0.55 -15.11 12.49
CA THR A 7 -1.34 -14.12 13.14
C THR A 7 -2.13 -13.40 12.05
N GLU A 8 -3.28 -12.84 12.41
CA GLU A 8 -4.10 -12.09 11.46
C GLU A 8 -3.33 -10.91 10.87
N GLU A 9 -2.37 -10.37 11.61
CA GLU A 9 -1.58 -9.29 11.11
C GLU A 9 -0.68 -9.74 9.97
N ASP A 10 -0.32 -11.02 9.94
CA ASP A 10 0.48 -11.53 8.82
C ASP A 10 -0.41 -11.53 7.63
N ARG A 11 -1.60 -11.97 7.87
CA ARG A 11 -2.61 -12.04 6.86
C ARG A 11 -2.91 -10.66 6.27
N PHE A 12 -2.92 -9.65 7.10
CA PHE A 12 -3.11 -8.33 6.56
C PHE A 12 -1.81 -7.73 5.98
N SER A 13 -0.78 -7.66 6.81
CA SER A 13 0.44 -6.93 6.47
C SER A 13 1.39 -7.75 5.64
N LEU A 14 1.63 -8.99 6.05
CA LEU A 14 2.58 -9.83 5.35
C LEU A 14 2.06 -10.11 3.99
N GLU A 15 0.82 -10.50 3.93
CA GLU A 15 0.16 -10.78 2.69
C GLU A 15 0.11 -9.55 1.76
N ALA A 16 -0.29 -8.38 2.30
CA ALA A 16 -0.35 -7.14 1.48
C ALA A 16 1.02 -6.77 0.93
N LEU A 17 2.02 -6.76 1.79
CA LEU A 17 3.35 -6.37 1.39
C LEU A 17 3.98 -7.43 0.50
N GLN A 18 3.57 -8.66 0.70
CA GLN A 18 4.02 -9.75 -0.12
C GLN A 18 3.47 -9.62 -1.50
N THR A 19 2.24 -9.17 -1.61
CA THR A 19 1.59 -9.01 -2.90
C THR A 19 2.37 -8.01 -3.75
N ILE A 20 2.65 -6.83 -3.21
CA ILE A 20 3.40 -5.81 -3.94
C ILE A 20 4.82 -6.26 -4.24
N HIS A 21 5.44 -6.91 -3.27
CA HIS A 21 6.77 -7.46 -3.44
C HIS A 21 6.76 -8.50 -4.54
N LYS A 22 5.83 -9.42 -4.51
CA LYS A 22 5.67 -10.46 -5.50
C LYS A 22 5.30 -9.90 -6.87
N GLN A 23 4.55 -8.82 -6.91
CA GLN A 23 4.22 -8.23 -8.17
C GLN A 23 5.46 -7.60 -8.79
N MET A 24 6.36 -7.02 -7.96
CA MET A 24 7.60 -6.51 -8.49
C MET A 24 8.63 -7.62 -8.63
N ASP A 25 8.95 -8.27 -7.53
CA ASP A 25 9.89 -9.37 -7.49
C ASP A 25 9.04 -10.57 -7.73
N ASP A 26 8.80 -10.81 -8.96
CA ASP A 26 7.85 -11.81 -9.43
C ASP A 26 8.24 -13.17 -8.96
N ASP A 27 9.50 -13.35 -8.92
CA ASP A 27 10.05 -14.59 -8.60
C ASP A 27 10.47 -14.67 -7.15
N LYS A 28 10.41 -13.52 -6.45
CA LYS A 28 10.78 -13.42 -5.10
C LYS A 28 12.04 -14.07 -4.72
N ASP A 29 13.08 -13.47 -5.26
CA ASP A 29 14.41 -13.74 -4.96
C ASP A 29 14.59 -13.27 -3.55
N GLY A 30 13.73 -12.31 -3.23
CA GLY A 30 13.89 -11.56 -2.06
C GLY A 30 14.74 -10.42 -2.48
N GLY A 31 14.45 -9.98 -3.67
CA GLY A 31 15.18 -8.99 -4.30
C GLY A 31 14.43 -8.51 -5.51
N ILE A 32 13.81 -7.39 -5.32
CA ILE A 32 13.12 -6.72 -6.35
C ILE A 32 14.15 -6.02 -7.18
N GLU A 33 14.18 -6.37 -8.41
CA GLU A 33 15.05 -5.72 -9.33
C GLU A 33 14.43 -4.44 -9.71
N VAL A 34 15.24 -3.49 -10.07
CA VAL A 34 14.74 -2.21 -10.48
C VAL A 34 13.86 -2.38 -11.72
N GLU A 35 14.23 -3.33 -12.57
CA GLU A 35 13.44 -3.62 -13.72
C GLU A 35 12.16 -4.38 -13.31
N GLU A 36 12.26 -5.16 -12.24
CA GLU A 36 11.11 -5.89 -11.71
C GLU A 36 10.07 -4.94 -11.11
N SER A 37 10.54 -3.93 -10.37
CA SER A 37 9.66 -2.95 -9.77
C SER A 37 9.09 -2.02 -10.83
N ASP A 38 9.94 -1.65 -11.78
CA ASP A 38 9.58 -0.78 -12.90
C ASP A 38 8.33 -1.27 -13.60
N GLU A 39 8.27 -2.58 -13.81
CA GLU A 39 7.13 -3.24 -14.43
C GLU A 39 5.83 -2.92 -13.68
N PHE A 40 5.85 -3.08 -12.37
CA PHE A 40 4.67 -2.88 -11.54
C PHE A 40 4.30 -1.40 -11.50
N ILE A 41 5.30 -0.55 -11.54
CA ILE A 41 5.06 0.88 -11.52
C ILE A 41 4.43 1.30 -12.88
N ARG A 42 4.83 0.60 -13.95
CA ARG A 42 4.38 0.89 -15.34
C ARG A 42 2.87 0.91 -15.55
N GLU A 43 2.09 0.33 -14.66
CA GLU A 43 0.66 0.36 -14.85
C GLU A 43 -0.05 0.62 -13.51
N ASP A 44 0.22 -0.28 -12.58
CA ASP A 44 -0.39 -0.27 -11.25
C ASP A 44 -0.04 0.99 -10.51
N MET A 45 1.12 1.55 -10.78
CA MET A 45 1.44 2.86 -10.22
C MET A 45 1.30 3.94 -11.26
N LYS A 46 1.16 3.52 -12.53
CA LYS A 46 1.03 4.43 -13.71
C LYS A 46 -0.21 5.25 -13.55
N TYR A 47 -1.16 4.68 -12.78
CA TYR A 47 -2.35 5.45 -12.32
C TYR A 47 -1.95 6.87 -11.84
N LYS A 48 -0.73 7.00 -11.32
CA LYS A 48 -0.19 8.27 -10.89
C LYS A 48 1.12 8.59 -11.60
N ASP A 49 2.17 7.88 -11.22
CA ASP A 49 3.52 8.13 -11.74
C ASP A 49 4.05 6.85 -12.44
N ALA A 50 5.36 6.78 -12.67
CA ALA A 50 5.98 5.66 -13.34
C ALA A 50 7.50 5.68 -13.09
N THR A 51 8.19 6.58 -13.73
CA THR A 51 9.64 6.68 -13.62
C THR A 51 10.07 7.11 -12.20
N ASN A 52 9.62 8.27 -11.79
CA ASN A 52 9.98 8.90 -10.52
C ASN A 52 9.67 8.01 -9.33
N LYS A 53 8.49 7.41 -9.38
CA LYS A 53 7.96 6.54 -8.34
C LYS A 53 8.99 5.51 -7.83
N HIS A 54 9.61 4.78 -8.75
CA HIS A 54 10.65 3.85 -8.33
C HIS A 54 11.96 4.55 -8.17
N SER A 55 12.25 5.49 -9.08
CA SER A 55 13.54 6.16 -9.15
C SER A 55 13.97 6.85 -7.86
N HIS A 56 13.05 7.31 -7.05
CA HIS A 56 13.46 7.96 -5.82
C HIS A 56 13.93 6.91 -4.77
N LEU A 57 13.28 5.78 -4.72
CA LEU A 57 13.68 4.73 -3.76
C LEU A 57 14.86 3.96 -4.37
N HIS A 58 14.69 3.58 -5.61
CA HIS A 58 15.63 2.74 -6.35
C HIS A 58 16.86 3.52 -6.79
N ARG A 59 16.89 4.81 -6.50
CA ARG A 59 18.11 5.59 -6.72
C ARG A 59 19.18 5.08 -5.77
N GLU A 60 18.73 4.56 -4.65
CA GLU A 60 19.59 4.12 -3.62
C GLU A 60 19.58 2.60 -3.56
N ASP A 61 18.46 2.05 -3.20
CA ASP A 61 18.35 0.61 -3.05
C ASP A 61 17.38 0.09 -4.07
N LYS A 62 17.85 -0.77 -4.91
CA LYS A 62 16.99 -1.37 -5.91
C LYS A 62 16.51 -2.70 -5.43
N HIS A 63 17.45 -3.57 -5.09
CA HIS A 63 17.13 -4.92 -4.64
C HIS A 63 16.50 -4.92 -3.23
N ILE A 64 15.22 -4.80 -3.20
CA ILE A 64 14.46 -4.78 -1.98
C ILE A 64 13.95 -6.20 -1.70
N THR A 65 14.12 -6.66 -0.49
CA THR A 65 13.70 -7.98 -0.12
C THR A 65 12.31 -7.89 0.52
N ILE A 66 11.56 -8.99 0.50
CA ILE A 66 10.22 -9.08 1.10
C ILE A 66 10.20 -8.55 2.56
N GLU A 67 11.24 -8.90 3.31
CA GLU A 67 11.40 -8.49 4.70
C GLU A 67 11.77 -7.00 4.77
N ASP A 68 12.38 -6.51 3.70
CA ASP A 68 12.84 -5.16 3.64
C ASP A 68 11.65 -4.26 3.54
N LEU A 69 10.63 -4.67 2.78
CA LEU A 69 9.39 -3.86 2.69
C LEU A 69 8.79 -3.69 4.06
N TRP A 70 8.80 -4.77 4.82
CA TRP A 70 8.29 -4.76 6.18
C TRP A 70 8.96 -3.73 7.02
N LYS A 71 10.28 -3.80 7.10
CA LYS A 71 11.04 -2.80 7.87
C LYS A 71 10.93 -1.40 7.26
N ARG A 72 10.88 -1.34 5.93
CA ARG A 72 10.80 -0.06 5.23
C ARG A 72 9.58 0.70 5.66
N TRP A 73 8.43 0.09 5.50
CA TRP A 73 7.20 0.79 5.78
C TRP A 73 6.97 0.91 7.26
N LYS A 74 7.52 -0.05 8.01
CA LYS A 74 7.52 -0.03 9.45
C LYS A 74 8.15 1.26 9.96
N THR A 75 9.23 1.66 9.33
CA THR A 75 9.93 2.86 9.73
C THR A 75 9.57 4.08 8.87
N SER A 76 8.62 3.90 7.96
CA SER A 76 8.24 4.98 7.09
C SER A 76 6.99 5.68 7.59
N GLU A 77 6.81 6.87 7.12
CA GLU A 77 5.74 7.74 7.52
C GLU A 77 4.36 7.15 7.25
N VAL A 78 4.18 6.45 6.13
CA VAL A 78 2.86 5.92 5.71
C VAL A 78 2.13 5.17 6.82
N HIS A 79 2.86 4.36 7.51
CA HIS A 79 2.33 3.50 8.51
C HIS A 79 2.20 4.24 9.84
N ASN A 80 2.83 5.38 9.90
CA ASN A 80 2.89 6.17 11.11
C ASN A 80 1.92 7.35 11.06
N TRP A 81 1.33 7.59 9.89
CA TRP A 81 0.33 8.65 9.72
C TRP A 81 -0.84 8.41 10.65
N THR A 82 -1.18 9.43 11.38
CA THR A 82 -2.33 9.37 12.23
C THR A 82 -3.56 9.61 11.39
N LEU A 83 -4.70 9.31 11.95
CA LEU A 83 -5.98 9.39 11.30
C LEU A 83 -6.26 10.74 10.67
N GLU A 84 -5.81 11.81 11.28
CA GLU A 84 -6.02 13.13 10.71
C GLU A 84 -5.09 13.37 9.50
N ASP A 85 -3.89 12.83 9.59
CA ASP A 85 -2.89 13.02 8.53
C ASP A 85 -3.29 12.18 7.31
N THR A 86 -3.70 10.96 7.58
CA THR A 86 -4.17 10.06 6.57
C THR A 86 -5.38 10.67 5.82
N LEU A 87 -6.31 11.22 6.58
CA LEU A 87 -7.50 11.80 6.00
C LEU A 87 -7.24 13.05 5.23
N GLN A 88 -6.35 13.88 5.71
CA GLN A 88 -6.02 15.07 4.97
C GLN A 88 -5.36 14.70 3.66
N TRP A 89 -4.56 13.64 3.67
CA TRP A 89 -3.93 13.17 2.45
C TRP A 89 -5.03 12.66 1.50
N LEU A 90 -6.07 12.04 2.07
CA LEU A 90 -7.19 11.59 1.30
C LEU A 90 -7.90 12.75 0.62
N ILE A 91 -8.32 13.75 1.30
CA ILE A 91 -9.05 14.77 0.57
C ILE A 91 -8.10 15.61 -0.31
N GLU A 92 -6.90 15.84 0.19
CA GLU A 92 -5.90 16.65 -0.51
C GLU A 92 -5.37 16.00 -1.79
N PHE A 93 -5.15 14.71 -1.77
CA PHE A 93 -4.58 14.02 -2.93
C PHE A 93 -5.58 13.08 -3.61
N VAL A 94 -6.53 12.60 -2.85
CA VAL A 94 -7.58 11.74 -3.36
C VAL A 94 -8.80 12.58 -3.78
N GLU A 95 -9.12 13.62 -2.99
CA GLU A 95 -10.29 14.47 -3.17
C GLU A 95 -11.61 13.69 -2.94
N LEU A 96 -11.64 12.93 -1.84
CA LEU A 96 -12.86 12.19 -1.46
C LEU A 96 -13.33 12.50 -0.02
N PRO A 97 -13.69 13.76 0.30
CA PRO A 97 -14.04 14.18 1.67
C PRO A 97 -15.36 13.60 2.16
N GLN A 98 -16.05 12.89 1.29
CA GLN A 98 -17.35 12.35 1.61
C GLN A 98 -17.21 11.07 2.41
N TYR A 99 -15.99 10.59 2.51
CA TYR A 99 -15.77 9.32 3.16
C TYR A 99 -14.73 9.39 4.23
N GLU A 100 -14.16 10.56 4.43
CA GLU A 100 -13.06 10.68 5.36
C GLU A 100 -13.51 10.42 6.79
N LYS A 101 -14.70 10.89 7.10
CA LYS A 101 -15.24 10.74 8.44
C LYS A 101 -15.44 9.27 8.78
N ASN A 102 -15.84 8.49 7.78
CA ASN A 102 -16.11 7.09 7.96
C ASN A 102 -14.82 6.34 8.21
N PHE A 103 -13.78 6.70 7.48
CA PHE A 103 -12.49 6.10 7.65
C PHE A 103 -11.95 6.40 9.04
N ARG A 104 -11.86 7.71 9.38
CA ARG A 104 -11.34 8.12 10.69
C ARG A 104 -11.99 7.33 11.77
N ASP A 105 -13.34 7.40 11.80
CA ASP A 105 -14.19 6.76 12.82
C ASP A 105 -14.01 5.24 12.93
N ASN A 106 -13.88 4.55 11.79
CA ASN A 106 -13.60 3.08 11.83
C ASN A 106 -12.18 2.82 12.31
N ASN A 107 -11.43 3.90 12.34
CA ASN A 107 -10.09 4.04 12.86
C ASN A 107 -9.12 3.87 11.80
N VAL A 108 -9.15 4.82 10.94
CA VAL A 108 -8.28 4.77 9.80
C VAL A 108 -7.19 5.79 9.86
N LYS A 109 -6.03 5.29 9.95
CA LYS A 109 -4.84 6.03 9.89
C LYS A 109 -3.95 5.24 8.96
N GLY A 110 -2.67 5.33 9.10
CA GLY A 110 -1.76 4.45 8.37
C GLY A 110 -1.96 2.96 8.77
N THR A 111 -3.12 2.45 8.50
CA THR A 111 -3.51 1.09 8.75
C THR A 111 -3.92 0.40 7.45
N THR A 112 -5.06 0.82 6.92
CA THR A 112 -5.56 0.23 5.72
C THR A 112 -4.66 0.59 4.54
N LEU A 113 -3.90 1.68 4.66
CA LEU A 113 -2.93 2.07 3.65
C LEU A 113 -1.92 0.91 3.37
N PRO A 114 -1.06 0.47 4.34
CA PRO A 114 -0.19 -0.67 4.09
C PRO A 114 -0.92 -2.01 4.14
N ARG A 115 -2.16 -2.02 4.62
CA ARG A 115 -2.91 -3.25 4.70
C ARG A 115 -4.05 -3.41 3.68
N ILE A 116 -4.07 -2.54 2.65
CA ILE A 116 -4.97 -2.73 1.50
C ILE A 116 -4.72 -4.07 0.80
N ALA A 117 -5.72 -4.54 0.14
CA ALA A 117 -5.57 -5.69 -0.70
C ALA A 117 -5.50 -5.19 -2.14
N VAL A 118 -4.53 -5.66 -2.88
CA VAL A 118 -4.26 -5.14 -4.23
C VAL A 118 -5.20 -5.74 -5.27
N HIS A 119 -5.82 -6.85 -4.93
CA HIS A 119 -6.74 -7.50 -5.86
C HIS A 119 -8.08 -7.80 -5.19
N GLU A 120 -8.00 -8.34 -4.00
CA GLU A 120 -9.19 -8.76 -3.23
C GLU A 120 -9.75 -7.59 -2.38
N PRO A 121 -10.93 -7.80 -1.69
CA PRO A 121 -11.46 -6.79 -0.75
C PRO A 121 -10.50 -6.63 0.44
N SER A 122 -10.64 -5.55 1.16
CA SER A 122 -9.75 -5.27 2.25
C SER A 122 -10.50 -4.65 3.43
N PHE A 123 -9.71 -4.22 4.40
CA PHE A 123 -10.12 -3.75 5.74
C PHE A 123 -11.33 -2.81 5.71
N MET A 124 -11.11 -1.58 5.27
CA MET A 124 -12.20 -0.58 5.23
C MET A 124 -13.20 -0.87 4.11
N ILE A 125 -12.70 -1.51 3.06
CA ILE A 125 -13.45 -1.76 1.81
C ILE A 125 -14.75 -2.51 2.06
N SER A 126 -14.65 -3.59 2.79
CA SER A 126 -15.76 -4.47 3.06
C SER A 126 -16.92 -3.79 3.81
N GLN A 127 -16.61 -2.82 4.65
CA GLN A 127 -17.62 -2.31 5.55
C GLN A 127 -17.86 -0.81 5.42
N LEU A 128 -17.48 -0.22 4.32
CA LEU A 128 -17.64 1.21 4.20
C LEU A 128 -18.98 1.57 3.53
N LYS A 129 -19.94 1.93 4.36
CA LYS A 129 -21.28 2.38 3.99
C LYS A 129 -22.11 1.34 3.21
N ILE A 130 -21.92 1.27 1.90
CA ILE A 130 -22.75 0.39 1.04
C ILE A 130 -21.89 -0.17 -0.10
N SER A 131 -21.54 0.68 -1.04
CA SER A 131 -20.74 0.28 -2.16
C SER A 131 -19.30 0.62 -1.90
N ASP A 132 -18.43 -0.30 -2.18
CA ASP A 132 -17.02 -0.17 -1.86
C ASP A 132 -16.22 0.44 -3.01
N ARG A 133 -16.86 0.63 -4.16
CA ARG A 133 -16.18 1.05 -5.42
C ARG A 133 -15.22 2.22 -5.25
N SER A 134 -15.71 3.32 -4.71
CA SER A 134 -14.91 4.51 -4.61
C SER A 134 -13.73 4.29 -3.66
N HIS A 135 -14.00 3.64 -2.57
CA HIS A 135 -13.02 3.41 -1.52
C HIS A 135 -11.95 2.49 -2.03
N ARG A 136 -12.41 1.42 -2.70
CA ARG A 136 -11.54 0.40 -3.25
C ARG A 136 -10.54 1.04 -4.17
N GLN A 137 -11.01 1.83 -5.11
CA GLN A 137 -10.12 2.39 -6.10
C GLN A 137 -9.21 3.45 -5.52
N LYS A 138 -9.77 4.34 -4.71
CA LYS A 138 -8.98 5.45 -4.18
C LYS A 138 -7.85 4.99 -3.32
N LEU A 139 -8.16 4.15 -2.39
CA LEU A 139 -7.17 3.79 -1.45
C LEU A 139 -6.32 2.67 -1.94
N GLN A 140 -6.78 1.91 -2.91
CA GLN A 140 -5.96 0.84 -3.41
C GLN A 140 -4.76 1.45 -4.10
N LEU A 141 -5.03 2.36 -5.04
CA LEU A 141 -3.97 2.98 -5.79
C LEU A 141 -3.21 4.04 -4.96
N LYS A 142 -3.92 4.78 -4.10
CA LYS A 142 -3.24 5.78 -3.29
C LYS A 142 -2.38 5.16 -2.23
N ALA A 143 -2.91 4.15 -1.56
CA ALA A 143 -2.14 3.42 -0.57
C ALA A 143 -0.97 2.74 -1.22
N LEU A 144 -1.22 2.12 -2.37
CA LEU A 144 -0.18 1.48 -3.17
C LEU A 144 0.97 2.47 -3.39
N ASP A 145 0.57 3.68 -3.73
CA ASP A 145 1.46 4.80 -3.91
C ASP A 145 2.25 5.10 -2.65
N VAL A 146 1.57 5.46 -1.60
CA VAL A 146 2.18 5.90 -0.34
C VAL A 146 2.96 4.80 0.34
N VAL A 147 2.55 3.58 0.17
CA VAL A 147 3.27 2.47 0.72
C VAL A 147 4.57 2.31 0.00
N LEU A 148 4.51 2.14 -1.30
CA LEU A 148 5.72 1.88 -2.08
C LEU A 148 6.60 3.10 -2.25
N PHE A 149 6.10 4.26 -1.93
CA PHE A 149 6.92 5.45 -2.01
C PHE A 149 7.31 5.99 -0.62
N GLY A 150 6.34 6.09 0.25
CA GLY A 150 6.57 6.69 1.56
C GLY A 150 6.64 5.69 2.67
N GLY A 1 10.03 -14.67 8.21
CA GLY A 1 10.37 -15.86 7.44
C GLY A 1 9.13 -16.45 6.84
N SER A 2 9.20 -17.68 6.41
CA SER A 2 8.09 -18.37 5.83
C SER A 2 7.15 -18.87 6.92
N HIS A 3 5.90 -18.41 6.88
CA HIS A 3 4.87 -18.79 7.85
C HIS A 3 5.18 -18.26 9.26
N MET A 4 5.04 -19.10 10.28
CA MET A 4 5.22 -18.73 11.70
C MET A 4 4.14 -17.77 12.16
N ALA A 5 4.27 -16.52 11.77
CA ALA A 5 3.33 -15.51 12.13
C ALA A 5 2.15 -15.57 11.19
N SER A 6 1.01 -15.94 11.70
CA SER A 6 -0.17 -16.03 10.91
C SER A 6 -1.36 -15.46 11.67
N THR A 7 -1.52 -14.18 11.56
CA THR A 7 -2.61 -13.46 12.13
C THR A 7 -3.39 -12.89 10.97
N GLU A 8 -4.63 -12.55 11.19
CA GLU A 8 -5.47 -12.02 10.15
C GLU A 8 -4.87 -10.73 9.61
N GLU A 9 -4.25 -9.94 10.50
CA GLU A 9 -3.61 -8.73 10.05
C GLU A 9 -2.44 -9.01 9.13
N ASP A 10 -1.82 -10.19 9.27
CA ASP A 10 -0.72 -10.57 8.38
C ASP A 10 -1.29 -10.92 7.05
N ARG A 11 -2.46 -11.52 7.06
CA ARG A 11 -3.13 -11.83 5.82
C ARG A 11 -3.49 -10.54 5.07
N PHE A 12 -3.73 -9.49 5.80
CA PHE A 12 -3.94 -8.22 5.16
C PHE A 12 -2.61 -7.56 4.75
N SER A 13 -1.71 -7.42 5.71
CA SER A 13 -0.51 -6.62 5.51
C SER A 13 0.63 -7.39 4.89
N LEU A 14 0.89 -8.59 5.39
CA LEU A 14 1.99 -9.38 4.87
C LEU A 14 1.69 -9.78 3.47
N GLU A 15 0.46 -10.13 3.24
CA GLU A 15 0.00 -10.48 1.94
C GLU A 15 -0.02 -9.25 1.02
N ALA A 16 -0.42 -8.09 1.57
CA ALA A 16 -0.35 -6.83 0.81
C ALA A 16 1.07 -6.57 0.34
N LEU A 17 1.98 -6.63 1.28
CA LEU A 17 3.38 -6.36 1.01
C LEU A 17 4.00 -7.46 0.14
N GLN A 18 3.51 -8.67 0.29
CA GLN A 18 3.96 -9.79 -0.51
C GLN A 18 3.50 -9.61 -1.95
N THR A 19 2.27 -9.20 -2.11
CA THR A 19 1.70 -8.97 -3.43
C THR A 19 2.49 -7.90 -4.19
N ILE A 20 2.74 -6.77 -3.56
CA ILE A 20 3.49 -5.71 -4.20
C ILE A 20 4.93 -6.10 -4.45
N HIS A 21 5.51 -6.84 -3.52
CA HIS A 21 6.84 -7.35 -3.71
C HIS A 21 6.85 -8.34 -4.86
N LYS A 22 5.86 -9.22 -4.92
CA LYS A 22 5.69 -10.16 -6.00
C LYS A 22 5.58 -9.46 -7.34
N GLN A 23 4.96 -8.32 -7.35
CA GLN A 23 4.82 -7.58 -8.57
C GLN A 23 6.16 -6.92 -8.97
N MET A 24 6.89 -6.41 -7.98
CA MET A 24 8.19 -5.78 -8.24
C MET A 24 9.34 -6.75 -8.31
N ASP A 25 9.20 -7.84 -7.67
CA ASP A 25 10.13 -8.93 -7.73
C ASP A 25 9.28 -10.09 -8.16
N ASP A 26 9.27 -10.37 -9.41
CA ASP A 26 8.35 -11.37 -9.97
C ASP A 26 8.72 -12.73 -9.47
N ASP A 27 10.00 -12.96 -9.42
CA ASP A 27 10.50 -14.22 -8.94
C ASP A 27 10.61 -14.25 -7.41
N LYS A 28 10.54 -13.03 -6.78
CA LYS A 28 10.53 -12.80 -5.30
C LYS A 28 11.71 -13.47 -4.77
N ASP A 29 12.72 -13.34 -5.51
CA ASP A 29 13.90 -13.97 -5.27
C ASP A 29 14.62 -13.30 -4.16
N GLY A 30 14.10 -12.17 -3.79
CA GLY A 30 14.62 -11.45 -2.68
C GLY A 30 15.36 -10.27 -3.15
N GLY A 31 14.99 -9.84 -4.28
CA GLY A 31 15.61 -8.78 -4.88
C GLY A 31 14.74 -8.22 -5.95
N ILE A 32 14.14 -7.12 -5.63
CA ILE A 32 13.35 -6.39 -6.54
C ILE A 32 14.29 -5.66 -7.44
N GLU A 33 14.34 -6.07 -8.64
CA GLU A 33 15.14 -5.40 -9.60
C GLU A 33 14.43 -4.14 -9.94
N VAL A 34 15.18 -3.12 -10.25
CA VAL A 34 14.60 -1.86 -10.63
C VAL A 34 13.81 -2.08 -11.94
N GLU A 35 14.26 -3.08 -12.66
CA GLU A 35 13.70 -3.49 -13.91
C GLU A 35 12.37 -4.20 -13.65
N GLU A 36 12.40 -5.18 -12.73
CA GLU A 36 11.21 -5.94 -12.35
C GLU A 36 10.16 -4.96 -11.74
N SER A 37 10.63 -4.04 -10.90
CA SER A 37 9.79 -3.05 -10.23
C SER A 37 9.05 -2.17 -11.23
N ASP A 38 9.77 -1.71 -12.24
CA ASP A 38 9.24 -0.86 -13.30
C ASP A 38 7.98 -1.43 -13.93
N GLU A 39 7.92 -2.76 -14.05
CA GLU A 39 6.76 -3.45 -14.61
C GLU A 39 5.47 -3.09 -13.82
N PHE A 40 5.56 -3.12 -12.50
CA PHE A 40 4.41 -2.79 -11.64
C PHE A 40 4.18 -1.28 -11.59
N ILE A 41 5.25 -0.52 -11.71
CA ILE A 41 5.13 0.92 -11.67
C ILE A 41 4.43 1.42 -12.97
N ARG A 42 4.71 0.73 -14.07
CA ARG A 42 4.19 1.06 -15.42
C ARG A 42 2.68 1.22 -15.56
N GLU A 43 1.89 0.73 -14.64
CA GLU A 43 0.45 0.93 -14.75
C GLU A 43 -0.17 1.26 -13.37
N ASP A 44 -0.03 0.30 -12.44
CA ASP A 44 -0.62 0.41 -11.12
C ASP A 44 -0.08 1.58 -10.35
N MET A 45 1.20 1.86 -10.50
CA MET A 45 1.70 3.06 -9.90
C MET A 45 1.56 4.22 -10.85
N LYS A 46 1.50 3.91 -12.17
CA LYS A 46 1.48 4.91 -13.27
C LYS A 46 0.35 5.87 -13.11
N TYR A 47 -0.75 5.40 -12.50
CA TYR A 47 -1.90 6.28 -12.16
C TYR A 47 -1.43 7.57 -11.42
N LYS A 48 -0.25 7.50 -10.81
CA LYS A 48 0.29 8.57 -9.99
C LYS A 48 1.75 8.87 -10.35
N ASP A 49 2.56 7.84 -10.58
CA ASP A 49 4.00 8.03 -10.85
C ASP A 49 4.49 6.84 -11.68
N ALA A 50 5.47 7.06 -12.53
CA ALA A 50 5.97 5.99 -13.37
C ALA A 50 7.49 5.78 -13.23
N THR A 51 8.29 6.75 -13.58
CA THR A 51 9.73 6.59 -13.48
C THR A 51 10.26 7.00 -12.08
N ASN A 52 9.77 8.11 -11.60
CA ASN A 52 10.22 8.76 -10.36
C ASN A 52 10.11 7.87 -9.12
N LYS A 53 9.01 7.12 -9.04
CA LYS A 53 8.73 6.20 -7.93
C LYS A 53 9.93 5.28 -7.69
N HIS A 54 10.42 4.65 -8.73
CA HIS A 54 11.54 3.76 -8.54
C HIS A 54 12.84 4.51 -8.51
N SER A 55 12.92 5.59 -9.26
CA SER A 55 14.14 6.39 -9.34
C SER A 55 14.63 6.84 -7.97
N HIS A 56 13.73 7.27 -7.10
CA HIS A 56 14.15 7.68 -5.77
C HIS A 56 14.41 6.53 -4.78
N LEU A 57 13.43 5.65 -4.59
CA LEU A 57 13.59 4.53 -3.63
C LEU A 57 14.73 3.60 -4.04
N HIS A 58 14.74 3.25 -5.30
CA HIS A 58 15.66 2.25 -5.79
C HIS A 58 16.98 2.85 -6.22
N ARG A 59 17.15 4.17 -6.05
CA ARG A 59 18.47 4.76 -6.31
C ARG A 59 19.41 4.35 -5.20
N GLU A 60 18.82 4.12 -4.05
CA GLU A 60 19.54 3.81 -2.88
C GLU A 60 19.73 2.32 -2.81
N ASP A 61 18.62 1.62 -2.81
CA ASP A 61 18.62 0.18 -2.81
C ASP A 61 17.68 -0.27 -3.86
N LYS A 62 18.21 -0.92 -4.86
CA LYS A 62 17.39 -1.44 -5.91
C LYS A 62 16.78 -2.70 -5.47
N HIS A 63 17.64 -3.64 -5.15
CA HIS A 63 17.27 -5.00 -4.84
C HIS A 63 16.68 -5.09 -3.43
N ILE A 64 15.42 -4.79 -3.35
CA ILE A 64 14.68 -4.82 -2.12
C ILE A 64 14.08 -6.22 -1.94
N THR A 65 14.20 -6.76 -0.75
CA THR A 65 13.75 -8.11 -0.45
C THR A 65 12.37 -8.05 0.25
N ILE A 66 11.60 -9.17 0.23
CA ILE A 66 10.24 -9.24 0.82
C ILE A 66 10.20 -8.66 2.27
N GLU A 67 11.21 -8.97 3.06
CA GLU A 67 11.31 -8.51 4.44
C GLU A 67 11.69 -7.03 4.53
N ASP A 68 12.39 -6.58 3.49
CA ASP A 68 12.90 -5.25 3.45
C ASP A 68 11.77 -4.29 3.30
N LEU A 69 10.74 -4.69 2.54
CA LEU A 69 9.54 -3.85 2.41
C LEU A 69 8.91 -3.63 3.78
N TRP A 70 8.82 -4.71 4.54
CA TRP A 70 8.27 -4.66 5.88
C TRP A 70 8.96 -3.65 6.73
N LYS A 71 10.26 -3.74 6.85
CA LYS A 71 11.02 -2.75 7.62
C LYS A 71 10.95 -1.36 6.99
N ARG A 72 10.93 -1.30 5.65
CA ARG A 72 10.89 -0.03 4.93
C ARG A 72 9.67 0.77 5.33
N TRP A 73 8.52 0.16 5.19
CA TRP A 73 7.29 0.85 5.46
C TRP A 73 7.05 0.99 6.95
N LYS A 74 7.60 0.02 7.71
CA LYS A 74 7.57 0.06 9.17
C LYS A 74 8.18 1.35 9.66
N THR A 75 9.29 1.72 9.07
CA THR A 75 10.01 2.91 9.45
C THR A 75 9.70 4.10 8.53
N SER A 76 8.67 3.96 7.72
CA SER A 76 8.30 5.00 6.81
C SER A 76 7.18 5.82 7.44
N GLU A 77 7.01 7.02 6.95
CA GLU A 77 6.03 7.94 7.47
C GLU A 77 4.61 7.43 7.30
N VAL A 78 4.36 6.66 6.24
CA VAL A 78 3.02 6.15 5.91
C VAL A 78 2.37 5.46 7.11
N HIS A 79 3.17 4.75 7.82
CA HIS A 79 2.76 3.96 8.92
C HIS A 79 2.65 4.81 10.20
N ASN A 80 3.20 6.00 10.14
CA ASN A 80 3.21 6.92 11.26
C ASN A 80 2.10 7.94 11.11
N TRP A 81 1.49 7.99 9.92
CA TRP A 81 0.41 8.92 9.68
C TRP A 81 -0.77 8.62 10.60
N THR A 82 -1.24 9.63 11.29
CA THR A 82 -2.37 9.47 12.14
C THR A 82 -3.62 9.74 11.32
N LEU A 83 -4.75 9.60 11.94
CA LEU A 83 -6.04 9.74 11.30
C LEU A 83 -6.23 11.07 10.60
N GLU A 84 -5.64 12.11 11.12
CA GLU A 84 -5.76 13.39 10.46
C GLU A 84 -4.88 13.44 9.21
N ASP A 85 -3.71 12.82 9.29
CA ASP A 85 -2.75 12.78 8.16
C ASP A 85 -3.33 11.94 7.05
N THR A 86 -3.78 10.77 7.40
CA THR A 86 -4.32 9.82 6.47
C THR A 86 -5.57 10.37 5.75
N LEU A 87 -6.46 10.99 6.49
CA LEU A 87 -7.67 11.54 5.90
C LEU A 87 -7.42 12.79 5.11
N GLN A 88 -6.48 13.61 5.55
CA GLN A 88 -6.13 14.77 4.76
C GLN A 88 -5.53 14.31 3.44
N TRP A 89 -4.75 13.25 3.48
CA TRP A 89 -4.16 12.73 2.26
C TRP A 89 -5.29 12.19 1.35
N LEU A 90 -6.30 11.59 1.98
CA LEU A 90 -7.47 11.13 1.26
C LEU A 90 -8.13 12.28 0.51
N ILE A 91 -8.48 13.33 1.13
CA ILE A 91 -9.18 14.34 0.36
C ILE A 91 -8.22 15.11 -0.54
N GLU A 92 -7.03 15.34 -0.05
CA GLU A 92 -6.03 16.13 -0.75
C GLU A 92 -5.47 15.44 -1.99
N PHE A 93 -5.31 14.15 -1.92
CA PHE A 93 -4.72 13.45 -3.05
C PHE A 93 -5.71 12.51 -3.72
N VAL A 94 -6.70 12.07 -2.97
CA VAL A 94 -7.73 11.19 -3.48
C VAL A 94 -8.95 12.01 -3.94
N GLU A 95 -9.26 13.07 -3.19
CA GLU A 95 -10.39 13.95 -3.43
C GLU A 95 -11.73 13.21 -3.20
N LEU A 96 -11.80 12.47 -2.08
CA LEU A 96 -13.04 11.78 -1.66
C LEU A 96 -13.49 12.20 -0.24
N PRO A 97 -13.74 13.52 0.01
CA PRO A 97 -14.03 14.06 1.36
C PRO A 97 -15.36 13.63 1.92
N GLN A 98 -16.14 12.99 1.10
CA GLN A 98 -17.48 12.60 1.47
C GLN A 98 -17.45 11.39 2.38
N TYR A 99 -16.36 10.65 2.33
CA TYR A 99 -16.29 9.43 3.07
C TYR A 99 -15.16 9.44 4.06
N GLU A 100 -14.54 10.60 4.26
CA GLU A 100 -13.39 10.68 5.16
C GLU A 100 -13.83 10.36 6.56
N LYS A 101 -15.05 10.76 6.89
CA LYS A 101 -15.59 10.56 8.22
C LYS A 101 -15.68 9.08 8.57
N ASN A 102 -16.07 8.22 7.60
CA ASN A 102 -16.20 6.77 7.88
C ASN A 102 -14.90 6.16 8.24
N PHE A 103 -13.90 6.42 7.41
CA PHE A 103 -12.59 5.88 7.62
C PHE A 103 -12.03 6.38 8.93
N ARG A 104 -12.04 7.70 9.06
CA ARG A 104 -11.51 8.40 10.20
C ARG A 104 -12.05 7.79 11.47
N ASP A 105 -13.41 7.80 11.57
CA ASP A 105 -14.22 7.29 12.72
C ASP A 105 -13.94 5.83 13.03
N ASN A 106 -13.84 4.97 12.00
CA ASN A 106 -13.51 3.54 12.20
C ASN A 106 -12.07 3.39 12.67
N ASN A 107 -11.36 4.47 12.52
CA ASN A 107 -10.02 4.74 12.97
C ASN A 107 -9.07 4.47 11.91
N VAL A 108 -9.10 5.34 10.97
CA VAL A 108 -8.22 5.17 9.85
C VAL A 108 -7.07 6.10 9.91
N LYS A 109 -5.94 5.51 10.03
CA LYS A 109 -4.73 6.18 10.01
C LYS A 109 -3.82 5.32 9.17
N GLY A 110 -2.55 5.37 9.37
CA GLY A 110 -1.62 4.44 8.70
C GLY A 110 -1.86 2.95 9.09
N THR A 111 -3.10 2.51 8.97
CA THR A 111 -3.54 1.18 9.26
C THR A 111 -3.92 0.44 7.99
N THR A 112 -5.07 0.81 7.46
CA THR A 112 -5.58 0.19 6.28
C THR A 112 -4.69 0.53 5.09
N LEU A 113 -3.99 1.64 5.16
CA LEU A 113 -3.00 1.98 4.15
C LEU A 113 -1.94 0.86 3.93
N PRO A 114 -1.09 0.50 4.92
CA PRO A 114 -0.15 -0.61 4.75
C PRO A 114 -0.85 -2.00 4.86
N ARG A 115 -2.13 -2.02 5.26
CA ARG A 115 -2.83 -3.28 5.38
C ARG A 115 -4.00 -3.44 4.38
N ILE A 116 -4.05 -2.59 3.34
CA ILE A 116 -5.02 -2.77 2.24
C ILE A 116 -4.90 -4.15 1.64
N ALA A 117 -6.00 -4.68 1.29
CA ALA A 117 -5.99 -5.96 0.72
C ALA A 117 -6.08 -5.87 -0.78
N VAL A 118 -5.03 -6.32 -1.41
CA VAL A 118 -4.97 -6.46 -2.86
C VAL A 118 -5.18 -7.95 -3.15
N HIS A 119 -4.97 -8.73 -2.11
CA HIS A 119 -5.07 -10.18 -2.13
C HIS A 119 -6.55 -10.62 -2.18
N GLU A 120 -7.41 -9.74 -1.70
CA GLU A 120 -8.82 -9.99 -1.52
C GLU A 120 -9.48 -8.62 -1.24
N PRO A 121 -10.81 -8.51 -0.96
CA PRO A 121 -11.46 -7.23 -0.61
C PRO A 121 -10.67 -6.42 0.42
N SER A 122 -10.51 -5.14 0.12
CA SER A 122 -9.65 -4.17 0.83
C SER A 122 -9.99 -3.84 2.31
N PHE A 123 -10.63 -4.75 2.97
CA PHE A 123 -10.98 -4.68 4.41
C PHE A 123 -11.87 -3.50 4.81
N MET A 124 -11.30 -2.29 4.88
CA MET A 124 -11.97 -1.09 5.37
C MET A 124 -13.24 -0.77 4.57
N ILE A 125 -13.27 -1.26 3.35
CA ILE A 125 -14.40 -1.08 2.46
C ILE A 125 -15.68 -1.75 3.01
N SER A 126 -15.51 -2.83 3.78
CA SER A 126 -16.65 -3.56 4.35
C SER A 126 -17.40 -2.70 5.37
N GLN A 127 -16.68 -1.82 6.01
CA GLN A 127 -17.23 -0.96 7.05
C GLN A 127 -17.92 0.28 6.45
N LEU A 128 -18.06 0.28 5.14
CA LEU A 128 -18.76 1.32 4.43
C LEU A 128 -20.20 0.92 4.18
N LYS A 129 -20.94 1.85 3.66
CA LYS A 129 -22.34 1.66 3.40
C LYS A 129 -22.69 1.56 1.93
N ILE A 130 -22.28 2.55 1.15
CA ILE A 130 -22.60 2.59 -0.26
C ILE A 130 -21.33 2.68 -1.08
N SER A 131 -21.49 2.69 -2.41
CA SER A 131 -20.42 2.83 -3.40
C SER A 131 -19.48 1.61 -3.47
N ASP A 132 -18.81 1.28 -2.35
CA ASP A 132 -17.88 0.13 -2.21
C ASP A 132 -16.64 0.26 -3.11
N ARG A 133 -16.87 0.19 -4.40
CA ARG A 133 -15.85 0.19 -5.45
C ARG A 133 -14.95 1.38 -5.35
N SER A 134 -15.57 2.52 -5.24
CA SER A 134 -14.90 3.81 -5.13
C SER A 134 -13.90 3.79 -3.95
N HIS A 135 -14.31 3.22 -2.84
CA HIS A 135 -13.48 3.16 -1.65
C HIS A 135 -12.35 2.19 -1.86
N ARG A 136 -12.68 1.06 -2.48
CA ARG A 136 -11.74 0.00 -2.73
C ARG A 136 -10.64 0.50 -3.62
N GLN A 137 -11.02 1.12 -4.73
CA GLN A 137 -10.03 1.59 -5.67
C GLN A 137 -9.19 2.71 -5.10
N LYS A 138 -9.85 3.71 -4.49
CA LYS A 138 -9.14 4.88 -3.99
C LYS A 138 -8.09 4.48 -2.96
N LEU A 139 -8.47 3.63 -2.01
CA LEU A 139 -7.57 3.32 -0.95
C LEU A 139 -6.57 2.32 -1.40
N GLN A 140 -7.00 1.35 -2.20
CA GLN A 140 -6.09 0.34 -2.66
C GLN A 140 -4.97 0.98 -3.47
N LEU A 141 -5.30 1.82 -4.45
CA LEU A 141 -4.25 2.40 -5.28
C LEU A 141 -3.47 3.48 -4.55
N LYS A 142 -4.13 4.24 -3.70
CA LYS A 142 -3.47 5.32 -3.04
C LYS A 142 -2.56 4.81 -1.93
N ALA A 143 -3.06 3.86 -1.17
CA ALA A 143 -2.28 3.25 -0.14
C ALA A 143 -1.15 2.46 -0.76
N LEU A 144 -1.45 1.81 -1.88
CA LEU A 144 -0.46 1.06 -2.67
C LEU A 144 0.71 1.98 -2.97
N ASP A 145 0.37 3.17 -3.42
CA ASP A 145 1.31 4.22 -3.78
C ASP A 145 2.13 4.67 -2.59
N VAL A 146 1.45 5.10 -1.52
CA VAL A 146 2.13 5.64 -0.34
C VAL A 146 2.98 4.60 0.36
N VAL A 147 2.57 3.36 0.28
CA VAL A 147 3.35 2.29 0.78
C VAL A 147 4.59 2.12 -0.07
N LEU A 148 4.40 1.93 -1.35
CA LEU A 148 5.50 1.66 -2.26
C LEU A 148 6.42 2.83 -2.51
N PHE A 149 5.95 4.01 -2.32
CA PHE A 149 6.78 5.17 -2.44
C PHE A 149 7.40 5.48 -1.08
N GLY A 150 6.59 5.39 -0.05
CA GLY A 150 7.05 5.63 1.31
C GLY A 150 7.30 7.09 1.59
N GLY A 1 1.87 -24.00 6.96
CA GLY A 1 1.16 -24.02 5.69
C GLY A 1 2.10 -23.72 4.56
N SER A 2 1.60 -23.68 3.34
CA SER A 2 2.42 -23.38 2.18
C SER A 2 2.86 -21.93 2.27
N HIS A 3 1.93 -21.11 2.71
CA HIS A 3 2.19 -19.72 2.93
C HIS A 3 2.20 -19.49 4.42
N MET A 4 2.99 -18.53 4.85
CA MET A 4 3.18 -18.30 6.28
C MET A 4 2.21 -17.29 6.86
N ALA A 5 1.14 -17.03 6.15
CA ALA A 5 0.11 -16.14 6.64
C ALA A 5 -0.84 -16.94 7.51
N SER A 6 -0.49 -17.07 8.78
CA SER A 6 -1.27 -17.88 9.70
C SER A 6 -2.29 -17.02 10.48
N THR A 7 -2.09 -15.73 10.46
CA THR A 7 -2.97 -14.79 11.12
C THR A 7 -3.65 -13.95 10.03
N GLU A 8 -4.81 -13.42 10.33
CA GLU A 8 -5.49 -12.55 9.39
C GLU A 8 -4.75 -11.22 9.22
N GLU A 9 -3.96 -10.83 10.23
CA GLU A 9 -3.14 -9.65 10.07
C GLU A 9 -2.06 -9.92 9.03
N ASP A 10 -1.61 -11.18 8.95
CA ASP A 10 -0.60 -11.57 7.95
C ASP A 10 -1.24 -11.53 6.60
N ARG A 11 -2.49 -11.92 6.56
CA ARG A 11 -3.26 -11.91 5.34
C ARG A 11 -3.34 -10.52 4.76
N PHE A 12 -3.58 -9.56 5.60
CA PHE A 12 -3.65 -8.22 5.13
C PHE A 12 -2.29 -7.60 4.91
N SER A 13 -1.48 -7.60 5.93
CA SER A 13 -0.23 -6.89 5.89
C SER A 13 0.86 -7.66 5.15
N LEU A 14 1.05 -8.92 5.52
CA LEU A 14 2.12 -9.70 4.91
C LEU A 14 1.79 -10.00 3.49
N GLU A 15 0.57 -10.35 3.25
CA GLU A 15 0.15 -10.67 1.92
C GLU A 15 0.08 -9.45 1.02
N ALA A 16 -0.31 -8.29 1.56
CA ALA A 16 -0.32 -7.06 0.75
C ALA A 16 1.09 -6.71 0.32
N LEU A 17 2.00 -6.73 1.29
CA LEU A 17 3.38 -6.39 1.01
C LEU A 17 4.05 -7.48 0.16
N GLN A 18 3.56 -8.69 0.29
CA GLN A 18 4.04 -9.79 -0.53
C GLN A 18 3.55 -9.62 -1.93
N THR A 19 2.31 -9.18 -2.08
CA THR A 19 1.71 -8.94 -3.38
C THR A 19 2.56 -7.96 -4.17
N ILE A 20 2.85 -6.81 -3.58
CA ILE A 20 3.66 -5.80 -4.26
C ILE A 20 5.08 -6.25 -4.49
N HIS A 21 5.64 -6.97 -3.52
CA HIS A 21 6.96 -7.52 -3.69
C HIS A 21 6.97 -8.53 -4.84
N LYS A 22 5.97 -9.39 -4.90
CA LYS A 22 5.81 -10.35 -5.97
C LYS A 22 5.53 -9.64 -7.31
N GLN A 23 4.81 -8.54 -7.25
CA GLN A 23 4.53 -7.77 -8.43
C GLN A 23 5.80 -7.21 -9.03
N MET A 24 6.70 -6.74 -8.19
CA MET A 24 7.96 -6.28 -8.70
C MET A 24 8.92 -7.44 -8.86
N ASP A 25 9.21 -8.14 -7.79
CA ASP A 25 10.14 -9.26 -7.78
C ASP A 25 9.30 -10.44 -8.14
N ASP A 26 9.29 -10.74 -9.38
CA ASP A 26 8.37 -11.72 -9.91
C ASP A 26 8.73 -13.10 -9.47
N ASP A 27 9.99 -13.31 -9.31
CA ASP A 27 10.48 -14.59 -8.91
C ASP A 27 10.65 -14.64 -7.39
N LYS A 28 10.63 -13.47 -6.76
CA LYS A 28 10.80 -13.26 -5.37
C LYS A 28 11.97 -13.96 -4.83
N ASP A 29 13.09 -13.44 -5.26
CA ASP A 29 14.36 -13.76 -4.78
C ASP A 29 14.35 -13.31 -3.36
N GLY A 30 13.65 -12.22 -3.21
CA GLY A 30 13.76 -11.42 -2.07
C GLY A 30 14.68 -10.32 -2.49
N GLY A 31 14.52 -9.97 -3.73
CA GLY A 31 15.34 -9.05 -4.35
C GLY A 31 14.66 -8.52 -5.57
N ILE A 32 14.06 -7.39 -5.41
CA ILE A 32 13.39 -6.73 -6.47
C ILE A 32 14.46 -6.09 -7.31
N GLU A 33 14.43 -6.36 -8.58
CA GLU A 33 15.35 -5.72 -9.47
C GLU A 33 14.70 -4.47 -9.92
N VAL A 34 15.51 -3.51 -10.27
CA VAL A 34 15.02 -2.26 -10.77
C VAL A 34 14.24 -2.51 -12.07
N GLU A 35 14.63 -3.56 -12.76
CA GLU A 35 13.98 -3.97 -13.96
C GLU A 35 12.65 -4.62 -13.62
N GLU A 36 12.65 -5.45 -12.59
CA GLU A 36 11.46 -6.14 -12.14
C GLU A 36 10.41 -5.14 -11.62
N SER A 37 10.86 -4.14 -10.88
CA SER A 37 9.98 -3.13 -10.31
C SER A 37 9.34 -2.28 -11.40
N ASP A 38 10.13 -2.00 -12.43
CA ASP A 38 9.71 -1.15 -13.55
C ASP A 38 8.40 -1.60 -14.15
N GLU A 39 8.23 -2.92 -14.35
CA GLU A 39 7.01 -3.44 -14.95
C GLU A 39 5.78 -3.14 -14.08
N PHE A 40 5.94 -3.18 -12.78
CA PHE A 40 4.81 -2.89 -11.92
C PHE A 40 4.51 -1.38 -11.89
N ILE A 41 5.56 -0.57 -11.91
CA ILE A 41 5.35 0.88 -11.89
C ILE A 41 4.74 1.33 -13.24
N ARG A 42 5.21 0.71 -14.33
CA ARG A 42 4.76 1.00 -15.73
C ARG A 42 3.27 0.99 -15.97
N GLU A 43 2.49 0.38 -15.12
CA GLU A 43 1.08 0.30 -15.40
C GLU A 43 0.26 0.61 -14.15
N ASP A 44 0.38 -0.25 -13.15
CA ASP A 44 -0.43 -0.12 -11.96
C ASP A 44 -0.07 1.11 -11.18
N MET A 45 1.22 1.39 -11.03
CA MET A 45 1.57 2.62 -10.37
C MET A 45 1.42 3.76 -11.34
N LYS A 46 1.53 3.44 -12.67
CA LYS A 46 1.45 4.42 -13.78
C LYS A 46 0.17 5.22 -13.68
N TYR A 47 -0.89 4.54 -13.18
CA TYR A 47 -2.17 5.20 -12.81
C TYR A 47 -1.95 6.56 -12.09
N LYS A 48 -0.84 6.67 -11.39
CA LYS A 48 -0.51 7.82 -10.57
C LYS A 48 0.92 8.31 -10.86
N ASP A 49 1.87 7.40 -10.72
CA ASP A 49 3.27 7.72 -10.74
C ASP A 49 4.01 6.67 -11.52
N ALA A 50 4.87 7.08 -12.38
CA ALA A 50 5.57 6.15 -13.21
C ALA A 50 7.09 6.30 -13.08
N THR A 51 7.58 7.49 -13.20
CA THR A 51 9.01 7.73 -13.14
C THR A 51 9.47 7.92 -11.68
N ASN A 52 8.81 8.84 -11.03
CA ASN A 52 9.13 9.32 -9.68
C ASN A 52 9.18 8.19 -8.64
N LYS A 53 8.21 7.30 -8.76
CA LYS A 53 8.02 6.16 -7.85
C LYS A 53 9.30 5.36 -7.68
N HIS A 54 9.87 4.86 -8.76
CA HIS A 54 11.09 4.10 -8.61
C HIS A 54 12.28 4.98 -8.46
N SER A 55 12.26 6.17 -9.07
CA SER A 55 13.39 7.08 -8.99
C SER A 55 13.80 7.34 -7.53
N HIS A 56 12.84 7.63 -6.68
CA HIS A 56 13.16 7.93 -5.27
C HIS A 56 13.46 6.71 -4.41
N LEU A 57 12.88 5.58 -4.72
CA LEU A 57 13.14 4.39 -3.92
C LEU A 57 14.45 3.76 -4.39
N HIS A 58 14.55 3.58 -5.68
CA HIS A 58 15.65 2.86 -6.32
C HIS A 58 16.88 3.73 -6.48
N ARG A 59 16.79 4.98 -6.06
CA ARG A 59 17.97 5.86 -6.02
C ARG A 59 18.97 5.36 -4.99
N GLU A 60 18.45 4.58 -4.06
CA GLU A 60 19.21 4.04 -2.99
C GLU A 60 19.16 2.53 -3.07
N ASP A 61 17.96 1.98 -2.96
CA ASP A 61 17.79 0.56 -2.96
C ASP A 61 16.99 0.10 -4.11
N LYS A 62 17.64 -0.59 -5.01
CA LYS A 62 16.97 -1.23 -6.10
C LYS A 62 16.54 -2.58 -5.62
N HIS A 63 17.50 -3.29 -5.10
CA HIS A 63 17.29 -4.61 -4.53
C HIS A 63 16.58 -4.54 -3.19
N ILE A 64 15.31 -4.79 -3.22
CA ILE A 64 14.46 -4.79 -2.05
C ILE A 64 14.06 -6.23 -1.73
N THR A 65 14.15 -6.62 -0.48
CA THR A 65 13.77 -7.96 -0.06
C THR A 65 12.33 -7.90 0.48
N ILE A 66 11.60 -9.01 0.44
CA ILE A 66 10.22 -9.12 0.96
C ILE A 66 10.07 -8.50 2.39
N GLU A 67 11.04 -8.76 3.25
CA GLU A 67 11.04 -8.24 4.62
C GLU A 67 11.40 -6.75 4.67
N ASP A 68 12.14 -6.31 3.66
CA ASP A 68 12.58 -4.94 3.56
C ASP A 68 11.38 -4.07 3.53
N LEU A 69 10.38 -4.46 2.70
CA LEU A 69 9.11 -3.73 2.57
C LEU A 69 8.49 -3.53 3.95
N TRP A 70 8.41 -4.61 4.71
CA TRP A 70 7.81 -4.58 6.03
C TRP A 70 8.45 -3.55 6.91
N LYS A 71 9.74 -3.62 7.08
CA LYS A 71 10.41 -2.69 7.97
C LYS A 71 10.44 -1.28 7.40
N ARG A 72 10.47 -1.19 6.06
CA ARG A 72 10.47 0.09 5.37
C ARG A 72 9.25 0.87 5.73
N TRP A 73 8.10 0.26 5.55
CA TRP A 73 6.86 0.96 5.75
C TRP A 73 6.58 1.12 7.24
N LYS A 74 7.07 0.15 8.01
CA LYS A 74 6.97 0.23 9.47
C LYS A 74 7.79 1.40 10.02
N THR A 75 8.82 1.80 9.32
CA THR A 75 9.58 2.95 9.71
C THR A 75 9.33 4.12 8.75
N SER A 76 8.26 4.02 7.97
CA SER A 76 7.92 5.04 7.00
C SER A 76 6.81 5.90 7.56
N GLU A 77 6.55 7.00 6.87
CA GLU A 77 5.53 7.94 7.27
C GLU A 77 4.14 7.36 7.10
N VAL A 78 3.96 6.54 6.06
CA VAL A 78 2.65 6.01 5.70
C VAL A 78 1.96 5.30 6.87
N HIS A 79 2.68 4.47 7.51
CA HIS A 79 2.19 3.70 8.61
C HIS A 79 2.28 4.50 9.92
N ASN A 80 2.88 5.67 9.84
CA ASN A 80 3.09 6.53 11.00
C ASN A 80 2.02 7.62 11.04
N TRP A 81 1.32 7.80 9.91
CA TRP A 81 0.25 8.79 9.81
C TRP A 81 -0.81 8.56 10.87
N THR A 82 -1.23 9.62 11.54
CA THR A 82 -2.31 9.52 12.48
C THR A 82 -3.62 9.67 11.69
N LEU A 83 -4.71 9.71 12.39
CA LEU A 83 -6.02 9.82 11.80
C LEU A 83 -6.21 11.11 11.05
N GLU A 84 -5.62 12.19 11.53
CA GLU A 84 -5.75 13.43 10.80
C GLU A 84 -4.85 13.38 9.55
N ASP A 85 -3.65 12.79 9.69
CA ASP A 85 -2.69 12.69 8.58
C ASP A 85 -3.27 11.85 7.45
N THR A 86 -3.76 10.67 7.82
CA THR A 86 -4.31 9.73 6.87
C THR A 86 -5.44 10.36 6.06
N LEU A 87 -6.32 11.00 6.75
CA LEU A 87 -7.48 11.56 6.12
C LEU A 87 -7.22 12.83 5.40
N GLN A 88 -6.33 13.63 5.91
CA GLN A 88 -5.96 14.83 5.20
C GLN A 88 -5.28 14.44 3.90
N TRP A 89 -4.50 13.38 3.93
CA TRP A 89 -3.89 12.85 2.73
C TRP A 89 -4.97 12.34 1.79
N LEU A 90 -6.00 11.69 2.34
CA LEU A 90 -7.10 11.21 1.56
C LEU A 90 -7.77 12.34 0.79
N ILE A 91 -8.18 13.36 1.41
CA ILE A 91 -8.85 14.37 0.61
C ILE A 91 -7.84 15.15 -0.26
N GLU A 92 -6.65 15.38 0.28
CA GLU A 92 -5.61 16.14 -0.42
C GLU A 92 -5.04 15.42 -1.65
N PHE A 93 -4.92 14.11 -1.59
CA PHE A 93 -4.36 13.34 -2.70
C PHE A 93 -5.40 12.47 -3.40
N VAL A 94 -6.37 12.03 -2.65
CA VAL A 94 -7.43 11.17 -3.16
C VAL A 94 -8.63 12.01 -3.63
N GLU A 95 -8.89 13.11 -2.90
CA GLU A 95 -10.02 14.00 -3.15
C GLU A 95 -11.37 13.35 -2.87
N LEU A 96 -11.43 12.52 -1.81
CA LEU A 96 -12.68 11.84 -1.42
C LEU A 96 -13.16 12.22 0.01
N PRO A 97 -13.51 13.50 0.27
CA PRO A 97 -13.91 13.98 1.62
C PRO A 97 -15.28 13.46 2.05
N GLN A 98 -15.89 12.67 1.22
CA GLN A 98 -17.22 12.17 1.45
C GLN A 98 -17.19 10.95 2.33
N TYR A 99 -16.04 10.33 2.44
CA TYR A 99 -15.95 9.10 3.20
C TYR A 99 -14.76 9.14 4.13
N GLU A 100 -14.22 10.33 4.32
CA GLU A 100 -13.04 10.48 5.14
C GLU A 100 -13.38 10.34 6.61
N LYS A 101 -14.55 10.86 6.99
CA LYS A 101 -15.00 10.82 8.37
C LYS A 101 -15.16 9.38 8.85
N ASN A 102 -15.50 8.50 7.91
CA ASN A 102 -15.69 7.10 8.19
C ASN A 102 -14.44 6.50 8.66
N PHE A 103 -13.39 6.58 7.84
CA PHE A 103 -12.11 6.06 8.19
C PHE A 103 -11.60 6.71 9.47
N ARG A 104 -11.61 8.05 9.47
CA ARG A 104 -11.08 8.84 10.56
C ARG A 104 -11.60 8.33 11.88
N ASP A 105 -12.95 8.51 12.07
CA ASP A 105 -13.69 8.20 13.31
C ASP A 105 -13.82 6.74 13.59
N ASN A 106 -13.74 5.90 12.58
CA ASN A 106 -13.74 4.45 12.78
C ASN A 106 -12.37 4.08 13.36
N ASN A 107 -11.49 5.04 13.23
CA ASN A 107 -10.21 5.16 13.86
C ASN A 107 -9.15 4.57 13.05
N VAL A 108 -8.90 5.26 11.97
CA VAL A 108 -7.90 4.80 11.01
C VAL A 108 -6.66 5.64 11.05
N LYS A 109 -5.51 5.01 11.12
CA LYS A 109 -4.27 5.74 11.08
C LYS A 109 -3.18 4.88 10.45
N GLY A 110 -2.96 5.12 9.18
CA GLY A 110 -1.98 4.34 8.43
C GLY A 110 -2.26 2.83 8.44
N THR A 111 -3.50 2.46 8.77
CA THR A 111 -3.89 1.07 8.92
C THR A 111 -4.21 0.41 7.55
N THR A 112 -5.30 0.84 6.96
CA THR A 112 -5.79 0.26 5.74
C THR A 112 -4.85 0.57 4.57
N LEU A 113 -4.00 1.55 4.75
CA LEU A 113 -3.01 1.93 3.77
C LEU A 113 -2.11 0.74 3.38
N PRO A 114 -1.28 0.13 4.28
CA PRO A 114 -0.55 -1.08 3.93
C PRO A 114 -1.42 -2.33 4.09
N ARG A 115 -2.61 -2.18 4.70
CA ARG A 115 -3.50 -3.32 4.84
C ARG A 115 -4.52 -3.43 3.72
N ILE A 116 -4.41 -2.59 2.69
CA ILE A 116 -5.15 -2.84 1.45
C ILE A 116 -4.71 -4.19 0.93
N ALA A 117 -5.62 -4.98 0.48
CA ALA A 117 -5.25 -6.36 0.22
C ALA A 117 -5.01 -6.67 -1.25
N VAL A 118 -5.55 -5.85 -2.12
CA VAL A 118 -5.39 -5.97 -3.58
C VAL A 118 -6.16 -7.19 -4.15
N HIS A 119 -5.73 -8.38 -3.77
CA HIS A 119 -6.33 -9.61 -4.24
C HIS A 119 -7.54 -9.99 -3.36
N GLU A 120 -7.58 -9.39 -2.20
CA GLU A 120 -8.66 -9.54 -1.25
C GLU A 120 -9.22 -8.14 -1.02
N PRO A 121 -10.41 -8.00 -0.42
CA PRO A 121 -10.97 -6.69 -0.09
C PRO A 121 -10.16 -6.06 1.04
N SER A 122 -9.84 -4.79 0.91
CA SER A 122 -9.16 -4.11 1.97
C SER A 122 -10.06 -4.04 3.19
N PHE A 123 -9.44 -4.21 4.32
CA PHE A 123 -10.10 -4.36 5.62
C PHE A 123 -11.16 -3.28 5.89
N MET A 124 -10.78 -2.03 5.74
CA MET A 124 -11.68 -0.92 6.02
C MET A 124 -12.81 -0.71 5.02
N ILE A 125 -12.65 -1.23 3.81
CA ILE A 125 -13.65 -1.05 2.75
C ILE A 125 -14.97 -1.72 3.15
N SER A 126 -14.86 -2.85 3.83
CA SER A 126 -15.99 -3.61 4.31
C SER A 126 -16.88 -2.76 5.26
N GLN A 127 -16.25 -1.85 5.99
CA GLN A 127 -16.94 -1.00 6.95
C GLN A 127 -17.44 0.29 6.30
N LEU A 128 -17.22 0.45 5.01
CA LEU A 128 -17.63 1.66 4.34
C LEU A 128 -19.00 1.52 3.69
N LYS A 129 -19.56 2.66 3.29
CA LYS A 129 -20.91 2.74 2.76
C LYS A 129 -20.99 2.11 1.34
N ILE A 130 -22.14 2.26 0.72
CA ILE A 130 -22.48 1.71 -0.58
C ILE A 130 -21.58 2.20 -1.74
N SER A 131 -20.53 1.44 -1.99
CA SER A 131 -19.63 1.62 -3.12
C SER A 131 -18.50 0.64 -2.97
N ASP A 132 -18.37 -0.25 -3.91
CA ASP A 132 -17.25 -1.16 -3.87
C ASP A 132 -16.21 -0.66 -4.83
N ARG A 133 -16.63 0.19 -5.76
CA ARG A 133 -15.73 0.72 -6.77
C ARG A 133 -14.89 1.86 -6.25
N SER A 134 -15.55 2.88 -5.76
CA SER A 134 -14.89 4.13 -5.41
C SER A 134 -14.00 4.00 -4.20
N HIS A 135 -14.45 3.26 -3.21
CA HIS A 135 -13.69 3.09 -1.99
C HIS A 135 -12.47 2.24 -2.25
N ARG A 136 -12.68 1.19 -3.04
CA ARG A 136 -11.63 0.24 -3.35
C ARG A 136 -10.58 0.93 -4.16
N GLN A 137 -10.99 1.59 -5.24
CA GLN A 137 -10.04 2.21 -6.13
C GLN A 137 -9.27 3.30 -5.44
N LYS A 138 -9.99 4.19 -4.69
CA LYS A 138 -9.34 5.31 -4.06
C LYS A 138 -8.22 4.83 -3.13
N LEU A 139 -8.54 3.89 -2.25
CA LEU A 139 -7.58 3.54 -1.26
C LEU A 139 -6.62 2.54 -1.76
N GLN A 140 -7.07 1.55 -2.49
CA GLN A 140 -6.18 0.51 -2.91
C GLN A 140 -5.10 1.09 -3.82
N LEU A 141 -5.48 1.94 -4.78
CA LEU A 141 -4.47 2.49 -5.66
C LEU A 141 -3.62 3.54 -4.95
N LYS A 142 -4.26 4.39 -4.14
CA LYS A 142 -3.50 5.44 -3.53
C LYS A 142 -2.64 4.96 -2.36
N ALA A 143 -3.16 4.03 -1.61
CA ALA A 143 -2.42 3.43 -0.53
C ALA A 143 -1.29 2.63 -1.08
N LEU A 144 -1.54 1.93 -2.17
CA LEU A 144 -0.51 1.12 -2.84
C LEU A 144 0.66 2.03 -3.22
N ASP A 145 0.30 3.16 -3.77
CA ASP A 145 1.23 4.23 -4.13
C ASP A 145 2.07 4.70 -2.93
N VAL A 146 1.41 5.02 -1.84
CA VAL A 146 2.09 5.55 -0.64
C VAL A 146 2.84 4.48 0.10
N VAL A 147 2.40 3.26 0.02
CA VAL A 147 3.12 2.17 0.58
C VAL A 147 4.43 2.01 -0.16
N LEU A 148 4.35 1.84 -1.46
CA LEU A 148 5.53 1.60 -2.27
C LEU A 148 6.46 2.79 -2.40
N PHE A 149 5.94 3.97 -2.27
CA PHE A 149 6.79 5.13 -2.33
C PHE A 149 7.32 5.43 -0.92
N GLY A 150 6.47 5.22 0.05
CA GLY A 150 6.83 5.45 1.43
C GLY A 150 6.82 6.91 1.80
N GLY A 1 -2.19 -25.87 1.94
CA GLY A 1 -1.21 -25.66 0.89
C GLY A 1 -0.21 -24.59 1.28
N SER A 2 0.46 -24.02 0.31
CA SER A 2 1.43 -23.00 0.56
C SER A 2 0.77 -21.64 0.76
N HIS A 3 0.54 -21.29 2.00
CA HIS A 3 0.04 -19.99 2.35
C HIS A 3 1.03 -19.34 3.29
N MET A 4 1.32 -18.10 3.07
CA MET A 4 2.30 -17.41 3.88
C MET A 4 1.61 -16.72 5.06
N ALA A 5 0.35 -16.40 4.86
CA ALA A 5 -0.45 -15.78 5.89
C ALA A 5 -0.84 -16.81 6.93
N SER A 6 -0.22 -16.75 8.07
CA SER A 6 -0.50 -17.66 9.14
C SER A 6 -1.51 -17.01 10.09
N THR A 7 -1.35 -15.73 10.28
CA THR A 7 -2.13 -14.95 11.17
C THR A 7 -3.06 -14.09 10.33
N GLU A 8 -4.14 -13.60 10.90
CA GLU A 8 -5.04 -12.74 10.17
C GLU A 8 -4.35 -11.41 9.88
N GLU A 9 -3.46 -11.00 10.76
CA GLU A 9 -2.72 -9.79 10.52
C GLU A 9 -1.79 -9.96 9.32
N ASP A 10 -1.35 -11.20 9.10
CA ASP A 10 -0.51 -11.53 7.95
C ASP A 10 -1.31 -11.40 6.72
N ARG A 11 -2.55 -11.84 6.81
CA ARG A 11 -3.48 -11.74 5.71
C ARG A 11 -3.61 -10.30 5.24
N PHE A 12 -3.70 -9.38 6.16
CA PHE A 12 -3.80 -8.00 5.74
C PHE A 12 -2.43 -7.39 5.40
N SER A 13 -1.51 -7.44 6.35
CA SER A 13 -0.26 -6.69 6.24
C SER A 13 0.77 -7.41 5.41
N LEU A 14 0.98 -8.66 5.72
CA LEU A 14 2.02 -9.41 5.05
C LEU A 14 1.61 -9.67 3.63
N GLU A 15 0.39 -10.08 3.44
CA GLU A 15 -0.14 -10.35 2.12
C GLU A 15 -0.16 -9.08 1.27
N ALA A 16 -0.52 -7.92 1.86
CA ALA A 16 -0.47 -6.66 1.14
C ALA A 16 0.94 -6.41 0.61
N LEU A 17 1.90 -6.43 1.51
CA LEU A 17 3.28 -6.14 1.15
C LEU A 17 3.88 -7.25 0.28
N GLN A 18 3.39 -8.45 0.46
CA GLN A 18 3.83 -9.61 -0.28
C GLN A 18 3.38 -9.51 -1.71
N THR A 19 2.15 -9.07 -1.89
CA THR A 19 1.60 -8.97 -3.20
C THR A 19 2.33 -7.91 -4.01
N ILE A 20 2.57 -6.74 -3.42
CA ILE A 20 3.31 -5.69 -4.13
C ILE A 20 4.74 -6.11 -4.40
N HIS A 21 5.32 -6.82 -3.46
CA HIS A 21 6.63 -7.38 -3.66
C HIS A 21 6.57 -8.37 -4.82
N LYS A 22 5.55 -9.21 -4.87
CA LYS A 22 5.31 -10.14 -5.97
C LYS A 22 5.01 -9.38 -7.28
N GLN A 23 4.43 -8.21 -7.17
CA GLN A 23 4.16 -7.42 -8.34
C GLN A 23 5.47 -6.96 -8.94
N MET A 24 6.41 -6.55 -8.09
CA MET A 24 7.70 -6.15 -8.60
C MET A 24 8.61 -7.35 -8.78
N ASP A 25 8.84 -8.09 -7.74
CA ASP A 25 9.65 -9.30 -7.77
C ASP A 25 8.69 -10.39 -8.12
N ASP A 26 8.55 -10.59 -9.37
CA ASP A 26 7.52 -11.46 -9.90
C ASP A 26 7.75 -12.89 -9.53
N ASP A 27 8.97 -13.23 -9.42
CA ASP A 27 9.31 -14.57 -9.07
C ASP A 27 9.48 -14.72 -7.56
N LYS A 28 9.58 -13.59 -6.85
CA LYS A 28 9.82 -13.52 -5.46
C LYS A 28 10.91 -14.35 -4.99
N ASP A 29 12.08 -13.92 -5.41
CA ASP A 29 13.32 -14.38 -4.99
C ASP A 29 13.39 -14.00 -3.56
N GLY A 30 12.74 -12.88 -3.32
CA GLY A 30 12.94 -12.15 -2.15
C GLY A 30 13.97 -11.15 -2.54
N GLY A 31 13.78 -10.64 -3.73
CA GLY A 31 14.70 -9.76 -4.32
C GLY A 31 14.11 -9.14 -5.55
N ILE A 32 13.66 -7.93 -5.38
CA ILE A 32 13.14 -7.15 -6.44
C ILE A 32 14.31 -6.62 -7.22
N GLU A 33 14.20 -6.72 -8.49
CA GLU A 33 15.19 -6.20 -9.39
C GLU A 33 14.69 -4.90 -9.85
N VAL A 34 15.60 -4.04 -10.21
CA VAL A 34 15.24 -2.74 -10.71
C VAL A 34 14.45 -2.89 -12.01
N GLU A 35 14.74 -3.98 -12.71
CA GLU A 35 14.07 -4.33 -13.93
C GLU A 35 12.66 -4.86 -13.63
N GLU A 36 12.55 -5.60 -12.54
CA GLU A 36 11.30 -6.23 -12.15
C GLU A 36 10.29 -5.18 -11.63
N SER A 37 10.77 -4.23 -10.84
CA SER A 37 9.92 -3.22 -10.20
C SER A 37 9.38 -2.22 -11.20
N ASP A 38 10.23 -1.88 -12.13
CA ASP A 38 9.95 -0.88 -13.16
C ASP A 38 8.64 -1.20 -13.86
N GLU A 39 8.47 -2.48 -14.22
CA GLU A 39 7.27 -2.92 -14.92
C GLU A 39 5.99 -2.63 -14.11
N PHE A 40 6.06 -2.76 -12.77
CA PHE A 40 4.89 -2.48 -11.95
C PHE A 40 4.65 -0.97 -11.83
N ILE A 41 5.73 -0.19 -11.79
CA ILE A 41 5.60 1.26 -11.68
C ILE A 41 4.98 1.81 -12.97
N ARG A 42 5.42 1.27 -14.08
CA ARG A 42 5.05 1.74 -15.44
C ARG A 42 3.57 1.84 -15.74
N GLU A 43 2.70 1.21 -14.98
CA GLU A 43 1.27 1.34 -15.26
C GLU A 43 0.49 1.60 -13.95
N ASP A 44 0.59 0.65 -13.01
CA ASP A 44 -0.11 0.75 -11.73
C ASP A 44 0.36 1.94 -10.94
N MET A 45 1.63 2.26 -11.04
CA MET A 45 2.03 3.47 -10.41
C MET A 45 1.86 4.64 -11.36
N LYS A 46 1.87 4.35 -12.70
CA LYS A 46 1.71 5.35 -13.80
C LYS A 46 0.48 6.18 -13.59
N TYR A 47 -0.54 5.56 -13.00
CA TYR A 47 -1.80 6.29 -12.63
C TYR A 47 -1.50 7.58 -11.81
N LYS A 48 -0.25 7.70 -11.31
CA LYS A 48 0.22 8.83 -10.55
C LYS A 48 1.67 9.20 -10.95
N ASP A 49 2.57 8.22 -11.01
CA ASP A 49 4.01 8.52 -11.27
C ASP A 49 4.66 7.38 -12.06
N ALA A 50 5.94 7.47 -12.35
CA ALA A 50 6.63 6.47 -13.12
C ALA A 50 8.14 6.41 -12.77
N THR A 51 8.87 7.48 -12.98
CA THR A 51 10.30 7.42 -12.70
C THR A 51 10.63 7.74 -11.25
N ASN A 52 9.91 8.67 -10.65
CA ASN A 52 10.21 9.16 -9.30
C ASN A 52 10.05 8.03 -8.28
N LYS A 53 9.02 7.21 -8.49
CA LYS A 53 8.76 6.07 -7.61
C LYS A 53 9.95 5.13 -7.52
N HIS A 54 10.59 4.83 -8.66
CA HIS A 54 11.73 3.95 -8.58
C HIS A 54 12.96 4.66 -8.17
N SER A 55 13.16 5.89 -8.65
CA SER A 55 14.34 6.68 -8.33
C SER A 55 14.49 6.85 -6.82
N HIS A 56 13.38 6.96 -6.11
CA HIS A 56 13.39 7.09 -4.67
C HIS A 56 13.86 5.79 -3.97
N LEU A 57 13.35 4.64 -4.37
CA LEU A 57 13.75 3.37 -3.75
C LEU A 57 15.06 2.86 -4.31
N HIS A 58 15.10 2.81 -5.60
CA HIS A 58 16.18 2.20 -6.38
C HIS A 58 17.32 3.16 -6.59
N ARG A 59 17.29 4.24 -5.80
CA ARG A 59 18.39 5.19 -5.68
C ARG A 59 19.68 4.42 -5.36
N GLU A 60 19.52 3.45 -4.47
CA GLU A 60 20.56 2.53 -4.03
C GLU A 60 19.92 1.19 -3.83
N ASP A 61 18.79 1.21 -3.14
CA ASP A 61 18.09 0.00 -2.78
C ASP A 61 17.32 -0.56 -3.96
N LYS A 62 18.04 -1.20 -4.87
CA LYS A 62 17.41 -1.86 -6.00
C LYS A 62 16.91 -3.20 -5.54
N HIS A 63 17.80 -3.91 -4.92
CA HIS A 63 17.51 -5.23 -4.39
C HIS A 63 16.67 -5.15 -3.11
N ILE A 64 15.40 -5.18 -3.30
CA ILE A 64 14.47 -5.11 -2.21
C ILE A 64 13.89 -6.50 -1.95
N THR A 65 14.14 -7.03 -0.79
CA THR A 65 13.60 -8.30 -0.41
C THR A 65 12.21 -8.08 0.20
N ILE A 66 11.39 -9.10 0.22
CA ILE A 66 10.04 -9.10 0.81
C ILE A 66 10.02 -8.46 2.23
N GLU A 67 11.06 -8.70 3.00
CA GLU A 67 11.21 -8.15 4.35
C GLU A 67 11.53 -6.63 4.31
N ASP A 68 12.20 -6.22 3.23
CA ASP A 68 12.63 -4.86 3.06
C ASP A 68 11.48 -3.94 2.93
N LEU A 69 10.38 -4.43 2.37
CA LEU A 69 9.19 -3.61 2.28
C LEU A 69 8.68 -3.31 3.66
N TRP A 70 8.62 -4.35 4.49
CA TRP A 70 8.18 -4.23 5.87
C TRP A 70 8.95 -3.18 6.62
N LYS A 71 10.26 -3.31 6.65
CA LYS A 71 11.11 -2.30 7.31
C LYS A 71 11.00 -0.93 6.66
N ARG A 72 10.92 -0.90 5.33
CA ARG A 72 10.81 0.37 4.60
C ARG A 72 9.63 1.18 5.06
N TRP A 73 8.46 0.58 5.03
CA TRP A 73 7.26 1.30 5.38
C TRP A 73 7.15 1.49 6.88
N LYS A 74 7.74 0.55 7.62
CA LYS A 74 7.87 0.63 9.08
C LYS A 74 8.56 1.94 9.48
N THR A 75 9.55 2.29 8.71
CA THR A 75 10.32 3.48 8.95
C THR A 75 9.83 4.66 8.09
N SER A 76 8.69 4.49 7.46
CA SER A 76 8.12 5.50 6.62
C SER A 76 6.92 6.10 7.32
N GLU A 77 6.67 7.36 7.04
CA GLU A 77 5.57 8.08 7.65
C GLU A 77 4.21 7.48 7.31
N VAL A 78 4.07 6.86 6.14
CA VAL A 78 2.81 6.28 5.66
C VAL A 78 2.14 5.38 6.72
N HIS A 79 2.94 4.57 7.33
CA HIS A 79 2.53 3.61 8.29
C HIS A 79 2.41 4.25 9.68
N ASN A 80 2.80 5.49 9.77
CA ASN A 80 2.85 6.20 11.03
C ASN A 80 1.84 7.34 11.07
N TRP A 81 1.18 7.61 9.95
CA TRP A 81 0.17 8.68 9.87
C TRP A 81 -0.94 8.50 10.88
N THR A 82 -1.44 9.59 11.42
CA THR A 82 -2.55 9.50 12.31
C THR A 82 -3.84 9.74 11.53
N LEU A 83 -4.93 9.75 12.23
CA LEU A 83 -6.25 9.91 11.67
C LEU A 83 -6.42 11.21 10.92
N GLU A 84 -5.79 12.28 11.38
CA GLU A 84 -5.92 13.52 10.66
C GLU A 84 -5.10 13.48 9.37
N ASP A 85 -3.92 12.86 9.43
CA ASP A 85 -3.00 12.80 8.29
C ASP A 85 -3.59 11.95 7.20
N THR A 86 -4.07 10.78 7.59
CA THR A 86 -4.63 9.82 6.67
C THR A 86 -5.81 10.41 5.89
N LEU A 87 -6.69 11.07 6.59
CA LEU A 87 -7.88 11.59 5.97
C LEU A 87 -7.66 12.84 5.18
N GLN A 88 -6.76 13.67 5.65
CA GLN A 88 -6.42 14.84 4.90
C GLN A 88 -5.74 14.41 3.60
N TRP A 89 -4.99 13.32 3.67
CA TRP A 89 -4.33 12.78 2.51
C TRP A 89 -5.40 12.19 1.58
N LEU A 90 -6.46 11.61 2.16
CA LEU A 90 -7.56 11.11 1.38
C LEU A 90 -8.19 12.21 0.58
N ILE A 91 -8.66 13.28 1.18
CA ILE A 91 -9.35 14.26 0.35
C ILE A 91 -8.37 15.00 -0.56
N GLU A 92 -7.15 15.20 -0.10
CA GLU A 92 -6.12 15.88 -0.87
C GLU A 92 -5.63 15.06 -2.07
N PHE A 93 -5.73 13.76 -1.97
CA PHE A 93 -5.32 12.90 -3.07
C PHE A 93 -6.47 12.20 -3.77
N VAL A 94 -7.41 11.66 -3.02
CA VAL A 94 -8.52 10.96 -3.63
C VAL A 94 -9.66 11.91 -3.97
N GLU A 95 -9.75 13.04 -3.20
CA GLU A 95 -10.84 14.00 -3.35
C GLU A 95 -12.18 13.34 -2.92
N LEU A 96 -12.11 12.47 -1.89
CA LEU A 96 -13.34 11.84 -1.34
C LEU A 96 -13.76 12.32 0.08
N PRO A 97 -14.09 13.61 0.29
CA PRO A 97 -14.40 14.14 1.62
C PRO A 97 -15.76 13.66 2.17
N GLN A 98 -16.44 12.83 1.40
CA GLN A 98 -17.73 12.34 1.77
C GLN A 98 -17.58 11.06 2.61
N TYR A 99 -16.40 10.50 2.59
CA TYR A 99 -16.16 9.25 3.29
C TYR A 99 -15.05 9.36 4.30
N GLU A 100 -14.49 10.55 4.44
CA GLU A 100 -13.36 10.72 5.33
C GLU A 100 -13.77 10.59 6.77
N LYS A 101 -14.99 11.01 7.06
CA LYS A 101 -15.49 11.00 8.41
C LYS A 101 -15.67 9.57 8.89
N ASN A 102 -16.00 8.68 7.96
CA ASN A 102 -16.27 7.28 8.27
C ASN A 102 -15.00 6.58 8.67
N PHE A 103 -13.97 6.72 7.84
CA PHE A 103 -12.68 6.12 8.13
C PHE A 103 -12.15 6.68 9.44
N ARG A 104 -12.06 8.01 9.49
CA ARG A 104 -11.50 8.70 10.64
C ARG A 104 -12.12 8.21 11.92
N ASP A 105 -13.47 8.30 12.00
CA ASP A 105 -14.31 7.91 13.18
C ASP A 105 -14.20 6.43 13.52
N ASN A 106 -14.12 5.56 12.51
CA ASN A 106 -13.90 4.11 12.79
C ASN A 106 -12.50 3.89 13.35
N ASN A 107 -11.72 4.94 13.19
CA ASN A 107 -10.40 5.12 13.74
C ASN A 107 -9.39 4.68 12.78
N VAL A 108 -9.27 5.46 11.75
CA VAL A 108 -8.31 5.13 10.69
C VAL A 108 -7.07 5.98 10.79
N LYS A 109 -5.93 5.34 10.94
CA LYS A 109 -4.67 6.04 11.11
C LYS A 109 -3.50 5.32 10.48
N GLY A 110 -3.29 5.61 9.20
CA GLY A 110 -2.22 4.96 8.42
C GLY A 110 -2.28 3.45 8.50
N THR A 111 -3.47 2.96 8.70
CA THR A 111 -3.70 1.57 8.90
C THR A 111 -4.13 0.85 7.65
N THR A 112 -5.32 1.13 7.20
CA THR A 112 -5.89 0.47 6.06
C THR A 112 -5.08 0.77 4.79
N LEU A 113 -4.29 1.83 4.80
CA LEU A 113 -3.46 2.16 3.67
C LEU A 113 -2.38 1.09 3.41
N PRO A 114 -1.40 0.85 4.32
CA PRO A 114 -0.46 -0.27 4.14
C PRO A 114 -1.13 -1.63 4.36
N ARG A 115 -2.36 -1.63 4.91
CA ARG A 115 -3.07 -2.88 5.14
C ARG A 115 -4.21 -3.14 4.14
N ILE A 116 -4.26 -2.35 3.04
CA ILE A 116 -5.15 -2.68 1.91
C ILE A 116 -4.91 -4.10 1.40
N ALA A 117 -5.84 -4.58 0.68
CA ALA A 117 -5.74 -5.88 0.11
C ALA A 117 -6.15 -5.77 -1.33
N VAL A 118 -5.33 -6.29 -2.20
CA VAL A 118 -5.63 -6.19 -3.61
C VAL A 118 -6.27 -7.49 -4.14
N HIS A 119 -5.97 -8.58 -3.47
CA HIS A 119 -6.53 -9.89 -3.83
C HIS A 119 -7.90 -10.07 -3.27
N GLU A 120 -8.11 -9.45 -2.15
CA GLU A 120 -9.34 -9.56 -1.41
C GLU A 120 -9.79 -8.15 -1.10
N PRO A 121 -11.05 -7.94 -0.70
CA PRO A 121 -11.51 -6.62 -0.32
C PRO A 121 -10.73 -6.13 0.90
N SER A 122 -10.18 -4.93 0.79
CA SER A 122 -9.41 -4.35 1.86
C SER A 122 -10.23 -4.19 3.12
N PHE A 123 -9.53 -4.14 4.22
CA PHE A 123 -10.11 -4.13 5.57
C PHE A 123 -11.19 -3.06 5.74
N MET A 124 -10.79 -1.80 5.74
CA MET A 124 -11.75 -0.72 5.95
C MET A 124 -12.64 -0.51 4.75
N ILE A 125 -12.17 -0.94 3.60
CA ILE A 125 -12.93 -0.79 2.36
C ILE A 125 -14.17 -1.67 2.37
N SER A 126 -14.00 -2.90 2.83
CA SER A 126 -15.07 -3.85 2.89
C SER A 126 -16.09 -3.39 3.94
N GLN A 127 -15.59 -2.83 5.02
CA GLN A 127 -16.44 -2.42 6.12
C GLN A 127 -17.12 -1.08 5.84
N LEU A 128 -16.62 -0.38 4.87
CA LEU A 128 -17.17 0.90 4.54
C LEU A 128 -18.37 0.75 3.62
N LYS A 129 -19.54 0.97 4.22
CA LYS A 129 -20.83 0.97 3.56
C LYS A 129 -21.18 -0.41 2.95
N ILE A 130 -20.77 -0.64 1.72
CA ILE A 130 -21.11 -1.89 1.02
C ILE A 130 -19.93 -2.36 0.19
N SER A 131 -18.76 -1.75 0.44
CA SER A 131 -17.57 -1.95 -0.37
C SER A 131 -17.84 -1.42 -1.79
N ASP A 132 -17.63 -0.16 -1.95
CA ASP A 132 -17.94 0.56 -3.18
C ASP A 132 -16.70 0.69 -4.07
N ARG A 133 -16.94 0.84 -5.37
CA ARG A 133 -15.88 0.98 -6.39
C ARG A 133 -14.91 2.08 -6.03
N SER A 134 -15.45 3.23 -5.64
CA SER A 134 -14.65 4.38 -5.33
C SER A 134 -13.77 4.10 -4.13
N HIS A 135 -14.26 3.29 -3.20
CA HIS A 135 -13.50 2.98 -1.99
C HIS A 135 -12.27 2.19 -2.37
N ARG A 136 -12.47 1.13 -3.14
CA ARG A 136 -11.37 0.26 -3.46
C ARG A 136 -10.44 0.88 -4.46
N GLN A 137 -10.91 1.73 -5.33
CA GLN A 137 -9.98 2.37 -6.22
C GLN A 137 -9.19 3.45 -5.49
N LYS A 138 -9.89 4.25 -4.67
CA LYS A 138 -9.25 5.36 -3.99
C LYS A 138 -8.15 4.90 -3.09
N LEU A 139 -8.48 4.00 -2.20
CA LEU A 139 -7.55 3.66 -1.19
C LEU A 139 -6.53 2.74 -1.72
N GLN A 140 -6.95 1.75 -2.51
CA GLN A 140 -6.01 0.79 -3.01
C GLN A 140 -4.94 1.44 -3.85
N LEU A 141 -5.28 2.25 -4.86
CA LEU A 141 -4.23 2.84 -5.66
C LEU A 141 -3.47 3.95 -4.96
N LYS A 142 -4.17 4.75 -4.12
CA LYS A 142 -3.47 5.82 -3.45
C LYS A 142 -2.51 5.25 -2.41
N ALA A 143 -2.99 4.30 -1.63
CA ALA A 143 -2.19 3.62 -0.63
C ALA A 143 -1.07 2.88 -1.29
N LEU A 144 -1.40 2.15 -2.35
CA LEU A 144 -0.42 1.40 -3.18
C LEU A 144 0.75 2.30 -3.52
N ASP A 145 0.42 3.48 -3.95
CA ASP A 145 1.38 4.47 -4.36
C ASP A 145 2.25 4.94 -3.19
N VAL A 146 1.61 5.38 -2.11
CA VAL A 146 2.31 5.91 -0.92
C VAL A 146 3.09 4.85 -0.19
N VAL A 147 2.57 3.64 -0.20
CA VAL A 147 3.26 2.53 0.38
C VAL A 147 4.51 2.26 -0.41
N LEU A 148 4.37 2.06 -1.71
CA LEU A 148 5.52 1.75 -2.56
C LEU A 148 6.45 2.92 -2.78
N PHE A 149 6.02 4.07 -2.39
CA PHE A 149 6.93 5.20 -2.40
C PHE A 149 7.61 5.28 -1.04
N GLY A 150 6.80 5.55 -0.04
CA GLY A 150 7.28 5.73 1.31
C GLY A 150 8.31 6.83 1.45
N GLY A 1 5.70 -27.33 17.31
CA GLY A 1 4.38 -26.76 17.25
C GLY A 1 4.07 -26.28 15.87
N SER A 2 3.01 -25.54 15.72
CA SER A 2 2.63 -25.01 14.45
C SER A 2 2.58 -23.50 14.54
N HIS A 3 3.71 -22.89 14.30
CA HIS A 3 3.82 -21.46 14.33
C HIS A 3 4.17 -20.98 12.95
N MET A 4 3.13 -20.72 12.18
CA MET A 4 3.28 -20.33 10.79
C MET A 4 3.46 -18.83 10.68
N ALA A 5 3.13 -18.14 11.78
CA ALA A 5 3.20 -16.69 11.88
C ALA A 5 2.28 -16.03 10.87
N SER A 6 1.02 -16.01 11.20
CA SER A 6 0.05 -15.43 10.35
C SER A 6 -1.10 -14.91 11.20
N THR A 7 -1.22 -13.63 11.24
CA THR A 7 -2.25 -12.95 11.93
C THR A 7 -3.17 -12.43 10.86
N GLU A 8 -4.37 -12.02 11.19
CA GLU A 8 -5.25 -11.45 10.19
C GLU A 8 -4.64 -10.17 9.67
N GLU A 9 -3.92 -9.47 10.54
CA GLU A 9 -3.25 -8.27 10.15
C GLU A 9 -2.11 -8.57 9.17
N ASP A 10 -1.56 -9.80 9.26
CA ASP A 10 -0.54 -10.24 8.30
C ASP A 10 -1.20 -10.51 7.00
N ARG A 11 -2.43 -10.95 7.04
CA ARG A 11 -3.17 -11.16 5.83
C ARG A 11 -3.42 -9.82 5.13
N PHE A 12 -3.57 -8.78 5.89
CA PHE A 12 -3.68 -7.50 5.29
C PHE A 12 -2.31 -6.94 4.87
N SER A 13 -1.38 -6.87 5.82
CA SER A 13 -0.09 -6.22 5.58
C SER A 13 0.97 -7.12 4.99
N LEU A 14 1.13 -8.32 5.53
CA LEU A 14 2.16 -9.20 5.02
C LEU A 14 1.81 -9.61 3.64
N GLU A 15 0.56 -9.93 3.43
CA GLU A 15 0.06 -10.30 2.15
C GLU A 15 0.10 -9.11 1.18
N ALA A 16 -0.27 -7.90 1.65
CA ALA A 16 -0.17 -6.69 0.79
C ALA A 16 1.26 -6.49 0.32
N LEU A 17 2.17 -6.52 1.26
CA LEU A 17 3.57 -6.30 0.97
C LEU A 17 4.16 -7.48 0.17
N GLN A 18 3.64 -8.67 0.42
CA GLN A 18 4.06 -9.86 -0.31
C GLN A 18 3.60 -9.77 -1.74
N THR A 19 2.37 -9.33 -1.92
CA THR A 19 1.79 -9.20 -3.23
C THR A 19 2.59 -8.22 -4.07
N ILE A 20 2.85 -7.03 -3.54
CA ILE A 20 3.60 -6.02 -4.28
C ILE A 20 5.05 -6.43 -4.49
N HIS A 21 5.62 -7.10 -3.52
CA HIS A 21 6.95 -7.63 -3.66
C HIS A 21 6.95 -8.74 -4.70
N LYS A 22 5.86 -9.50 -4.83
CA LYS A 22 5.73 -10.50 -5.88
C LYS A 22 5.53 -9.82 -7.23
N GLN A 23 4.80 -8.73 -7.22
CA GLN A 23 4.55 -7.98 -8.43
C GLN A 23 5.85 -7.42 -8.96
N MET A 24 6.70 -6.94 -8.06
CA MET A 24 7.99 -6.49 -8.50
C MET A 24 8.97 -7.65 -8.57
N ASP A 25 9.22 -8.33 -7.49
CA ASP A 25 10.17 -9.43 -7.50
C ASP A 25 9.38 -10.64 -7.87
N ASP A 26 9.48 -11.02 -9.09
CA ASP A 26 8.66 -12.09 -9.65
C ASP A 26 9.06 -13.40 -9.06
N ASP A 27 10.32 -13.49 -8.77
CA ASP A 27 10.92 -14.67 -8.22
C ASP A 27 10.91 -14.64 -6.68
N LYS A 28 10.70 -13.45 -6.12
CA LYS A 28 10.62 -13.14 -4.65
C LYS A 28 11.72 -13.82 -3.90
N ASP A 29 12.82 -13.95 -4.57
CA ASP A 29 14.01 -14.56 -4.05
C ASP A 29 14.62 -13.61 -3.05
N GLY A 30 14.11 -12.41 -3.07
CA GLY A 30 14.50 -11.45 -2.12
C GLY A 30 15.24 -10.35 -2.73
N GLY A 31 14.90 -10.06 -3.93
CA GLY A 31 15.56 -9.06 -4.60
C GLY A 31 14.75 -8.52 -5.72
N ILE A 32 14.19 -7.38 -5.48
CA ILE A 32 13.45 -6.70 -6.47
C ILE A 32 14.43 -6.08 -7.41
N GLU A 33 14.37 -6.52 -8.60
CA GLU A 33 15.24 -6.10 -9.64
C GLU A 33 14.57 -4.95 -10.30
N VAL A 34 15.34 -3.97 -10.68
CA VAL A 34 14.80 -2.72 -11.16
C VAL A 34 13.94 -2.90 -12.42
N GLU A 35 14.26 -3.92 -13.21
CA GLU A 35 13.47 -4.20 -14.38
C GLU A 35 12.13 -4.78 -14.00
N GLU A 36 12.12 -5.45 -12.87
CA GLU A 36 10.96 -6.09 -12.35
C GLU A 36 9.99 -5.07 -11.76
N SER A 37 10.53 -4.18 -10.94
CA SER A 37 9.71 -3.19 -10.26
C SER A 37 9.13 -2.20 -11.23
N ASP A 38 9.96 -1.77 -12.19
CA ASP A 38 9.57 -0.83 -13.22
C ASP A 38 8.30 -1.28 -13.92
N GLU A 39 8.21 -2.59 -14.16
CA GLU A 39 7.07 -3.20 -14.84
C GLU A 39 5.76 -2.92 -14.06
N PHE A 40 5.80 -3.09 -12.75
CA PHE A 40 4.61 -2.87 -11.91
C PHE A 40 4.32 -1.38 -11.79
N ILE A 41 5.35 -0.57 -11.85
CA ILE A 41 5.16 0.86 -11.79
C ILE A 41 4.46 1.33 -13.08
N ARG A 42 4.86 0.76 -14.21
CA ARG A 42 4.39 1.12 -15.58
C ARG A 42 2.88 1.27 -15.82
N GLU A 43 2.04 0.75 -14.96
CA GLU A 43 0.64 1.03 -15.11
C GLU A 43 0.05 1.39 -13.74
N ASP A 44 0.13 0.43 -12.82
CA ASP A 44 -0.42 0.54 -11.47
C ASP A 44 0.06 1.79 -10.75
N MET A 45 1.35 2.02 -10.77
CA MET A 45 1.83 3.23 -10.13
C MET A 45 1.80 4.39 -11.12
N LYS A 46 1.86 4.06 -12.41
CA LYS A 46 1.91 5.02 -13.53
C LYS A 46 0.73 5.93 -13.58
N TYR A 47 -0.39 5.47 -13.04
CA TYR A 47 -1.57 6.35 -12.85
C TYR A 47 -1.17 7.63 -12.06
N LYS A 48 -0.03 7.57 -11.38
CA LYS A 48 0.54 8.64 -10.60
C LYS A 48 1.96 8.94 -11.10
N ASP A 49 2.88 7.97 -11.00
CA ASP A 49 4.28 8.19 -11.39
C ASP A 49 4.80 6.95 -12.10
N ALA A 50 5.86 7.09 -12.86
CA ALA A 50 6.41 5.99 -13.60
C ALA A 50 7.93 5.85 -13.39
N THR A 51 8.69 6.80 -13.87
CA THR A 51 10.13 6.68 -13.77
C THR A 51 10.66 7.23 -12.44
N ASN A 52 10.07 8.30 -11.97
CA ASN A 52 10.51 8.96 -10.74
C ASN A 52 10.32 8.05 -9.52
N LYS A 53 9.32 7.20 -9.61
CA LYS A 53 9.05 6.20 -8.61
C LYS A 53 10.27 5.28 -8.37
N HIS A 54 10.94 4.84 -9.42
CA HIS A 54 12.14 4.03 -9.25
C HIS A 54 13.34 4.92 -8.98
N SER A 55 13.34 6.12 -9.53
CA SER A 55 14.44 7.06 -9.28
C SER A 55 14.50 7.45 -7.78
N HIS A 56 13.35 7.49 -7.16
CA HIS A 56 13.20 7.81 -5.75
C HIS A 56 13.59 6.62 -4.87
N LEU A 57 12.98 5.48 -5.10
CA LEU A 57 13.20 4.31 -4.27
C LEU A 57 14.47 3.57 -4.65
N HIS A 58 14.61 3.28 -5.92
CA HIS A 58 15.70 2.48 -6.46
C HIS A 58 16.86 3.36 -6.88
N ARG A 59 16.95 4.52 -6.20
CA ARG A 59 18.05 5.52 -6.35
C ARG A 59 19.43 4.88 -6.12
N GLU A 60 19.39 3.73 -5.53
CA GLU A 60 20.52 2.92 -5.16
C GLU A 60 19.94 1.61 -4.68
N ASP A 61 18.85 1.74 -3.95
CA ASP A 61 18.16 0.63 -3.36
C ASP A 61 17.35 -0.11 -4.40
N LYS A 62 18.02 -0.85 -5.24
CA LYS A 62 17.34 -1.66 -6.21
C LYS A 62 16.91 -2.93 -5.53
N HIS A 63 17.89 -3.65 -5.03
CA HIS A 63 17.70 -4.89 -4.29
C HIS A 63 16.89 -4.72 -3.00
N ILE A 64 15.61 -4.83 -3.14
CA ILE A 64 14.70 -4.77 -2.01
C ILE A 64 14.15 -6.17 -1.79
N THR A 65 14.21 -6.65 -0.57
CA THR A 65 13.77 -7.98 -0.20
C THR A 65 12.37 -7.89 0.48
N ILE A 66 11.60 -9.00 0.54
CA ILE A 66 10.25 -9.01 1.16
C ILE A 66 10.22 -8.36 2.56
N GLU A 67 11.24 -8.65 3.36
CA GLU A 67 11.37 -8.12 4.72
C GLU A 67 11.71 -6.63 4.69
N ASP A 68 12.37 -6.23 3.61
CA ASP A 68 12.86 -4.90 3.47
C ASP A 68 11.70 -3.98 3.29
N LEU A 69 10.68 -4.43 2.53
CA LEU A 69 9.46 -3.62 2.36
C LEU A 69 8.85 -3.33 3.71
N TRP A 70 8.73 -4.37 4.53
CA TRP A 70 8.18 -4.24 5.87
C TRP A 70 8.88 -3.16 6.66
N LYS A 71 10.18 -3.27 6.79
CA LYS A 71 10.93 -2.25 7.54
C LYS A 71 10.90 -0.89 6.84
N ARG A 72 10.96 -0.89 5.51
CA ARG A 72 10.94 0.36 4.72
C ARG A 72 9.73 1.17 5.07
N TRP A 73 8.59 0.55 4.95
CA TRP A 73 7.34 1.23 5.16
C TRP A 73 7.08 1.46 6.63
N LYS A 74 7.62 0.57 7.47
CA LYS A 74 7.51 0.73 8.91
C LYS A 74 8.21 1.98 9.39
N THR A 75 9.29 2.34 8.76
CA THR A 75 9.97 3.54 9.11
C THR A 75 9.60 4.72 8.20
N SER A 76 8.57 4.54 7.41
CA SER A 76 8.06 5.59 6.56
C SER A 76 6.83 6.20 7.20
N GLU A 77 6.52 7.43 6.83
CA GLU A 77 5.44 8.21 7.43
C GLU A 77 4.07 7.51 7.32
N VAL A 78 3.88 6.73 6.27
CA VAL A 78 2.63 6.05 5.97
C VAL A 78 2.11 5.22 7.16
N HIS A 79 3.01 4.55 7.80
CA HIS A 79 2.72 3.66 8.89
C HIS A 79 2.62 4.44 10.22
N ASN A 80 2.95 5.71 10.15
CA ASN A 80 3.00 6.62 11.29
C ASN A 80 1.75 7.51 11.37
N TRP A 81 1.08 7.70 10.23
CA TRP A 81 -0.12 8.56 10.13
C TRP A 81 -1.20 8.18 11.17
N THR A 82 -1.79 9.19 11.77
CA THR A 82 -2.93 8.98 12.66
C THR A 82 -4.20 9.22 11.85
N LEU A 83 -5.33 9.10 12.49
CA LEU A 83 -6.63 9.22 11.87
C LEU A 83 -6.90 10.60 11.33
N GLU A 84 -6.42 11.62 11.98
CA GLU A 84 -6.64 12.96 11.46
C GLU A 84 -5.73 13.19 10.25
N ASP A 85 -4.54 12.63 10.36
CA ASP A 85 -3.47 12.80 9.41
C ASP A 85 -3.76 12.02 8.13
N THR A 86 -4.24 10.81 8.30
CA THR A 86 -4.56 9.93 7.19
C THR A 86 -5.74 10.51 6.38
N LEU A 87 -6.69 11.07 7.06
CA LEU A 87 -7.86 11.60 6.39
C LEU A 87 -7.63 12.90 5.73
N GLN A 88 -6.80 13.73 6.33
CA GLN A 88 -6.41 14.95 5.66
C GLN A 88 -5.60 14.59 4.42
N TRP A 89 -4.82 13.53 4.52
CA TRP A 89 -4.10 13.00 3.38
C TRP A 89 -5.10 12.51 2.31
N LEU A 90 -6.13 11.79 2.75
CA LEU A 90 -7.17 11.30 1.87
C LEU A 90 -7.81 12.40 1.06
N ILE A 91 -8.32 13.42 1.64
CA ILE A 91 -8.94 14.41 0.77
C ILE A 91 -7.87 15.19 -0.01
N GLU A 92 -6.71 15.39 0.59
CA GLU A 92 -5.62 16.12 -0.06
C GLU A 92 -5.00 15.40 -1.25
N PHE A 93 -4.83 14.12 -1.16
CA PHE A 93 -4.16 13.36 -2.23
C PHE A 93 -5.10 12.41 -2.96
N VAL A 94 -6.21 12.12 -2.35
CA VAL A 94 -7.24 11.28 -2.93
C VAL A 94 -8.40 12.15 -3.47
N GLU A 95 -8.73 13.22 -2.72
CA GLU A 95 -9.84 14.10 -2.99
C GLU A 95 -11.20 13.41 -2.82
N LEU A 96 -11.32 12.59 -1.80
CA LEU A 96 -12.59 11.92 -1.51
C LEU A 96 -13.16 12.28 -0.11
N PRO A 97 -13.61 13.54 0.10
CA PRO A 97 -14.07 14.05 1.41
C PRO A 97 -15.47 13.57 1.79
N GLN A 98 -15.94 12.60 1.09
CA GLN A 98 -17.28 12.07 1.29
C GLN A 98 -17.25 10.82 2.16
N TYR A 99 -16.08 10.32 2.41
CA TYR A 99 -15.93 9.08 3.12
C TYR A 99 -14.85 9.21 4.15
N GLU A 100 -14.43 10.45 4.39
CA GLU A 100 -13.35 10.67 5.30
C GLU A 100 -13.80 10.41 6.72
N LYS A 101 -15.06 10.79 7.02
CA LYS A 101 -15.57 10.57 8.35
C LYS A 101 -15.73 9.06 8.61
N ASN A 102 -16.03 8.32 7.54
CA ASN A 102 -16.26 6.88 7.62
C ASN A 102 -14.98 6.17 7.95
N PHE A 103 -13.93 6.46 7.19
CA PHE A 103 -12.64 5.88 7.43
C PHE A 103 -12.12 6.25 8.79
N ARG A 104 -12.11 7.56 9.06
CA ARG A 104 -11.59 8.11 10.31
C ARG A 104 -12.18 7.36 11.47
N ASP A 105 -13.53 7.35 11.51
CA ASP A 105 -14.36 6.75 12.56
C ASP A 105 -14.21 5.24 12.65
N ASN A 106 -14.06 4.56 11.49
CA ASN A 106 -13.81 3.09 11.50
C ASN A 106 -12.44 2.81 12.07
N ASN A 107 -11.68 3.88 12.19
CA ASN A 107 -10.40 4.00 12.87
C ASN A 107 -9.29 3.86 11.90
N VAL A 108 -9.20 4.83 11.05
CA VAL A 108 -8.17 4.79 10.02
C VAL A 108 -6.97 5.62 10.39
N LYS A 109 -5.98 4.97 10.96
CA LYS A 109 -4.76 5.63 11.34
C LYS A 109 -3.55 4.93 10.80
N GLY A 110 -3.27 5.18 9.53
CA GLY A 110 -2.18 4.49 8.84
C GLY A 110 -2.42 2.98 8.82
N THR A 111 -3.67 2.62 8.93
CA THR A 111 -4.07 1.24 9.04
C THR A 111 -4.32 0.61 7.65
N THR A 112 -5.43 0.98 7.04
CA THR A 112 -5.85 0.39 5.78
C THR A 112 -4.84 0.67 4.65
N LEU A 113 -4.01 1.68 4.84
CA LEU A 113 -2.97 2.01 3.89
C LEU A 113 -2.02 0.81 3.63
N PRO A 114 -1.19 0.33 4.61
CA PRO A 114 -0.41 -0.88 4.39
C PRO A 114 -1.25 -2.15 4.65
N ARG A 115 -2.51 -1.97 5.08
CA ARG A 115 -3.41 -3.11 5.30
C ARG A 115 -4.48 -3.25 4.21
N ILE A 116 -4.33 -2.52 3.10
CA ILE A 116 -5.20 -2.76 1.95
C ILE A 116 -5.15 -4.20 1.48
N ALA A 117 -6.19 -4.56 0.86
CA ALA A 117 -6.32 -5.85 0.30
C ALA A 117 -6.65 -5.64 -1.13
N VAL A 118 -5.87 -6.24 -1.98
CA VAL A 118 -6.09 -6.09 -3.40
C VAL A 118 -6.84 -7.29 -3.98
N HIS A 119 -6.70 -8.42 -3.32
CA HIS A 119 -7.31 -9.67 -3.76
C HIS A 119 -8.74 -9.83 -3.21
N GLU A 120 -9.06 -9.00 -2.26
CA GLU A 120 -10.39 -8.93 -1.65
C GLU A 120 -10.59 -7.46 -1.33
N PRO A 121 -11.81 -7.00 -1.00
CA PRO A 121 -12.00 -5.63 -0.54
C PRO A 121 -11.21 -5.39 0.76
N SER A 122 -10.73 -4.20 0.95
CA SER A 122 -9.92 -3.89 2.11
C SER A 122 -10.79 -3.75 3.37
N PHE A 123 -10.12 -3.85 4.52
CA PHE A 123 -10.73 -3.91 5.86
C PHE A 123 -11.86 -2.88 6.08
N MET A 124 -11.53 -1.61 6.06
CA MET A 124 -12.52 -0.54 6.30
C MET A 124 -13.56 -0.44 5.23
N ILE A 125 -13.25 -0.92 4.06
CA ILE A 125 -14.13 -0.83 2.93
C ILE A 125 -15.36 -1.72 3.15
N SER A 126 -15.15 -2.82 3.84
CA SER A 126 -16.23 -3.73 4.21
C SER A 126 -17.25 -3.02 5.14
N GLN A 127 -16.76 -2.05 5.91
CA GLN A 127 -17.57 -1.27 6.84
C GLN A 127 -17.85 0.13 6.32
N LEU A 128 -17.88 0.27 5.02
CA LEU A 128 -18.20 1.54 4.41
C LEU A 128 -19.65 1.52 3.95
N LYS A 129 -20.16 2.64 3.49
CA LYS A 129 -21.57 2.77 3.14
C LYS A 129 -21.92 2.16 1.77
N ILE A 130 -21.57 2.85 0.70
CA ILE A 130 -22.01 2.44 -0.61
C ILE A 130 -20.96 1.68 -1.41
N SER A 131 -21.09 0.37 -1.43
CA SER A 131 -20.26 -0.54 -2.20
C SER A 131 -18.78 -0.48 -1.80
N ASP A 132 -17.97 -1.18 -2.52
CA ASP A 132 -16.55 -1.21 -2.26
C ASP A 132 -15.79 -0.48 -3.35
N ARG A 133 -16.39 -0.37 -4.54
CA ARG A 133 -15.69 0.12 -5.77
C ARG A 133 -14.87 1.41 -5.60
N SER A 134 -15.50 2.48 -5.14
CA SER A 134 -14.82 3.77 -5.07
C SER A 134 -13.76 3.76 -3.99
N HIS A 135 -14.14 3.27 -2.85
CA HIS A 135 -13.27 3.21 -1.68
C HIS A 135 -12.07 2.33 -1.99
N ARG A 136 -12.33 1.26 -2.69
CA ARG A 136 -11.35 0.29 -3.04
C ARG A 136 -10.40 0.83 -4.06
N GLN A 137 -10.90 1.40 -5.14
CA GLN A 137 -10.01 1.92 -6.18
C GLN A 137 -9.16 3.06 -5.66
N LYS A 138 -9.79 3.96 -4.90
CA LYS A 138 -9.09 5.11 -4.38
C LYS A 138 -7.99 4.67 -3.41
N LEU A 139 -8.31 3.80 -2.47
CA LEU A 139 -7.36 3.45 -1.46
C LEU A 139 -6.41 2.41 -1.95
N GLN A 140 -6.85 1.47 -2.80
CA GLN A 140 -5.91 0.50 -3.34
C GLN A 140 -4.79 1.17 -4.06
N LEU A 141 -5.09 2.07 -5.01
CA LEU A 141 -4.01 2.68 -5.74
C LEU A 141 -3.26 3.71 -4.92
N LYS A 142 -3.97 4.44 -4.06
CA LYS A 142 -3.30 5.46 -3.30
C LYS A 142 -2.50 4.90 -2.13
N ALA A 143 -2.99 3.86 -1.50
CA ALA A 143 -2.26 3.20 -0.46
C ALA A 143 -1.09 2.47 -1.05
N LEU A 144 -1.33 1.83 -2.20
CA LEU A 144 -0.27 1.15 -2.97
C LEU A 144 0.86 2.14 -3.23
N ASP A 145 0.43 3.32 -3.64
CA ASP A 145 1.27 4.46 -3.91
C ASP A 145 2.08 4.85 -2.68
N VAL A 146 1.40 5.20 -1.61
CA VAL A 146 2.08 5.66 -0.40
C VAL A 146 2.88 4.59 0.29
N VAL A 147 2.46 3.35 0.18
CA VAL A 147 3.25 2.27 0.65
C VAL A 147 4.53 2.17 -0.16
N LEU A 148 4.41 1.99 -1.46
CA LEU A 148 5.58 1.78 -2.32
C LEU A 148 6.42 3.04 -2.52
N PHE A 149 5.86 4.17 -2.27
CA PHE A 149 6.58 5.42 -2.35
C PHE A 149 7.20 5.74 -1.00
N GLY A 150 6.44 5.49 0.05
CA GLY A 150 6.90 5.73 1.40
C GLY A 150 6.88 7.19 1.80
N GLY A 1 9.58 -14.76 4.07
CA GLY A 1 9.71 -16.16 4.46
C GLY A 1 8.87 -16.44 5.66
N SER A 2 9.26 -17.46 6.41
CA SER A 2 8.60 -17.87 7.63
C SER A 2 7.21 -18.48 7.35
N HIS A 3 6.21 -17.65 7.17
CA HIS A 3 4.85 -18.11 6.95
C HIS A 3 4.15 -17.14 6.02
N MET A 4 3.00 -17.51 5.54
CA MET A 4 2.15 -16.62 4.79
C MET A 4 0.86 -16.47 5.52
N ALA A 5 0.77 -15.43 6.33
CA ALA A 5 -0.37 -15.12 7.17
C ALA A 5 -0.49 -16.09 8.35
N SER A 6 0.32 -15.86 9.36
CA SER A 6 0.25 -16.64 10.57
C SER A 6 -0.77 -15.98 11.50
N THR A 7 -0.69 -14.67 11.59
CA THR A 7 -1.59 -13.87 12.38
C THR A 7 -2.54 -13.19 11.42
N GLU A 8 -3.62 -12.67 11.92
CA GLU A 8 -4.51 -11.92 11.10
C GLU A 8 -3.88 -10.62 10.66
N GLU A 9 -3.03 -10.05 11.51
CA GLU A 9 -2.31 -8.88 11.11
C GLU A 9 -1.28 -9.22 10.02
N ASP A 10 -0.74 -10.46 10.05
CA ASP A 10 0.14 -10.91 8.96
C ASP A 10 -0.69 -11.02 7.71
N ARG A 11 -1.88 -11.51 7.87
CA ARG A 11 -2.80 -11.67 6.79
C ARG A 11 -3.09 -10.35 6.10
N PHE A 12 -3.20 -9.31 6.86
CA PHE A 12 -3.43 -8.03 6.28
C PHE A 12 -2.13 -7.40 5.75
N SER A 13 -1.16 -7.26 6.63
CA SER A 13 0.04 -6.50 6.34
C SER A 13 1.07 -7.33 5.58
N LEU A 14 1.35 -8.54 6.04
CA LEU A 14 2.34 -9.37 5.39
C LEU A 14 1.88 -9.72 4.03
N GLU A 15 0.67 -10.19 3.94
CA GLU A 15 0.08 -10.56 2.68
C GLU A 15 0.01 -9.38 1.71
N ALA A 16 -0.42 -8.19 2.18
CA ALA A 16 -0.45 -6.99 1.32
C ALA A 16 0.92 -6.66 0.76
N LEU A 17 1.90 -6.60 1.64
CA LEU A 17 3.26 -6.24 1.25
C LEU A 17 3.91 -7.34 0.43
N GLN A 18 3.49 -8.56 0.67
CA GLN A 18 3.99 -9.72 -0.05
C GLN A 18 3.45 -9.72 -1.46
N THR A 19 2.23 -9.26 -1.60
CA THR A 19 1.58 -9.17 -2.88
C THR A 19 2.31 -8.16 -3.79
N ILE A 20 2.58 -6.97 -3.27
CA ILE A 20 3.28 -5.94 -4.04
C ILE A 20 4.72 -6.33 -4.30
N HIS A 21 5.33 -6.99 -3.32
CA HIS A 21 6.65 -7.52 -3.51
C HIS A 21 6.62 -8.57 -4.60
N LYS A 22 5.62 -9.43 -4.60
CA LYS A 22 5.43 -10.45 -5.66
C LYS A 22 5.19 -9.79 -7.03
N GLN A 23 4.51 -8.66 -7.03
CA GLN A 23 4.26 -7.93 -8.26
C GLN A 23 5.56 -7.42 -8.83
N MET A 24 6.41 -6.90 -7.96
CA MET A 24 7.68 -6.39 -8.41
C MET A 24 8.72 -7.46 -8.52
N ASP A 25 8.94 -8.20 -7.47
CA ASP A 25 9.88 -9.28 -7.47
C ASP A 25 9.03 -10.46 -7.84
N ASP A 26 9.00 -10.75 -9.09
CA ASP A 26 8.08 -11.73 -9.64
C ASP A 26 8.43 -13.11 -9.16
N ASP A 27 9.70 -13.31 -8.97
CA ASP A 27 10.20 -14.54 -8.44
C ASP A 27 10.31 -14.51 -6.91
N LYS A 28 10.25 -13.27 -6.33
CA LYS A 28 10.29 -12.99 -4.86
C LYS A 28 11.49 -13.64 -4.35
N ASP A 29 12.50 -13.51 -5.10
CA ASP A 29 13.69 -14.09 -4.87
C ASP A 29 14.41 -13.37 -3.77
N GLY A 30 13.85 -12.27 -3.41
CA GLY A 30 14.37 -11.50 -2.32
C GLY A 30 15.11 -10.35 -2.85
N GLY A 31 14.70 -9.93 -3.99
CA GLY A 31 15.33 -8.90 -4.64
C GLY A 31 14.46 -8.39 -5.73
N ILE A 32 13.84 -7.29 -5.45
CA ILE A 32 13.04 -6.62 -6.41
C ILE A 32 14.00 -5.92 -7.30
N GLU A 33 14.08 -6.38 -8.50
CA GLU A 33 14.95 -5.80 -9.45
C GLU A 33 14.36 -4.55 -9.93
N VAL A 34 15.20 -3.65 -10.31
CA VAL A 34 14.76 -2.41 -10.85
C VAL A 34 14.02 -2.68 -12.16
N GLU A 35 14.44 -3.73 -12.86
CA GLU A 35 13.81 -4.15 -14.08
C GLU A 35 12.47 -4.84 -13.75
N GLU A 36 12.49 -5.73 -12.75
CA GLU A 36 11.28 -6.45 -12.31
C GLU A 36 10.17 -5.49 -11.83
N SER A 37 10.54 -4.52 -11.01
CA SER A 37 9.60 -3.59 -10.41
C SER A 37 9.01 -2.63 -11.43
N ASP A 38 9.83 -2.29 -12.42
CA ASP A 38 9.49 -1.36 -13.49
C ASP A 38 8.17 -1.77 -14.11
N GLU A 39 8.02 -3.07 -14.32
CA GLU A 39 6.82 -3.68 -14.88
C GLU A 39 5.56 -3.29 -14.07
N PHE A 40 5.61 -3.44 -12.75
CA PHE A 40 4.44 -3.12 -11.91
C PHE A 40 4.20 -1.60 -11.88
N ILE A 41 5.27 -0.83 -12.00
CA ILE A 41 5.11 0.62 -11.97
C ILE A 41 4.50 1.12 -13.29
N ARG A 42 4.92 0.52 -14.39
CA ARG A 42 4.54 0.94 -15.76
C ARG A 42 3.05 1.07 -16.05
N GLU A 43 2.20 0.48 -15.26
CA GLU A 43 0.80 0.60 -15.54
C GLU A 43 -0.02 0.76 -14.24
N ASP A 44 0.10 -0.23 -13.36
CA ASP A 44 -0.71 -0.27 -12.14
C ASP A 44 -0.30 0.87 -11.23
N MET A 45 1.00 1.19 -11.21
CA MET A 45 1.40 2.39 -10.47
C MET A 45 1.40 3.58 -11.36
N LYS A 46 1.35 3.36 -12.70
CA LYS A 46 1.33 4.45 -13.71
C LYS A 46 0.13 5.31 -13.47
N TYR A 47 -0.90 4.70 -12.87
CA TYR A 47 -2.05 5.47 -12.32
C TYR A 47 -1.57 6.71 -11.53
N LYS A 48 -0.42 6.58 -10.90
CA LYS A 48 0.14 7.62 -10.07
C LYS A 48 1.48 8.11 -10.64
N ASP A 49 2.45 7.21 -10.70
CA ASP A 49 3.83 7.56 -11.07
C ASP A 49 4.45 6.46 -11.93
N ALA A 50 5.66 6.65 -12.40
CA ALA A 50 6.34 5.69 -13.21
C ALA A 50 7.85 5.74 -12.98
N THR A 51 8.42 6.89 -13.16
CA THR A 51 9.85 7.08 -13.04
C THR A 51 10.29 7.38 -11.61
N ASN A 52 9.59 8.29 -11.00
CA ASN A 52 9.98 8.91 -9.75
C ASN A 52 10.19 7.95 -8.61
N LYS A 53 9.35 6.92 -8.51
CA LYS A 53 9.55 5.89 -7.48
C LYS A 53 10.93 5.29 -7.57
N HIS A 54 11.33 4.94 -8.76
CA HIS A 54 12.61 4.29 -8.92
C HIS A 54 13.74 5.25 -8.72
N SER A 55 13.57 6.45 -9.21
CA SER A 55 14.58 7.48 -9.02
C SER A 55 14.84 7.75 -7.53
N HIS A 56 13.77 7.79 -6.73
CA HIS A 56 13.88 8.04 -5.29
C HIS A 56 14.30 6.82 -4.50
N LEU A 57 13.57 5.74 -4.65
CA LEU A 57 13.81 4.55 -3.85
C LEU A 57 14.99 3.75 -4.42
N HIS A 58 14.94 3.50 -5.72
CA HIS A 58 15.92 2.61 -6.38
C HIS A 58 17.13 3.42 -6.84
N ARG A 59 17.35 4.53 -6.15
CA ARG A 59 18.52 5.41 -6.32
C ARG A 59 19.82 4.62 -6.12
N GLU A 60 19.71 3.58 -5.33
CA GLU A 60 20.79 2.69 -4.99
C GLU A 60 20.18 1.42 -4.46
N ASP A 61 19.13 1.60 -3.67
CA ASP A 61 18.41 0.50 -3.09
C ASP A 61 17.54 -0.12 -4.17
N LYS A 62 18.10 -1.03 -4.92
CA LYS A 62 17.38 -1.65 -5.99
C LYS A 62 16.79 -2.93 -5.55
N HIS A 63 17.63 -3.90 -5.30
CA HIS A 63 17.14 -5.22 -4.90
C HIS A 63 16.56 -5.25 -3.49
N ILE A 64 15.32 -4.89 -3.42
CA ILE A 64 14.57 -4.83 -2.19
C ILE A 64 13.97 -6.20 -1.90
N THR A 65 14.19 -6.68 -0.71
CA THR A 65 13.75 -8.00 -0.32
C THR A 65 12.37 -7.89 0.39
N ILE A 66 11.60 -8.99 0.40
CA ILE A 66 10.24 -9.05 1.02
C ILE A 66 10.20 -8.41 2.45
N GLU A 67 11.23 -8.68 3.23
CA GLU A 67 11.36 -8.19 4.61
C GLU A 67 11.69 -6.69 4.65
N ASP A 68 12.32 -6.22 3.58
CA ASP A 68 12.79 -4.87 3.52
C ASP A 68 11.61 -3.97 3.39
N LEU A 69 10.61 -4.40 2.64
CA LEU A 69 9.38 -3.61 2.51
C LEU A 69 8.76 -3.37 3.88
N TRP A 70 8.69 -4.44 4.67
CA TRP A 70 8.16 -4.36 6.02
C TRP A 70 8.85 -3.31 6.83
N LYS A 71 10.15 -3.40 6.92
CA LYS A 71 10.91 -2.40 7.70
C LYS A 71 10.84 -1.01 7.05
N ARG A 72 10.80 -0.97 5.73
CA ARG A 72 10.74 0.29 4.98
C ARG A 72 9.54 1.08 5.39
N TRP A 73 8.39 0.49 5.28
CA TRP A 73 7.16 1.20 5.54
C TRP A 73 6.95 1.36 7.04
N LYS A 74 7.51 0.42 7.80
CA LYS A 74 7.50 0.46 9.25
C LYS A 74 8.25 1.71 9.75
N THR A 75 9.27 2.11 9.03
CA THR A 75 10.02 3.28 9.39
C THR A 75 9.59 4.52 8.58
N SER A 76 8.59 4.36 7.73
CA SER A 76 8.10 5.45 6.92
C SER A 76 6.92 6.13 7.59
N GLU A 77 6.72 7.39 7.24
CA GLU A 77 5.68 8.23 7.81
C GLU A 77 4.28 7.64 7.59
N VAL A 78 4.09 6.92 6.48
CA VAL A 78 2.80 6.36 6.09
C VAL A 78 2.16 5.55 7.23
N HIS A 79 2.98 4.84 7.92
CA HIS A 79 2.57 3.95 8.96
C HIS A 79 2.40 4.70 10.29
N ASN A 80 2.90 5.93 10.32
CA ASN A 80 2.87 6.75 11.53
C ASN A 80 1.76 7.78 11.46
N TRP A 81 1.19 7.96 10.25
CA TRP A 81 0.09 8.92 10.04
C TRP A 81 -1.07 8.56 10.94
N THR A 82 -1.61 9.54 11.62
CA THR A 82 -2.74 9.32 12.43
C THR A 82 -4.01 9.51 11.60
N LEU A 83 -5.13 9.46 12.25
CA LEU A 83 -6.41 9.56 11.64
C LEU A 83 -6.64 10.91 10.97
N GLU A 84 -6.13 11.96 11.55
CA GLU A 84 -6.29 13.25 10.92
C GLU A 84 -5.39 13.36 9.69
N ASP A 85 -4.18 12.78 9.78
CA ASP A 85 -3.20 12.83 8.70
C ASP A 85 -3.70 12.02 7.53
N THR A 86 -4.15 10.81 7.82
CA THR A 86 -4.64 9.90 6.81
C THR A 86 -5.84 10.49 6.08
N LEU A 87 -6.73 11.11 6.82
CA LEU A 87 -7.92 11.65 6.24
C LEU A 87 -7.71 12.91 5.48
N GLN A 88 -6.83 13.75 5.97
CA GLN A 88 -6.49 14.94 5.22
C GLN A 88 -5.83 14.50 3.92
N TRP A 89 -5.03 13.45 4.00
CA TRP A 89 -4.38 12.90 2.85
C TRP A 89 -5.42 12.35 1.87
N LEU A 90 -6.45 11.68 2.41
CA LEU A 90 -7.52 11.16 1.59
C LEU A 90 -8.20 12.26 0.79
N ILE A 91 -8.74 13.28 1.41
CA ILE A 91 -9.45 14.27 0.60
C ILE A 91 -8.48 15.05 -0.30
N GLU A 92 -7.28 15.28 0.21
CA GLU A 92 -6.24 16.00 -0.51
C GLU A 92 -5.82 15.30 -1.79
N PHE A 93 -5.75 13.99 -1.74
CA PHE A 93 -5.30 13.25 -2.90
C PHE A 93 -6.42 12.49 -3.62
N VAL A 94 -7.32 11.88 -2.88
CA VAL A 94 -8.38 11.12 -3.49
C VAL A 94 -9.58 12.01 -3.77
N GLU A 95 -9.71 13.13 -2.99
CA GLU A 95 -10.79 14.09 -3.16
C GLU A 95 -12.13 13.50 -2.70
N LEU A 96 -12.08 12.57 -1.75
CA LEU A 96 -13.35 12.00 -1.20
C LEU A 96 -13.66 12.47 0.23
N PRO A 97 -14.13 13.72 0.45
CA PRO A 97 -14.43 14.24 1.79
C PRO A 97 -15.76 13.72 2.33
N GLN A 98 -16.37 12.85 1.56
CA GLN A 98 -17.69 12.36 1.88
C GLN A 98 -17.61 11.07 2.63
N TYR A 99 -16.42 10.50 2.71
CA TYR A 99 -16.26 9.24 3.38
C TYR A 99 -15.11 9.30 4.34
N GLU A 100 -14.62 10.49 4.58
CA GLU A 100 -13.48 10.66 5.43
C GLU A 100 -13.84 10.34 6.86
N LYS A 101 -15.05 10.71 7.24
CA LYS A 101 -15.55 10.47 8.57
C LYS A 101 -15.69 8.98 8.85
N ASN A 102 -15.98 8.22 7.80
CA ASN A 102 -16.18 6.77 7.94
C ASN A 102 -14.87 6.11 8.25
N PHE A 103 -13.83 6.49 7.50
CA PHE A 103 -12.51 5.99 7.73
C PHE A 103 -12.02 6.42 9.08
N ARG A 104 -12.07 7.74 9.30
CA ARG A 104 -11.58 8.36 10.50
C ARG A 104 -12.11 7.60 11.69
N ASP A 105 -13.47 7.58 11.77
CA ASP A 105 -14.27 6.97 12.86
C ASP A 105 -14.04 5.49 13.05
N ASN A 106 -13.94 4.69 11.97
CA ASN A 106 -13.67 3.23 12.18
C ASN A 106 -12.25 3.05 12.70
N ASN A 107 -11.50 4.12 12.58
CA ASN A 107 -10.19 4.33 13.13
C ASN A 107 -9.16 4.08 12.14
N VAL A 108 -9.12 4.98 11.22
CA VAL A 108 -8.13 4.87 10.17
C VAL A 108 -6.93 5.74 10.42
N LYS A 109 -5.83 5.10 10.75
CA LYS A 109 -4.59 5.77 11.04
C LYS A 109 -3.40 4.98 10.57
N GLY A 110 -3.02 5.18 9.32
CA GLY A 110 -1.91 4.42 8.74
C GLY A 110 -2.14 2.91 8.81
N THR A 111 -3.39 2.54 8.84
CA THR A 111 -3.79 1.18 9.00
C THR A 111 -4.19 0.51 7.68
N THR A 112 -5.32 0.93 7.14
CA THR A 112 -5.81 0.37 5.89
C THR A 112 -4.83 0.64 4.75
N LEU A 113 -4.08 1.70 4.86
CA LEU A 113 -3.06 2.08 3.89
C LEU A 113 -2.06 0.92 3.60
N PRO A 114 -1.24 0.44 4.56
CA PRO A 114 -0.39 -0.71 4.29
C PRO A 114 -1.17 -2.05 4.37
N ARG A 115 -2.43 -2.00 4.88
CA ARG A 115 -3.23 -3.23 4.96
C ARG A 115 -4.17 -3.44 3.78
N ILE A 116 -4.19 -2.51 2.82
CA ILE A 116 -5.01 -2.67 1.61
C ILE A 116 -4.79 -3.98 0.92
N ALA A 117 -5.85 -4.52 0.44
CA ALA A 117 -5.79 -5.73 -0.29
C ALA A 117 -5.79 -5.38 -1.74
N VAL A 118 -4.69 -5.64 -2.38
CA VAL A 118 -4.49 -5.28 -3.77
C VAL A 118 -5.39 -6.09 -4.72
N HIS A 119 -5.73 -7.31 -4.32
CA HIS A 119 -6.56 -8.16 -5.18
C HIS A 119 -7.83 -8.66 -4.49
N GLU A 120 -8.05 -8.23 -3.27
CA GLU A 120 -9.20 -8.70 -2.50
C GLU A 120 -9.98 -7.48 -2.03
N PRO A 121 -11.23 -7.64 -1.55
CA PRO A 121 -11.96 -6.55 -0.94
C PRO A 121 -11.24 -6.13 0.34
N SER A 122 -10.53 -5.01 0.26
CA SER A 122 -9.71 -4.52 1.36
C SER A 122 -10.52 -4.32 2.64
N PHE A 123 -9.79 -4.27 3.73
CA PHE A 123 -10.32 -4.25 5.09
C PHE A 123 -11.36 -3.13 5.30
N MET A 124 -10.92 -1.88 5.26
CA MET A 124 -11.82 -0.74 5.43
C MET A 124 -12.84 -0.61 4.33
N ILE A 125 -12.54 -1.19 3.18
CA ILE A 125 -13.44 -1.13 2.04
C ILE A 125 -14.61 -2.09 2.26
N SER A 126 -14.30 -3.28 2.70
CA SER A 126 -15.30 -4.30 2.95
C SER A 126 -16.19 -3.90 4.12
N GLN A 127 -15.62 -3.18 5.06
CA GLN A 127 -16.36 -2.78 6.25
C GLN A 127 -16.91 -1.37 6.10
N LEU A 128 -16.88 -0.84 4.90
CA LEU A 128 -17.35 0.51 4.64
C LEU A 128 -18.82 0.44 4.29
N LYS A 129 -19.54 1.45 4.70
CA LYS A 129 -20.96 1.60 4.49
C LYS A 129 -21.38 1.38 3.02
N ILE A 130 -20.99 2.28 2.13
CA ILE A 130 -21.39 2.18 0.71
C ILE A 130 -20.30 2.68 -0.22
N SER A 131 -20.52 2.46 -1.52
CA SER A 131 -19.66 2.94 -2.61
C SER A 131 -18.29 2.28 -2.58
N ASP A 132 -18.29 0.95 -2.53
CA ASP A 132 -17.07 0.16 -2.45
C ASP A 132 -16.14 0.46 -3.63
N ARG A 133 -16.71 0.75 -4.83
CA ARG A 133 -15.90 1.07 -6.03
C ARG A 133 -14.99 2.25 -5.78
N SER A 134 -15.55 3.32 -5.22
CA SER A 134 -14.80 4.51 -4.91
C SER A 134 -13.71 4.19 -3.93
N HIS A 135 -14.03 3.36 -2.97
CA HIS A 135 -13.09 3.01 -1.96
C HIS A 135 -11.97 2.15 -2.50
N ARG A 136 -12.29 1.23 -3.42
CA ARG A 136 -11.29 0.37 -4.04
C ARG A 136 -10.33 1.20 -4.85
N GLN A 137 -10.87 2.05 -5.72
CA GLN A 137 -10.04 2.85 -6.58
C GLN A 137 -9.18 3.83 -5.80
N LYS A 138 -9.77 4.49 -4.82
CA LYS A 138 -9.03 5.50 -4.11
C LYS A 138 -8.00 4.92 -3.17
N LEU A 139 -8.40 4.04 -2.33
CA LEU A 139 -7.50 3.62 -1.29
C LEU A 139 -6.53 2.62 -1.80
N GLN A 140 -6.98 1.69 -2.63
CA GLN A 140 -6.08 0.70 -3.15
C GLN A 140 -4.96 1.35 -3.93
N LEU A 141 -5.25 2.24 -4.90
CA LEU A 141 -4.16 2.83 -5.69
C LEU A 141 -3.38 3.85 -4.87
N LYS A 142 -4.06 4.61 -4.01
CA LYS A 142 -3.37 5.62 -3.26
C LYS A 142 -2.55 5.08 -2.14
N ALA A 143 -3.04 4.09 -1.46
CA ALA A 143 -2.29 3.46 -0.42
C ALA A 143 -1.15 2.67 -1.03
N LEU A 144 -1.43 2.04 -2.17
CA LEU A 144 -0.44 1.29 -2.95
C LEU A 144 0.75 2.21 -3.22
N ASP A 145 0.41 3.40 -3.67
CA ASP A 145 1.36 4.47 -3.91
C ASP A 145 2.14 4.87 -2.66
N VAL A 146 1.46 5.21 -1.60
CA VAL A 146 2.14 5.69 -0.39
C VAL A 146 2.95 4.62 0.29
N VAL A 147 2.58 3.38 0.06
CA VAL A 147 3.36 2.30 0.50
C VAL A 147 4.59 2.16 -0.38
N LEU A 148 4.40 1.96 -1.66
CA LEU A 148 5.50 1.66 -2.60
C LEU A 148 6.41 2.85 -2.93
N PHE A 149 5.87 4.03 -2.93
CA PHE A 149 6.63 5.22 -3.20
C PHE A 149 7.06 5.85 -1.90
N GLY A 150 6.20 5.78 -0.92
CA GLY A 150 6.46 6.41 0.35
C GLY A 150 5.70 7.71 0.46
N GLY A 1 -2.33 -26.21 7.96
CA GLY A 1 -2.32 -25.26 9.06
C GLY A 1 -0.99 -24.57 9.16
N SER A 2 -0.93 -23.54 9.96
CA SER A 2 0.27 -22.77 10.12
C SER A 2 0.21 -22.17 11.51
N HIS A 3 1.30 -22.16 12.23
CA HIS A 3 1.27 -21.68 13.60
C HIS A 3 1.62 -20.20 13.69
N MET A 4 2.83 -19.88 13.30
CA MET A 4 3.40 -18.55 13.49
C MET A 4 2.86 -17.53 12.48
N ALA A 5 2.74 -17.94 11.23
CA ALA A 5 2.33 -17.05 10.16
C ALA A 5 0.84 -16.73 10.20
N SER A 6 0.11 -17.47 11.01
CA SER A 6 -1.32 -17.25 11.13
C SER A 6 -1.60 -16.17 12.16
N THR A 7 -1.31 -14.97 11.81
CA THR A 7 -1.61 -13.85 12.65
C THR A 7 -2.17 -12.79 11.75
N GLU A 8 -3.03 -11.96 12.28
CA GLU A 8 -3.59 -10.91 11.50
C GLU A 8 -2.57 -9.87 11.14
N GLU A 9 -1.62 -9.60 12.00
CA GLU A 9 -0.60 -8.62 11.68
C GLU A 9 0.29 -9.09 10.52
N ASP A 10 0.58 -10.37 10.45
CA ASP A 10 1.34 -10.92 9.33
C ASP A 10 0.46 -10.96 8.12
N ARG A 11 -0.77 -11.31 8.31
CA ARG A 11 -1.74 -11.33 7.24
C ARG A 11 -1.94 -9.94 6.66
N PHE A 12 -1.89 -8.97 7.50
CA PHE A 12 -2.07 -7.64 7.10
C PHE A 12 -0.80 -7.08 6.45
N SER A 13 0.27 -7.11 7.19
CA SER A 13 1.43 -6.39 6.79
C SER A 13 2.32 -7.25 5.96
N LEU A 14 2.55 -8.47 6.41
CA LEU A 14 3.42 -9.33 5.69
C LEU A 14 2.81 -9.70 4.39
N GLU A 15 1.56 -10.03 4.41
CA GLU A 15 0.84 -10.39 3.23
C GLU A 15 0.64 -9.25 2.25
N ALA A 16 0.28 -8.07 2.73
CA ALA A 16 0.12 -6.95 1.80
C ALA A 16 1.45 -6.59 1.15
N LEU A 17 2.49 -6.57 1.97
CA LEU A 17 3.80 -6.18 1.49
C LEU A 17 4.42 -7.30 0.65
N GLN A 18 4.02 -8.54 0.94
CA GLN A 18 4.46 -9.70 0.16
C GLN A 18 3.83 -9.65 -1.21
N THR A 19 2.59 -9.19 -1.26
CA THR A 19 1.85 -9.06 -2.50
C THR A 19 2.54 -8.06 -3.45
N ILE A 20 2.82 -6.86 -2.97
CA ILE A 20 3.49 -5.85 -3.80
C ILE A 20 4.92 -6.26 -4.12
N HIS A 21 5.57 -6.91 -3.17
CA HIS A 21 6.88 -7.45 -3.39
C HIS A 21 6.82 -8.51 -4.48
N LYS A 22 5.80 -9.36 -4.46
CA LYS A 22 5.60 -10.37 -5.47
C LYS A 22 5.32 -9.73 -6.83
N GLN A 23 4.63 -8.62 -6.83
CA GLN A 23 4.35 -7.94 -8.06
C GLN A 23 5.61 -7.34 -8.66
N MET A 24 6.50 -6.84 -7.83
CA MET A 24 7.76 -6.35 -8.34
C MET A 24 8.75 -7.47 -8.49
N ASP A 25 9.00 -8.18 -7.44
CA ASP A 25 9.95 -9.28 -7.41
C ASP A 25 9.09 -10.48 -7.66
N ASP A 26 8.94 -10.88 -8.88
CA ASP A 26 7.99 -11.94 -9.24
C ASP A 26 8.50 -13.26 -8.74
N ASP A 27 9.78 -13.37 -8.69
CA ASP A 27 10.41 -14.55 -8.17
C ASP A 27 10.61 -14.44 -6.65
N LYS A 28 10.45 -13.19 -6.09
CA LYS A 28 10.52 -12.85 -4.64
C LYS A 28 11.76 -13.39 -4.12
N ASP A 29 12.70 -13.33 -4.95
CA ASP A 29 13.93 -13.91 -4.75
C ASP A 29 14.71 -13.11 -3.73
N GLY A 30 14.15 -12.00 -3.39
CA GLY A 30 14.70 -11.19 -2.36
C GLY A 30 15.44 -10.08 -2.95
N GLY A 31 15.03 -9.74 -4.10
CA GLY A 31 15.65 -8.75 -4.80
C GLY A 31 14.75 -8.27 -5.87
N ILE A 32 14.09 -7.20 -5.58
CA ILE A 32 13.26 -6.58 -6.54
C ILE A 32 14.19 -5.88 -7.47
N GLU A 33 14.28 -6.38 -8.64
CA GLU A 33 15.13 -5.80 -9.63
C GLU A 33 14.46 -4.59 -10.11
N VAL A 34 15.23 -3.62 -10.51
CA VAL A 34 14.67 -2.39 -10.99
C VAL A 34 13.83 -2.68 -12.23
N GLU A 35 14.27 -3.65 -13.00
CA GLU A 35 13.58 -4.04 -14.18
C GLU A 35 12.30 -4.83 -13.83
N GLU A 36 12.37 -5.66 -12.77
CA GLU A 36 11.19 -6.37 -12.26
C GLU A 36 10.14 -5.36 -11.73
N SER A 37 10.62 -4.42 -10.93
CA SER A 37 9.79 -3.40 -10.29
C SER A 37 9.12 -2.51 -11.31
N ASP A 38 9.91 -2.14 -12.32
CA ASP A 38 9.50 -1.21 -13.35
C ASP A 38 8.19 -1.64 -13.97
N GLU A 39 8.02 -2.93 -14.20
CA GLU A 39 6.80 -3.45 -14.80
C GLU A 39 5.57 -3.15 -13.93
N PHE A 40 5.68 -3.34 -12.62
CA PHE A 40 4.54 -3.07 -11.73
C PHE A 40 4.27 -1.57 -11.68
N ILE A 41 5.33 -0.79 -11.72
CA ILE A 41 5.20 0.66 -11.72
C ILE A 41 4.54 1.12 -13.04
N ARG A 42 4.91 0.45 -14.15
CA ARG A 42 4.44 0.77 -15.53
C ARG A 42 2.94 0.85 -15.71
N GLU A 43 2.17 0.29 -14.81
CA GLU A 43 0.74 0.43 -14.94
C GLU A 43 0.12 0.86 -13.61
N ASP A 44 0.23 -0.01 -12.62
CA ASP A 44 -0.38 0.20 -11.30
C ASP A 44 0.11 1.45 -10.61
N MET A 45 1.37 1.79 -10.76
CA MET A 45 1.81 3.06 -10.20
C MET A 45 1.69 4.16 -11.25
N LYS A 46 1.70 3.75 -12.53
CA LYS A 46 1.59 4.61 -13.72
C LYS A 46 0.36 5.45 -13.70
N TYR A 47 -0.65 4.95 -12.97
CA TYR A 47 -1.83 5.75 -12.62
C TYR A 47 -1.44 7.17 -12.18
N LYS A 48 -0.24 7.31 -11.61
CA LYS A 48 0.30 8.60 -11.28
C LYS A 48 1.72 8.76 -11.85
N ASP A 49 2.60 7.78 -11.60
CA ASP A 49 4.05 7.95 -11.90
C ASP A 49 4.62 6.68 -12.51
N ALA A 50 5.85 6.73 -12.92
CA ALA A 50 6.51 5.60 -13.50
C ALA A 50 8.03 5.70 -13.25
N THR A 51 8.68 6.63 -13.92
CA THR A 51 10.12 6.78 -13.85
C THR A 51 10.58 7.32 -12.50
N ASN A 52 9.94 8.38 -12.07
CA ASN A 52 10.26 9.07 -10.83
C ASN A 52 10.02 8.12 -9.65
N LYS A 53 8.96 7.34 -9.76
CA LYS A 53 8.60 6.34 -8.76
C LYS A 53 9.76 5.34 -8.47
N HIS A 54 10.43 4.85 -9.51
CA HIS A 54 11.56 3.95 -9.26
C HIS A 54 12.81 4.72 -8.93
N SER A 55 12.95 5.90 -9.51
CA SER A 55 14.11 6.73 -9.28
C SER A 55 14.22 7.19 -7.82
N HIS A 56 13.08 7.34 -7.18
CA HIS A 56 13.01 7.69 -5.78
C HIS A 56 13.34 6.49 -4.89
N LEU A 57 12.73 5.35 -5.19
CA LEU A 57 12.85 4.17 -4.35
C LEU A 57 14.14 3.38 -4.61
N HIS A 58 14.39 3.11 -5.88
CA HIS A 58 15.53 2.26 -6.32
C HIS A 58 16.67 3.18 -6.73
N ARG A 59 16.64 4.33 -6.11
CA ARG A 59 17.63 5.42 -6.20
C ARG A 59 19.08 4.94 -6.12
N GLU A 60 19.31 3.91 -5.36
CA GLU A 60 20.62 3.38 -5.11
C GLU A 60 20.46 1.93 -4.78
N ASP A 61 19.49 1.67 -3.98
CA ASP A 61 19.14 0.36 -3.59
C ASP A 61 18.01 -0.15 -4.45
N LYS A 62 18.40 -0.84 -5.50
CA LYS A 62 17.47 -1.39 -6.45
C LYS A 62 16.90 -2.64 -5.90
N HIS A 63 17.77 -3.60 -5.66
CA HIS A 63 17.38 -4.91 -5.16
C HIS A 63 16.80 -4.86 -3.74
N ILE A 64 15.54 -4.61 -3.67
CA ILE A 64 14.82 -4.54 -2.44
C ILE A 64 14.27 -5.92 -2.10
N THR A 65 14.60 -6.41 -0.94
CA THR A 65 14.20 -7.72 -0.50
C THR A 65 12.83 -7.64 0.21
N ILE A 66 12.10 -8.75 0.28
CA ILE A 66 10.78 -8.83 0.96
C ILE A 66 10.80 -8.16 2.37
N GLU A 67 11.87 -8.39 3.11
CA GLU A 67 12.03 -7.83 4.46
C GLU A 67 12.36 -6.34 4.40
N ASP A 68 12.95 -5.94 3.29
CA ASP A 68 13.44 -4.59 3.11
C ASP A 68 12.27 -3.66 2.96
N LEU A 69 11.18 -4.15 2.35
CA LEU A 69 9.93 -3.36 2.26
C LEU A 69 9.43 -3.10 3.66
N TRP A 70 9.43 -4.15 4.47
CA TRP A 70 8.97 -4.07 5.84
C TRP A 70 9.64 -2.99 6.61
N LYS A 71 10.96 -3.03 6.66
CA LYS A 71 11.73 -2.00 7.34
C LYS A 71 11.53 -0.63 6.71
N ARG A 72 11.41 -0.60 5.40
CA ARG A 72 11.19 0.64 4.69
C ARG A 72 9.92 1.32 5.13
N TRP A 73 8.82 0.62 5.08
CA TRP A 73 7.55 1.23 5.42
C TRP A 73 7.42 1.38 6.92
N LYS A 74 8.11 0.51 7.67
CA LYS A 74 8.21 0.59 9.11
C LYS A 74 8.81 1.93 9.51
N THR A 75 9.81 2.35 8.77
CA THR A 75 10.46 3.60 9.04
C THR A 75 9.86 4.74 8.21
N SER A 76 8.72 4.49 7.61
CA SER A 76 8.07 5.46 6.79
C SER A 76 6.81 5.93 7.52
N GLU A 77 6.32 7.07 7.13
CA GLU A 77 5.18 7.71 7.75
C GLU A 77 3.86 6.94 7.53
N VAL A 78 3.73 6.32 6.36
CA VAL A 78 2.50 5.57 5.97
C VAL A 78 1.98 4.63 7.05
N HIS A 79 2.88 3.89 7.60
CA HIS A 79 2.57 2.88 8.56
C HIS A 79 2.44 3.49 9.97
N ASN A 80 2.69 4.78 10.06
CA ASN A 80 2.71 5.48 11.34
C ASN A 80 1.50 6.41 11.46
N TRP A 81 0.89 6.75 10.33
CA TRP A 81 -0.26 7.68 10.28
C TRP A 81 -1.35 7.42 11.31
N THR A 82 -1.79 8.49 11.90
CA THR A 82 -2.92 8.49 12.76
C THR A 82 -4.16 8.73 11.91
N LEU A 83 -5.32 8.46 12.45
CA LEU A 83 -6.60 8.61 11.76
C LEU A 83 -6.83 10.02 11.27
N GLU A 84 -6.40 10.98 12.02
CA GLU A 84 -6.54 12.35 11.61
C GLU A 84 -5.63 12.66 10.41
N ASP A 85 -4.40 12.18 10.48
CA ASP A 85 -3.40 12.45 9.44
C ASP A 85 -3.71 11.65 8.17
N THR A 86 -4.22 10.45 8.35
CA THR A 86 -4.59 9.59 7.24
C THR A 86 -5.71 10.24 6.40
N LEU A 87 -6.70 10.77 7.09
CA LEU A 87 -7.82 11.36 6.44
C LEU A 87 -7.52 12.69 5.82
N GLN A 88 -6.69 13.47 6.46
CA GLN A 88 -6.26 14.70 5.83
C GLN A 88 -5.42 14.40 4.58
N TRP A 89 -4.63 13.34 4.63
CA TRP A 89 -3.88 12.91 3.46
C TRP A 89 -4.87 12.49 2.36
N LEU A 90 -5.93 11.79 2.76
CA LEU A 90 -6.97 11.37 1.84
C LEU A 90 -7.60 12.55 1.11
N ILE A 91 -8.12 13.52 1.78
CA ILE A 91 -8.77 14.58 1.01
C ILE A 91 -7.73 15.42 0.26
N GLU A 92 -6.55 15.55 0.82
CA GLU A 92 -5.47 16.31 0.20
C GLU A 92 -4.93 15.66 -1.08
N PHE A 93 -4.80 14.38 -1.08
CA PHE A 93 -4.20 13.69 -2.23
C PHE A 93 -5.23 12.93 -3.04
N VAL A 94 -6.25 12.50 -2.38
CA VAL A 94 -7.32 11.74 -2.98
C VAL A 94 -8.46 12.67 -3.41
N GLU A 95 -8.74 13.70 -2.59
CA GLU A 95 -9.85 14.62 -2.80
C GLU A 95 -11.21 13.90 -2.65
N LEU A 96 -11.31 13.02 -1.66
CA LEU A 96 -12.58 12.32 -1.38
C LEU A 96 -13.08 12.50 0.08
N PRO A 97 -13.41 13.74 0.51
CA PRO A 97 -13.88 14.04 1.89
C PRO A 97 -15.30 13.53 2.14
N GLN A 98 -15.88 12.91 1.14
CA GLN A 98 -17.26 12.44 1.24
C GLN A 98 -17.29 11.09 1.88
N TYR A 99 -16.13 10.50 2.03
CA TYR A 99 -16.03 9.19 2.61
C TYR A 99 -15.05 9.19 3.76
N GLU A 100 -14.50 10.34 4.10
CA GLU A 100 -13.42 10.40 5.07
C GLU A 100 -13.88 9.99 6.46
N LYS A 101 -15.12 10.31 6.77
CA LYS A 101 -15.66 10.04 8.08
C LYS A 101 -15.79 8.56 8.30
N ASN A 102 -16.06 7.85 7.21
CA ASN A 102 -16.26 6.43 7.26
C ASN A 102 -14.99 5.76 7.65
N PHE A 103 -13.91 6.09 6.94
CA PHE A 103 -12.61 5.50 7.19
C PHE A 103 -12.17 5.84 8.59
N ARG A 104 -12.24 7.14 8.91
CA ARG A 104 -11.83 7.64 10.21
C ARG A 104 -12.46 6.82 11.30
N ASP A 105 -13.82 6.80 11.30
CA ASP A 105 -14.66 6.10 12.30
C ASP A 105 -14.52 4.59 12.29
N ASN A 106 -14.29 4.01 11.12
CA ASN A 106 -14.03 2.55 11.02
C ASN A 106 -12.70 2.25 11.69
N ASN A 107 -11.96 3.32 11.86
CA ASN A 107 -10.71 3.43 12.58
C ASN A 107 -9.60 3.26 11.67
N VAL A 108 -9.48 4.23 10.83
CA VAL A 108 -8.46 4.19 9.82
C VAL A 108 -7.28 5.05 10.18
N LYS A 109 -6.26 4.41 10.65
CA LYS A 109 -5.03 5.05 11.05
C LYS A 109 -3.84 4.33 10.47
N GLY A 110 -3.57 4.62 9.21
CA GLY A 110 -2.52 3.94 8.50
C GLY A 110 -2.74 2.42 8.45
N THR A 111 -3.99 2.02 8.61
CA THR A 111 -4.34 0.63 8.65
C THR A 111 -4.81 0.08 7.28
N THR A 112 -5.85 0.65 6.74
CA THR A 112 -6.37 0.16 5.49
C THR A 112 -5.42 0.49 4.33
N LEU A 113 -4.54 1.45 4.53
CA LEU A 113 -3.52 1.81 3.56
C LEU A 113 -2.64 0.58 3.17
N PRO A 114 -1.91 -0.09 4.10
CA PRO A 114 -1.25 -1.34 3.75
C PRO A 114 -2.29 -2.46 3.51
N ARG A 115 -3.40 -2.50 4.31
CA ARG A 115 -4.37 -3.63 4.17
C ARG A 115 -5.51 -3.31 3.16
N ILE A 116 -5.24 -2.47 2.20
CA ILE A 116 -6.13 -2.33 1.05
C ILE A 116 -6.37 -3.67 0.39
N ALA A 117 -7.54 -3.84 -0.13
CA ALA A 117 -7.87 -5.08 -0.80
C ALA A 117 -7.18 -5.19 -2.15
N VAL A 118 -6.00 -5.76 -2.10
CA VAL A 118 -5.21 -6.07 -3.28
C VAL A 118 -4.98 -7.56 -3.42
N HIS A 119 -5.38 -8.29 -2.41
CA HIS A 119 -5.15 -9.71 -2.37
C HIS A 119 -6.33 -10.34 -1.66
N GLU A 120 -6.61 -9.80 -0.51
CA GLU A 120 -7.72 -10.23 0.31
C GLU A 120 -8.53 -9.05 0.73
N PRO A 121 -9.77 -9.26 1.29
CA PRO A 121 -10.64 -8.21 1.82
C PRO A 121 -9.88 -7.15 2.61
N SER A 122 -10.25 -5.92 2.38
CA SER A 122 -9.63 -4.81 2.99
C SER A 122 -10.20 -4.58 4.39
N PHE A 123 -9.83 -3.49 4.95
CA PHE A 123 -10.21 -3.15 6.33
C PHE A 123 -11.44 -2.23 6.36
N MET A 124 -11.40 -1.22 5.52
CA MET A 124 -12.46 -0.21 5.41
C MET A 124 -13.76 -0.71 4.77
N ILE A 125 -13.67 -1.77 4.00
CA ILE A 125 -14.75 -2.15 3.09
C ILE A 125 -16.06 -2.64 3.74
N SER A 126 -15.96 -3.24 4.90
CA SER A 126 -17.14 -3.78 5.58
C SER A 126 -18.18 -2.70 5.89
N GLN A 127 -17.73 -1.56 6.37
CA GLN A 127 -18.67 -0.54 6.78
C GLN A 127 -18.46 0.73 5.98
N LEU A 128 -19.02 0.76 4.81
CA LEU A 128 -18.95 1.92 3.94
C LEU A 128 -20.32 2.17 3.37
N LYS A 129 -20.48 3.25 2.64
CA LYS A 129 -21.78 3.67 2.18
C LYS A 129 -21.63 4.31 0.80
N ILE A 130 -22.75 4.47 0.11
CA ILE A 130 -22.85 5.08 -1.23
C ILE A 130 -22.40 4.11 -2.33
N SER A 131 -21.12 3.79 -2.38
CA SER A 131 -20.57 2.91 -3.40
C SER A 131 -19.25 2.33 -2.90
N ASP A 132 -18.98 1.08 -3.23
CA ASP A 132 -17.72 0.43 -2.86
C ASP A 132 -16.64 0.81 -3.87
N ARG A 133 -17.09 1.04 -5.10
CA ARG A 133 -16.26 1.37 -6.25
C ARG A 133 -15.29 2.51 -5.97
N SER A 134 -15.82 3.61 -5.48
CA SER A 134 -15.06 4.80 -5.25
C SER A 134 -13.95 4.61 -4.19
N HIS A 135 -14.32 4.07 -3.04
CA HIS A 135 -13.36 3.95 -1.98
C HIS A 135 -12.28 2.94 -2.28
N ARG A 136 -12.66 1.85 -2.94
CA ARG A 136 -11.72 0.81 -3.27
C ARG A 136 -10.71 1.31 -4.27
N GLN A 137 -11.15 1.94 -5.37
CA GLN A 137 -10.24 2.38 -6.40
C GLN A 137 -9.31 3.48 -5.89
N LYS A 138 -9.87 4.44 -5.13
CA LYS A 138 -9.05 5.54 -4.63
C LYS A 138 -7.95 4.99 -3.74
N LEU A 139 -8.31 4.11 -2.82
CA LEU A 139 -7.35 3.70 -1.86
C LEU A 139 -6.45 2.61 -2.37
N GLN A 140 -6.91 1.79 -3.32
CA GLN A 140 -6.02 0.78 -3.89
C GLN A 140 -4.83 1.47 -4.54
N LEU A 141 -5.08 2.43 -5.41
CA LEU A 141 -3.99 3.07 -6.13
C LEU A 141 -3.21 4.03 -5.22
N LYS A 142 -3.92 4.74 -4.36
CA LYS A 142 -3.27 5.73 -3.53
C LYS A 142 -2.50 5.09 -2.40
N ALA A 143 -3.06 4.07 -1.79
CA ALA A 143 -2.39 3.38 -0.72
C ALA A 143 -1.23 2.59 -1.27
N LEU A 144 -1.43 1.98 -2.44
CA LEU A 144 -0.36 1.32 -3.17
C LEU A 144 0.82 2.28 -3.31
N ASP A 145 0.49 3.51 -3.71
CA ASP A 145 1.48 4.58 -3.82
C ASP A 145 2.17 4.83 -2.49
N VAL A 146 1.41 5.22 -1.48
CA VAL A 146 1.98 5.65 -0.20
C VAL A 146 2.79 4.57 0.47
N VAL A 147 2.39 3.33 0.31
CA VAL A 147 3.18 2.25 0.79
C VAL A 147 4.48 2.15 -0.02
N LEU A 148 4.37 1.98 -1.33
CA LEU A 148 5.54 1.73 -2.18
C LEU A 148 6.42 2.95 -2.43
N PHE A 149 5.90 4.10 -2.23
CA PHE A 149 6.66 5.33 -2.40
C PHE A 149 7.14 5.82 -1.03
N GLY A 150 6.25 5.75 -0.06
CA GLY A 150 6.57 6.23 1.26
C GLY A 150 6.11 7.66 1.45
N GLY A 1 2.53 -12.23 13.63
CA GLY A 1 3.49 -11.45 14.40
C GLY A 1 4.34 -12.37 15.22
N SER A 2 5.23 -11.81 16.03
CA SER A 2 6.12 -12.57 16.90
C SER A 2 7.01 -13.50 16.04
N HIS A 3 7.44 -14.62 16.59
CA HIS A 3 8.30 -15.52 15.85
C HIS A 3 7.49 -16.48 14.99
N MET A 4 7.20 -16.05 13.77
CA MET A 4 6.51 -16.85 12.73
C MET A 4 5.10 -17.29 13.13
N ALA A 5 4.51 -16.59 14.05
CA ALA A 5 3.18 -16.93 14.49
C ALA A 5 2.18 -16.22 13.60
N SER A 6 1.20 -16.95 13.16
CA SER A 6 0.17 -16.40 12.32
C SER A 6 -0.72 -15.44 13.12
N THR A 7 -0.98 -14.32 12.54
CA THR A 7 -1.81 -13.32 13.16
C THR A 7 -2.69 -12.69 12.06
N GLU A 8 -3.87 -12.26 12.42
CA GLU A 8 -4.77 -11.65 11.46
C GLU A 8 -4.25 -10.32 10.93
N GLU A 9 -3.45 -9.63 11.74
CA GLU A 9 -2.83 -8.40 11.27
C GLU A 9 -1.86 -8.71 10.11
N ASP A 10 -1.19 -9.86 10.18
CA ASP A 10 -0.28 -10.32 9.12
C ASP A 10 -1.07 -10.65 7.91
N ARG A 11 -2.21 -11.24 8.12
CA ARG A 11 -3.12 -11.60 7.05
C ARG A 11 -3.49 -10.36 6.22
N PHE A 12 -3.69 -9.25 6.86
CA PHE A 12 -3.91 -8.04 6.12
C PHE A 12 -2.61 -7.41 5.61
N SER A 13 -1.70 -7.15 6.55
CA SER A 13 -0.51 -6.35 6.30
C SER A 13 0.59 -7.12 5.56
N LEU A 14 0.89 -8.32 6.04
CA LEU A 14 1.96 -9.11 5.46
C LEU A 14 1.55 -9.60 4.13
N GLU A 15 0.35 -10.10 4.06
CA GLU A 15 -0.19 -10.62 2.85
C GLU A 15 -0.30 -9.51 1.78
N ALA A 16 -0.69 -8.29 2.18
CA ALA A 16 -0.73 -7.13 1.27
C ALA A 16 0.65 -6.78 0.75
N LEU A 17 1.62 -6.67 1.67
CA LEU A 17 2.97 -6.32 1.28
C LEU A 17 3.61 -7.42 0.45
N GLN A 18 3.19 -8.64 0.70
CA GLN A 18 3.63 -9.80 -0.05
C GLN A 18 3.07 -9.74 -1.46
N THR A 19 1.84 -9.27 -1.58
CA THR A 19 1.17 -9.13 -2.85
C THR A 19 1.91 -8.11 -3.75
N ILE A 20 2.19 -6.92 -3.21
CA ILE A 20 2.92 -5.90 -3.99
C ILE A 20 4.35 -6.32 -4.26
N HIS A 21 4.94 -7.02 -3.30
CA HIS A 21 6.24 -7.60 -3.49
C HIS A 21 6.19 -8.57 -4.64
N LYS A 22 5.19 -9.46 -4.69
CA LYS A 22 4.99 -10.36 -5.78
C LYS A 22 4.78 -9.60 -7.08
N GLN A 23 4.07 -8.50 -7.01
CA GLN A 23 3.83 -7.69 -8.17
C GLN A 23 5.14 -7.22 -8.79
N MET A 24 6.08 -6.78 -7.94
CA MET A 24 7.37 -6.39 -8.44
C MET A 24 8.31 -7.58 -8.58
N ASP A 25 8.54 -8.29 -7.51
CA ASP A 25 9.45 -9.43 -7.48
C ASP A 25 8.59 -10.57 -7.87
N ASP A 26 8.65 -10.92 -9.09
CA ASP A 26 7.73 -11.91 -9.62
C ASP A 26 8.14 -13.27 -9.16
N ASP A 27 9.41 -13.43 -8.94
CA ASP A 27 9.92 -14.67 -8.42
C ASP A 27 9.96 -14.67 -6.88
N LYS A 28 9.83 -13.44 -6.29
CA LYS A 28 9.75 -13.16 -4.82
C LYS A 28 10.85 -13.83 -4.18
N ASP A 29 11.90 -13.78 -4.84
CA ASP A 29 13.03 -14.46 -4.51
C ASP A 29 13.77 -13.71 -3.45
N GLY A 30 13.25 -12.55 -3.16
CA GLY A 30 13.77 -11.77 -2.10
C GLY A 30 14.61 -10.70 -2.64
N GLY A 31 14.26 -10.29 -3.79
CA GLY A 31 14.97 -9.31 -4.43
C GLY A 31 14.19 -8.79 -5.57
N ILE A 32 13.60 -7.66 -5.34
CA ILE A 32 12.90 -6.99 -6.35
C ILE A 32 13.94 -6.34 -7.21
N GLU A 33 13.98 -6.72 -8.43
CA GLU A 33 14.88 -6.13 -9.37
C GLU A 33 14.36 -4.77 -9.68
N VAL A 34 15.22 -3.89 -10.07
CA VAL A 34 14.79 -2.59 -10.42
C VAL A 34 13.99 -2.65 -11.71
N GLU A 35 14.25 -3.67 -12.50
CA GLU A 35 13.45 -3.96 -13.66
C GLU A 35 12.10 -4.57 -13.23
N GLU A 36 12.14 -5.46 -12.23
CA GLU A 36 10.94 -6.10 -11.67
C GLU A 36 9.97 -5.04 -11.10
N SER A 37 10.48 -4.13 -10.29
CA SER A 37 9.67 -3.05 -9.70
C SER A 37 9.08 -2.16 -10.77
N ASP A 38 9.90 -1.88 -11.78
CA ASP A 38 9.55 -1.06 -12.92
C ASP A 38 8.27 -1.51 -13.56
N GLU A 39 8.13 -2.82 -13.77
CA GLU A 39 6.97 -3.37 -14.46
C GLU A 39 5.65 -3.10 -13.70
N PHE A 40 5.72 -3.13 -12.38
CA PHE A 40 4.54 -2.86 -11.58
C PHE A 40 4.26 -1.36 -11.59
N ILE A 41 5.31 -0.57 -11.68
CA ILE A 41 5.13 0.87 -11.76
C ILE A 41 4.50 1.26 -13.12
N ARG A 42 4.88 0.52 -14.17
CA ARG A 42 4.48 0.76 -15.59
C ARG A 42 2.97 0.96 -15.79
N GLU A 43 2.14 0.45 -14.92
CA GLU A 43 0.72 0.71 -15.07
C GLU A 43 0.06 1.04 -13.73
N ASP A 44 0.19 0.14 -12.77
CA ASP A 44 -0.47 0.30 -11.50
C ASP A 44 0.03 1.51 -10.76
N MET A 45 1.26 1.90 -11.00
CA MET A 45 1.74 3.13 -10.43
C MET A 45 1.76 4.23 -11.50
N LYS A 46 1.53 3.83 -12.79
CA LYS A 46 1.45 4.72 -13.95
C LYS A 46 0.28 5.63 -13.74
N TYR A 47 -0.69 5.12 -12.96
CA TYR A 47 -1.81 5.93 -12.47
C TYR A 47 -1.35 7.27 -11.87
N LYS A 48 -0.09 7.36 -11.48
CA LYS A 48 0.49 8.57 -10.98
C LYS A 48 1.79 8.90 -11.70
N ASP A 49 2.78 8.08 -11.51
CA ASP A 49 4.11 8.31 -12.11
C ASP A 49 4.62 7.02 -12.79
N ALA A 50 5.92 6.91 -13.00
CA ALA A 50 6.54 5.78 -13.60
C ALA A 50 8.03 5.73 -13.22
N THR A 51 8.86 6.56 -13.86
CA THR A 51 10.29 6.51 -13.60
C THR A 51 10.64 7.13 -12.23
N ASN A 52 9.99 8.22 -11.87
CA ASN A 52 10.28 8.92 -10.62
C ASN A 52 9.80 8.09 -9.47
N LYS A 53 8.71 7.38 -9.73
CA LYS A 53 8.04 6.56 -8.76
C LYS A 53 8.99 5.53 -8.14
N HIS A 54 9.65 4.73 -8.96
CA HIS A 54 10.62 3.80 -8.40
C HIS A 54 11.93 4.46 -8.14
N SER A 55 12.23 5.57 -8.85
CA SER A 55 13.49 6.27 -8.64
C SER A 55 13.64 6.71 -7.19
N HIS A 56 12.56 7.16 -6.59
CA HIS A 56 12.58 7.60 -5.19
C HIS A 56 12.78 6.40 -4.25
N LEU A 57 12.30 5.26 -4.64
CA LEU A 57 12.46 4.09 -3.79
C LEU A 57 13.86 3.51 -4.03
N HIS A 58 14.20 3.31 -5.30
CA HIS A 58 15.45 2.66 -5.66
C HIS A 58 16.64 3.55 -5.46
N ARG A 59 16.38 4.84 -5.23
CA ARG A 59 17.47 5.77 -4.89
C ARG A 59 18.17 5.27 -3.64
N GLU A 60 17.41 4.57 -2.82
CA GLU A 60 17.91 4.03 -1.61
C GLU A 60 18.22 2.55 -1.83
N ASP A 61 17.20 1.78 -2.12
CA ASP A 61 17.37 0.36 -2.37
C ASP A 61 16.55 -0.15 -3.55
N LYS A 62 17.23 -0.88 -4.42
CA LYS A 62 16.62 -1.53 -5.57
C LYS A 62 16.21 -2.90 -5.19
N HIS A 63 17.17 -3.64 -4.69
CA HIS A 63 16.98 -5.03 -4.27
C HIS A 63 16.17 -5.13 -2.97
N ILE A 64 14.90 -5.01 -3.12
CA ILE A 64 13.99 -5.07 -2.02
C ILE A 64 13.54 -6.51 -1.80
N THR A 65 13.69 -6.98 -0.61
CA THR A 65 13.28 -8.33 -0.23
C THR A 65 11.87 -8.25 0.40
N ILE A 66 11.12 -9.37 0.43
CA ILE A 66 9.77 -9.42 1.05
C ILE A 66 9.73 -8.74 2.46
N GLU A 67 10.76 -8.98 3.27
CA GLU A 67 10.86 -8.38 4.60
C GLU A 67 11.28 -6.92 4.53
N ASP A 68 11.94 -6.59 3.43
CA ASP A 68 12.48 -5.26 3.24
C ASP A 68 11.35 -4.28 3.10
N LEU A 69 10.24 -4.72 2.47
CA LEU A 69 9.04 -3.87 2.36
C LEU A 69 8.60 -3.48 3.75
N TRP A 70 8.54 -4.47 4.61
CA TRP A 70 8.14 -4.25 5.99
C TRP A 70 9.00 -3.23 6.69
N LYS A 71 10.30 -3.43 6.71
CA LYS A 71 11.22 -2.44 7.32
C LYS A 71 11.15 -1.08 6.61
N ARG A 72 11.01 -1.12 5.29
CA ARG A 72 10.94 0.10 4.50
C ARG A 72 9.78 0.96 4.93
N TRP A 73 8.60 0.40 4.94
CA TRP A 73 7.42 1.18 5.25
C TRP A 73 7.34 1.45 6.74
N LYS A 74 7.87 0.51 7.53
CA LYS A 74 8.02 0.63 8.98
C LYS A 74 8.76 1.93 9.32
N THR A 75 9.77 2.22 8.54
CA THR A 75 10.56 3.40 8.73
C THR A 75 10.13 4.54 7.79
N SER A 76 8.94 4.42 7.25
CA SER A 76 8.43 5.45 6.40
C SER A 76 7.24 6.10 7.09
N GLU A 77 6.97 7.34 6.71
CA GLU A 77 5.91 8.11 7.34
C GLU A 77 4.54 7.46 7.20
N VAL A 78 4.30 6.76 6.10
CA VAL A 78 2.99 6.13 5.79
C VAL A 78 2.45 5.28 6.94
N HIS A 79 3.34 4.60 7.57
CA HIS A 79 3.03 3.68 8.62
C HIS A 79 2.89 4.43 9.97
N ASN A 80 3.41 5.65 10.01
CA ASN A 80 3.46 6.48 11.21
C ASN A 80 2.33 7.50 11.21
N TRP A 81 1.66 7.63 10.09
CA TRP A 81 0.50 8.53 9.92
C TRP A 81 -0.55 8.33 10.98
N THR A 82 -1.16 9.42 11.38
CA THR A 82 -2.23 9.36 12.32
C THR A 82 -3.53 9.64 11.61
N LEU A 83 -4.61 9.36 12.30
CA LEU A 83 -5.96 9.43 11.80
C LEU A 83 -6.32 10.79 11.26
N GLU A 84 -5.72 11.80 11.80
CA GLU A 84 -5.97 13.11 11.31
C GLU A 84 -5.23 13.38 10.00
N ASP A 85 -3.94 13.03 9.95
CA ASP A 85 -3.14 13.37 8.80
C ASP A 85 -3.47 12.50 7.58
N THR A 86 -3.80 11.27 7.83
CA THR A 86 -4.18 10.35 6.78
C THR A 86 -5.47 10.82 6.09
N LEU A 87 -6.39 11.30 6.88
CA LEU A 87 -7.67 11.71 6.39
C LEU A 87 -7.62 13.04 5.69
N GLN A 88 -6.78 13.94 6.18
CA GLN A 88 -6.59 15.17 5.45
C GLN A 88 -5.94 14.86 4.11
N TRP A 89 -4.98 13.95 4.11
CA TRP A 89 -4.35 13.49 2.89
C TRP A 89 -5.40 12.86 1.95
N LEU A 90 -6.36 12.15 2.55
CA LEU A 90 -7.47 11.57 1.80
C LEU A 90 -8.23 12.63 1.04
N ILE A 91 -8.72 13.62 1.69
CA ILE A 91 -9.50 14.57 0.92
C ILE A 91 -8.60 15.51 0.10
N GLU A 92 -7.45 15.86 0.64
CA GLU A 92 -6.51 16.76 -0.02
C GLU A 92 -5.92 16.16 -1.31
N PHE A 93 -5.56 14.91 -1.27
CA PHE A 93 -4.93 14.26 -2.44
C PHE A 93 -5.90 13.33 -3.16
N VAL A 94 -6.73 12.65 -2.41
CA VAL A 94 -7.70 11.74 -2.99
C VAL A 94 -8.91 12.54 -3.47
N GLU A 95 -9.27 13.58 -2.70
CA GLU A 95 -10.40 14.46 -2.98
C GLU A 95 -11.74 13.76 -2.79
N LEU A 96 -11.78 12.88 -1.79
CA LEU A 96 -13.00 12.18 -1.42
C LEU A 96 -13.35 12.46 0.05
N PRO A 97 -13.99 13.62 0.33
CA PRO A 97 -14.33 14.03 1.71
C PRO A 97 -15.59 13.36 2.23
N GLN A 98 -16.20 12.57 1.40
CA GLN A 98 -17.46 11.97 1.74
C GLN A 98 -17.23 10.73 2.60
N TYR A 99 -16.02 10.26 2.65
CA TYR A 99 -15.75 9.03 3.34
C TYR A 99 -14.64 9.19 4.36
N GLU A 100 -14.30 10.43 4.66
CA GLU A 100 -13.23 10.68 5.60
C GLU A 100 -13.66 10.35 7.00
N LYS A 101 -14.92 10.58 7.30
CA LYS A 101 -15.41 10.37 8.63
C LYS A 101 -15.47 8.89 8.96
N ASN A 102 -15.75 8.09 7.93
CA ASN A 102 -15.91 6.67 8.08
C ASN A 102 -14.56 6.06 8.40
N PHE A 103 -13.57 6.37 7.58
CA PHE A 103 -12.22 5.88 7.77
C PHE A 103 -11.68 6.36 9.10
N ARG A 104 -11.75 7.66 9.31
CA ARG A 104 -11.20 8.34 10.49
C ARG A 104 -11.65 7.60 11.72
N ASP A 105 -13.00 7.56 11.91
CA ASP A 105 -13.69 6.94 13.05
C ASP A 105 -13.39 5.46 13.20
N ASN A 106 -13.36 4.71 12.08
CA ASN A 106 -13.02 3.25 12.13
C ASN A 106 -11.57 3.04 12.53
N ASN A 107 -10.86 4.15 12.56
CA ASN A 107 -9.51 4.30 13.09
C ASN A 107 -8.54 4.14 12.01
N VAL A 108 -8.60 5.07 11.11
CA VAL A 108 -7.68 5.00 9.99
C VAL A 108 -6.50 5.87 10.20
N LYS A 109 -5.41 5.25 10.58
CA LYS A 109 -4.18 5.93 10.88
C LYS A 109 -2.99 5.21 10.29
N GLY A 110 -2.75 5.47 9.02
CA GLY A 110 -1.69 4.78 8.31
C GLY A 110 -1.86 3.25 8.33
N THR A 111 -3.08 2.82 8.53
CA THR A 111 -3.40 1.42 8.63
C THR A 111 -3.92 0.81 7.33
N THR A 112 -5.07 1.29 6.87
CA THR A 112 -5.67 0.72 5.68
C THR A 112 -4.79 0.97 4.44
N LEU A 113 -3.92 1.97 4.52
CA LEU A 113 -2.95 2.28 3.47
C LEU A 113 -2.07 1.05 3.13
N PRO A 114 -1.19 0.53 4.05
CA PRO A 114 -0.45 -0.69 3.76
C PRO A 114 -1.33 -1.95 3.89
N ARG A 115 -2.55 -1.79 4.44
CA ARG A 115 -3.44 -2.93 4.56
C ARG A 115 -4.47 -3.04 3.43
N ILE A 116 -4.38 -2.16 2.43
CA ILE A 116 -5.18 -2.34 1.21
C ILE A 116 -4.84 -3.68 0.58
N ALA A 117 -5.77 -4.23 -0.10
CA ALA A 117 -5.55 -5.46 -0.75
C ALA A 117 -5.91 -5.31 -2.18
N VAL A 118 -4.95 -5.53 -3.02
CA VAL A 118 -5.12 -5.38 -4.45
C VAL A 118 -6.03 -6.47 -5.03
N HIS A 119 -5.66 -7.72 -4.86
CA HIS A 119 -6.48 -8.83 -5.39
C HIS A 119 -7.19 -9.54 -4.24
N GLU A 120 -6.66 -9.36 -3.06
CA GLU A 120 -7.11 -10.10 -1.89
C GLU A 120 -8.26 -9.34 -1.21
N PRO A 121 -8.98 -9.97 -0.25
CA PRO A 121 -10.00 -9.29 0.56
C PRO A 121 -9.40 -8.07 1.27
N SER A 122 -9.95 -6.92 0.98
CA SER A 122 -9.42 -5.66 1.43
C SER A 122 -9.73 -5.37 2.92
N PHE A 123 -9.12 -4.31 3.44
CA PHE A 123 -9.26 -3.94 4.82
C PHE A 123 -10.50 -3.02 5.06
N MET A 124 -10.27 -1.72 5.27
CA MET A 124 -11.36 -0.78 5.57
C MET A 124 -12.21 -0.43 4.36
N ILE A 125 -11.58 -0.41 3.20
CA ILE A 125 -12.24 -0.01 1.94
C ILE A 125 -13.43 -0.89 1.55
N SER A 126 -13.33 -2.16 1.80
CA SER A 126 -14.38 -3.11 1.54
C SER A 126 -15.54 -2.94 2.54
N GLN A 127 -15.21 -2.54 3.75
CA GLN A 127 -16.20 -2.37 4.80
C GLN A 127 -16.71 -0.95 4.80
N LEU A 128 -16.47 -0.24 3.73
CA LEU A 128 -16.83 1.13 3.67
C LEU A 128 -18.18 1.28 3.00
N LYS A 129 -19.16 1.70 3.78
CA LYS A 129 -20.51 2.03 3.34
C LYS A 129 -21.28 0.84 2.72
N ILE A 130 -20.99 0.56 1.47
CA ILE A 130 -21.69 -0.48 0.71
C ILE A 130 -20.73 -1.32 -0.11
N SER A 131 -19.44 -1.34 0.30
CA SER A 131 -18.36 -2.11 -0.37
C SER A 131 -18.18 -1.73 -1.86
N ASP A 132 -18.46 -0.48 -2.16
CA ASP A 132 -18.37 0.03 -3.53
C ASP A 132 -16.91 0.23 -3.99
N ARG A 133 -16.74 0.14 -5.31
CA ARG A 133 -15.44 0.21 -6.01
C ARG A 133 -14.69 1.46 -5.67
N SER A 134 -15.41 2.56 -5.64
CA SER A 134 -14.84 3.88 -5.53
C SER A 134 -13.91 4.02 -4.31
N HIS A 135 -14.29 3.41 -3.22
CA HIS A 135 -13.51 3.47 -1.99
C HIS A 135 -12.22 2.69 -2.19
N ARG A 136 -12.39 1.52 -2.75
CA ARG A 136 -11.31 0.60 -2.93
C ARG A 136 -10.32 1.17 -3.88
N GLN A 137 -10.79 1.62 -5.04
CA GLN A 137 -9.91 2.14 -6.08
C GLN A 137 -9.20 3.40 -5.66
N LYS A 138 -9.92 4.32 -4.97
CA LYS A 138 -9.30 5.58 -4.53
C LYS A 138 -8.10 5.25 -3.61
N LEU A 139 -8.35 4.38 -2.61
CA LEU A 139 -7.35 4.13 -1.63
C LEU A 139 -6.36 3.15 -2.13
N GLN A 140 -6.78 2.25 -3.00
CA GLN A 140 -5.89 1.25 -3.54
C GLN A 140 -4.75 1.92 -4.26
N LEU A 141 -5.05 2.82 -5.18
CA LEU A 141 -3.98 3.43 -5.96
C LEU A 141 -3.24 4.46 -5.14
N LYS A 142 -3.96 5.23 -4.33
CA LYS A 142 -3.29 6.26 -3.56
C LYS A 142 -2.38 5.64 -2.47
N ALA A 143 -2.88 4.61 -1.81
CA ALA A 143 -2.12 3.89 -0.79
C ALA A 143 -1.00 3.12 -1.41
N LEU A 144 -1.28 2.47 -2.53
CA LEU A 144 -0.28 1.70 -3.30
C LEU A 144 0.91 2.60 -3.56
N ASP A 145 0.59 3.83 -3.91
CA ASP A 145 1.56 4.85 -4.11
C ASP A 145 2.34 5.12 -2.84
N VAL A 146 1.67 5.60 -1.81
CA VAL A 146 2.35 6.03 -0.57
C VAL A 146 3.13 4.92 0.09
N VAL A 147 2.63 3.70 -0.01
CA VAL A 147 3.34 2.57 0.49
C VAL A 147 4.62 2.37 -0.31
N LEU A 148 4.50 2.18 -1.61
CA LEU A 148 5.67 1.87 -2.44
C LEU A 148 6.47 3.11 -2.84
N PHE A 149 6.08 4.24 -2.37
CA PHE A 149 6.83 5.47 -2.62
C PHE A 149 7.48 5.94 -1.33
N GLY A 150 6.70 5.90 -0.26
CA GLY A 150 7.17 6.35 1.03
C GLY A 150 7.14 7.86 1.15
N GLY A 1 4.43 -11.00 11.72
CA GLY A 1 4.40 -12.40 11.33
C GLY A 1 5.77 -13.02 11.38
N SER A 2 6.29 -13.16 12.58
CA SER A 2 7.60 -13.70 12.78
C SER A 2 7.50 -15.11 13.38
N HIS A 3 8.49 -15.94 13.09
CA HIS A 3 8.58 -17.33 13.58
C HIS A 3 7.41 -18.19 13.09
N MET A 4 6.39 -18.32 13.91
CA MET A 4 5.22 -19.11 13.57
C MET A 4 3.97 -18.30 13.84
N ALA A 5 4.14 -17.03 14.15
CA ALA A 5 3.04 -16.18 14.47
C ALA A 5 2.38 -15.67 13.21
N SER A 6 1.14 -16.01 13.05
CA SER A 6 0.36 -15.60 11.94
C SER A 6 -0.98 -15.07 12.42
N THR A 7 -1.09 -13.77 12.47
CA THR A 7 -2.23 -13.10 13.01
C THR A 7 -3.04 -12.56 11.86
N GLU A 8 -4.28 -12.22 12.11
CA GLU A 8 -5.09 -11.65 11.08
C GLU A 8 -4.53 -10.30 10.64
N GLU A 9 -3.89 -9.58 11.58
CA GLU A 9 -3.27 -8.31 11.25
C GLU A 9 -2.10 -8.54 10.28
N ASP A 10 -1.45 -9.69 10.43
CA ASP A 10 -0.32 -10.06 9.57
C ASP A 10 -0.83 -10.44 8.23
N ARG A 11 -1.93 -11.13 8.22
CA ARG A 11 -2.56 -11.55 6.99
C ARG A 11 -2.93 -10.36 6.14
N PHE A 12 -3.24 -9.27 6.76
CA PHE A 12 -3.46 -8.07 6.03
C PHE A 12 -2.13 -7.40 5.65
N SER A 13 -1.30 -7.16 6.66
CA SER A 13 -0.11 -6.31 6.51
C SER A 13 1.04 -7.03 5.81
N LEU A 14 1.36 -8.21 6.30
CA LEU A 14 2.51 -8.96 5.83
C LEU A 14 2.19 -9.41 4.43
N GLU A 15 0.98 -9.91 4.26
CA GLU A 15 0.53 -10.41 3.00
C GLU A 15 0.40 -9.30 1.95
N ALA A 16 -0.05 -8.10 2.35
CA ALA A 16 -0.13 -6.98 1.41
C ALA A 16 1.25 -6.54 0.95
N LEU A 17 2.19 -6.48 1.88
CA LEU A 17 3.55 -6.08 1.54
C LEU A 17 4.23 -7.20 0.73
N GLN A 18 3.79 -8.41 0.98
CA GLN A 18 4.25 -9.58 0.26
C GLN A 18 3.70 -9.54 -1.15
N THR A 19 2.49 -9.02 -1.28
CA THR A 19 1.84 -8.87 -2.56
C THR A 19 2.63 -7.90 -3.44
N ILE A 20 2.94 -6.69 -2.93
CA ILE A 20 3.73 -5.71 -3.70
C ILE A 20 5.11 -6.23 -4.01
N HIS A 21 5.71 -6.91 -3.05
CA HIS A 21 6.99 -7.51 -3.28
C HIS A 21 6.91 -8.53 -4.40
N LYS A 22 5.91 -9.41 -4.36
CA LYS A 22 5.66 -10.37 -5.40
C LYS A 22 5.34 -9.69 -6.73
N GLN A 23 4.67 -8.55 -6.68
CA GLN A 23 4.35 -7.83 -7.90
C GLN A 23 5.63 -7.38 -8.59
N MET A 24 6.59 -6.89 -7.82
CA MET A 24 7.85 -6.50 -8.40
C MET A 24 8.77 -7.69 -8.55
N ASP A 25 9.05 -8.37 -7.45
CA ASP A 25 9.93 -9.52 -7.44
C ASP A 25 9.02 -10.66 -7.75
N ASP A 26 8.85 -10.91 -8.98
CA ASP A 26 7.85 -11.82 -9.51
C ASP A 26 8.16 -13.23 -9.10
N ASP A 27 9.41 -13.48 -8.94
CA ASP A 27 9.88 -14.78 -8.60
C ASP A 27 10.19 -14.89 -7.11
N LYS A 28 10.28 -13.73 -6.45
CA LYS A 28 10.64 -13.57 -5.08
C LYS A 28 11.84 -14.33 -4.70
N ASP A 29 12.92 -13.76 -5.13
CA ASP A 29 14.22 -14.13 -4.77
C ASP A 29 14.32 -13.71 -3.35
N GLY A 30 13.55 -12.68 -3.06
CA GLY A 30 13.71 -11.93 -1.88
C GLY A 30 14.61 -10.82 -2.28
N GLY A 31 14.41 -10.40 -3.51
CA GLY A 31 15.22 -9.45 -4.13
C GLY A 31 14.55 -8.93 -5.37
N ILE A 32 14.00 -7.77 -5.21
CA ILE A 32 13.36 -7.09 -6.28
C ILE A 32 14.44 -6.50 -7.13
N GLU A 33 14.41 -6.83 -8.37
CA GLU A 33 15.33 -6.30 -9.31
C GLU A 33 14.88 -4.94 -9.69
N VAL A 34 15.81 -4.14 -10.12
CA VAL A 34 15.51 -2.84 -10.61
C VAL A 34 14.62 -2.95 -11.85
N GLU A 35 14.84 -4.02 -12.60
CA GLU A 35 14.02 -4.31 -13.75
C GLU A 35 12.63 -4.80 -13.30
N GLU A 36 12.61 -5.52 -12.19
CA GLU A 36 11.39 -6.07 -11.64
C GLU A 36 10.45 -4.99 -11.12
N SER A 37 10.98 -4.06 -10.33
CA SER A 37 10.19 -2.97 -9.78
C SER A 37 9.64 -2.05 -10.89
N ASP A 38 10.48 -1.84 -11.90
CA ASP A 38 10.15 -1.00 -13.07
C ASP A 38 8.83 -1.41 -13.67
N GLU A 39 8.63 -2.71 -13.88
CA GLU A 39 7.40 -3.21 -14.51
C GLU A 39 6.16 -2.81 -13.72
N PHE A 40 6.23 -2.96 -12.41
CA PHE A 40 5.08 -2.67 -11.56
C PHE A 40 4.81 -1.17 -11.56
N ILE A 41 5.85 -0.37 -11.71
CA ILE A 41 5.62 1.06 -11.74
C ILE A 41 5.04 1.49 -13.10
N ARG A 42 5.48 0.82 -14.16
CA ARG A 42 5.14 1.16 -15.55
C ARG A 42 3.66 1.23 -15.91
N GLU A 43 2.78 0.63 -15.13
CA GLU A 43 1.36 0.73 -15.43
C GLU A 43 0.56 0.98 -14.15
N ASP A 44 0.68 0.04 -13.22
CA ASP A 44 -0.08 0.09 -11.97
C ASP A 44 0.22 1.36 -11.23
N MET A 45 1.49 1.64 -11.03
CA MET A 45 1.83 2.85 -10.33
C MET A 45 1.72 4.02 -11.29
N LYS A 46 1.87 3.73 -12.61
CA LYS A 46 1.89 4.73 -13.71
C LYS A 46 0.67 5.61 -13.66
N TYR A 47 -0.47 5.02 -13.24
CA TYR A 47 -1.73 5.82 -13.04
C TYR A 47 -1.45 7.10 -12.19
N LYS A 48 -0.41 7.04 -11.39
CA LYS A 48 -0.04 8.08 -10.46
C LYS A 48 1.38 8.61 -10.76
N ASP A 49 2.34 7.71 -10.98
CA ASP A 49 3.72 8.10 -11.24
C ASP A 49 4.45 6.95 -11.91
N ALA A 50 5.51 7.25 -12.63
CA ALA A 50 6.26 6.23 -13.32
C ALA A 50 7.77 6.34 -13.03
N THR A 51 8.41 7.31 -13.65
CA THR A 51 9.85 7.51 -13.55
C THR A 51 10.27 7.86 -12.12
N ASN A 52 9.68 8.91 -11.59
CA ASN A 52 9.97 9.43 -10.27
C ASN A 52 9.79 8.36 -9.19
N LYS A 53 8.68 7.66 -9.26
CA LYS A 53 8.30 6.66 -8.28
C LYS A 53 9.42 5.62 -8.03
N HIS A 54 9.91 4.96 -9.08
CA HIS A 54 11.00 4.01 -8.86
C HIS A 54 12.30 4.70 -8.63
N SER A 55 12.54 5.82 -9.31
CA SER A 55 13.81 6.53 -9.16
C SER A 55 14.02 6.96 -7.71
N HIS A 56 12.94 7.28 -7.03
CA HIS A 56 12.98 7.67 -5.65
C HIS A 56 13.29 6.47 -4.74
N LEU A 57 12.74 5.31 -5.04
CA LEU A 57 12.97 4.16 -4.19
C LEU A 57 14.33 3.51 -4.55
N HIS A 58 14.53 3.25 -5.83
CA HIS A 58 15.71 2.52 -6.28
C HIS A 58 16.93 3.43 -6.37
N ARG A 59 16.76 4.69 -5.94
CA ARG A 59 17.87 5.65 -5.81
C ARG A 59 18.98 5.03 -4.94
N GLU A 60 18.56 4.15 -4.05
CA GLU A 60 19.43 3.37 -3.23
C GLU A 60 18.98 1.94 -3.20
N ASP A 61 17.72 1.73 -3.00
CA ASP A 61 17.25 0.39 -2.86
C ASP A 61 16.69 -0.15 -4.15
N LYS A 62 17.56 -0.66 -5.00
CA LYS A 62 17.12 -1.37 -6.19
C LYS A 62 16.67 -2.73 -5.76
N HIS A 63 17.64 -3.44 -5.26
CA HIS A 63 17.47 -4.76 -4.70
C HIS A 63 16.77 -4.68 -3.35
N ILE A 64 15.50 -4.91 -3.37
CA ILE A 64 14.68 -4.84 -2.18
C ILE A 64 14.29 -6.26 -1.77
N THR A 65 14.49 -6.62 -0.53
CA THR A 65 14.11 -7.93 -0.03
C THR A 65 12.67 -7.83 0.51
N ILE A 66 11.93 -8.94 0.53
CA ILE A 66 10.55 -9.00 1.08
C ILE A 66 10.46 -8.31 2.46
N GLU A 67 11.44 -8.57 3.30
CA GLU A 67 11.50 -8.01 4.64
C GLU A 67 11.87 -6.54 4.63
N ASP A 68 12.56 -6.14 3.58
CA ASP A 68 13.04 -4.78 3.44
C ASP A 68 11.85 -3.86 3.32
N LEU A 69 10.82 -4.33 2.62
CA LEU A 69 9.58 -3.56 2.49
C LEU A 69 9.01 -3.29 3.86
N TRP A 70 8.96 -4.34 4.69
CA TRP A 70 8.37 -4.26 6.02
C TRP A 70 9.06 -3.16 6.81
N LYS A 71 10.39 -3.26 6.92
CA LYS A 71 11.17 -2.24 7.63
C LYS A 71 11.10 -0.86 6.96
N ARG A 72 11.15 -0.82 5.63
CA ARG A 72 11.08 0.43 4.87
C ARG A 72 9.84 1.22 5.23
N TRP A 73 8.69 0.59 5.13
CA TRP A 73 7.44 1.29 5.36
C TRP A 73 7.20 1.49 6.85
N LYS A 74 7.76 0.58 7.64
CA LYS A 74 7.74 0.67 9.10
C LYS A 74 8.32 2.01 9.53
N THR A 75 9.46 2.35 8.99
CA THR A 75 10.12 3.58 9.33
C THR A 75 9.71 4.72 8.39
N SER A 76 8.72 4.49 7.57
CA SER A 76 8.25 5.47 6.65
C SER A 76 7.13 6.26 7.31
N GLU A 77 6.59 7.21 6.60
CA GLU A 77 5.53 8.03 7.10
C GLU A 77 4.19 7.39 6.85
N VAL A 78 4.07 6.62 5.76
CA VAL A 78 2.79 6.01 5.38
C VAL A 78 2.17 5.19 6.51
N HIS A 79 2.98 4.34 7.06
CA HIS A 79 2.60 3.44 8.12
C HIS A 79 2.69 4.18 9.47
N ASN A 80 2.90 5.46 9.43
CA ASN A 80 3.11 6.27 10.62
C ASN A 80 2.07 7.38 10.71
N TRP A 81 1.33 7.61 9.62
CA TRP A 81 0.30 8.64 9.59
C TRP A 81 -0.77 8.35 10.62
N THR A 82 -1.16 9.35 11.36
CA THR A 82 -2.25 9.17 12.26
C THR A 82 -3.56 9.31 11.47
N LEU A 83 -4.65 9.18 12.15
CA LEU A 83 -5.97 9.23 11.58
C LEU A 83 -6.24 10.54 10.88
N GLU A 84 -5.74 11.63 11.40
CA GLU A 84 -5.94 12.88 10.72
C GLU A 84 -5.04 13.01 9.49
N ASP A 85 -3.81 12.54 9.61
CA ASP A 85 -2.83 12.58 8.49
C ASP A 85 -3.29 11.70 7.34
N THR A 86 -3.76 10.53 7.65
CA THR A 86 -4.21 9.58 6.64
C THR A 86 -5.40 10.16 5.86
N LEU A 87 -6.31 10.75 6.57
CA LEU A 87 -7.51 11.28 5.97
C LEU A 87 -7.29 12.57 5.27
N GLN A 88 -6.40 13.38 5.80
CA GLN A 88 -6.04 14.59 5.11
C GLN A 88 -5.37 14.25 3.78
N TRP A 89 -4.62 13.15 3.77
CA TRP A 89 -4.01 12.68 2.54
C TRP A 89 -5.12 12.22 1.58
N LEU A 90 -6.15 11.55 2.14
CA LEU A 90 -7.30 11.13 1.37
C LEU A 90 -7.99 12.30 0.70
N ILE A 91 -8.39 13.30 1.40
CA ILE A 91 -9.11 14.36 0.70
C ILE A 91 -8.17 15.17 -0.20
N GLU A 92 -6.92 15.32 0.22
CA GLU A 92 -5.93 16.07 -0.55
C GLU A 92 -5.58 15.41 -1.88
N PHE A 93 -5.35 14.13 -1.86
CA PHE A 93 -4.88 13.42 -3.07
C PHE A 93 -5.97 12.59 -3.69
N VAL A 94 -6.88 12.17 -2.91
CA VAL A 94 -7.99 11.36 -3.36
C VAL A 94 -9.21 12.26 -3.66
N GLU A 95 -9.39 13.31 -2.85
CA GLU A 95 -10.52 14.23 -2.96
C GLU A 95 -11.87 13.56 -2.65
N LEU A 96 -11.87 12.69 -1.66
CA LEU A 96 -13.10 12.00 -1.21
C LEU A 96 -13.47 12.32 0.24
N PRO A 97 -13.80 13.59 0.58
CA PRO A 97 -14.09 14.02 1.97
C PRO A 97 -15.46 13.55 2.45
N GLN A 98 -16.08 12.74 1.65
CA GLN A 98 -17.40 12.27 1.93
C GLN A 98 -17.34 11.02 2.77
N TYR A 99 -16.19 10.40 2.78
CA TYR A 99 -16.05 9.15 3.48
C TYR A 99 -14.88 9.19 4.42
N GLU A 100 -14.30 10.37 4.59
CA GLU A 100 -13.11 10.49 5.43
C GLU A 100 -13.46 10.26 6.87
N LYS A 101 -14.65 10.69 7.25
CA LYS A 101 -15.06 10.59 8.61
C LYS A 101 -15.24 9.14 9.01
N ASN A 102 -15.67 8.32 8.05
CA ASN A 102 -15.94 6.91 8.30
C ASN A 102 -14.65 6.19 8.59
N PHE A 103 -13.67 6.37 7.70
CA PHE A 103 -12.38 5.77 7.87
C PHE A 103 -11.76 6.25 9.16
N ARG A 104 -11.65 7.57 9.30
CA ARG A 104 -10.98 8.20 10.41
C ARG A 104 -11.50 7.65 11.72
N ASP A 105 -12.84 7.82 11.93
CA ASP A 105 -13.57 7.44 13.16
C ASP A 105 -13.56 5.96 13.42
N ASN A 106 -13.69 5.13 12.36
CA ASN A 106 -13.62 3.66 12.54
C ASN A 106 -12.20 3.27 12.92
N ASN A 107 -11.34 4.23 12.73
CA ASN A 107 -9.97 4.26 13.15
C ASN A 107 -9.04 3.87 12.10
N VAL A 108 -8.80 4.82 11.25
CA VAL A 108 -7.85 4.61 10.18
C VAL A 108 -6.64 5.47 10.38
N LYS A 109 -5.55 4.87 10.76
CA LYS A 109 -4.32 5.58 10.98
C LYS A 109 -3.16 4.89 10.32
N GLY A 110 -3.04 5.13 9.02
CA GLY A 110 -2.05 4.49 8.20
C GLY A 110 -2.14 2.98 8.31
N THR A 111 -3.33 2.50 8.53
CA THR A 111 -3.56 1.11 8.76
C THR A 111 -4.15 0.40 7.55
N THR A 112 -5.39 0.72 7.20
CA THR A 112 -6.05 0.04 6.09
C THR A 112 -5.30 0.30 4.76
N LEU A 113 -4.54 1.38 4.72
CA LEU A 113 -3.75 1.70 3.55
C LEU A 113 -2.67 0.61 3.28
N PRO A 114 -1.68 0.37 4.18
CA PRO A 114 -0.74 -0.76 3.99
C PRO A 114 -1.45 -2.13 4.16
N ARG A 115 -2.69 -2.12 4.68
CA ARG A 115 -3.45 -3.37 4.85
C ARG A 115 -4.52 -3.61 3.76
N ILE A 116 -4.56 -2.76 2.73
CA ILE A 116 -5.43 -3.01 1.58
C ILE A 116 -5.25 -4.40 0.96
N ALA A 117 -6.25 -4.80 0.23
CA ALA A 117 -6.28 -6.03 -0.47
C ALA A 117 -6.58 -5.68 -1.90
N VAL A 118 -5.86 -6.24 -2.81
CA VAL A 118 -5.99 -5.86 -4.17
C VAL A 118 -7.12 -6.59 -4.88
N HIS A 119 -7.79 -5.85 -5.75
CA HIS A 119 -8.88 -6.28 -6.63
C HIS A 119 -10.21 -6.44 -5.88
N GLU A 120 -10.16 -6.65 -4.59
CA GLU A 120 -11.36 -6.87 -3.83
C GLU A 120 -11.45 -5.90 -2.65
N PRO A 121 -12.68 -5.64 -2.15
CA PRO A 121 -12.92 -4.83 -0.96
C PRO A 121 -12.00 -5.24 0.20
N SER A 122 -11.17 -4.31 0.62
CA SER A 122 -10.21 -4.52 1.67
C SER A 122 -10.86 -4.33 3.06
N PHE A 123 -10.01 -4.32 4.10
CA PHE A 123 -10.42 -4.22 5.52
C PHE A 123 -11.55 -3.18 5.78
N MET A 124 -11.22 -1.88 5.71
CA MET A 124 -12.26 -0.84 5.91
C MET A 124 -13.21 -0.74 4.73
N ILE A 125 -12.66 -0.99 3.56
CA ILE A 125 -13.38 -0.85 2.29
C ILE A 125 -14.61 -1.75 2.22
N SER A 126 -14.48 -2.96 2.74
CA SER A 126 -15.54 -3.94 2.74
C SER A 126 -16.74 -3.46 3.55
N GLN A 127 -16.49 -2.70 4.59
CA GLN A 127 -17.53 -2.30 5.51
C GLN A 127 -17.84 -0.81 5.40
N LEU A 128 -17.49 -0.22 4.30
CA LEU A 128 -17.72 1.20 4.16
C LEU A 128 -19.14 1.43 3.59
N LYS A 129 -20.07 1.52 4.51
CA LYS A 129 -21.48 1.75 4.24
C LYS A 129 -22.10 0.62 3.40
N ILE A 130 -22.06 0.77 2.09
CA ILE A 130 -22.66 -0.18 1.14
C ILE A 130 -21.86 -0.21 -0.15
N SER A 131 -20.70 0.40 -0.16
CA SER A 131 -19.96 0.46 -1.38
C SER A 131 -18.51 0.19 -1.13
N ASP A 132 -17.94 -0.54 -2.01
CA ASP A 132 -16.53 -0.81 -1.98
C ASP A 132 -15.91 -0.27 -3.25
N ARG A 133 -16.74 0.15 -4.19
CA ARG A 133 -16.27 0.53 -5.54
C ARG A 133 -15.33 1.73 -5.49
N SER A 134 -15.81 2.79 -4.91
CA SER A 134 -15.06 4.03 -4.84
C SER A 134 -13.89 3.89 -3.90
N HIS A 135 -14.17 3.34 -2.75
CA HIS A 135 -13.21 3.11 -1.71
C HIS A 135 -12.06 2.23 -2.21
N ARG A 136 -12.38 1.18 -2.98
CA ARG A 136 -11.36 0.28 -3.51
C ARG A 136 -10.44 1.01 -4.44
N GLN A 137 -10.97 1.73 -5.41
CA GLN A 137 -10.10 2.38 -6.37
C GLN A 137 -9.25 3.45 -5.72
N LYS A 138 -9.84 4.25 -4.84
CA LYS A 138 -9.10 5.34 -4.22
C LYS A 138 -8.00 4.82 -3.34
N LEU A 139 -8.36 3.93 -2.47
CA LEU A 139 -7.46 3.49 -1.48
C LEU A 139 -6.49 2.52 -2.04
N GLN A 140 -6.93 1.62 -2.92
CA GLN A 140 -6.03 0.62 -3.46
C GLN A 140 -4.90 1.31 -4.18
N LEU A 141 -5.21 2.22 -5.10
CA LEU A 141 -4.14 2.83 -5.85
C LEU A 141 -3.35 3.84 -5.06
N LYS A 142 -4.03 4.64 -4.23
CA LYS A 142 -3.32 5.64 -3.45
C LYS A 142 -2.44 5.00 -2.39
N ALA A 143 -3.01 4.08 -1.65
CA ALA A 143 -2.29 3.38 -0.58
C ALA A 143 -1.15 2.60 -1.14
N LEU A 144 -1.42 1.87 -2.20
CA LEU A 144 -0.40 1.05 -2.87
C LEU A 144 0.79 1.93 -3.23
N ASP A 145 0.49 3.07 -3.83
CA ASP A 145 1.50 4.00 -4.23
C ASP A 145 2.27 4.54 -3.04
N VAL A 146 1.56 5.06 -2.05
CA VAL A 146 2.19 5.66 -0.88
C VAL A 146 2.94 4.67 -0.03
N VAL A 147 2.48 3.45 0.00
CA VAL A 147 3.19 2.40 0.65
C VAL A 147 4.53 2.24 -0.02
N LEU A 148 4.52 2.03 -1.33
CA LEU A 148 5.78 1.83 -2.06
C LEU A 148 6.59 3.11 -2.27
N PHE A 149 5.98 4.23 -2.04
CA PHE A 149 6.67 5.51 -2.22
C PHE A 149 7.22 6.03 -0.90
N GLY A 150 6.41 5.93 0.12
CA GLY A 150 6.77 6.43 1.42
C GLY A 150 6.69 7.95 1.50
#